data_8V82
#
_entry.id   8V82
#
_cell.length_a   1.00
_cell.length_b   1.00
_cell.length_c   1.00
_cell.angle_alpha   90.00
_cell.angle_beta   90.00
_cell.angle_gamma   90.00
#
_symmetry.space_group_name_H-M   'P 1'
#
loop_
_entity.id
_entity.type
_entity.pdbx_description
1 polymer 'Neuronal acetylcholine receptor subunit alpha-7,Soluble cytochrome b562'
2 branched 2-acetamido-2-deoxy-beta-D-glucopyranose-(1-4)-2-acetamido-2-deoxy-beta-D-glucopyranose
3 branched beta-D-mannopyranose-(1-4)-2-acetamido-2-deoxy-beta-D-glucopyranose-(1-4)-2-acetamido-2-deoxy-beta-D-glucopyranose
4 non-polymer 'CALCIUM ION'
5 non-polymer 2-acetamido-2-deoxy-beta-D-glucopyranose
6 non-polymer '(2S)-3-(hexadecanoyloxy)-2-[(9Z)-octadec-9-enoyloxy]propyl 2-(trimethylammonio)ethyl phosphate'
7 non-polymer (3beta,14beta,17beta,25R)-3-[4-methoxy-3-(methoxymethyl)butoxy]spirost-5-en
8 non-polymer EPIBATIDINE
9 non-polymer "N-(5-Chloro-2,4-dimethoxyphenyl)-N'-(5-methyl-3-isoxazolyl)-urea"
10 water water
#
_entity_poly.entity_id   1
_entity_poly.type   'polypeptide(L)'
_entity_poly.pdbx_seq_one_letter_code
;EFQRKLYKELVKNYNPLERPVANDSQPLTVYFSLSLLQIMDVDEKNQVLTTNIWLQMSWTDHYLQWNVSEYPGVKTVRFP
DGQIWKPDILLYNSADERFDATFHTNVLVNSSGHCQYLPPGIFKSSCYIDVRWFPFDVQHCKLKFGSWSYGGWSLDLQMQ
EADISGYIPNGEWDLVGIPGKRSERFYECCKEPYPDVTFTVTMRRRTLYYGLNLLIPCVLISALALLVFLLPADSGEKIS
LGITVLLSLTVFMLLVAEIMPATSDSVPLIAQYFASTMIIVGLSVVVTVIVLQYHHHDPDGGKMPKWTRVILLNWCAWFL
RMKRPGEDKVRPACQHKQRRCSLACGRMACAGAMADLEDNWETLNDNLKVIEKADNAAQVKDALTKMRAAALDAQKATPP
KLEDKSPDSPEMKDFRHGFDILVGQIDDALKLANEGKVKEAQAAAEQLKTTRNAYIQKYLSPTHDEHLLHGGQPPEGDPD
LAKILEEVRYIANRFRCQDESEAVCSEWKFAACVVDRLCLMAFSVFTIICTIGILMSAPNFVEAVSKDFAWSHPQFEKGG
GSGGGSGGSSAWSHPQFEKGSGEGRGSLLTCGDVEENPG
;
_entity_poly.pdbx_strand_id   A,B,C,D,E
#
loop_
_chem_comp.id
_chem_comp.type
_chem_comp.name
_chem_comp.formula
9Z9 non-polymer (3beta,14beta,17beta,25R)-3-[4-methoxy-3-(methoxymethyl)butoxy]spirost-5-en 'C34 H56 O5'
BMA D-saccharide, beta linking beta-D-mannopyranose 'C6 H12 O6'
CA non-polymer 'CALCIUM ION' 'Ca 2'
EPJ non-polymer EPIBATIDINE 'C11 H13 Cl N2'
I34 non-polymer N-(5-Chloro-2,4-dimethoxyphenyl)-N'-(5-methyl-3-isoxazolyl)-urea 'C13 H14 Cl N3 O4'
NAG D-saccharide, beta linking 2-acetamido-2-deoxy-beta-D-glucopyranose 'C8 H15 N O6'
POV non-polymer '(2S)-3-(hexadecanoyloxy)-2-[(9Z)-octadec-9-enoyloxy]propyl 2-(trimethylammonio)ethyl phosphate' 'C42 H82 N O8 P'
#
# COMPACT_ATOMS: atom_id res chain seq x y z
N GLU A 1 -54.08 16.05 15.73
CA GLU A 1 -55.39 16.52 15.21
C GLU A 1 -55.18 17.79 14.40
N PHE A 2 -54.41 18.74 14.90
CA PHE A 2 -54.11 19.96 14.17
C PHE A 2 -52.88 19.80 13.31
N GLN A 3 -51.98 18.91 13.72
CA GLN A 3 -50.81 18.61 12.88
C GLN A 3 -51.26 17.83 11.66
N ARG A 4 -52.25 16.96 11.83
CA ARG A 4 -52.79 16.19 10.72
C ARG A 4 -53.53 17.09 9.75
N LYS A 5 -54.37 17.97 10.29
CA LYS A 5 -55.17 18.86 9.45
C LYS A 5 -54.27 19.79 8.65
N LEU A 6 -53.25 20.37 9.29
CA LEU A 6 -52.35 21.28 8.60
C LEU A 6 -51.52 20.57 7.52
N TYR A 7 -51.02 19.37 7.80
CA TYR A 7 -50.23 18.66 6.81
C TYR A 7 -51.05 18.36 5.56
N LYS A 8 -52.30 17.96 5.73
CA LYS A 8 -53.19 17.76 4.59
C LYS A 8 -53.41 19.08 3.86
N GLU A 9 -53.54 20.18 4.61
CA GLU A 9 -53.84 21.46 4.00
C GLU A 9 -52.67 21.99 3.18
N LEU A 10 -51.44 21.76 3.62
CA LEU A 10 -50.31 22.41 3.00
C LEU A 10 -49.90 21.79 1.67
N VAL A 11 -50.37 20.58 1.35
CA VAL A 11 -49.99 19.90 0.12
C VAL A 11 -51.09 19.96 -0.94
N LYS A 12 -52.17 20.69 -0.69
CA LYS A 12 -53.19 20.86 -1.71
C LYS A 12 -52.67 21.80 -2.79
N ASN A 13 -52.59 21.29 -4.02
CA ASN A 13 -52.13 22.00 -5.20
C ASN A 13 -50.65 22.36 -5.14
N TYR A 14 -49.91 21.86 -4.16
CA TYR A 14 -48.50 22.18 -4.06
C TYR A 14 -47.72 21.37 -5.10
N ASN A 15 -46.83 22.06 -5.81
CA ASN A 15 -45.98 21.46 -6.84
C ASN A 15 -44.53 21.70 -6.44
N PRO A 16 -43.71 20.67 -6.17
CA PRO A 16 -42.31 20.92 -5.81
C PRO A 16 -41.44 21.44 -6.95
N LEU A 17 -42.00 21.69 -8.14
CA LEU A 17 -41.26 22.27 -9.24
C LEU A 17 -41.33 23.78 -9.26
N GLU A 18 -42.41 24.36 -8.73
CA GLU A 18 -42.63 25.79 -8.78
C GLU A 18 -41.75 26.51 -7.76
N ARG A 19 -41.04 27.57 -8.18
CA ARG A 19 -40.24 28.39 -7.26
C ARG A 19 -41.28 29.09 -6.43
N PRO A 20 -41.16 29.05 -5.09
CA PRO A 20 -42.26 29.55 -4.25
C PRO A 20 -42.20 31.06 -4.00
N VAL A 21 -42.50 31.82 -5.04
CA VAL A 21 -42.55 33.27 -4.99
C VAL A 21 -43.98 33.70 -5.26
N ALA A 22 -44.33 34.89 -4.76
CA ALA A 22 -45.66 35.43 -5.01
C ALA A 22 -45.72 36.10 -6.37
N ASN A 23 -44.67 36.85 -6.71
CA ASN A 23 -44.54 37.54 -7.98
C ASN A 23 -43.48 36.82 -8.80
N ASP A 24 -43.89 36.25 -9.93
CA ASP A 24 -43.00 35.43 -10.74
C ASP A 24 -41.79 36.20 -11.27
N SER A 25 -41.94 37.51 -11.49
CA SER A 25 -40.86 38.27 -12.12
C SER A 25 -39.67 38.48 -11.18
N GLN A 26 -39.91 38.53 -9.87
CA GLN A 26 -38.85 38.86 -8.92
C GLN A 26 -38.05 37.61 -8.53
N PRO A 27 -36.72 37.70 -8.40
CA PRO A 27 -35.96 36.54 -7.92
C PRO A 27 -36.35 36.18 -6.49
N LEU A 28 -36.02 34.95 -6.11
CA LEU A 28 -36.27 34.43 -4.78
C LEU A 28 -34.99 34.51 -3.98
N THR A 29 -35.04 35.22 -2.86
CA THR A 29 -33.86 35.37 -2.01
C THR A 29 -33.65 34.08 -1.24
N VAL A 30 -32.48 33.48 -1.39
CA VAL A 30 -32.06 32.33 -0.62
C VAL A 30 -30.81 32.77 0.13
N TYR A 31 -30.85 32.66 1.46
CA TYR A 31 -29.67 32.94 2.28
C TYR A 31 -28.91 31.65 2.48
N PHE A 32 -27.66 31.63 2.03
CA PHE A 32 -26.81 30.46 2.12
C PHE A 32 -25.67 30.72 3.09
N SER A 33 -25.34 29.70 3.87
CA SER A 33 -24.18 29.73 4.74
C SER A 33 -23.86 28.28 5.08
N LEU A 34 -22.90 28.07 5.97
CA LEU A 34 -22.58 26.73 6.41
C LEU A 34 -22.04 26.79 7.83
N SER A 35 -22.13 25.65 8.51
CA SER A 35 -21.48 25.41 9.79
C SER A 35 -20.40 24.36 9.60
N LEU A 36 -19.15 24.75 9.80
CA LEU A 36 -18.03 23.83 9.68
C LEU A 36 -17.81 23.14 11.01
N LEU A 37 -18.02 21.81 11.02
CA LEU A 37 -17.86 21.03 12.24
C LEU A 37 -16.49 20.39 12.36
N GLN A 38 -15.86 20.04 11.26
CA GLN A 38 -14.57 19.37 11.33
C GLN A 38 -13.92 19.37 9.96
N ILE A 39 -12.59 19.41 9.97
CA ILE A 39 -11.78 19.21 8.77
C ILE A 39 -11.32 17.76 8.83
N MET A 40 -11.99 16.89 8.08
CA MET A 40 -11.71 15.46 8.20
C MET A 40 -10.41 15.07 7.54
N ASP A 41 -10.12 15.62 6.37
CA ASP A 41 -8.92 15.21 5.64
C ASP A 41 -8.52 16.29 4.66
N VAL A 42 -7.21 16.41 4.47
CA VAL A 42 -6.62 17.21 3.40
C VAL A 42 -5.74 16.24 2.62
N ASP A 43 -6.25 15.75 1.49
CA ASP A 43 -5.52 14.86 0.61
C ASP A 43 -4.74 15.71 -0.38
N GLU A 44 -3.49 15.99 -0.09
CA GLU A 44 -2.74 16.86 -0.95
C GLU A 44 -2.26 16.14 -2.18
N LYS A 45 -2.06 14.82 -2.13
CA LYS A 45 -1.70 14.09 -3.33
C LYS A 45 -2.82 14.13 -4.36
N ASN A 46 -4.08 14.02 -3.91
CA ASN A 46 -5.22 14.08 -4.80
C ASN A 46 -5.84 15.47 -4.90
N GLN A 47 -5.36 16.43 -4.10
CA GLN A 47 -5.85 17.81 -4.15
C GLN A 47 -7.32 17.89 -3.75
N VAL A 48 -7.66 17.21 -2.66
CA VAL A 48 -9.04 17.11 -2.18
C VAL A 48 -9.10 17.49 -0.71
N LEU A 49 -10.20 18.13 -0.33
CA LEU A 49 -10.50 18.50 1.04
C LEU A 49 -11.79 17.81 1.45
N THR A 50 -11.74 17.03 2.52
CA THR A 50 -12.92 16.37 3.08
C THR A 50 -13.31 17.08 4.37
N THR A 51 -14.55 17.57 4.43
CA THR A 51 -15.04 18.32 5.58
C THR A 51 -16.43 17.84 5.99
N ASN A 52 -16.69 17.90 7.30
CA ASN A 52 -18.04 17.70 7.83
C ASN A 52 -18.71 19.05 7.90
N ILE A 53 -19.77 19.24 7.13
CA ILE A 53 -20.42 20.53 6.95
C ILE A 53 -21.92 20.39 7.13
N TRP A 54 -22.54 21.40 7.73
CA TRP A 54 -23.99 21.54 7.84
C TRP A 54 -24.38 22.78 7.04
N LEU A 55 -24.58 22.61 5.73
CA LEU A 55 -25.00 23.70 4.87
C LEU A 55 -26.25 24.33 5.45
N GLN A 56 -26.37 25.65 5.37
CA GLN A 56 -27.53 26.38 5.93
C GLN A 56 -28.20 27.21 4.84
N MET A 57 -29.30 26.70 4.31
CA MET A 57 -30.10 27.39 3.31
C MET A 57 -31.43 27.80 3.91
N SER A 58 -31.69 29.10 3.99
CA SER A 58 -32.95 29.63 4.50
C SER A 58 -33.60 30.49 3.43
N TRP A 59 -34.90 30.31 3.22
CA TRP A 59 -35.64 31.10 2.26
C TRP A 59 -37.08 31.20 2.74
N THR A 60 -37.95 31.77 1.92
CA THR A 60 -39.37 31.92 2.24
C THR A 60 -40.20 31.26 1.16
N ASP A 61 -41.00 30.28 1.57
CA ASP A 61 -41.99 29.64 0.71
C ASP A 61 -43.30 30.39 0.84
N HIS A 62 -43.77 30.97 -0.26
CA HIS A 62 -44.99 31.76 -0.22
C HIS A 62 -46.23 30.94 0.17
N TYR A 63 -46.21 29.63 -0.05
CA TYR A 63 -47.41 28.81 0.13
C TYR A 63 -47.51 28.14 1.48
N LEU A 64 -46.40 27.97 2.21
CA LEU A 64 -46.38 27.22 3.45
C LEU A 64 -46.57 28.15 4.65
N GLN A 65 -47.71 28.82 4.69
CA GLN A 65 -48.04 29.81 5.71
C GLN A 65 -49.39 29.51 6.33
N TRP A 66 -49.42 29.37 7.66
CA TRP A 66 -50.65 29.08 8.39
C TRP A 66 -50.77 30.05 9.57
N ASN A 67 -51.99 30.19 10.06
CA ASN A 67 -52.31 31.04 11.21
C ASN A 67 -52.40 30.11 12.42
N VAL A 68 -51.49 30.31 13.38
CA VAL A 68 -51.36 29.38 14.50
C VAL A 68 -52.59 29.41 15.41
N SER A 69 -53.41 30.47 15.34
CA SER A 69 -54.63 30.48 16.13
C SER A 69 -55.62 29.42 15.65
N GLU A 70 -55.54 29.03 14.37
CA GLU A 70 -56.40 28.02 13.80
C GLU A 70 -55.80 26.62 13.91
N TYR A 71 -54.52 26.50 14.25
CA TYR A 71 -53.85 25.21 14.46
C TYR A 71 -53.08 25.30 15.77
N PRO A 72 -53.77 25.37 16.92
CA PRO A 72 -53.09 25.60 18.19
C PRO A 72 -52.03 24.55 18.49
N GLY A 73 -50.85 25.02 18.89
CA GLY A 73 -49.73 24.16 19.21
C GLY A 73 -48.90 23.74 18.02
N VAL A 74 -49.37 23.98 16.80
CA VAL A 74 -48.67 23.57 15.58
C VAL A 74 -47.95 24.81 15.07
N LYS A 75 -46.68 24.94 15.44
CA LYS A 75 -45.89 26.12 15.12
C LYS A 75 -44.81 25.87 14.08
N THR A 76 -44.49 24.62 13.78
CA THR A 76 -43.53 24.29 12.74
C THR A 76 -43.95 22.97 12.09
N VAL A 77 -43.61 22.82 10.81
CA VAL A 77 -43.80 21.57 10.07
C VAL A 77 -42.49 21.20 9.40
N ARG A 78 -42.40 19.94 8.99
CA ARG A 78 -41.19 19.37 8.41
C ARG A 78 -41.57 18.58 7.16
N PHE A 79 -40.74 18.67 6.12
CA PHE A 79 -40.98 18.02 4.84
C PHE A 79 -39.73 17.29 4.36
N PRO A 80 -39.84 16.04 3.90
CA PRO A 80 -38.66 15.32 3.42
C PRO A 80 -38.34 15.66 1.97
N ASP A 81 -37.30 15.01 1.46
CA ASP A 81 -36.82 15.27 0.11
C ASP A 81 -37.86 14.89 -0.92
N GLY A 82 -38.06 15.78 -1.90
CA GLY A 82 -38.94 15.53 -3.02
C GLY A 82 -40.37 16.02 -2.85
N GLN A 83 -40.73 16.50 -1.66
CA GLN A 83 -42.09 16.93 -1.37
C GLN A 83 -42.25 18.43 -1.32
N ILE A 84 -41.17 19.17 -1.08
CA ILE A 84 -41.17 20.62 -1.00
C ILE A 84 -40.14 21.12 -2.02
N TRP A 85 -40.38 22.32 -2.54
CA TRP A 85 -39.39 22.95 -3.40
C TRP A 85 -38.16 23.29 -2.57
N LYS A 86 -36.98 22.97 -3.11
CA LYS A 86 -35.72 23.28 -2.45
C LYS A 86 -34.78 23.97 -3.43
N PRO A 87 -33.85 24.81 -2.94
CA PRO A 87 -32.78 25.31 -3.82
C PRO A 87 -31.80 24.21 -4.16
N ASP A 88 -31.53 24.03 -5.44
CA ASP A 88 -30.59 23.00 -5.91
C ASP A 88 -29.15 23.51 -5.84
N ILE A 89 -28.76 23.94 -4.64
CA ILE A 89 -27.41 24.47 -4.40
C ILE A 89 -26.46 23.28 -4.34
N LEU A 90 -25.58 23.18 -5.33
CA LEU A 90 -24.55 22.15 -5.41
C LEU A 90 -23.19 22.77 -5.13
N LEU A 91 -22.24 21.90 -4.80
CA LEU A 91 -20.85 22.29 -4.65
C LEU A 91 -20.19 22.15 -6.02
N TYR A 92 -19.84 23.28 -6.63
CA TYR A 92 -19.30 23.27 -7.99
C TYR A 92 -18.01 22.47 -8.06
N ASN A 93 -17.05 22.79 -7.20
CA ASN A 93 -15.74 22.14 -7.25
C ASN A 93 -15.74 20.86 -6.42
N SER A 94 -16.71 19.99 -6.69
CA SER A 94 -16.82 18.72 -5.99
C SER A 94 -15.84 17.70 -6.54
N ALA A 95 -15.29 16.88 -5.65
CA ALA A 95 -14.39 15.80 -6.00
C ALA A 95 -14.98 14.42 -5.72
N ASP A 96 -16.23 14.36 -5.27
CA ASP A 96 -16.88 13.10 -4.95
C ASP A 96 -17.35 12.42 -6.22
N GLU A 97 -17.18 11.10 -6.30
CA GLU A 97 -17.59 10.35 -7.49
C GLU A 97 -19.07 10.50 -7.77
N ARG A 98 -19.90 10.55 -6.73
CA ARG A 98 -21.33 10.83 -6.92
C ARG A 98 -21.59 12.30 -7.23
N PHE A 99 -20.59 13.17 -7.04
CA PHE A 99 -20.61 14.61 -7.25
C PHE A 99 -21.44 15.38 -6.22
N ASP A 100 -22.35 14.72 -5.51
CA ASP A 100 -23.25 15.39 -4.57
C ASP A 100 -23.28 14.51 -3.32
N ALA A 101 -22.50 14.88 -2.32
CA ALA A 101 -22.36 14.12 -1.10
C ALA A 101 -23.32 14.58 -0.01
N THR A 102 -24.21 15.51 -0.31
CA THR A 102 -25.16 16.01 0.68
C THR A 102 -26.13 14.91 1.09
N PHE A 103 -26.43 14.86 2.39
CA PHE A 103 -27.43 13.95 2.93
C PHE A 103 -28.72 14.71 3.14
N HIS A 104 -29.79 14.27 2.47
CA HIS A 104 -31.03 15.03 2.40
C HIS A 104 -31.86 14.80 3.66
N THR A 105 -32.19 15.89 4.36
CA THR A 105 -32.95 15.87 5.60
C THR A 105 -34.19 16.73 5.43
N ASN A 106 -34.87 17.03 6.52
CA ASN A 106 -36.14 17.74 6.44
C ASN A 106 -35.90 19.24 6.25
N VAL A 107 -36.96 19.91 5.80
CA VAL A 107 -37.02 21.37 5.68
C VAL A 107 -38.02 21.84 6.72
N LEU A 108 -37.54 22.56 7.73
CA LEU A 108 -38.38 23.03 8.81
C LEU A 108 -38.94 24.42 8.49
N VAL A 109 -40.25 24.52 8.33
CA VAL A 109 -40.94 25.78 8.06
C VAL A 109 -41.67 26.21 9.33
N ASN A 110 -41.89 27.52 9.50
CA ASN A 110 -42.69 28.04 10.62
C ASN A 110 -43.99 28.61 10.07
N SER A 111 -44.79 29.22 10.94
CA SER A 111 -46.13 29.67 10.52
C SER A 111 -46.09 30.81 9.52
N SER A 112 -44.96 31.46 9.36
CA SER A 112 -44.78 32.66 8.57
C SER A 112 -44.20 32.33 7.20
N GLY A 113 -43.83 31.07 6.99
CA GLY A 113 -43.35 30.53 5.74
C GLY A 113 -41.85 30.40 5.65
N HIS A 114 -41.12 30.90 6.63
CA HIS A 114 -39.67 30.88 6.52
CA HIS A 114 -39.67 30.89 6.55
C HIS A 114 -39.18 29.45 6.62
N CYS A 115 -38.55 28.97 5.56
CA CYS A 115 -38.08 27.60 5.47
C CYS A 115 -36.62 27.55 5.83
N GLN A 116 -36.27 26.53 6.60
CA GLN A 116 -34.92 26.34 7.11
C GLN A 116 -34.52 24.92 6.73
N TYR A 117 -33.37 24.80 6.06
CA TYR A 117 -32.88 23.54 5.53
C TYR A 117 -31.40 23.38 5.85
N LEU A 118 -31.05 22.39 6.66
CA LEU A 118 -29.68 22.23 7.18
C LEU A 118 -29.17 20.81 6.92
N PRO A 119 -28.92 20.47 5.66
CA PRO A 119 -28.46 19.11 5.36
C PRO A 119 -27.07 18.87 5.88
N PRO A 120 -26.80 17.76 6.56
CA PRO A 120 -25.42 17.40 6.86
C PRO A 120 -24.78 16.70 5.66
N GLY A 121 -23.46 16.68 5.67
CA GLY A 121 -22.78 15.94 4.63
C GLY A 121 -21.29 15.84 4.88
N ILE A 122 -20.69 14.79 4.35
CA ILE A 122 -19.25 14.69 4.21
C ILE A 122 -18.96 15.16 2.80
N PHE A 123 -18.34 16.33 2.64
CA PHE A 123 -18.15 16.94 1.34
C PHE A 123 -16.68 16.85 0.92
N LYS A 124 -16.45 16.34 -0.28
CA LYS A 124 -15.14 16.34 -0.90
C LYS A 124 -15.11 17.42 -1.96
N SER A 125 -14.10 18.29 -1.89
CA SER A 125 -13.97 19.43 -2.78
C SER A 125 -12.61 19.40 -3.45
N SER A 126 -12.58 19.69 -4.74
CA SER A 126 -11.35 19.77 -5.51
C SER A 126 -10.66 21.08 -5.18
N CYS A 127 -9.70 21.03 -4.25
CA CYS A 127 -8.98 22.21 -3.77
C CYS A 127 -7.54 22.20 -4.24
N TYR A 128 -7.12 23.31 -4.86
CA TYR A 128 -5.71 23.48 -5.21
C TYR A 128 -4.86 23.63 -3.96
N ILE A 129 -3.98 22.67 -3.73
CA ILE A 129 -3.13 22.64 -2.53
C ILE A 129 -1.78 23.22 -2.91
N ASP A 130 -1.52 24.44 -2.46
CA ASP A 130 -0.22 25.06 -2.69
C ASP A 130 0.77 24.41 -1.75
N VAL A 131 1.61 23.54 -2.30
CA VAL A 131 2.60 22.81 -1.53
C VAL A 131 3.96 23.50 -1.56
N ARG A 132 3.99 24.77 -1.98
CA ARG A 132 5.27 25.48 -2.11
C ARG A 132 6.01 25.56 -0.78
N TRP A 133 5.29 25.79 0.32
CA TRP A 133 5.89 26.06 1.61
C TRP A 133 5.79 24.92 2.61
N PHE A 134 5.12 23.80 2.26
CA PHE A 134 5.01 22.60 3.09
C PHE A 134 6.35 22.27 3.73
N PRO A 135 6.42 21.89 5.03
CA PRO A 135 5.32 21.67 5.99
C PRO A 135 4.82 22.96 6.61
N PHE A 136 5.54 24.08 6.48
CA PHE A 136 5.07 25.34 7.04
C PHE A 136 4.10 26.02 6.08
N ASP A 137 3.09 25.30 5.62
CA ASP A 137 2.19 25.80 4.59
C ASP A 137 0.87 26.27 5.19
N VAL A 138 0.26 27.23 4.51
CA VAL A 138 -1.10 27.68 4.76
C VAL A 138 -1.87 27.48 3.47
N GLN A 139 -3.03 26.84 3.57
CA GLN A 139 -3.85 26.50 2.41
C GLN A 139 -5.12 27.34 2.46
N HIS A 140 -5.60 27.73 1.28
CA HIS A 140 -6.84 28.47 1.11
C HIS A 140 -7.72 27.66 0.18
N CYS A 141 -8.58 26.84 0.77
CA CYS A 141 -9.42 25.91 0.01
C CYS A 141 -10.80 26.50 -0.17
N LYS A 142 -11.22 26.65 -1.42
CA LYS A 142 -12.50 27.26 -1.73
C LYS A 142 -13.58 26.18 -1.79
N LEU A 143 -14.71 26.48 -1.18
CA LEU A 143 -15.93 25.71 -1.33
C LEU A 143 -16.90 26.63 -2.04
N LYS A 144 -17.13 26.36 -3.31
CA LYS A 144 -17.97 27.20 -4.15
C LYS A 144 -19.34 26.55 -4.27
N PHE A 145 -20.36 27.24 -3.77
CA PHE A 145 -21.73 26.76 -3.76
C PHE A 145 -22.61 27.68 -4.59
N GLY A 146 -23.51 27.10 -5.37
CA GLY A 146 -24.43 27.89 -6.13
C GLY A 146 -25.55 27.02 -6.66
N SER A 147 -26.66 27.68 -6.99
CA SER A 147 -27.74 27.00 -7.65
C SER A 147 -27.30 26.60 -9.06
N TRP A 148 -27.48 25.33 -9.39
CA TRP A 148 -27.00 24.83 -10.67
C TRP A 148 -27.81 25.38 -11.83
N SER A 149 -29.13 25.44 -11.69
CA SER A 149 -30.01 25.70 -12.83
C SER A 149 -30.90 26.94 -12.68
N TYR A 150 -30.74 27.73 -11.62
CA TYR A 150 -31.46 29.00 -11.47
C TYR A 150 -30.45 30.12 -11.54
N GLY A 151 -30.69 31.07 -12.44
CA GLY A 151 -29.81 32.22 -12.58
C GLY A 151 -30.23 33.37 -11.68
N GLY A 152 -29.49 34.47 -11.82
CA GLY A 152 -29.70 35.62 -10.96
C GLY A 152 -31.09 36.20 -11.07
N TRP A 153 -31.70 36.13 -12.26
CA TRP A 153 -33.04 36.66 -12.44
C TRP A 153 -34.10 35.82 -11.74
N SER A 154 -33.76 34.64 -11.21
CA SER A 154 -34.70 33.76 -10.54
C SER A 154 -34.35 33.47 -9.09
N LEU A 155 -33.08 33.18 -8.78
CA LEU A 155 -32.66 32.85 -7.43
C LEU A 155 -31.61 33.87 -7.00
N ASP A 156 -32.01 34.78 -6.13
CA ASP A 156 -31.11 35.83 -5.62
C ASP A 156 -30.35 35.24 -4.45
N LEU A 157 -29.21 34.62 -4.72
CA LEU A 157 -28.42 34.03 -3.65
C LEU A 157 -27.77 35.13 -2.82
N GLN A 158 -27.88 35.02 -1.50
CA GLN A 158 -27.25 35.93 -0.55
C GLN A 158 -26.48 35.13 0.47
N MET A 159 -25.35 35.69 0.90
CA MET A 159 -24.42 35.01 1.78
C MET A 159 -24.62 35.46 3.21
N GLN A 160 -24.50 34.52 4.15
CA GLN A 160 -24.47 34.79 5.57
C GLN A 160 -23.15 34.28 6.11
N GLU A 161 -22.67 34.93 7.17
CA GLU A 161 -21.33 34.65 7.68
C GLU A 161 -21.23 33.22 8.19
N ALA A 162 -20.09 32.59 7.93
CA ALA A 162 -19.92 31.19 8.28
C ALA A 162 -19.98 31.00 9.79
N ASP A 163 -20.51 29.85 10.17
CA ASP A 163 -20.63 29.42 11.56
C ASP A 163 -19.50 28.48 11.96
N ILE A 164 -18.80 28.80 13.05
CA ILE A 164 -17.71 27.97 13.53
C ILE A 164 -17.75 27.72 15.05
N SER A 165 -18.90 27.99 15.68
CA SER A 165 -18.99 27.80 17.13
C SER A 165 -18.80 26.34 17.50
N GLY A 166 -19.39 25.44 16.73
CA GLY A 166 -19.32 24.02 17.02
C GLY A 166 -18.13 23.32 16.38
N TYR A 167 -17.23 24.08 15.74
CA TYR A 167 -16.06 23.51 15.11
C TYR A 167 -15.26 22.71 16.12
N ILE A 168 -14.83 21.52 15.72
CA ILE A 168 -14.01 20.64 16.55
C ILE A 168 -12.59 20.71 15.99
N PRO A 169 -11.59 21.21 16.76
CA PRO A 169 -10.20 21.22 16.28
C PRO A 169 -9.74 19.90 15.67
N ASN A 170 -8.69 19.94 14.87
CA ASN A 170 -8.25 18.80 14.08
C ASN A 170 -7.06 18.08 14.67
N GLY A 171 -5.97 18.79 14.92
CA GLY A 171 -4.74 18.19 15.38
C GLY A 171 -3.62 18.58 14.43
N GLU A 172 -3.96 18.61 13.14
CA GLU A 172 -3.01 18.93 12.09
C GLU A 172 -3.24 20.30 11.47
N TRP A 173 -4.40 20.92 11.69
CA TRP A 173 -4.76 22.15 11.01
C TRP A 173 -5.40 23.13 11.97
N ASP A 174 -4.96 24.39 11.93
CA ASP A 174 -5.51 25.46 12.75
C ASP A 174 -6.37 26.31 11.83
N LEU A 175 -7.68 26.17 11.94
CA LEU A 175 -8.60 27.02 11.20
C LEU A 175 -8.26 28.48 11.45
N VAL A 176 -7.78 29.17 10.42
CA VAL A 176 -7.46 30.60 10.52
C VAL A 176 -8.68 31.46 10.21
N GLY A 177 -9.73 30.87 9.66
CA GLY A 177 -10.96 31.58 9.37
C GLY A 177 -11.57 31.01 8.11
N ILE A 178 -12.85 31.27 7.94
CA ILE A 178 -13.61 30.84 6.76
C ILE A 178 -14.30 32.07 6.17
N PRO A 179 -13.55 33.02 5.63
CA PRO A 179 -14.18 34.18 4.98
C PRO A 179 -14.92 33.78 3.72
N GLY A 180 -16.12 34.33 3.54
CA GLY A 180 -16.95 34.05 2.39
C GLY A 180 -17.05 35.27 1.49
N LYS A 181 -17.55 35.03 0.27
CA LYS A 181 -17.74 36.09 -0.70
C LYS A 181 -18.80 35.68 -1.70
N ARG A 182 -19.72 36.59 -1.99
CA ARG A 182 -20.75 36.41 -3.02
C ARG A 182 -20.28 37.07 -4.31
N SER A 183 -20.34 36.31 -5.40
CA SER A 183 -19.94 36.78 -6.71
C SER A 183 -21.12 36.64 -7.66
N GLU A 184 -21.11 37.45 -8.72
CA GLU A 184 -22.10 37.39 -9.79
C GLU A 184 -21.31 37.19 -11.08
N ARG A 185 -21.19 35.95 -11.53
CA ARG A 185 -20.38 35.62 -12.71
C ARG A 185 -21.28 35.29 -13.90
N PHE A 186 -20.76 35.55 -15.10
CA PHE A 186 -21.40 35.15 -16.35
C PHE A 186 -20.72 33.89 -16.88
N TYR A 187 -21.51 33.03 -17.48
CA TYR A 187 -21.02 31.78 -18.05
C TYR A 187 -21.30 31.72 -19.54
N GLU A 188 -20.41 31.05 -20.23
CA GLU A 188 -20.38 30.83 -21.67
C GLU A 188 -21.49 29.90 -22.18
N CYS A 189 -22.34 29.40 -21.29
CA CYS A 189 -23.42 28.49 -21.63
C CYS A 189 -24.71 29.24 -21.87
N CYS A 190 -24.84 30.40 -21.25
CA CYS A 190 -26.11 31.00 -20.93
C CYS A 190 -25.88 32.50 -20.88
N LYS A 191 -26.96 33.26 -21.00
CA LYS A 191 -26.88 34.72 -20.97
C LYS A 191 -27.21 35.28 -19.59
N GLU A 192 -28.23 34.73 -18.95
CA GLU A 192 -28.55 35.10 -17.58
C GLU A 192 -27.35 34.84 -16.67
N PRO A 193 -26.91 35.80 -15.85
CA PRO A 193 -25.77 35.53 -14.97
C PRO A 193 -26.16 34.57 -13.87
N TYR A 194 -25.15 34.00 -13.21
CA TYR A 194 -25.38 33.04 -12.12
C TYR A 194 -24.60 33.46 -10.88
N PRO A 195 -25.25 33.70 -9.74
CA PRO A 195 -24.50 33.99 -8.51
C PRO A 195 -24.06 32.76 -7.76
N ASP A 196 -22.93 32.90 -7.08
CA ASP A 196 -22.40 31.84 -6.23
C ASP A 196 -21.86 32.46 -4.95
N VAL A 197 -21.82 31.63 -3.92
CA VAL A 197 -21.21 31.97 -2.63
C VAL A 197 -20.04 31.02 -2.46
N THR A 198 -18.85 31.58 -2.31
CA THR A 198 -17.63 30.82 -2.13
C THR A 198 -17.09 31.09 -0.75
N PHE A 199 -16.91 30.02 0.03
CA PHE A 199 -16.29 30.09 1.34
C PHE A 199 -14.87 29.59 1.19
N THR A 200 -13.90 30.43 1.54
CA THR A 200 -12.48 30.09 1.47
C THR A 200 -12.07 29.64 2.87
N VAL A 201 -11.94 28.33 3.04
CA VAL A 201 -11.44 27.77 4.29
C VAL A 201 -9.94 27.98 4.33
N THR A 202 -9.48 28.80 5.28
CA THR A 202 -8.06 29.08 5.45
C THR A 202 -7.56 28.24 6.62
N MET A 203 -6.51 27.46 6.37
CA MET A 203 -6.02 26.45 7.30
C MET A 203 -4.52 26.61 7.44
N ARG A 204 -4.03 26.65 8.67
CA ARG A 204 -2.59 26.66 8.93
C ARG A 204 -2.17 25.27 9.40
N ARG A 205 -1.16 24.69 8.75
CA ARG A 205 -0.68 23.38 9.16
C ARG A 205 0.09 23.50 10.46
N ARG A 206 -0.30 22.70 11.45
CA ARG A 206 0.51 22.58 12.66
C ARG A 206 1.74 21.74 12.34
N THR A 207 2.91 22.28 12.64
CA THR A 207 4.18 21.77 12.11
C THR A 207 4.92 20.87 13.09
N LEU A 208 4.36 20.62 14.27
CA LEU A 208 5.05 19.77 15.24
C LEU A 208 5.18 18.34 14.74
N TYR A 209 4.11 17.79 14.15
CA TYR A 209 4.14 16.39 13.74
C TYR A 209 5.15 16.16 12.63
N TYR A 210 5.06 16.93 11.54
CA TYR A 210 6.02 16.79 10.45
C TYR A 210 7.39 17.28 10.86
N GLY A 211 7.46 18.26 11.77
CA GLY A 211 8.77 18.65 12.29
C GLY A 211 9.45 17.51 13.01
N LEU A 212 8.71 16.79 13.85
CA LEU A 212 9.31 15.72 14.63
C LEU A 212 9.60 14.47 13.81
N ASN A 213 8.79 14.21 12.79
CA ASN A 213 8.92 13.00 11.98
C ASN A 213 9.71 13.16 10.69
N LEU A 214 9.90 14.37 10.18
CA LEU A 214 10.61 14.58 8.92
C LEU A 214 11.80 15.50 9.07
N LEU A 215 11.63 16.67 9.68
CA LEU A 215 12.69 17.67 9.64
C LEU A 215 13.79 17.34 10.63
N ILE A 216 13.45 17.15 11.90
CA ILE A 216 14.45 16.89 12.93
C ILE A 216 15.10 15.52 12.70
N PRO A 217 14.35 14.47 12.30
CA PRO A 217 15.02 13.18 12.04
C PRO A 217 16.05 13.28 10.94
N CYS A 218 15.71 13.97 9.85
CA CYS A 218 16.64 14.14 8.75
C CYS A 218 17.84 14.98 9.18
N VAL A 219 17.61 16.05 9.96
CA VAL A 219 18.72 16.85 10.48
C VAL A 219 19.70 15.96 11.24
N LEU A 220 19.18 15.08 12.09
CA LEU A 220 20.04 14.29 12.95
C LEU A 220 20.73 13.16 12.19
N ILE A 221 20.03 12.57 11.21
CA ILE A 221 20.66 11.54 10.37
C ILE A 221 21.68 12.19 9.46
N SER A 222 21.37 13.41 9.00
CA SER A 222 22.29 14.17 8.18
C SER A 222 23.52 14.58 8.96
N ALA A 223 23.34 14.77 10.26
CA ALA A 223 24.47 15.08 11.14
C ALA A 223 25.38 13.87 11.29
N LEU A 224 24.82 12.66 11.34
CA LEU A 224 25.63 11.46 11.36
C LEU A 224 26.54 11.36 10.14
N ALA A 225 26.03 11.81 9.02
CA ALA A 225 26.89 11.85 7.84
C ALA A 225 28.16 12.64 8.08
N LEU A 226 28.08 13.74 8.83
CA LEU A 226 29.29 14.52 9.11
C LEU A 226 30.28 13.76 9.98
N LEU A 227 29.87 12.70 10.66
CA LEU A 227 30.83 11.91 11.44
C LEU A 227 31.88 11.24 10.58
N VAL A 228 31.67 11.15 9.26
CA VAL A 228 32.67 10.58 8.38
C VAL A 228 33.93 11.42 8.43
N PHE A 229 33.79 12.73 8.59
CA PHE A 229 34.94 13.60 8.66
C PHE A 229 35.69 13.49 9.98
N LEU A 230 35.12 12.82 10.98
CA LEU A 230 35.83 12.50 12.22
C LEU A 230 36.29 11.07 12.29
N LEU A 231 35.74 10.19 11.47
CA LEU A 231 36.21 8.82 11.42
C LEU A 231 37.65 8.76 10.94
N PRO A 232 38.51 7.92 11.52
CA PRO A 232 39.81 7.68 10.90
C PRO A 232 39.66 6.90 9.61
N ALA A 233 40.63 7.09 8.71
CA ALA A 233 40.63 6.35 7.45
C ALA A 233 40.94 4.88 7.66
N ASP A 234 41.83 4.56 8.61
CA ASP A 234 42.22 3.18 8.85
C ASP A 234 41.07 2.33 9.35
N SER A 235 39.98 2.93 9.82
CA SER A 235 38.83 2.15 10.24
C SER A 235 38.25 1.35 9.08
N GLY A 236 38.41 1.84 7.84
CA GLY A 236 37.87 1.17 6.69
C GLY A 236 36.37 1.15 6.62
N GLU A 237 35.71 2.19 7.11
CA GLU A 237 34.25 2.27 7.04
C GLU A 237 33.75 3.68 6.72
N LYS A 238 34.61 4.59 6.24
CA LYS A 238 34.15 5.92 5.86
C LYS A 238 33.12 5.85 4.75
N ILE A 239 33.45 5.18 3.66
CA ILE A 239 32.53 5.08 2.52
C ILE A 239 31.29 4.33 2.93
N SER A 240 31.45 3.25 3.69
CA SER A 240 30.31 2.47 4.16
C SER A 240 29.34 3.34 4.94
N LEU A 241 29.85 4.07 5.94
CA LEU A 241 28.97 4.91 6.75
C LEU A 241 28.31 5.98 5.88
N GLY A 242 29.10 6.67 5.04
CA GLY A 242 28.56 7.76 4.27
C GLY A 242 27.53 7.32 3.24
N ILE A 243 27.84 6.27 2.49
CA ILE A 243 26.92 5.81 1.45
C ILE A 243 25.67 5.21 2.08
N THR A 244 25.85 4.51 3.20
CA THR A 244 24.71 3.95 3.92
C THR A 244 23.77 5.05 4.40
N VAL A 245 24.33 6.13 4.97
CA VAL A 245 23.52 7.23 5.48
C VAL A 245 22.78 7.94 4.35
N LEU A 246 23.46 8.17 3.22
CA LEU A 246 22.82 8.85 2.09
C LEU A 246 21.64 8.05 1.55
N LEU A 247 21.85 6.77 1.29
CA LEU A 247 20.79 5.91 0.76
C LEU A 247 19.71 5.66 1.80
N SER A 248 20.02 5.84 3.08
CA SER A 248 19.00 5.83 4.11
C SER A 248 18.16 7.11 4.07
N LEU A 249 18.78 8.23 3.70
CA LEU A 249 18.05 9.49 3.62
C LEU A 249 17.00 9.49 2.53
N THR A 250 17.14 8.61 1.51
CA THR A 250 16.12 8.50 0.47
C THR A 250 14.74 8.14 1.02
N VAL A 251 14.65 7.52 2.19
CA VAL A 251 13.35 7.13 2.72
C VAL A 251 12.49 8.37 2.97
N PHE A 252 13.13 9.47 3.39
CA PHE A 252 12.36 10.69 3.64
C PHE A 252 11.80 11.26 2.35
N MET A 253 12.58 11.22 1.26
CA MET A 253 12.05 11.65 -0.03
C MET A 253 10.94 10.74 -0.49
N LEU A 254 11.07 9.44 -0.22
CA LEU A 254 9.99 8.51 -0.53
C LEU A 254 8.74 8.83 0.27
N LEU A 255 8.90 9.18 1.55
CA LEU A 255 7.75 9.54 2.37
C LEU A 255 7.06 10.79 1.82
N VAL A 256 7.85 11.80 1.45
CA VAL A 256 7.29 13.03 0.89
C VAL A 256 6.54 12.72 -0.40
N ALA A 257 7.11 11.86 -1.24
CA ALA A 257 6.42 11.47 -2.47
C ALA A 257 5.08 10.79 -2.18
N GLU A 258 5.02 9.97 -1.14
CA GLU A 258 3.74 9.43 -0.70
C GLU A 258 2.76 10.53 -0.30
N ILE A 259 3.26 11.68 0.15
CA ILE A 259 2.41 12.78 0.60
C ILE A 259 2.12 13.77 -0.52
N MET A 260 3.15 14.21 -1.25
CA MET A 260 2.99 15.36 -2.13
C MET A 260 2.33 14.98 -3.46
N PRO A 261 1.64 15.92 -4.11
CA PRO A 261 1.10 15.67 -5.45
C PRO A 261 2.18 15.73 -6.51
N ALA A 262 1.88 15.15 -7.67
CA ALA A 262 2.81 15.14 -8.79
C ALA A 262 2.60 16.35 -9.70
N THR A 263 2.87 17.52 -9.13
CA THR A 263 2.63 18.79 -9.78
C THR A 263 3.95 19.52 -10.05
N SER A 264 3.95 20.32 -11.10
CA SER A 264 5.12 21.08 -11.54
C SER A 264 4.95 22.58 -11.33
N ASP A 265 3.87 23.00 -10.64
CA ASP A 265 3.68 24.41 -10.32
C ASP A 265 4.86 24.96 -9.51
N SER A 266 5.41 24.16 -8.60
CA SER A 266 6.47 24.62 -7.72
C SER A 266 7.17 23.42 -7.12
N VAL A 267 8.22 23.71 -6.36
CA VAL A 267 8.98 22.72 -5.60
C VAL A 267 8.68 22.94 -4.12
N PRO A 268 8.11 21.97 -3.40
CA PRO A 268 7.87 22.17 -1.96
C PRO A 268 9.16 22.45 -1.19
N LEU A 269 9.03 23.28 -0.16
CA LEU A 269 10.17 23.65 0.68
C LEU A 269 10.83 22.41 1.28
N ILE A 270 10.03 21.43 1.69
CA ILE A 270 10.58 20.21 2.25
C ILE A 270 11.49 19.53 1.24
N ALA A 271 11.08 19.51 -0.04
CA ALA A 271 11.89 18.88 -1.08
C ALA A 271 13.19 19.64 -1.27
N GLN A 272 13.13 20.98 -1.22
CA GLN A 272 14.35 21.77 -1.41
C GLN A 272 15.31 21.55 -0.25
N TYR A 273 14.78 21.40 0.96
CA TYR A 273 15.65 21.15 2.09
C TYR A 273 16.20 19.72 2.04
N PHE A 274 15.35 18.74 1.74
CA PHE A 274 15.83 17.38 1.62
C PHE A 274 16.84 17.25 0.48
N ALA A 275 16.60 17.92 -0.64
CA ALA A 275 17.52 17.85 -1.77
C ALA A 275 18.88 18.46 -1.43
N SER A 276 18.89 19.61 -0.76
CA SER A 276 20.16 20.21 -0.38
C SER A 276 20.89 19.33 0.62
N THR A 277 20.14 18.71 1.51
CA THR A 277 20.72 17.79 2.48
C THR A 277 21.40 16.60 1.80
N MET A 278 20.69 15.95 0.87
CA MET A 278 21.30 14.82 0.17
C MET A 278 22.48 15.26 -0.69
N ILE A 279 22.39 16.44 -1.30
CA ILE A 279 23.51 16.92 -2.09
C ILE A 279 24.72 17.17 -1.19
N ILE A 280 24.49 17.72 0.01
CA ILE A 280 25.61 17.95 0.93
C ILE A 280 26.18 16.62 1.40
N VAL A 281 25.33 15.63 1.67
CA VAL A 281 25.82 14.32 2.07
C VAL A 281 26.52 13.64 0.90
N GLY A 282 25.97 13.78 -0.30
CA GLY A 282 26.63 13.22 -1.47
C GLY A 282 27.98 13.85 -1.75
N LEU A 283 28.09 15.16 -1.55
CA LEU A 283 29.38 15.82 -1.67
C LEU A 283 30.35 15.37 -0.58
N SER A 284 29.84 15.02 0.60
CA SER A 284 30.70 14.44 1.62
C SER A 284 31.24 13.09 1.17
N VAL A 285 30.44 12.32 0.43
CA VAL A 285 30.92 11.07 -0.12
C VAL A 285 32.01 11.34 -1.16
N VAL A 286 31.80 12.35 -2.02
CA VAL A 286 32.79 12.70 -3.03
C VAL A 286 34.08 13.14 -2.35
N VAL A 287 33.96 13.95 -1.31
CA VAL A 287 35.13 14.40 -0.56
C VAL A 287 35.75 13.26 0.22
N THR A 288 34.94 12.28 0.63
CA THR A 288 35.50 11.08 1.26
C THR A 288 36.35 10.30 0.27
N VAL A 289 35.92 10.21 -0.98
CA VAL A 289 36.70 9.56 -2.02
C VAL A 289 38.04 10.28 -2.21
N ILE A 290 38.01 11.62 -2.22
CA ILE A 290 39.25 12.39 -2.36
C ILE A 290 40.14 12.17 -1.13
N VAL A 291 39.55 12.16 0.06
CA VAL A 291 40.32 11.94 1.28
C VAL A 291 40.99 10.56 1.24
N LEU A 292 40.25 9.54 0.80
CA LEU A 292 40.83 8.21 0.72
C LEU A 292 41.88 8.13 -0.37
N GLN A 293 41.78 8.97 -1.40
CA GLN A 293 42.83 9.01 -2.41
C GLN A 293 44.10 9.58 -1.80
N TYR A 294 43.96 10.59 -0.95
CA TYR A 294 45.11 11.15 -0.26
C TYR A 294 45.69 10.15 0.74
N HIS A 295 44.81 9.48 1.49
CA HIS A 295 45.27 8.54 2.51
C HIS A 295 45.94 7.33 1.88
N HIS A 296 45.32 6.75 0.87
CA HIS A 296 45.86 5.58 0.16
C HIS A 296 46.68 5.99 -1.07
N HIS A 297 47.65 6.89 -0.89
CA HIS A 297 48.45 7.39 -2.00
C HIS A 297 49.75 6.62 -2.08
N ASP A 298 50.07 6.14 -3.27
CA ASP A 298 51.28 5.36 -3.48
C ASP A 298 52.51 6.26 -3.27
N PRO A 299 53.41 5.95 -2.32
CA PRO A 299 54.53 6.87 -2.07
C PRO A 299 55.43 7.09 -3.28
N ASP A 300 55.56 6.07 -4.14
CA ASP A 300 56.39 6.15 -5.32
C ASP A 300 55.64 6.68 -6.53
N GLY A 301 54.42 7.16 -6.34
CA GLY A 301 53.65 7.77 -7.41
C GLY A 301 54.03 9.22 -7.59
N GLY A 302 53.06 10.04 -7.97
CA GLY A 302 53.33 11.44 -8.17
C GLY A 302 53.81 12.12 -6.91
N LYS A 303 54.51 13.23 -7.10
CA LYS A 303 55.02 14.03 -5.99
C LYS A 303 53.93 15.01 -5.56
N MET A 304 54.07 15.53 -4.35
CA MET A 304 53.04 16.39 -3.78
C MET A 304 53.07 17.76 -4.44
N PRO A 305 52.01 18.20 -5.13
CA PRO A 305 52.00 19.56 -5.70
C PRO A 305 52.21 20.62 -4.63
N LYS A 306 53.16 21.53 -4.89
CA LYS A 306 53.44 22.62 -3.96
C LYS A 306 52.14 23.32 -3.53
N TRP A 307 51.20 23.52 -4.48
CA TRP A 307 49.95 24.19 -4.14
C TRP A 307 49.26 23.45 -3.00
N THR A 308 49.32 22.12 -3.00
CA THR A 308 48.74 21.34 -1.91
C THR A 308 49.60 21.48 -0.65
N ARG A 309 50.92 21.33 -0.79
CA ARG A 309 51.82 21.35 0.36
C ARG A 309 51.73 22.65 1.17
N VAL A 310 51.16 23.72 0.61
CA VAL A 310 51.04 25.00 1.29
C VAL A 310 49.58 25.30 1.64
N ILE A 311 48.68 25.15 0.67
CA ILE A 311 47.27 25.49 0.90
C ILE A 311 46.68 24.61 2.01
N LEU A 312 47.29 23.46 2.30
CA LEU A 312 46.73 22.51 3.27
C LEU A 312 47.67 22.28 4.45
N LEU A 313 48.95 21.98 4.21
CA LEU A 313 49.85 21.63 5.30
C LEU A 313 50.54 22.83 5.95
N ASN A 314 50.28 24.05 5.48
CA ASN A 314 50.89 25.27 6.02
C ASN A 314 49.82 26.21 6.55
N TRP A 315 48.88 26.64 5.70
CA TRP A 315 47.88 27.61 6.13
C TRP A 315 46.73 26.90 6.85
N CYS A 316 45.87 26.20 6.09
CA CYS A 316 44.74 25.48 6.69
C CYS A 316 45.16 24.60 7.87
N ALA A 317 46.37 24.05 7.82
CA ALA A 317 46.85 23.21 8.91
C ALA A 317 47.10 24.06 10.16
N TRP A 318 47.63 25.27 9.99
CA TRP A 318 47.90 26.14 11.11
C TRP A 318 46.61 26.75 11.66
N PHE A 319 45.76 27.27 10.76
CA PHE A 319 44.46 27.83 11.11
C PHE A 319 43.69 26.96 12.09
N LEU A 320 43.71 25.65 11.86
CA LEU A 320 42.93 24.71 12.65
C LEU A 320 43.67 24.18 13.86
N ARG A 321 44.93 24.59 14.06
CA ARG A 321 45.69 24.23 15.25
C ARG A 321 45.88 22.71 15.34
N MET A 322 46.48 22.15 14.30
CA MET A 322 46.62 20.70 14.20
C MET A 322 48.06 20.22 14.31
N LYS A 323 48.96 20.74 13.50
CA LYS A 323 50.36 20.27 13.47
C LYS A 323 50.42 18.83 12.98
N PRO A 479 87.76 -10.71 4.07
CA PRO A 479 86.87 -10.65 2.91
C PRO A 479 85.43 -10.90 3.28
N ASP A 480 85.19 -11.82 4.21
CA ASP A 480 83.83 -12.17 4.55
C ASP A 480 83.17 -11.01 5.23
N LEU A 481 83.92 -10.28 6.05
CA LEU A 481 83.35 -9.17 6.79
C LEU A 481 82.90 -8.07 5.87
N ALA A 482 83.56 -7.90 4.72
CA ALA A 482 83.16 -6.91 3.75
C ALA A 482 81.89 -7.37 3.11
N LYS A 483 81.83 -8.64 2.76
CA LYS A 483 80.59 -9.20 2.22
C LYS A 483 79.47 -9.07 3.23
N ILE A 484 79.78 -9.16 4.53
CA ILE A 484 78.74 -9.04 5.55
C ILE A 484 78.30 -7.58 5.64
N LEU A 485 79.28 -6.65 5.57
CA LEU A 485 78.95 -5.23 5.57
C LEU A 485 78.05 -4.87 4.40
N GLU A 486 78.36 -5.39 3.22
CA GLU A 486 77.52 -5.12 2.05
C GLU A 486 76.10 -5.61 2.30
N GLU A 487 75.95 -6.87 2.71
CA GLU A 487 74.61 -7.43 2.86
C GLU A 487 73.82 -6.70 3.95
N VAL A 488 74.45 -6.42 5.10
CA VAL A 488 73.74 -5.76 6.19
C VAL A 488 73.42 -4.31 5.83
N ARG A 489 74.21 -3.71 4.95
CA ARG A 489 73.98 -2.34 4.54
C ARG A 489 72.85 -2.26 3.52
N TYR A 490 72.63 -3.34 2.76
CA TYR A 490 71.48 -3.35 1.87
C TYR A 490 70.19 -3.49 2.67
N ILE A 491 70.21 -4.33 3.70
CA ILE A 491 69.04 -4.49 4.56
C ILE A 491 68.67 -3.16 5.20
N ALA A 492 69.67 -2.46 5.74
CA ALA A 492 69.40 -1.22 6.43
C ALA A 492 69.04 -0.09 5.46
N ASN A 493 69.66 -0.08 4.27
CA ASN A 493 69.27 0.89 3.26
C ASN A 493 67.85 0.62 2.78
N ARG A 494 67.48 -0.65 2.68
CA ARG A 494 66.09 -0.99 2.40
C ARG A 494 65.19 -0.43 3.48
N PHE A 495 65.60 -0.56 4.75
CA PHE A 495 64.81 0.00 5.85
C PHE A 495 64.73 1.52 5.75
N ARG A 496 65.83 2.17 5.34
CA ARG A 496 65.80 3.63 5.20
C ARG A 496 64.85 4.04 4.06
N CYS A 497 64.85 3.29 2.96
CA CYS A 497 63.90 3.56 1.90
C CYS A 497 62.46 3.37 2.38
N GLN A 498 62.23 2.34 3.20
CA GLN A 498 60.88 2.17 3.75
C GLN A 498 60.52 3.30 4.69
N ASP A 499 61.49 3.81 5.45
CA ASP A 499 61.22 4.93 6.34
C ASP A 499 60.86 6.17 5.54
N GLU A 500 61.58 6.44 4.46
CA GLU A 500 61.26 7.59 3.62
C GLU A 500 59.88 7.43 2.99
N SER A 501 59.55 6.21 2.55
CA SER A 501 58.22 5.97 2.00
C SER A 501 57.13 6.17 3.05
N GLU A 502 57.36 5.70 4.29
CA GLU A 502 56.40 5.95 5.35
C GLU A 502 56.27 7.45 5.63
N ALA A 503 57.37 8.19 5.55
CA ALA A 503 57.30 9.63 5.77
C ALA A 503 56.48 10.31 4.70
N VAL A 504 56.67 9.93 3.43
CA VAL A 504 55.86 10.51 2.36
C VAL A 504 54.40 10.13 2.56
N CYS A 505 54.14 8.84 2.86
CA CYS A 505 52.78 8.43 3.13
C CYS A 505 52.21 9.13 4.35
N SER A 506 53.06 9.40 5.35
CA SER A 506 52.60 10.08 6.55
C SER A 506 52.17 11.51 6.24
N GLU A 507 52.91 12.18 5.38
CA GLU A 507 52.52 13.53 4.96
C GLU A 507 51.20 13.49 4.18
N TRP A 508 51.03 12.50 3.30
CA TRP A 508 49.78 12.36 2.56
C TRP A 508 48.62 12.08 3.51
N LYS A 509 48.85 11.26 4.53
CA LYS A 509 47.80 10.98 5.51
C LYS A 509 47.46 12.22 6.31
N PHE A 510 48.48 13.04 6.61
CA PHE A 510 48.24 14.32 7.26
C PHE A 510 47.40 15.23 6.38
N ALA A 511 47.67 15.24 5.07
CA ALA A 511 46.83 16.00 4.15
C ALA A 511 45.39 15.50 4.19
N ALA A 512 45.20 14.19 4.24
CA ALA A 512 43.86 13.63 4.34
C ALA A 512 43.16 14.08 5.62
N CYS A 513 43.91 14.10 6.74
CA CYS A 513 43.33 14.55 8.00
C CYS A 513 42.97 16.03 7.99
N VAL A 514 43.84 16.87 7.41
CA VAL A 514 43.53 18.29 7.31
C VAL A 514 42.28 18.50 6.48
N VAL A 515 42.16 17.78 5.35
CA VAL A 515 40.96 17.88 4.53
C VAL A 515 39.73 17.43 5.32
N ASP A 516 39.85 16.35 6.09
CA ASP A 516 38.76 15.94 6.97
C ASP A 516 38.27 17.09 7.83
N ARG A 517 39.21 17.80 8.45
CA ARG A 517 38.84 18.86 9.39
C ARG A 517 38.22 20.04 8.65
N LEU A 518 38.84 20.48 7.55
CA LEU A 518 38.28 21.61 6.78
C LEU A 518 36.86 21.31 6.31
N CYS A 519 36.64 20.11 5.78
CA CYS A 519 35.30 19.75 5.31
C CYS A 519 34.35 19.51 6.47
N LEU A 520 34.85 19.05 7.62
CA LEU A 520 34.00 19.01 8.81
C LEU A 520 33.47 20.40 9.09
N MET A 521 34.37 21.39 9.15
CA MET A 521 33.96 22.77 9.40
C MET A 521 33.04 23.27 8.29
N ALA A 522 33.47 23.10 7.03
CA ALA A 522 32.72 23.65 5.90
C ALA A 522 31.35 22.99 5.72
N PHE A 523 31.28 21.67 5.86
CA PHE A 523 30.00 21.00 5.69
C PHE A 523 29.09 21.26 6.88
N SER A 524 29.66 21.45 8.07
CA SER A 524 28.87 21.88 9.21
C SER A 524 28.26 23.25 8.97
N VAL A 525 29.06 24.19 8.48
CA VAL A 525 28.56 25.53 8.20
C VAL A 525 27.54 25.48 7.06
N PHE A 526 27.82 24.70 6.03
CA PHE A 526 26.87 24.54 4.94
C PHE A 526 25.55 23.97 5.46
N THR A 527 25.63 22.94 6.29
CA THR A 527 24.42 22.34 6.86
C THR A 527 23.63 23.38 7.66
N ILE A 528 24.31 24.12 8.54
CA ILE A 528 23.62 25.09 9.39
C ILE A 528 22.94 26.17 8.56
N ILE A 529 23.69 26.81 7.66
CA ILE A 529 23.14 27.89 6.82
C ILE A 529 21.99 27.36 5.99
N CYS A 530 22.28 26.43 5.08
CA CYS A 530 21.26 25.86 4.18
C CYS A 530 20.00 25.47 4.95
N THR A 531 20.17 24.79 6.08
CA THR A 531 19.01 24.37 6.85
C THR A 531 18.23 25.58 7.31
N ILE A 532 18.92 26.53 7.96
CA ILE A 532 18.23 27.68 8.54
C ILE A 532 17.71 28.60 7.45
N GLY A 533 18.52 28.83 6.41
CA GLY A 533 18.11 29.70 5.32
C GLY A 533 17.01 29.15 4.46
N ILE A 534 16.85 27.83 4.40
CA ILE A 534 15.73 27.26 3.67
C ILE A 534 14.50 27.22 4.56
N LEU A 535 14.67 26.97 5.86
CA LEU A 535 13.53 26.90 6.75
C LEU A 535 12.98 28.28 7.09
N MET A 536 13.85 29.27 7.28
CA MET A 536 13.40 30.63 7.58
C MET A 536 13.04 31.42 6.34
N SER A 537 13.21 30.85 5.15
CA SER A 537 12.64 31.46 3.95
C SER A 537 11.14 31.24 3.84
N ALA A 538 10.54 30.46 4.73
CA ALA A 538 9.10 30.31 4.75
C ALA A 538 8.49 31.50 5.51
N PRO A 539 7.53 32.22 4.93
CA PRO A 539 6.90 33.33 5.68
C PRO A 539 6.35 32.94 7.04
N ASN A 540 5.72 31.78 7.13
CA ASN A 540 5.05 31.32 8.35
C ASN A 540 5.98 30.61 9.33
N PHE A 541 7.28 30.54 9.05
CA PHE A 541 8.21 29.80 9.90
C PHE A 541 8.17 30.28 11.34
N VAL A 542 8.21 31.60 11.56
CA VAL A 542 8.31 32.12 12.91
C VAL A 542 7.01 31.85 13.66
N GLU A 543 5.87 32.20 13.05
CA GLU A 543 4.56 31.87 13.58
C GLU A 543 4.51 30.43 14.07
N ALA A 544 4.96 29.50 13.22
CA ALA A 544 4.96 28.08 13.50
C ALA A 544 5.77 27.76 14.75
N VAL A 545 7.09 27.97 14.70
CA VAL A 545 7.99 27.68 15.81
C VAL A 545 7.47 28.24 17.14
N SER A 546 6.72 29.33 17.10
CA SER A 546 6.24 29.96 18.31
C SER A 546 4.96 29.31 18.81
N LYS A 547 4.06 28.92 17.88
CA LYS A 547 2.79 28.34 18.26
C LYS A 547 2.89 26.84 18.53
N ASP A 548 3.70 26.12 17.75
CA ASP A 548 3.69 24.66 17.76
C ASP A 548 4.86 24.04 18.52
N PHE A 549 5.82 24.84 18.99
CA PHE A 549 6.97 24.32 19.73
C PHE A 549 7.15 25.12 21.03
N GLU B 1 -48.12 31.98 -9.43
CA GLU B 1 -49.48 31.96 -10.03
C GLU B 1 -49.39 31.57 -11.49
N PHE B 2 -48.47 32.17 -12.23
CA PHE B 2 -48.25 31.81 -13.63
C PHE B 2 -47.25 30.69 -13.77
N GLN B 3 -46.34 30.57 -12.81
CA GLN B 3 -45.42 29.45 -12.82
C GLN B 3 -46.17 28.18 -12.47
N ARG B 4 -47.16 28.27 -11.57
CA ARG B 4 -47.97 27.13 -11.20
C ARG B 4 -48.84 26.69 -12.36
N LYS B 5 -49.49 27.67 -13.01
CA LYS B 5 -50.39 27.37 -14.11
C LYS B 5 -49.64 26.72 -15.27
N LEU B 6 -48.47 27.26 -15.61
CA LEU B 6 -47.68 26.71 -16.71
C LEU B 6 -47.16 25.30 -16.41
N TYR B 7 -46.69 25.06 -15.19
CA TYR B 7 -46.19 23.73 -14.85
C TYR B 7 -47.28 22.68 -14.96
N LYS B 8 -48.47 23.00 -14.50
CA LYS B 8 -49.60 22.09 -14.69
C LYS B 8 -49.90 21.90 -16.16
N GLU B 9 -49.79 22.96 -16.95
CA GLU B 9 -50.13 22.89 -18.37
C GLU B 9 -49.15 22.03 -19.15
N LEU B 10 -47.86 22.08 -18.79
CA LEU B 10 -46.85 21.45 -19.62
C LEU B 10 -46.80 19.94 -19.48
N VAL B 11 -47.40 19.37 -18.43
CA VAL B 11 -47.34 17.93 -18.20
C VAL B 11 -48.64 17.23 -18.58
N LYS B 12 -49.59 17.94 -19.18
CA LYS B 12 -50.81 17.29 -19.67
C LYS B 12 -50.47 16.48 -20.91
N ASN B 13 -50.71 15.17 -20.83
CA ASN B 13 -50.46 14.21 -21.90
C ASN B 13 -48.99 14.04 -22.23
N TYR B 14 -48.08 14.60 -21.45
CA TYR B 14 -46.66 14.47 -21.73
C TYR B 14 -46.19 13.07 -21.32
N ASN B 15 -45.43 12.44 -22.21
CA ASN B 15 -44.88 11.11 -21.99
C ASN B 15 -43.36 11.22 -22.09
N PRO B 16 -42.58 10.95 -21.05
CA PRO B 16 -41.11 11.04 -21.18
C PRO B 16 -40.48 9.96 -22.05
N LEU B 17 -41.27 9.08 -22.67
CA LEU B 17 -40.75 8.08 -23.59
C LEU B 17 -40.74 8.56 -25.03
N GLU B 18 -41.63 9.49 -25.38
CA GLU B 18 -41.76 9.95 -26.75
C GLU B 18 -40.64 10.90 -27.12
N ARG B 19 -39.97 10.70 -28.25
CA ARG B 19 -38.94 11.63 -28.74
C ARG B 19 -39.71 12.86 -29.12
N PRO B 20 -39.31 14.04 -28.64
CA PRO B 20 -40.17 15.23 -28.84
C PRO B 20 -39.95 15.92 -30.18
N VAL B 21 -40.42 15.28 -31.23
CA VAL B 21 -40.37 15.81 -32.59
C VAL B 21 -41.79 16.02 -33.07
N ALA B 22 -41.95 16.94 -34.03
CA ALA B 22 -43.27 17.18 -34.60
C ALA B 22 -43.57 16.17 -35.68
N ASN B 23 -42.58 15.85 -36.50
CA ASN B 23 -42.69 14.87 -37.58
C ASN B 23 -41.88 13.65 -37.18
N ASP B 24 -42.57 12.52 -37.00
CA ASP B 24 -41.94 11.31 -36.50
C ASP B 24 -40.83 10.80 -37.41
N SER B 25 -40.94 11.04 -38.72
CA SER B 25 -39.97 10.46 -39.65
C SER B 25 -38.60 11.12 -39.56
N GLN B 26 -38.53 12.39 -39.18
CA GLN B 26 -37.28 13.13 -39.19
C GLN B 26 -36.49 12.90 -37.90
N PRO B 27 -35.16 12.74 -37.95
CA PRO B 27 -34.39 12.64 -36.71
C PRO B 27 -34.47 13.94 -35.90
N LEU B 28 -34.15 13.81 -34.62
CA LEU B 28 -34.15 14.92 -33.69
C LEU B 28 -32.71 15.39 -33.52
N THR B 29 -32.46 16.66 -33.83
CA THR B 29 -31.12 17.21 -33.71
C THR B 29 -30.83 17.46 -32.24
N VAL B 30 -29.76 16.86 -31.73
CA VAL B 30 -29.25 17.11 -30.39
C VAL B 30 -27.85 17.66 -30.58
N TYR B 31 -27.59 18.84 -30.05
CA TYR B 31 -26.25 19.43 -30.05
C TYR B 31 -25.55 19.02 -28.78
N PHE B 32 -24.44 18.31 -28.92
CA PHE B 32 -23.67 17.83 -27.79
C PHE B 32 -22.32 18.53 -27.74
N SER B 33 -21.90 18.86 -26.53
CA SER B 33 -20.58 19.41 -26.28
C SER B 33 -20.29 19.18 -24.80
N LEU B 34 -19.15 19.70 -24.33
CA LEU B 34 -18.84 19.61 -22.93
C LEU B 34 -18.00 20.81 -22.52
N SER B 35 -18.00 21.08 -21.22
CA SER B 35 -17.11 22.04 -20.59
C SER B 35 -16.16 21.28 -19.67
N LEU B 36 -14.89 21.30 -19.98
CA LEU B 36 -13.87 20.65 -19.17
C LEU B 36 -13.42 21.60 -18.07
N LEU B 37 -13.69 21.24 -16.82
CA LEU B 37 -13.33 22.07 -15.68
C LEU B 37 -12.01 21.66 -15.06
N GLN B 38 -11.65 20.38 -15.09
CA GLN B 38 -10.43 19.95 -14.45
C GLN B 38 -10.10 18.53 -14.90
N ILE B 39 -8.81 18.24 -14.96
CA ILE B 39 -8.29 16.90 -15.16
C ILE B 39 -7.92 16.39 -13.78
N MET B 40 -8.80 15.57 -13.19
CA MET B 40 -8.60 15.17 -11.80
C MET B 40 -7.49 14.12 -11.67
N ASP B 41 -7.44 13.16 -12.58
CA ASP B 41 -6.46 12.09 -12.44
C ASP B 41 -6.21 11.43 -13.78
N VAL B 42 -4.98 11.00 -13.98
CA VAL B 42 -4.58 10.14 -15.08
C VAL B 42 -3.96 8.91 -14.44
N ASP B 43 -4.74 7.84 -14.34
CA ASP B 43 -4.29 6.57 -13.78
C ASP B 43 -3.69 5.75 -14.92
N GLU B 44 -2.38 5.83 -15.11
CA GLU B 44 -1.79 5.13 -16.22
C GLU B 44 -1.64 3.66 -15.94
N LYS B 45 -1.51 3.26 -14.68
CA LYS B 45 -1.48 1.83 -14.38
C LYS B 45 -2.80 1.15 -14.75
N ASN B 46 -3.92 1.81 -14.48
CA ASN B 46 -5.23 1.27 -14.82
C ASN B 46 -5.76 1.78 -16.15
N GLN B 47 -5.06 2.70 -16.81
CA GLN B 47 -5.46 3.21 -18.12
C GLN B 47 -6.80 3.94 -18.04
N VAL B 48 -6.93 4.81 -17.04
CA VAL B 48 -8.18 5.53 -16.78
C VAL B 48 -7.88 7.02 -16.66
N LEU B 49 -8.82 7.83 -17.13
CA LEU B 49 -8.79 9.27 -17.02
C LEU B 49 -10.00 9.72 -16.23
N THR B 50 -9.78 10.44 -15.14
CA THR B 50 -10.84 11.02 -14.32
C THR B 50 -10.89 12.53 -14.57
N THR B 51 -12.05 13.03 -15.00
CA THR B 51 -12.23 14.44 -15.32
C THR B 51 -13.52 14.97 -14.72
N ASN B 52 -13.49 16.25 -14.35
CA ASN B 52 -14.68 16.99 -13.96
C ASN B 52 -15.24 17.65 -15.22
N ILE B 53 -16.44 17.23 -15.64
CA ILE B 53 -17.02 17.63 -16.91
C ILE B 53 -18.46 18.10 -16.70
N TRP B 54 -18.85 19.11 -17.45
CA TRP B 54 -20.24 19.60 -17.53
C TRP B 54 -20.71 19.33 -18.96
N LEU B 55 -21.20 18.13 -19.22
CA LEU B 55 -21.73 17.78 -20.53
C LEU B 55 -22.78 18.80 -20.93
N GLN B 56 -22.83 19.18 -22.20
CA GLN B 56 -23.78 20.18 -22.68
C GLN B 56 -24.62 19.62 -23.82
N MET B 57 -25.85 19.21 -23.50
CA MET B 57 -26.81 18.69 -24.47
C MET B 57 -27.94 19.69 -24.64
N SER B 58 -28.09 20.24 -25.85
CA SER B 58 -29.17 21.16 -26.16
C SER B 58 -29.98 20.61 -27.32
N TRP B 59 -31.30 20.64 -27.20
CA TRP B 59 -32.18 20.20 -28.26
C TRP B 59 -33.47 21.00 -28.17
N THR B 60 -34.47 20.62 -28.97
CA THR B 60 -35.76 21.28 -29.00
C THR B 60 -36.86 20.27 -28.71
N ASP B 61 -37.61 20.52 -27.64
CA ASP B 61 -38.79 19.75 -27.30
C ASP B 61 -40.01 20.41 -27.96
N HIS B 62 -40.66 19.69 -28.85
CA HIS B 62 -41.79 20.26 -29.58
C HIS B 62 -42.96 20.64 -28.66
N TYR B 63 -43.07 20.03 -27.49
CA TYR B 63 -44.26 20.20 -26.65
C TYR B 63 -44.09 21.25 -25.56
N LEU B 64 -42.87 21.61 -25.20
CA LEU B 64 -42.62 22.50 -24.07
C LEU B 64 -42.49 23.96 -24.55
N GLN B 65 -43.55 24.46 -25.17
CA GLN B 65 -43.57 25.79 -25.77
C GLN B 65 -44.76 26.57 -25.26
N TRP B 66 -44.52 27.76 -24.71
CA TRP B 66 -45.57 28.62 -24.17
C TRP B 66 -45.37 30.04 -24.70
N ASN B 67 -46.44 30.82 -24.67
CA ASN B 67 -46.44 32.22 -25.09
C ASN B 67 -46.32 33.06 -23.82
N VAL B 68 -45.21 33.79 -23.70
CA VAL B 68 -44.90 34.50 -22.45
C VAL B 68 -45.89 35.63 -22.18
N SER B 69 -46.64 36.09 -23.19
CA SER B 69 -47.66 37.10 -22.92
C SER B 69 -48.78 36.54 -22.07
N GLU B 70 -49.01 35.23 -22.13
CA GLU B 70 -50.04 34.57 -21.33
C GLU B 70 -49.52 34.08 -19.98
N TYR B 71 -48.21 34.07 -19.78
CA TYR B 71 -47.59 33.71 -18.50
C TYR B 71 -46.55 34.75 -18.17
N PRO B 72 -46.97 35.99 -17.85
CA PRO B 72 -46.01 37.08 -17.67
C PRO B 72 -44.97 36.77 -16.58
N GLY B 73 -43.71 37.02 -16.91
CA GLY B 73 -42.62 36.77 -16.01
C GLY B 73 -42.09 35.36 -16.01
N VAL B 74 -42.80 34.42 -16.62
CA VAL B 74 -42.42 33.02 -16.65
C VAL B 74 -41.75 32.77 -17.99
N LYS B 75 -40.42 32.86 -18.01
CA LYS B 75 -39.65 32.77 -19.23
C LYS B 75 -38.84 31.49 -19.36
N THR B 76 -38.68 30.73 -18.27
CA THR B 76 -37.99 29.45 -18.31
C THR B 76 -38.63 28.53 -17.27
N VAL B 77 -38.58 27.23 -17.55
CA VAL B 77 -39.01 26.20 -16.60
C VAL B 77 -37.91 25.16 -16.48
N ARG B 78 -38.00 24.36 -15.42
CA ARG B 78 -36.99 23.36 -15.10
C ARG B 78 -37.68 22.06 -14.75
N PHE B 79 -37.09 20.93 -15.20
CA PHE B 79 -37.66 19.61 -14.98
C PHE B 79 -36.60 18.64 -14.46
N PRO B 80 -36.88 17.84 -13.44
CA PRO B 80 -35.88 16.90 -12.92
C PRO B 80 -35.86 15.61 -13.72
N ASP B 81 -35.01 14.69 -13.28
CA ASP B 81 -34.83 13.43 -13.97
C ASP B 81 -36.10 12.58 -13.94
N GLY B 82 -36.45 12.02 -15.10
CA GLY B 82 -37.56 11.11 -15.22
C GLY B 82 -38.88 11.75 -15.61
N GLN B 83 -38.94 13.08 -15.67
CA GLN B 83 -40.17 13.80 -15.97
C GLN B 83 -40.22 14.36 -17.38
N ILE B 84 -39.07 14.56 -18.00
CA ILE B 84 -38.96 15.09 -19.35
C ILE B 84 -38.14 14.10 -20.16
N TRP B 85 -38.41 14.05 -21.46
CA TRP B 85 -37.61 13.23 -22.35
C TRP B 85 -36.20 13.82 -22.41
N LYS B 86 -35.20 12.96 -22.30
CA LYS B 86 -33.80 13.37 -22.40
C LYS B 86 -33.06 12.48 -23.38
N PRO B 87 -32.00 12.98 -24.01
CA PRO B 87 -31.12 12.10 -24.79
C PRO B 87 -30.30 11.21 -23.87
N ASP B 88 -30.33 9.90 -24.13
CA ASP B 88 -29.59 8.93 -23.32
C ASP B 88 -28.14 8.82 -23.79
N ILE B 89 -27.47 9.97 -23.81
CA ILE B 89 -26.08 10.05 -24.24
C ILE B 89 -25.20 9.51 -23.12
N LEU B 90 -24.58 8.37 -23.36
CA LEU B 90 -23.66 7.74 -22.43
C LEU B 90 -22.23 7.87 -22.93
N LEU B 91 -21.30 7.69 -22.02
CA LEU B 91 -19.88 7.62 -22.35
C LEU B 91 -19.55 6.17 -22.67
N TYR B 92 -19.27 5.88 -23.95
CA TYR B 92 -19.04 4.51 -24.37
C TYR B 92 -17.85 3.90 -23.66
N ASN B 93 -16.71 4.57 -23.69
CA ASN B 93 -15.50 4.01 -23.11
C ASN B 93 -15.39 4.37 -21.62
N SER B 94 -16.45 4.06 -20.89
CA SER B 94 -16.48 4.33 -19.45
C SER B 94 -15.71 3.27 -18.68
N ALA B 95 -15.03 3.71 -17.62
CA ALA B 95 -14.30 2.82 -16.72
C ALA B 95 -14.91 2.78 -15.33
N ASP B 96 -16.03 3.46 -15.11
CA ASP B 96 -16.67 3.50 -13.81
C ASP B 96 -17.46 2.22 -13.57
N GLU B 97 -17.39 1.69 -12.34
CA GLU B 97 -18.10 0.45 -12.02
C GLU B 97 -19.60 0.58 -12.24
N ARG B 98 -20.17 1.74 -11.94
CA ARG B 98 -21.58 1.98 -12.25
C ARG B 98 -21.82 2.22 -13.74
N PHE B 99 -20.75 2.46 -14.50
CA PHE B 99 -20.71 2.72 -15.94
C PHE B 99 -21.25 4.11 -16.32
N ASP B 100 -22.02 4.76 -15.45
CA ASP B 100 -22.64 6.04 -15.77
C ASP B 100 -22.46 6.91 -14.53
N ALA B 101 -21.44 7.77 -14.58
CA ALA B 101 -21.10 8.62 -13.45
C ALA B 101 -21.75 10.00 -13.51
N THR B 102 -22.63 10.23 -14.48
CA THR B 102 -23.29 11.51 -14.63
C THR B 102 -24.22 11.76 -13.45
N PHE B 103 -24.24 13.01 -12.96
CA PHE B 103 -25.14 13.44 -11.91
C PHE B 103 -26.32 14.17 -12.56
N HIS B 104 -27.52 13.66 -12.34
CA HIS B 104 -28.70 14.12 -13.07
C HIS B 104 -29.25 15.39 -12.43
N THR B 105 -29.35 16.46 -13.23
CA THR B 105 -29.80 17.77 -12.79
C THR B 105 -31.00 18.17 -13.65
N ASN B 106 -31.40 19.43 -13.57
CA ASN B 106 -32.60 19.88 -14.26
C ASN B 106 -32.33 20.12 -15.74
N VAL B 107 -33.40 20.17 -16.51
CA VAL B 107 -33.39 20.52 -17.92
C VAL B 107 -34.12 21.86 -18.01
N LEU B 108 -33.38 22.91 -18.37
CA LEU B 108 -33.93 24.26 -18.46
C LEU B 108 -34.45 24.53 -19.87
N VAL B 109 -35.76 24.71 -20.00
CA VAL B 109 -36.40 25.03 -21.27
C VAL B 109 -36.80 26.50 -21.26
N ASN B 110 -36.90 27.13 -22.44
CA ASN B 110 -37.39 28.51 -22.55
C ASN B 110 -38.75 28.48 -23.26
N SER B 111 -39.31 29.66 -23.54
CA SER B 111 -40.66 29.73 -24.08
C SER B 111 -40.77 29.17 -25.50
N SER B 112 -39.66 28.96 -26.17
CA SER B 112 -39.59 28.58 -27.57
C SER B 112 -39.35 27.08 -27.72
N GLY B 113 -39.11 26.40 -26.59
CA GLY B 113 -38.96 24.97 -26.49
C GLY B 113 -37.53 24.51 -26.42
N HIS B 114 -36.56 25.40 -26.58
CA HIS B 114 -35.17 24.97 -26.61
CA HIS B 114 -35.17 24.98 -26.61
C HIS B 114 -34.78 24.48 -25.23
N CYS B 115 -34.43 23.21 -25.13
CA CYS B 115 -34.08 22.58 -23.87
C CYS B 115 -32.57 22.56 -23.72
N GLN B 116 -32.13 22.87 -22.52
CA GLN B 116 -30.73 22.95 -22.18
C GLN B 116 -30.51 22.07 -20.97
N TYR B 117 -29.55 21.14 -21.09
CA TYR B 117 -29.26 20.14 -20.07
C TYR B 117 -27.77 20.04 -19.84
N LEU B 118 -27.30 20.39 -18.64
CA LEU B 118 -25.87 20.51 -18.33
C LEU B 118 -25.52 19.70 -17.09
N PRO B 119 -25.58 18.37 -17.16
CA PRO B 119 -25.30 17.56 -15.99
C PRO B 119 -23.82 17.64 -15.61
N PRO B 120 -23.49 17.84 -14.34
CA PRO B 120 -22.11 17.69 -13.92
C PRO B 120 -21.79 16.22 -13.65
N GLY B 121 -20.51 15.92 -13.65
CA GLY B 121 -20.11 14.58 -13.29
C GLY B 121 -18.63 14.43 -13.14
N ILE B 122 -18.22 13.46 -12.33
CA ILE B 122 -16.85 12.98 -12.29
C ILE B 122 -16.85 11.75 -13.19
N PHE B 123 -16.21 11.85 -14.36
CA PHE B 123 -16.27 10.81 -15.37
C PHE B 123 -14.95 10.06 -15.44
N LYS B 124 -15.02 8.73 -15.34
CA LYS B 124 -13.87 7.86 -15.57
C LYS B 124 -14.01 7.22 -16.93
N SER B 125 -12.96 7.33 -17.74
CA SER B 125 -12.96 6.85 -19.11
C SER B 125 -11.78 5.92 -19.32
N SER B 126 -12.02 4.82 -20.01
CA SER B 126 -10.98 3.85 -20.35
C SER B 126 -10.15 4.42 -21.50
N CYS B 127 -9.02 5.03 -21.16
CA CYS B 127 -8.14 5.68 -22.12
C CYS B 127 -6.84 4.92 -22.29
N TYR B 128 -6.49 4.61 -23.53
CA TYR B 128 -5.19 4.01 -23.83
C TYR B 128 -4.08 5.02 -23.57
N ILE B 129 -3.23 4.72 -22.59
CA ILE B 129 -2.15 5.61 -22.18
C ILE B 129 -0.88 5.15 -22.88
N ASP B 130 -0.44 5.89 -23.89
CA ASP B 130 0.81 5.59 -24.56
C ASP B 130 1.94 6.01 -23.65
N VAL B 131 2.58 5.03 -23.01
CA VAL B 131 3.66 5.29 -22.08
C VAL B 131 5.02 5.16 -22.77
N ARG B 132 5.05 5.17 -24.10
CA ARG B 132 6.31 4.99 -24.83
C ARG B 132 7.32 6.07 -24.49
N TRP B 133 6.88 7.31 -24.34
CA TRP B 133 7.78 8.46 -24.17
C TRP B 133 7.82 9.02 -22.77
N PHE B 134 7.01 8.50 -21.82
CA PHE B 134 7.01 8.91 -20.41
C PHE B 134 8.45 9.08 -19.90
N PRO B 135 8.76 10.14 -19.13
CA PRO B 135 7.90 11.20 -18.59
C PRO B 135 7.64 12.30 -19.60
N PHE B 136 8.37 12.37 -20.71
CA PHE B 136 8.13 13.39 -21.73
C PHE B 136 7.02 12.95 -22.66
N ASP B 137 5.88 12.53 -22.13
CA ASP B 137 4.80 11.95 -22.92
C ASP B 137 3.69 12.95 -23.15
N VAL B 138 3.01 12.79 -24.28
CA VAL B 138 1.75 13.46 -24.60
C VAL B 138 0.72 12.39 -24.83
N GLN B 139 -0.44 12.55 -24.17
CA GLN B 139 -1.51 11.57 -24.22
C GLN B 139 -2.68 12.17 -24.99
N HIS B 140 -3.38 11.32 -25.73
CA HIS B 140 -4.58 11.69 -26.47
C HIS B 140 -5.68 10.77 -26.00
N CYS B 141 -6.46 11.24 -25.02
CA CYS B 141 -7.50 10.45 -24.38
C CYS B 141 -8.84 10.79 -24.99
N LYS B 142 -9.51 9.78 -25.52
CA LYS B 142 -10.79 9.98 -26.19
C LYS B 142 -11.92 9.83 -25.19
N LEU B 143 -12.86 10.75 -25.24
CA LEU B 143 -14.14 10.64 -24.55
C LEU B 143 -15.18 10.51 -25.65
N LYS B 144 -15.70 9.30 -25.80
CA LYS B 144 -16.65 9.00 -26.86
C LYS B 144 -18.05 8.99 -26.26
N PHE B 145 -18.89 9.91 -26.75
CA PHE B 145 -20.25 10.07 -26.27
C PHE B 145 -21.23 9.80 -27.41
N GLY B 146 -22.31 9.11 -27.09
CA GLY B 146 -23.33 8.86 -28.08
C GLY B 146 -24.60 8.37 -27.43
N SER B 147 -25.70 8.54 -28.14
CA SER B 147 -26.95 7.94 -27.70
C SER B 147 -26.85 6.43 -27.79
N TRP B 148 -27.18 5.76 -26.68
CA TRP B 148 -27.03 4.31 -26.63
C TRP B 148 -28.04 3.61 -27.52
N SER B 149 -29.29 4.06 -27.53
CA SER B 149 -30.38 3.30 -28.13
C SER B 149 -31.13 4.03 -29.24
N TYR B 150 -30.70 5.22 -29.65
CA TYR B 150 -31.28 5.93 -30.78
C TYR B 150 -30.24 5.99 -31.89
N GLY B 151 -30.61 5.54 -33.07
CA GLY B 151 -29.72 5.56 -34.22
C GLY B 151 -29.84 6.85 -35.00
N GLY B 152 -29.08 6.91 -36.10
CA GLY B 152 -29.03 8.12 -36.90
C GLY B 152 -30.37 8.52 -37.47
N TRP B 153 -31.23 7.53 -37.78
CA TRP B 153 -32.54 7.86 -38.33
C TRP B 153 -33.47 8.48 -37.30
N SER B 154 -33.10 8.51 -36.02
CA SER B 154 -33.92 9.05 -34.95
C SER B 154 -33.28 10.22 -34.21
N LEU B 155 -32.00 10.12 -33.85
CA LEU B 155 -31.30 11.15 -33.09
C LEU B 155 -30.12 11.63 -33.93
N ASP B 156 -30.26 12.82 -34.52
CA ASP B 156 -29.21 13.41 -35.34
C ASP B 156 -28.25 14.13 -34.41
N LEU B 157 -27.24 13.42 -33.94
CA LEU B 157 -26.27 14.03 -33.04
C LEU B 157 -25.40 15.00 -33.81
N GLN B 158 -25.21 16.21 -33.27
CA GLN B 158 -24.33 17.22 -33.84
C GLN B 158 -23.40 17.74 -32.75
N MET B 159 -22.17 18.04 -33.15
CA MET B 159 -21.12 18.43 -32.23
C MET B 159 -20.98 19.94 -32.19
N GLN B 160 -20.71 20.45 -31.00
CA GLN B 160 -20.35 21.85 -30.78
C GLN B 160 -18.97 21.88 -30.15
N GLU B 161 -18.23 22.95 -30.43
CA GLU B 161 -16.84 23.02 -30.01
C GLU B 161 -16.72 23.02 -28.49
N ALA B 162 -15.70 22.31 -28.00
CA ALA B 162 -15.55 22.14 -26.56
C ALA B 162 -15.29 23.48 -25.88
N ASP B 163 -15.80 23.59 -24.67
CA ASP B 163 -15.64 24.76 -23.81
C ASP B 163 -14.51 24.56 -22.80
N ILE B 164 -13.57 25.51 -22.76
CA ILE B 164 -12.44 25.44 -21.81
C ILE B 164 -12.18 26.76 -21.09
N SER B 165 -13.13 27.69 -21.13
CA SER B 165 -12.91 28.98 -20.49
C SER B 165 -12.74 28.81 -18.98
N GLY B 166 -13.55 27.96 -18.36
CA GLY B 166 -13.49 27.74 -16.93
C GLY B 166 -12.53 26.66 -16.51
N TYR B 167 -11.75 26.12 -17.44
CA TYR B 167 -10.79 25.07 -17.11
C TYR B 167 -9.84 25.57 -16.04
N ILE B 168 -9.59 24.72 -15.05
CA ILE B 168 -8.66 25.02 -13.96
C ILE B 168 -7.40 24.21 -14.22
N PRO B 169 -6.21 24.85 -14.45
CA PRO B 169 -4.97 24.08 -14.63
C PRO B 169 -4.75 22.99 -13.59
N ASN B 170 -3.89 22.03 -13.90
CA ASN B 170 -3.72 20.84 -13.09
C ASN B 170 -2.47 20.87 -12.22
N GLY B 171 -1.31 21.08 -12.83
CA GLY B 171 -0.04 21.03 -12.13
C GLY B 171 0.85 20.03 -12.81
N GLU B 172 0.25 18.93 -13.26
CA GLU B 172 0.97 17.85 -13.92
C GLU B 172 0.69 17.78 -15.42
N TRP B 173 -0.35 18.43 -15.91
CA TRP B 173 -0.77 18.29 -17.29
C TRP B 173 -1.13 19.63 -17.90
N ASP B 174 -0.62 19.90 -19.10
CA ASP B 174 -0.92 21.12 -19.85
C ASP B 174 -1.89 20.74 -20.94
N LEU B 175 -3.16 21.10 -20.75
CA LEU B 175 -4.16 20.89 -21.78
C LEU B 175 -3.67 21.52 -23.09
N VAL B 176 -3.40 20.68 -24.10
CA VAL B 176 -2.97 21.16 -25.40
C VAL B 176 -4.16 21.43 -26.31
N GLY B 177 -5.34 20.97 -25.93
CA GLY B 177 -6.56 21.21 -26.67
C GLY B 177 -7.48 20.01 -26.53
N ILE B 178 -8.75 20.24 -26.82
CA ILE B 178 -9.76 19.19 -26.79
C ILE B 178 -10.49 19.20 -28.14
N PRO B 179 -9.82 18.83 -29.23
CA PRO B 179 -10.50 18.75 -30.52
C PRO B 179 -11.53 17.63 -30.55
N GLY B 180 -12.70 17.92 -31.11
CA GLY B 180 -13.77 16.96 -31.21
C GLY B 180 -14.00 16.55 -32.67
N LYS B 181 -14.76 15.47 -32.82
CA LYS B 181 -15.10 14.96 -34.14
C LYS B 181 -16.38 14.15 -34.07
N ARG B 182 -17.28 14.38 -35.01
CA ARG B 182 -18.51 13.62 -35.16
C ARG B 182 -18.30 12.53 -36.20
N SER B 183 -18.65 11.31 -35.85
CA SER B 183 -18.52 10.15 -36.73
C SER B 183 -19.88 9.51 -36.89
N GLU B 184 -20.06 8.80 -38.00
CA GLU B 184 -21.26 8.02 -38.28
C GLU B 184 -20.79 6.59 -38.52
N ARG B 185 -20.85 5.74 -37.50
CA ARG B 185 -20.34 4.37 -37.59
C ARG B 185 -21.50 3.38 -37.64
N PHE B 186 -21.24 2.24 -38.29
CA PHE B 186 -22.16 1.11 -38.32
C PHE B 186 -21.71 0.06 -37.30
N TYR B 187 -22.66 -0.59 -36.67
CA TYR B 187 -22.39 -1.61 -35.68
C TYR B 187 -22.99 -2.94 -36.12
N GLU B 188 -22.32 -4.00 -35.71
CA GLU B 188 -22.63 -5.40 -35.97
C GLU B 188 -23.88 -5.91 -35.25
N CYS B 189 -24.55 -5.05 -34.47
CA CYS B 189 -25.73 -5.42 -33.71
C CYS B 189 -26.99 -5.11 -34.49
N CYS B 190 -26.90 -4.13 -35.38
CA CYS B 190 -28.03 -3.35 -35.82
C CYS B 190 -27.69 -2.88 -37.23
N LYS B 191 -28.72 -2.50 -37.98
CA LYS B 191 -28.55 -2.02 -39.35
C LYS B 191 -28.53 -0.51 -39.43
N GLU B 192 -29.42 0.15 -38.68
CA GLU B 192 -29.40 1.60 -38.58
C GLU B 192 -28.05 2.08 -38.05
N PRO B 193 -27.38 3.04 -38.70
CA PRO B 193 -26.10 3.50 -38.18
C PRO B 193 -26.29 4.29 -36.90
N TYR B 194 -25.20 4.49 -36.15
CA TYR B 194 -25.25 5.24 -34.90
C TYR B 194 -24.18 6.33 -34.90
N PRO B 195 -24.55 7.61 -34.74
CA PRO B 195 -23.54 8.66 -34.63
C PRO B 195 -23.02 8.85 -33.22
N ASP B 196 -21.76 9.26 -33.14
CA ASP B 196 -21.12 9.58 -31.88
C ASP B 196 -20.29 10.83 -32.05
N VAL B 197 -20.06 11.51 -30.93
CA VAL B 197 -19.16 12.66 -30.83
C VAL B 197 -18.04 12.25 -29.90
N THR B 198 -16.82 12.29 -30.40
CA THR B 198 -15.64 11.93 -29.63
C THR B 198 -14.79 13.17 -29.43
N PHE B 199 -14.52 13.51 -28.17
CA PHE B 199 -13.61 14.58 -27.82
C PHE B 199 -12.30 13.95 -27.41
N THR B 200 -11.23 14.32 -28.11
CA THR B 200 -9.89 13.84 -27.82
C THR B 200 -9.22 14.87 -26.94
N VAL B 201 -9.12 14.58 -25.65
CA VAL B 201 -8.40 15.44 -24.72
C VAL B 201 -6.91 15.20 -24.93
N THR B 202 -6.20 16.23 -25.39
CA THR B 202 -4.77 16.15 -25.61
C THR B 202 -4.07 16.84 -24.45
N MET B 203 -3.16 16.12 -23.80
CA MET B 203 -2.55 16.53 -22.56
C MET B 203 -1.04 16.37 -22.68
N ARG B 204 -0.29 17.40 -22.31
CA ARG B 204 1.16 17.33 -22.26
C ARG B 204 1.59 17.21 -20.80
N ARG B 205 2.38 16.19 -20.48
CA ARG B 205 2.86 16.04 -19.11
C ARG B 205 3.92 17.10 -18.80
N ARG B 206 3.71 17.84 -17.72
CA ARG B 206 4.75 18.73 -17.21
C ARG B 206 5.82 17.88 -16.55
N THR B 207 7.06 18.06 -16.98
CA THR B 207 8.15 17.13 -16.68
C THR B 207 9.03 17.57 -15.52
N LEU B 208 8.73 18.71 -14.89
CA LEU B 208 9.55 19.17 -13.78
C LEU B 208 9.48 18.21 -12.60
N TYR B 209 8.28 17.75 -12.24
CA TYR B 209 8.11 16.91 -11.07
C TYR B 209 8.84 15.59 -11.22
N TYR B 210 8.57 14.85 -12.30
CA TYR B 210 9.24 13.59 -12.54
C TYR B 210 10.71 13.81 -12.88
N GLY B 211 11.04 14.93 -13.51
CA GLY B 211 12.44 15.25 -13.72
C GLY B 211 13.20 15.39 -12.42
N LEU B 212 12.62 16.09 -11.45
CA LEU B 212 13.30 16.34 -10.18
C LEU B 212 13.32 15.11 -9.29
N ASN B 213 12.29 14.27 -9.37
CA ASN B 213 12.16 13.12 -8.48
C ASN B 213 12.67 11.80 -9.07
N LEU B 214 12.81 11.68 -10.38
CA LEU B 214 13.23 10.42 -11.00
C LEU B 214 14.49 10.57 -11.84
N LEU B 215 14.53 11.56 -12.73
CA LEU B 215 15.61 11.60 -13.70
C LEU B 215 16.89 12.14 -13.08
N ILE B 216 16.82 13.33 -12.48
CA ILE B 216 18.01 13.96 -11.92
C ILE B 216 18.50 13.16 -10.71
N PRO B 217 17.62 12.63 -9.83
CA PRO B 217 18.13 11.83 -8.71
C PRO B 217 18.90 10.61 -9.16
N CYS B 218 18.36 9.91 -10.17
CA CYS B 218 19.04 8.74 -10.71
C CYS B 218 20.36 9.13 -11.38
N VAL B 219 20.37 10.24 -12.13
CA VAL B 219 21.62 10.71 -12.73
C VAL B 219 22.68 10.91 -11.65
N LEU B 220 22.31 11.54 -10.53
CA LEU B 220 23.29 11.88 -9.51
C LEU B 220 23.71 10.65 -8.70
N ILE B 221 22.78 9.72 -8.45
CA ILE B 221 23.13 8.48 -7.76
C ILE B 221 23.98 7.61 -8.69
N SER B 222 23.66 7.65 -9.98
CA SER B 222 24.42 6.92 -10.99
C SER B 222 25.81 7.49 -11.12
N ALA B 223 25.94 8.80 -10.89
CA ALA B 223 27.24 9.45 -10.89
C ALA B 223 28.10 8.99 -9.73
N LEU B 224 27.48 8.77 -8.56
CA LEU B 224 28.20 8.22 -7.42
C LEU B 224 28.80 6.86 -7.72
N ALA B 225 28.10 6.09 -8.52
CA ALA B 225 28.67 4.81 -8.95
C ALA B 225 30.01 5.01 -9.64
N LEU B 226 30.17 6.07 -10.43
CA LEU B 226 31.45 6.28 -11.08
C LEU B 226 32.56 6.62 -10.11
N LEU B 227 32.24 7.01 -8.86
CA LEU B 227 33.29 7.25 -7.88
C LEU B 227 34.09 6.00 -7.53
N VAL B 228 33.58 4.81 -7.88
CA VAL B 228 34.34 3.58 -7.63
C VAL B 228 35.63 3.61 -8.44
N PHE B 229 35.60 4.21 -9.61
CA PHE B 229 36.80 4.29 -10.44
C PHE B 229 37.81 5.29 -9.90
N LEU B 230 37.44 6.13 -8.93
CA LEU B 230 38.38 7.01 -8.25
C LEU B 230 38.75 6.51 -6.86
N LEU B 231 37.98 5.60 -6.30
CA LEU B 231 38.32 5.01 -5.02
C LEU B 231 39.62 4.21 -5.15
N PRO B 232 40.53 4.29 -4.18
CA PRO B 232 41.65 3.33 -4.16
C PRO B 232 41.17 1.93 -3.85
N ALA B 233 41.93 0.95 -4.33
CA ALA B 233 41.60 -0.45 -4.05
C ALA B 233 41.86 -0.79 -2.58
N ASP B 234 42.92 -0.23 -1.99
CA ASP B 234 43.26 -0.54 -0.61
C ASP B 234 42.19 -0.09 0.39
N SER B 235 41.27 0.78 -0.03
CA SER B 235 40.19 1.18 0.87
C SER B 235 39.31 -0.01 1.24
N GLY B 236 39.24 -1.02 0.38
CA GLY B 236 38.41 -2.18 0.65
C GLY B 236 36.93 -1.90 0.67
N GLU B 237 36.46 -0.96 -0.17
CA GLU B 237 35.04 -0.66 -0.25
C GLU B 237 34.56 -0.39 -1.67
N LYS B 238 35.36 -0.75 -2.70
CA LYS B 238 34.92 -0.56 -4.08
C LYS B 238 33.66 -1.37 -4.36
N ILE B 239 33.70 -2.67 -4.09
CA ILE B 239 32.56 -3.53 -4.36
C ILE B 239 31.38 -3.11 -3.49
N SER B 240 31.64 -2.79 -2.23
CA SER B 240 30.58 -2.35 -1.33
C SER B 240 29.86 -1.13 -1.88
N LEU B 241 30.62 -0.09 -2.25
CA LEU B 241 30.01 1.11 -2.78
C LEU B 241 29.24 0.80 -4.06
N GLY B 242 29.87 0.08 -4.99
CA GLY B 242 29.25 -0.16 -6.27
C GLY B 242 27.99 -0.99 -6.17
N ILE B 243 28.06 -2.10 -5.43
CA ILE B 243 26.90 -2.99 -5.34
C ILE B 243 25.79 -2.32 -4.54
N THR B 244 26.15 -1.56 -3.51
CA THR B 244 25.17 -0.81 -2.74
C THR B 244 24.44 0.21 -3.62
N VAL B 245 25.18 0.93 -4.45
CA VAL B 245 24.58 1.94 -5.31
C VAL B 245 23.65 1.30 -6.34
N LEU B 246 24.07 0.17 -6.93
CA LEU B 246 23.25 -0.49 -7.94
C LEU B 246 21.92 -0.97 -7.35
N LEU B 247 21.99 -1.68 -6.22
CA LEU B 247 20.79 -2.18 -5.58
C LEU B 247 19.95 -1.06 -5.00
N SER B 248 20.54 0.10 -4.74
CA SER B 248 19.77 1.28 -4.39
C SER B 248 19.04 1.83 -5.60
N LEU B 249 19.63 1.71 -6.79
CA LEU B 249 18.98 2.21 -8.00
C LEU B 249 17.72 1.44 -8.34
N THR B 250 17.57 0.21 -7.84
CA THR B 250 16.34 -0.55 -8.06
C THR B 250 15.09 0.15 -7.53
N VAL B 251 15.24 1.05 -6.55
CA VAL B 251 14.06 1.71 -6.01
C VAL B 251 13.36 2.53 -7.09
N PHE B 252 14.13 3.13 -8.00
CA PHE B 252 13.53 3.92 -9.06
C PHE B 252 12.73 3.04 -10.01
N MET B 253 13.25 1.86 -10.33
CA MET B 253 12.48 0.92 -11.16
C MET B 253 11.24 0.46 -10.43
N LEU B 254 11.34 0.26 -9.12
CA LEU B 254 10.16 -0.08 -8.32
C LEU B 254 9.14 1.05 -8.36
N LEU B 255 9.59 2.31 -8.27
CA LEU B 255 8.69 3.44 -8.34
C LEU B 255 7.98 3.50 -9.68
N VAL B 256 8.72 3.30 -10.76
CA VAL B 256 8.13 3.30 -12.11
C VAL B 256 7.10 2.19 -12.23
N ALA B 257 7.40 1.01 -11.69
CA ALA B 257 6.45 -0.09 -11.71
C ALA B 257 5.17 0.27 -10.97
N GLU B 258 5.28 0.99 -9.85
CA GLU B 258 4.10 1.51 -9.18
C GLU B 258 3.31 2.46 -10.08
N ILE B 259 3.97 3.11 -11.03
CA ILE B 259 3.31 4.08 -11.91
C ILE B 259 2.84 3.42 -13.20
N MET B 260 3.71 2.66 -13.88
CA MET B 260 3.43 2.25 -15.25
C MET B 260 2.47 1.07 -15.31
N PRO B 261 1.72 0.93 -16.41
CA PRO B 261 0.89 -0.26 -16.59
C PRO B 261 1.70 -1.46 -17.02
N ALA B 262 1.11 -2.64 -16.85
CA ALA B 262 1.77 -3.90 -17.21
C ALA B 262 1.45 -4.29 -18.65
N THR B 263 1.92 -3.46 -19.57
CA THR B 263 1.62 -3.60 -20.98
C THR B 263 2.89 -3.91 -21.77
N SER B 264 2.71 -4.62 -22.88
CA SER B 264 3.80 -5.05 -23.74
C SER B 264 3.78 -4.33 -25.09
N ASP B 265 2.91 -3.32 -25.25
CA ASP B 265 2.88 -2.54 -26.48
C ASP B 265 4.24 -1.89 -26.74
N SER B 266 4.92 -1.43 -25.70
CA SER B 266 6.19 -0.72 -25.86
C SER B 266 6.92 -0.70 -24.54
N VAL B 267 8.13 -0.16 -24.57
CA VAL B 267 8.97 0.04 -23.40
C VAL B 267 9.02 1.55 -23.12
N PRO B 268 8.57 2.04 -21.96
CA PRO B 268 8.66 3.47 -21.68
C PRO B 268 10.09 3.97 -21.71
N LEU B 269 10.25 5.21 -22.17
CA LEU B 269 11.57 5.83 -22.25
C LEU B 269 12.27 5.85 -20.90
N ILE B 270 11.52 6.11 -19.82
CA ILE B 270 12.10 6.09 -18.48
C ILE B 270 12.72 4.73 -18.18
N ALA B 271 12.04 3.66 -18.57
CA ALA B 271 12.56 2.31 -18.33
C ALA B 271 13.83 2.08 -19.14
N GLN B 272 13.87 2.56 -20.38
CA GLN B 272 15.07 2.36 -21.20
C GLN B 272 16.23 3.14 -20.63
N TYR B 273 15.97 4.33 -20.10
CA TYR B 273 17.05 5.09 -19.48
C TYR B 273 17.49 4.46 -18.17
N PHE B 274 16.53 4.06 -17.33
CA PHE B 274 16.89 3.40 -16.08
C PHE B 274 17.61 2.09 -16.34
N ALA B 275 17.17 1.33 -17.34
CA ALA B 275 17.82 0.05 -17.66
C ALA B 275 19.24 0.24 -18.13
N SER B 276 19.48 1.23 -19.01
CA SER B 276 20.84 1.48 -19.47
C SER B 276 21.72 1.95 -18.31
N THR B 277 21.14 2.75 -17.41
CA THR B 277 21.87 3.21 -16.24
C THR B 277 22.29 2.04 -15.36
N MET B 278 21.36 1.14 -15.04
CA MET B 278 21.72 0.00 -14.20
C MET B 278 22.71 -0.92 -14.90
N ILE B 279 22.57 -1.08 -16.22
CA ILE B 279 23.52 -1.92 -16.93
C ILE B 279 24.91 -1.29 -16.90
N ILE B 280 24.98 0.05 -17.02
CA ILE B 280 26.29 0.70 -16.95
C ILE B 280 26.87 0.58 -15.55
N VAL B 281 26.04 0.71 -14.52
CA VAL B 281 26.52 0.55 -13.16
C VAL B 281 26.90 -0.90 -12.90
N GLY B 282 26.11 -1.84 -13.42
CA GLY B 282 26.45 -3.25 -13.28
C GLY B 282 27.74 -3.61 -13.99
N LEU B 283 27.98 -3.02 -15.16
CA LEU B 283 29.25 -3.22 -15.84
C LEU B 283 30.40 -2.59 -15.06
N SER B 284 30.14 -1.50 -14.35
CA SER B 284 31.16 -0.94 -13.48
C SER B 284 31.51 -1.91 -12.35
N VAL B 285 30.52 -2.66 -11.85
CA VAL B 285 30.79 -3.68 -10.85
C VAL B 285 31.63 -4.79 -11.46
N VAL B 286 31.30 -5.21 -12.69
CA VAL B 286 32.07 -6.25 -13.37
C VAL B 286 33.50 -5.79 -13.57
N VAL B 287 33.66 -4.54 -14.01
CA VAL B 287 35.00 -3.98 -14.20
C VAL B 287 35.70 -3.77 -12.87
N THR B 288 34.94 -3.52 -11.80
CA THR B 288 35.55 -3.46 -10.48
C THR B 288 36.11 -4.81 -10.06
N VAL B 289 35.41 -5.89 -10.38
CA VAL B 289 35.90 -7.23 -10.11
C VAL B 289 37.20 -7.48 -10.88
N ILE B 290 37.26 -7.05 -12.14
CA ILE B 290 38.49 -7.22 -12.93
C ILE B 290 39.60 -6.36 -12.34
N VAL B 291 39.29 -5.14 -11.93
CA VAL B 291 40.29 -4.26 -11.32
C VAL B 291 40.84 -4.89 -10.05
N LEU B 292 39.97 -5.46 -9.22
CA LEU B 292 40.43 -6.09 -7.99
C LEU B 292 41.21 -7.36 -8.29
N GLN B 293 40.93 -8.02 -9.42
CA GLN B 293 41.74 -9.17 -9.79
C GLN B 293 43.14 -8.72 -10.14
N TYR B 294 43.26 -7.58 -10.82
CA TYR B 294 44.57 -7.03 -11.14
C TYR B 294 45.28 -6.55 -9.88
N HIS B 295 44.56 -5.89 -8.99
CA HIS B 295 45.16 -5.35 -7.77
C HIS B 295 45.61 -6.47 -6.84
N HIS B 296 44.74 -7.45 -6.61
CA HIS B 296 45.04 -8.60 -5.75
C HIS B 296 45.59 -9.78 -6.54
N HIS B 297 46.63 -9.55 -7.34
CA HIS B 297 47.18 -10.59 -8.19
C HIS B 297 48.39 -11.22 -7.50
N ASP B 298 48.41 -12.54 -7.44
CA ASP B 298 49.51 -13.26 -6.79
C ASP B 298 50.80 -13.06 -7.58
N PRO B 299 51.86 -12.48 -6.99
CA PRO B 299 53.07 -12.22 -7.80
C PRO B 299 53.68 -13.47 -8.40
N ASP B 300 53.57 -14.61 -7.73
CA ASP B 300 54.12 -15.87 -8.20
C ASP B 300 53.14 -16.64 -9.08
N GLY B 301 52.03 -16.02 -9.46
CA GLY B 301 51.08 -16.64 -10.37
C GLY B 301 51.51 -16.43 -11.79
N GLY B 302 50.54 -16.30 -12.69
CA GLY B 302 50.84 -16.10 -14.09
C GLY B 302 51.63 -14.83 -14.33
N LYS B 303 52.35 -14.80 -15.44
CA LYS B 303 53.14 -13.65 -15.84
C LYS B 303 52.24 -12.69 -16.62
N MET B 304 52.67 -11.44 -16.72
CA MET B 304 51.85 -10.41 -17.33
C MET B 304 51.82 -10.58 -18.85
N PRO B 305 50.66 -10.83 -19.47
CA PRO B 305 50.62 -10.93 -20.94
C PRO B 305 51.13 -9.65 -21.60
N LYS B 306 52.05 -9.81 -22.56
CA LYS B 306 52.60 -8.68 -23.29
C LYS B 306 51.47 -7.76 -23.79
N TRP B 307 50.36 -8.35 -24.27
CA TRP B 307 49.26 -7.53 -24.78
C TRP B 307 48.79 -6.57 -23.70
N THR B 308 48.76 -7.01 -22.45
CA THR B 308 48.40 -6.12 -21.36
C THR B 308 49.52 -5.12 -21.08
N ARG B 309 50.76 -5.59 -21.01
CA ARG B 309 51.90 -4.74 -20.66
C ARG B 309 52.07 -3.56 -21.61
N VAL B 310 51.46 -3.59 -22.81
CA VAL B 310 51.57 -2.53 -23.80
C VAL B 310 50.25 -1.79 -23.95
N ILE B 311 49.14 -2.51 -24.12
CA ILE B 311 47.85 -1.87 -24.33
C ILE B 311 47.47 -1.00 -23.15
N LEU B 312 48.04 -1.24 -21.96
CA LEU B 312 47.66 -0.52 -20.75
C LEU B 312 48.82 0.27 -20.15
N LEU B 313 49.99 -0.33 -19.97
CA LEU B 313 51.09 0.35 -19.29
C LEU B 313 51.98 1.16 -20.22
N ASN B 314 51.70 1.18 -21.52
CA ASN B 314 52.49 1.93 -22.50
C ASN B 314 51.62 2.97 -23.21
N TRP B 315 50.55 2.54 -23.89
CA TRP B 315 49.73 3.48 -24.65
C TRP B 315 48.73 4.17 -23.74
N CYS B 316 47.68 3.45 -23.31
CA CYS B 316 46.67 4.03 -22.42
C CYS B 316 47.28 4.73 -21.21
N ALA B 317 48.41 4.23 -20.71
CA ALA B 317 49.06 4.86 -19.58
C ALA B 317 49.63 6.22 -19.96
N TRP B 318 50.19 6.32 -21.17
CA TRP B 318 50.76 7.58 -21.64
C TRP B 318 49.66 8.57 -22.02
N PHE B 319 48.67 8.11 -22.80
CA PHE B 319 47.52 8.91 -23.20
C PHE B 319 46.92 9.70 -22.04
N LEU B 320 46.82 9.07 -20.88
CA LEU B 320 46.16 9.67 -19.72
C LEU B 320 47.12 10.44 -18.84
N ARG B 321 48.42 10.48 -19.18
CA ARG B 321 49.39 11.28 -18.46
C ARG B 321 49.50 10.83 -17.00
N MET B 322 49.82 9.56 -16.80
CA MET B 322 49.84 8.97 -15.47
C MET B 322 51.23 8.58 -14.99
N LYS B 323 51.97 7.79 -15.76
CA LYS B 323 53.28 7.31 -15.34
C LYS B 323 53.15 6.38 -14.15
N PRO B 479 85.63 -19.83 10.44
CA PRO B 479 84.51 -20.66 10.02
C PRO B 479 83.18 -20.07 10.40
N ASP B 480 83.09 -19.46 11.57
CA ASP B 480 81.82 -18.95 12.04
C ASP B 480 81.40 -17.80 11.16
N LEU B 481 82.36 -16.99 10.74
CA LEU B 481 82.04 -15.81 9.93
C LEU B 481 81.47 -16.21 8.59
N ALA B 482 81.87 -17.36 8.05
CA ALA B 482 81.33 -17.85 6.81
C ALA B 482 79.92 -18.30 7.04
N LYS B 483 79.69 -19.01 8.13
CA LYS B 483 78.34 -19.39 8.49
C LYS B 483 77.48 -18.16 8.73
N ILE B 484 78.07 -17.07 9.23
CA ILE B 484 77.29 -15.85 9.45
C ILE B 484 76.98 -15.21 8.11
N LEU B 485 77.97 -15.20 7.20
CA LEU B 485 77.74 -14.67 5.85
C LEU B 485 76.63 -15.43 5.14
N GLU B 486 76.63 -16.75 5.24
CA GLU B 486 75.58 -17.54 4.62
C GLU B 486 74.22 -17.14 5.18
N GLU B 487 74.08 -17.15 6.51
CA GLU B 487 72.77 -16.87 7.11
C GLU B 487 72.29 -15.45 6.78
N VAL B 488 73.18 -14.45 6.88
CA VAL B 488 72.77 -13.07 6.62
C VAL B 488 72.47 -12.87 5.14
N ARG B 489 73.09 -13.67 4.27
CA ARG B 489 72.86 -13.56 2.84
C ARG B 489 71.54 -14.21 2.45
N TYR B 490 71.09 -15.19 3.23
CA TYR B 490 69.77 -15.76 2.96
C TYR B 490 68.69 -14.77 3.36
N ILE B 491 68.88 -14.10 4.50
CA ILE B 491 67.91 -13.09 4.95
C ILE B 491 67.79 -12.00 3.90
N ALA B 492 68.93 -11.50 3.41
CA ALA B 492 68.90 -10.40 2.45
C ALA B 492 68.40 -10.85 1.09
N ASN B 493 68.73 -12.08 0.68
CA ASN B 493 68.20 -12.62 -0.57
C ASN B 493 66.70 -12.81 -0.46
N ARG B 494 66.24 -13.23 0.72
CA ARG B 494 64.80 -13.28 0.96
C ARG B 494 64.20 -11.89 0.80
N PHE B 495 64.87 -10.86 1.32
CA PHE B 495 64.38 -9.49 1.16
C PHE B 495 64.38 -9.09 -0.30
N ARG B 496 65.39 -9.50 -1.07
CA ARG B 496 65.42 -9.17 -2.48
C ARG B 496 64.28 -9.85 -3.22
N CYS B 497 63.99 -11.11 -2.88
CA CYS B 497 62.85 -11.79 -3.48
C CYS B 497 61.54 -11.08 -3.12
N GLN B 498 61.43 -10.59 -1.88
CA GLN B 498 60.22 -9.83 -1.52
C GLN B 498 60.16 -8.52 -2.29
N ASP B 499 61.30 -7.88 -2.52
CA ASP B 499 61.30 -6.64 -3.30
C ASP B 499 60.85 -6.90 -4.73
N GLU B 500 61.34 -7.98 -5.34
CA GLU B 500 60.91 -8.30 -6.70
C GLU B 500 59.43 -8.62 -6.73
N SER B 501 58.92 -9.33 -5.72
CA SER B 501 57.49 -9.61 -5.66
C SER B 501 56.68 -8.34 -5.49
N GLU B 502 57.14 -7.41 -4.65
CA GLU B 502 56.47 -6.12 -4.53
C GLU B 502 56.49 -5.36 -5.85
N ALA B 503 57.60 -5.45 -6.59
CA ALA B 503 57.67 -4.77 -7.87
C ALA B 503 56.66 -5.35 -8.86
N VAL B 504 56.56 -6.68 -8.92
CA VAL B 504 55.57 -7.29 -9.80
C VAL B 504 54.17 -6.90 -9.36
N CYS B 505 53.90 -6.97 -8.06
CA CYS B 505 52.60 -6.54 -7.55
C CYS B 505 52.37 -5.07 -7.81
N SER B 506 53.42 -4.26 -7.75
CA SER B 506 53.29 -2.83 -8.00
C SER B 506 52.90 -2.56 -9.43
N GLU B 507 53.47 -3.31 -10.37
CA GLU B 507 53.08 -3.17 -11.77
C GLU B 507 51.63 -3.60 -11.98
N TRP B 508 51.21 -4.69 -11.33
CA TRP B 508 49.82 -5.12 -11.42
C TRP B 508 48.88 -4.08 -10.83
N LYS B 509 49.27 -3.45 -9.72
CA LYS B 509 48.44 -2.40 -9.13
C LYS B 509 48.38 -1.18 -10.04
N PHE B 510 49.49 -0.88 -10.72
CA PHE B 510 49.48 0.19 -11.72
C PHE B 510 48.53 -0.14 -12.86
N ALA B 511 48.49 -1.41 -13.30
CA ALA B 511 47.53 -1.81 -14.30
C ALA B 511 46.10 -1.60 -13.81
N ALA B 512 45.85 -1.94 -12.54
CA ALA B 512 44.52 -1.72 -11.98
C ALA B 512 44.16 -0.24 -11.97
N CYS B 513 45.12 0.63 -11.63
CA CYS B 513 44.87 2.06 -11.63
C CYS B 513 44.62 2.60 -13.04
N VAL B 514 45.39 2.14 -14.03
CA VAL B 514 45.16 2.58 -15.40
C VAL B 514 43.78 2.16 -15.86
N VAL B 515 43.36 0.93 -15.54
CA VAL B 515 42.01 0.48 -15.90
C VAL B 515 40.97 1.34 -15.20
N ASP B 516 41.19 1.68 -13.93
CA ASP B 516 40.29 2.60 -13.24
C ASP B 516 40.08 3.87 -14.04
N ARG B 517 41.18 4.47 -14.52
CA ARG B 517 41.09 5.74 -15.20
C ARG B 517 40.40 5.58 -16.56
N LEU B 518 40.79 4.57 -17.35
CA LEU B 518 40.14 4.35 -18.64
C LEU B 518 38.64 4.15 -18.50
N CYS B 519 38.22 3.33 -17.55
CA CYS B 519 36.80 3.09 -17.34
C CYS B 519 36.12 4.30 -16.72
N LEU B 520 36.83 5.09 -15.91
CA LEU B 520 36.27 6.36 -15.49
C LEU B 520 35.89 7.20 -16.71
N MET B 521 36.84 7.37 -17.63
CA MET B 521 36.59 8.12 -18.84
C MET B 521 35.48 7.47 -19.67
N ALA B 522 35.60 6.17 -19.93
CA ALA B 522 34.67 5.48 -20.81
C ALA B 522 33.26 5.42 -20.23
N PHE B 523 33.14 5.14 -18.93
CA PHE B 523 31.81 5.06 -18.35
C PHE B 523 31.20 6.44 -18.18
N SER B 524 32.03 7.46 -17.99
CA SER B 524 31.53 8.84 -18.01
C SER B 524 30.98 9.19 -19.38
N VAL B 525 31.72 8.85 -20.44
CA VAL B 525 31.24 9.14 -21.79
C VAL B 525 30.00 8.31 -22.10
N PHE B 526 30.00 7.05 -21.70
CA PHE B 526 28.81 6.21 -21.88
C PHE B 526 27.62 6.81 -21.17
N THR B 527 27.81 7.24 -19.93
CA THR B 527 26.73 7.84 -19.16
C THR B 527 26.20 9.08 -19.87
N ILE B 528 27.09 9.98 -20.30
CA ILE B 528 26.67 11.23 -20.92
C ILE B 528 25.91 10.97 -22.22
N ILE B 529 26.47 10.17 -23.12
CA ILE B 529 25.83 9.87 -24.40
C ILE B 529 24.48 9.20 -24.16
N CYS B 530 24.51 8.00 -23.59
CA CYS B 530 23.29 7.23 -23.32
C CYS B 530 22.20 8.09 -22.69
N THR B 531 22.57 8.88 -21.68
CA THR B 531 21.59 9.71 -21.01
C THR B 531 21.00 10.71 -22.00
N ILE B 532 21.87 11.46 -22.69
CA ILE B 532 21.42 12.51 -23.59
C ILE B 532 20.72 11.92 -24.81
N GLY B 533 21.30 10.85 -25.37
CA GLY B 533 20.71 10.23 -26.54
C GLY B 533 19.41 9.51 -26.29
N ILE B 534 19.16 9.07 -25.07
CA ILE B 534 17.87 8.47 -24.75
C ILE B 534 16.87 9.56 -24.42
N LEU B 535 17.31 10.63 -23.76
CA LEU B 535 16.40 11.69 -23.38
C LEU B 535 16.02 12.57 -24.58
N MET B 536 16.97 12.86 -25.46
CA MET B 536 16.69 13.69 -26.63
C MET B 536 16.12 12.87 -27.78
N SER B 537 15.97 11.56 -27.64
CA SER B 537 15.20 10.78 -28.60
C SER B 537 13.70 10.96 -28.41
N ALA B 538 13.27 11.66 -27.37
CA ALA B 538 11.86 11.97 -27.21
C ALA B 538 11.51 13.18 -28.08
N PRO B 539 10.48 13.09 -28.94
CA PRO B 539 10.11 14.28 -29.74
C PRO B 539 9.85 15.54 -28.92
N ASN B 540 9.19 15.40 -27.78
CA ASN B 540 8.78 16.52 -26.95
C ASN B 540 9.84 16.99 -25.97
N PHE B 541 11.05 16.40 -26.00
CA PHE B 541 12.09 16.74 -25.03
C PHE B 541 12.41 18.23 -25.01
N VAL B 542 12.58 18.83 -26.19
CA VAL B 542 13.00 20.22 -26.25
C VAL B 542 11.88 21.12 -25.73
N GLU B 543 10.67 20.93 -26.25
CA GLU B 543 9.48 21.63 -25.76
C GLU B 543 9.45 21.62 -24.23
N ALA B 544 9.65 20.44 -23.64
CA ALA B 544 9.61 20.24 -22.20
C ALA B 544 10.65 21.10 -21.50
N VAL B 545 11.94 20.82 -21.74
CA VAL B 545 13.05 21.55 -21.10
C VAL B 545 12.88 23.06 -21.19
N SER B 546 12.19 23.55 -22.23
CA SER B 546 12.04 24.98 -22.43
C SER B 546 10.86 25.52 -21.63
N LYS B 547 9.77 24.75 -21.55
CA LYS B 547 8.56 25.20 -20.86
C LYS B 547 8.62 24.95 -19.37
N ASP B 548 9.19 23.82 -18.95
CA ASP B 548 9.10 23.36 -17.57
C ASP B 548 10.36 23.59 -16.74
N PHE B 549 11.45 24.05 -17.36
CA PHE B 549 12.70 24.31 -16.64
C PHE B 549 13.21 25.71 -16.98
N GLU C 1 -46.88 12.59 -32.74
CA GLU C 1 -48.33 12.34 -32.90
C GLU C 1 -48.59 10.85 -33.01
N PHE C 2 -47.82 10.14 -33.83
CA PHE C 2 -47.94 8.70 -33.95
C PHE C 2 -47.07 7.98 -32.95
N GLN C 3 -45.98 8.62 -32.52
CA GLN C 3 -45.15 8.04 -31.48
C GLN C 3 -45.89 8.12 -30.15
N ARG C 4 -46.64 9.21 -29.95
CA ARG C 4 -47.43 9.38 -28.73
C ARG C 4 -48.56 8.36 -28.70
N LYS C 5 -49.28 8.23 -29.81
CA LYS C 5 -50.41 7.32 -29.88
C LYS C 5 -49.98 5.88 -29.65
N LEU C 6 -48.88 5.47 -30.28
CA LEU C 6 -48.40 4.10 -30.13
C LEU C 6 -47.91 3.81 -28.72
N TYR C 7 -47.20 4.76 -28.09
CA TYR C 7 -46.72 4.52 -26.73
C TYR C 7 -47.87 4.33 -25.76
N LYS C 8 -48.92 5.13 -25.90
CA LYS C 8 -50.11 4.93 -25.09
C LYS C 8 -50.74 3.58 -25.38
N GLU C 9 -50.73 3.17 -26.65
CA GLU C 9 -51.39 1.92 -27.04
C GLU C 9 -50.66 0.71 -26.49
N LEU C 10 -49.32 0.75 -26.43
CA LEU C 10 -48.56 -0.44 -26.13
C LEU C 10 -48.58 -0.81 -24.65
N VAL C 11 -48.97 0.11 -23.76
CA VAL C 11 -48.95 -0.15 -22.31
C VAL C 11 -50.35 -0.43 -21.77
N LYS C 12 -51.36 -0.53 -22.63
CA LYS C 12 -52.69 -0.91 -22.16
C LYS C 12 -52.69 -2.38 -21.80
N ASN C 13 -52.98 -2.68 -20.54
CA ASN C 13 -53.05 -4.02 -19.97
C ASN C 13 -51.69 -4.73 -19.93
N TYR C 14 -50.60 -4.04 -20.22
CA TYR C 14 -49.29 -4.66 -20.21
C TYR C 14 -48.83 -4.84 -18.77
N ASN C 15 -48.33 -6.03 -18.46
CA ASN C 15 -47.82 -6.38 -17.15
C ASN C 15 -46.37 -6.79 -17.30
N PRO C 16 -45.38 -6.09 -16.71
CA PRO C 16 -43.99 -6.53 -16.86
C PRO C 16 -43.64 -7.82 -16.14
N LEU C 17 -44.60 -8.48 -15.49
CA LEU C 17 -44.36 -9.77 -14.85
C LEU C 17 -44.62 -10.94 -15.78
N GLU C 18 -45.51 -10.76 -16.75
CA GLU C 18 -45.92 -11.85 -17.64
C GLU C 18 -44.85 -12.13 -18.67
N ARG C 19 -44.45 -13.39 -18.86
CA ARG C 19 -43.50 -13.78 -19.91
C ARG C 19 -44.26 -13.56 -21.18
N PRO C 20 -43.68 -12.83 -22.15
CA PRO C 20 -44.48 -12.44 -23.33
C PRO C 20 -44.53 -13.50 -24.42
N VAL C 21 -45.27 -14.57 -24.15
CA VAL C 21 -45.48 -15.66 -25.09
C VAL C 21 -46.95 -15.71 -25.43
N ALA C 22 -47.25 -16.25 -26.61
CA ALA C 22 -48.64 -16.40 -27.01
C ALA C 22 -49.25 -17.65 -26.41
N ASN C 23 -48.49 -18.74 -26.38
CA ASN C 23 -48.89 -20.01 -25.81
C ASN C 23 -48.09 -20.21 -24.52
N ASP C 24 -48.81 -20.26 -23.39
CA ASP C 24 -48.15 -20.33 -22.09
C ASP C 24 -47.31 -21.59 -21.93
N SER C 25 -47.68 -22.69 -22.58
CA SER C 25 -46.98 -23.95 -22.34
C SER C 25 -45.60 -23.98 -22.96
N GLN C 26 -45.36 -23.23 -24.04
CA GLN C 26 -44.09 -23.29 -24.75
C GLN C 26 -43.06 -22.36 -24.12
N PRO C 27 -41.79 -22.76 -24.00
CA PRO C 27 -40.77 -21.83 -23.51
C PRO C 27 -40.59 -20.66 -24.47
N LEU C 28 -40.00 -19.58 -23.93
CA LEU C 28 -39.71 -18.37 -24.70
C LEU C 28 -38.25 -18.40 -25.09
N THR C 29 -38.00 -18.33 -26.40
CA THR C 29 -36.64 -18.35 -26.90
C THR C 29 -36.00 -16.99 -26.66
N VAL C 30 -34.89 -16.97 -25.93
CA VAL C 30 -34.09 -15.77 -25.74
C VAL C 30 -32.73 -16.09 -26.34
N TYR C 31 -32.29 -15.28 -27.29
CA TYR C 31 -30.95 -15.41 -27.85
C TYR C 31 -30.00 -14.53 -27.06
N PHE C 32 -29.00 -15.13 -26.45
CA PHE C 32 -28.03 -14.44 -25.63
C PHE C 32 -26.67 -14.46 -26.31
N SER C 33 -25.96 -13.35 -26.22
CA SER C 33 -24.59 -13.24 -26.67
C SER C 33 -23.99 -12.03 -25.98
N LEU C 34 -22.76 -11.69 -26.34
CA LEU C 34 -22.14 -10.49 -25.80
C LEU C 34 -21.16 -9.93 -26.80
N SER C 35 -20.86 -8.64 -26.64
CA SER C 35 -19.79 -7.97 -27.35
C SER C 35 -18.72 -7.57 -26.34
N LEU C 36 -17.54 -8.16 -26.48
CA LEU C 36 -16.42 -7.85 -25.60
C LEU C 36 -15.67 -6.65 -26.15
N LEU C 37 -15.68 -5.54 -25.40
CA LEU C 37 -15.03 -4.32 -25.82
C LEU C 37 -13.63 -4.17 -25.25
N GLN C 38 -13.37 -4.70 -24.05
CA GLN C 38 -12.07 -4.52 -23.44
C GLN C 38 -11.94 -5.48 -22.26
N ILE C 39 -10.71 -5.90 -22.02
CA ILE C 39 -10.34 -6.65 -20.82
C ILE C 39 -9.71 -5.63 -19.89
N MET C 40 -10.48 -5.14 -18.92
CA MET C 40 -10.01 -4.04 -18.09
C MET C 40 -8.97 -4.50 -17.07
N ASP C 41 -9.18 -5.66 -16.45
CA ASP C 41 -8.26 -6.10 -15.41
C ASP C 41 -8.36 -7.60 -15.22
N VAL C 42 -7.23 -8.20 -14.90
CA VAL C 42 -7.14 -9.58 -14.44
C VAL C 42 -6.47 -9.52 -13.08
N ASP C 43 -7.28 -9.60 -12.02
CA ASP C 43 -6.79 -9.60 -10.65
C ASP C 43 -6.51 -11.04 -10.25
N GLU C 44 -5.29 -11.49 -10.40
CA GLU C 44 -4.99 -12.87 -10.13
C GLU C 44 -4.89 -13.12 -8.63
N LYS C 45 -4.51 -12.12 -7.84
CA LYS C 45 -4.50 -12.30 -6.40
C LYS C 45 -5.91 -12.56 -5.86
N ASN C 46 -6.91 -11.84 -6.38
CA ASN C 46 -8.29 -12.02 -5.97
C ASN C 46 -9.07 -12.96 -6.88
N GLN C 47 -8.47 -13.44 -7.97
CA GLN C 47 -9.11 -14.40 -8.88
C GLN C 47 -10.36 -13.78 -9.52
N VAL C 48 -10.21 -12.55 -10.03
CA VAL C 48 -11.32 -11.79 -10.60
C VAL C 48 -10.89 -11.29 -11.97
N LEU C 49 -11.88 -11.23 -12.88
CA LEU C 49 -11.73 -10.68 -14.21
C LEU C 49 -12.71 -9.53 -14.36
N THR C 50 -12.19 -8.34 -14.69
CA THR C 50 -13.01 -7.16 -14.96
C THR C 50 -13.02 -6.90 -16.46
N THR C 51 -14.21 -6.88 -17.06
CA THR C 51 -14.37 -6.68 -18.50
C THR C 51 -15.45 -5.65 -18.79
N ASN C 52 -15.26 -4.92 -19.87
CA ASN C 52 -16.29 -4.05 -20.44
C ASN C 52 -17.07 -4.87 -21.46
N ILE C 53 -18.35 -5.12 -21.19
CA ILE C 53 -19.18 -6.01 -21.98
C ILE C 53 -20.50 -5.34 -22.33
N TRP C 54 -20.98 -5.62 -23.54
CA TRP C 54 -22.31 -5.22 -24.00
C TRP C 54 -23.11 -6.50 -24.22
N LEU C 55 -23.72 -7.02 -23.15
CA LEU C 55 -24.54 -8.22 -23.25
C LEU C 55 -25.59 -8.01 -24.33
N GLN C 56 -25.90 -9.05 -25.10
CA GLN C 56 -26.87 -8.96 -26.20
C GLN C 56 -27.97 -9.99 -26.02
N MET C 57 -29.12 -9.54 -25.52
CA MET C 57 -30.30 -10.38 -25.33
C MET C 57 -31.38 -9.96 -26.31
N SER C 58 -31.75 -10.85 -27.22
CA SER C 58 -32.82 -10.60 -28.19
C SER C 58 -33.90 -11.66 -28.03
N TRP C 59 -35.15 -11.23 -28.01
CA TRP C 59 -36.27 -12.15 -27.93
C TRP C 59 -37.46 -11.52 -28.63
N THR C 60 -38.62 -12.15 -28.53
CA THR C 60 -39.85 -11.66 -29.15
C THR C 60 -40.91 -11.46 -28.09
N ASP C 61 -41.40 -10.23 -27.97
CA ASP C 61 -42.53 -9.90 -27.11
C ASP C 61 -43.80 -10.01 -27.94
N HIS C 62 -44.68 -10.91 -27.54
CA HIS C 62 -45.91 -11.14 -28.30
C HIS C 62 -46.82 -9.91 -28.36
N TYR C 63 -46.72 -9.00 -27.38
CA TYR C 63 -47.67 -7.91 -27.26
C TYR C 63 -47.20 -6.59 -27.90
N LEU C 64 -45.91 -6.43 -28.13
CA LEU C 64 -45.36 -5.16 -28.63
C LEU C 64 -45.24 -5.18 -30.15
N GLN C 65 -46.38 -5.33 -30.82
CA GLN C 65 -46.44 -5.46 -32.27
C GLN C 65 -47.45 -4.47 -32.83
N TRP C 66 -47.01 -3.64 -33.77
CA TRP C 66 -47.86 -2.63 -34.40
C TRP C 66 -47.69 -2.71 -35.92
N ASN C 67 -48.67 -2.18 -36.63
CA ASN C 67 -48.68 -2.12 -38.09
C ASN C 67 -48.23 -0.71 -38.48
N VAL C 68 -47.07 -0.62 -39.13
CA VAL C 68 -46.45 0.67 -39.41
C VAL C 68 -47.29 1.52 -40.38
N SER C 69 -48.20 0.91 -41.12
CA SER C 69 -49.07 1.71 -41.98
C SER C 69 -50.02 2.57 -41.17
N GLU C 70 -50.34 2.15 -39.94
CA GLU C 70 -51.21 2.92 -39.05
C GLU C 70 -50.43 3.88 -38.15
N TYR C 71 -49.11 3.76 -38.09
CA TYR C 71 -48.26 4.68 -37.33
C TYR C 71 -47.09 5.08 -38.23
N PRO C 72 -47.36 5.86 -39.28
CA PRO C 72 -46.31 6.16 -40.27
C PRO C 72 -45.09 6.82 -39.64
N GLY C 73 -43.91 6.31 -40.00
CA GLY C 73 -42.66 6.81 -39.49
C GLY C 73 -42.24 6.23 -38.15
N VAL C 74 -43.13 5.53 -37.46
CA VAL C 74 -42.85 4.97 -36.13
C VAL C 74 -42.51 3.51 -36.35
N LYS C 75 -41.22 3.21 -36.46
CA LYS C 75 -40.74 1.88 -36.78
C LYS C 75 -40.06 1.17 -35.62
N THR C 76 -39.71 1.89 -34.55
CA THR C 76 -39.14 1.29 -33.36
C THR C 76 -39.59 2.09 -32.15
N VAL C 77 -39.70 1.41 -31.01
CA VAL C 77 -39.97 2.05 -29.72
C VAL C 77 -38.93 1.58 -28.71
N ARG C 78 -38.84 2.31 -27.61
CA ARG C 78 -37.85 2.06 -26.57
C ARG C 78 -38.52 2.13 -25.21
N PHE C 79 -38.12 1.22 -24.31
CA PHE C 79 -38.70 1.12 -22.98
C PHE C 79 -37.63 1.04 -21.91
N PRO C 80 -37.72 1.80 -20.81
CA PRO C 80 -36.69 1.75 -19.77
C PRO C 80 -36.94 0.59 -18.80
N ASP C 81 -36.08 0.51 -17.81
CA ASP C 81 -36.12 -0.58 -16.84
C ASP C 81 -37.40 -0.53 -16.02
N GLY C 82 -38.03 -1.69 -15.85
CA GLY C 82 -39.21 -1.83 -15.03
C GLY C 82 -40.54 -1.69 -15.74
N GLN C 83 -40.53 -1.30 -17.02
CA GLN C 83 -41.74 -1.06 -17.78
C GLN C 83 -42.06 -2.16 -18.77
N ILE C 84 -41.07 -2.94 -19.18
CA ILE C 84 -41.22 -4.04 -20.12
C ILE C 84 -40.68 -5.29 -19.45
N TRP C 85 -41.23 -6.44 -19.83
CA TRP C 85 -40.69 -7.70 -19.36
C TRP C 85 -39.30 -7.89 -19.95
N LYS C 86 -38.35 -8.29 -19.11
CA LYS C 86 -36.99 -8.57 -19.55
C LYS C 86 -36.54 -9.92 -19.03
N PRO C 87 -35.62 -10.60 -19.73
CA PRO C 87 -34.99 -11.80 -19.15
C PRO C 87 -34.05 -11.42 -18.02
N ASP C 88 -34.22 -12.08 -16.87
CA ASP C 88 -33.38 -11.80 -15.69
C ASP C 88 -32.08 -12.61 -15.77
N ILE C 89 -31.36 -12.41 -16.87
CA ILE C 89 -30.09 -13.10 -17.11
C ILE C 89 -29.03 -12.44 -16.23
N LEU C 90 -28.55 -13.17 -15.23
CA LEU C 90 -27.49 -12.73 -14.34
C LEU C 90 -26.21 -13.48 -14.66
N LEU C 91 -25.10 -12.91 -14.19
CA LEU C 91 -23.80 -13.56 -14.26
C LEU C 91 -23.64 -14.40 -12.99
N TYR C 92 -23.67 -15.72 -13.15
CA TYR C 92 -23.63 -16.61 -11.99
C TYR C 92 -22.36 -16.42 -11.19
N ASN C 93 -21.20 -16.50 -11.84
CA ASN C 93 -19.93 -16.42 -11.14
C ASN C 93 -19.48 -14.96 -11.00
N SER C 94 -20.36 -14.14 -10.46
CA SER C 94 -20.07 -12.73 -10.24
C SER C 94 -19.21 -12.53 -9.00
N ALA C 95 -18.29 -11.57 -9.08
CA ALA C 95 -17.43 -11.20 -7.95
C ALA C 95 -17.72 -9.80 -7.45
N ASP C 96 -18.72 -9.11 -8.01
CA ASP C 96 -19.06 -7.75 -7.61
C ASP C 96 -19.85 -7.78 -6.32
N GLU C 97 -19.54 -6.83 -5.42
CA GLU C 97 -20.25 -6.76 -4.13
C GLU C 97 -21.75 -6.58 -4.31
N ARG C 98 -22.17 -5.81 -5.31
CA ARG C 98 -23.58 -5.69 -5.61
C ARG C 98 -24.12 -6.93 -6.32
N PHE C 99 -23.24 -7.80 -6.80
CA PHE C 99 -23.50 -9.04 -7.53
C PHE C 99 -24.02 -8.83 -8.96
N ASP C 100 -24.54 -7.65 -9.28
CA ASP C 100 -25.14 -7.38 -10.59
C ASP C 100 -24.63 -6.01 -11.01
N ALA C 101 -23.60 -6.00 -11.84
CA ALA C 101 -22.95 -4.78 -12.29
C ALA C 101 -23.52 -4.25 -13.60
N THR C 102 -24.57 -4.87 -14.12
CA THR C 102 -25.17 -4.43 -15.36
C THR C 102 -25.80 -3.05 -15.22
N PHE C 103 -25.62 -2.21 -16.23
CA PHE C 103 -26.25 -0.90 -16.30
C PHE C 103 -27.49 -0.99 -17.18
N HIS C 104 -28.64 -0.68 -16.61
CA HIS C 104 -29.91 -0.92 -17.27
C HIS C 104 -30.23 0.19 -18.26
N THR C 105 -30.42 -0.18 -19.53
CA THR C 105 -30.70 0.75 -20.62
C THR C 105 -32.02 0.35 -21.27
N ASN C 106 -32.32 0.94 -22.42
CA ASN C 106 -33.61 0.72 -23.06
C ASN C 106 -33.66 -0.63 -23.77
N VAL C 107 -34.87 -1.07 -24.06
CA VAL C 107 -35.15 -2.26 -24.85
C VAL C 107 -35.79 -1.75 -26.14
N LEU C 108 -35.08 -1.92 -27.25
CA LEU C 108 -35.55 -1.45 -28.55
C LEU C 108 -36.35 -2.53 -29.26
N VAL C 109 -37.64 -2.29 -29.46
CA VAL C 109 -38.53 -3.21 -30.17
C VAL C 109 -38.82 -2.64 -31.55
N ASN C 110 -39.13 -3.50 -32.54
CA ASN C 110 -39.55 -3.06 -33.87
C ASN C 110 -41.03 -3.40 -34.05
N SER C 111 -41.56 -3.15 -35.25
CA SER C 111 -42.99 -3.32 -35.48
C SER C 111 -43.45 -4.77 -35.40
N SER C 112 -42.53 -5.71 -35.45
CA SER C 112 -42.79 -7.14 -35.54
C SER C 112 -42.68 -7.81 -34.17
N GLY C 113 -42.25 -7.05 -33.17
CA GLY C 113 -42.17 -7.44 -31.78
C GLY C 113 -40.80 -7.86 -31.34
N HIS C 114 -39.83 -7.94 -32.24
CA HIS C 114 -38.51 -8.43 -31.86
CA HIS C 114 -38.51 -8.42 -31.89
C HIS C 114 -37.85 -7.40 -30.97
N CYS C 115 -37.58 -7.80 -29.73
CA CYS C 115 -37.00 -6.92 -28.72
C CYS C 115 -35.50 -7.14 -28.68
N GLN C 116 -34.78 -6.02 -28.57
CA GLN C 116 -33.34 -6.02 -28.56
C GLN C 116 -32.91 -5.23 -27.34
N TYR C 117 -32.07 -5.85 -26.51
CA TYR C 117 -31.62 -5.31 -25.24
C TYR C 117 -30.11 -5.47 -25.09
N LEU C 118 -29.39 -4.37 -25.03
CA LEU C 118 -27.92 -4.37 -25.06
C LEU C 118 -27.35 -3.57 -23.89
N PRO C 119 -27.52 -4.05 -22.66
CA PRO C 119 -27.03 -3.29 -21.51
C PRO C 119 -25.51 -3.25 -21.48
N PRO C 120 -24.89 -2.10 -21.27
CA PRO C 120 -23.46 -2.08 -21.00
C PRO C 120 -23.19 -2.38 -19.53
N GLY C 121 -21.96 -2.77 -19.25
CA GLY C 121 -21.59 -2.96 -17.87
C GLY C 121 -20.11 -3.21 -17.70
N ILE C 122 -19.60 -2.86 -16.53
CA ILE C 122 -18.29 -3.30 -16.07
C ILE C 122 -18.57 -4.52 -15.22
N PHE C 123 -18.19 -5.71 -15.69
CA PHE C 123 -18.54 -6.96 -15.03
C PHE C 123 -17.32 -7.56 -14.36
N LYS C 124 -17.44 -7.88 -13.09
CA LYS C 124 -16.44 -8.62 -12.35
C LYS C 124 -16.92 -10.06 -12.19
N SER C 125 -16.07 -11.01 -12.57
CA SER C 125 -16.40 -12.42 -12.56
C SER C 125 -15.36 -13.17 -11.76
N SER C 126 -15.81 -14.11 -10.94
CA SER C 126 -14.95 -14.98 -10.15
C SER C 126 -14.34 -16.04 -11.06
N CYS C 127 -13.13 -15.79 -11.55
CA CYS C 127 -12.45 -16.66 -12.49
C CYS C 127 -11.26 -17.36 -11.83
N TYR C 128 -11.22 -18.68 -11.95
CA TYR C 128 -10.07 -19.44 -11.50
C TYR C 128 -8.86 -19.13 -12.38
N ILE C 129 -7.84 -18.53 -11.79
CA ILE C 129 -6.63 -18.12 -12.52
C ILE C 129 -5.58 -19.19 -12.31
N ASP C 130 -5.34 -19.99 -13.35
CA ASP C 130 -4.29 -21.00 -13.30
C ASP C 130 -2.94 -20.27 -13.41
N VAL C 131 -2.26 -20.15 -12.28
CA VAL C 131 -0.98 -19.47 -12.24
C VAL C 131 0.18 -20.44 -12.35
N ARG C 132 -0.07 -21.67 -12.80
CA ARG C 132 0.97 -22.69 -12.89
C ARG C 132 2.10 -22.26 -13.80
N TRP C 133 1.79 -21.63 -14.93
CA TRP C 133 2.76 -21.32 -15.96
C TRP C 133 3.16 -19.85 -16.05
N PHE C 134 2.56 -18.96 -15.24
CA PHE C 134 2.89 -17.54 -15.17
C PHE C 134 4.40 -17.34 -15.17
N PRO C 135 4.96 -16.37 -15.92
CA PRO C 135 4.29 -15.34 -16.74
C PRO C 135 3.89 -15.85 -18.11
N PHE C 136 4.37 -17.01 -18.54
CA PHE C 136 3.97 -17.56 -19.84
C PHE C 136 2.65 -18.31 -19.71
N ASP C 137 1.63 -17.69 -19.12
CA ASP C 137 0.37 -18.36 -18.83
C ASP C 137 -0.70 -18.00 -19.83
N VAL C 138 -1.62 -18.93 -20.04
CA VAL C 138 -2.85 -18.72 -20.77
C VAL C 138 -3.99 -19.03 -19.82
N GLN C 139 -4.95 -18.13 -19.73
CA GLN C 139 -6.08 -18.23 -18.82
C GLN C 139 -7.34 -18.47 -19.62
N HIS C 140 -8.24 -19.27 -19.05
CA HIS C 140 -9.56 -19.56 -19.63
C HIS C 140 -10.59 -19.16 -18.58
N CYS C 141 -11.09 -17.94 -18.71
CA CYS C 141 -12.01 -17.37 -17.74
C CYS C 141 -13.43 -17.50 -18.24
N LYS C 142 -14.27 -18.16 -17.46
CA LYS C 142 -15.65 -18.42 -17.85
C LYS C 142 -16.54 -17.29 -17.36
N LEU C 143 -17.41 -16.83 -18.23
CA LEU C 143 -18.50 -15.93 -17.90
C LEU C 143 -19.77 -16.74 -18.11
N LYS C 144 -20.39 -17.16 -17.02
CA LYS C 144 -21.57 -18.01 -17.06
C LYS C 144 -22.80 -17.14 -16.85
N PHE C 145 -23.66 -17.10 -17.86
CA PHE C 145 -24.87 -16.29 -17.85
C PHE C 145 -26.09 -17.20 -17.95
N GLY C 146 -27.12 -16.89 -17.18
CA GLY C 146 -28.34 -17.65 -17.26
C GLY C 146 -29.45 -16.91 -16.56
N SER C 147 -30.68 -17.25 -16.93
CA SER C 147 -31.83 -16.75 -16.22
C SER C 147 -31.86 -17.34 -14.83
N TRP C 148 -31.97 -16.47 -13.82
CA TRP C 148 -31.91 -16.92 -12.44
C TRP C 148 -33.14 -17.74 -12.06
N SER C 149 -34.33 -17.30 -12.47
CA SER C 149 -35.57 -17.85 -11.93
C SER C 149 -36.50 -18.47 -12.98
N TYR C 150 -36.08 -18.56 -14.24
CA TYR C 150 -36.86 -19.24 -15.28
C TYR C 150 -36.08 -20.48 -15.71
N GLY C 151 -36.73 -21.63 -15.65
CA GLY C 151 -36.12 -22.87 -16.07
C GLY C 151 -36.33 -23.16 -17.54
N GLY C 152 -35.83 -24.32 -17.96
CA GLY C 152 -35.88 -24.68 -19.36
C GLY C 152 -37.29 -24.77 -19.91
N TRP C 153 -38.25 -25.18 -19.07
CA TRP C 153 -39.63 -25.27 -19.53
C TRP C 153 -40.27 -23.91 -19.79
N SER C 154 -39.62 -22.82 -19.39
CA SER C 154 -40.16 -21.46 -19.56
C SER C 154 -39.29 -20.56 -20.42
N LEU C 155 -37.97 -20.56 -20.23
CA LEU C 155 -37.06 -19.68 -20.96
C LEU C 155 -36.07 -20.57 -21.71
N ASP C 156 -36.25 -20.71 -23.02
CA ASP C 156 -35.38 -21.52 -23.86
C ASP C 156 -34.19 -20.64 -24.24
N LEU C 157 -33.14 -20.67 -23.43
CA LEU C 157 -31.97 -19.87 -23.73
C LEU C 157 -31.22 -20.47 -24.90
N GLN C 158 -30.85 -19.63 -25.87
CA GLN C 158 -30.05 -20.03 -27.02
C GLN C 158 -28.87 -19.09 -27.17
N MET C 159 -27.75 -19.64 -27.60
CA MET C 159 -26.49 -18.90 -27.68
C MET C 159 -26.25 -18.41 -29.09
N GLN C 160 -25.70 -17.22 -29.20
CA GLN C 160 -25.21 -16.66 -30.45
C GLN C 160 -23.72 -16.38 -30.29
N GLU C 161 -22.99 -16.46 -31.40
CA GLU C 161 -21.54 -16.38 -31.34
C GLU C 161 -21.09 -15.01 -30.85
N ALA C 162 -20.04 -15.01 -30.04
CA ALA C 162 -19.58 -13.77 -29.41
C ALA C 162 -19.09 -12.79 -30.45
N ASP C 163 -19.32 -11.52 -30.16
CA ASP C 163 -18.90 -10.40 -30.98
C ASP C 163 -17.58 -9.79 -30.48
N ILE C 164 -16.60 -9.66 -31.37
CA ILE C 164 -15.30 -9.08 -31.01
C ILE C 164 -14.80 -8.06 -32.03
N SER C 165 -15.68 -7.57 -32.91
CA SER C 165 -15.24 -6.61 -33.92
C SER C 165 -14.75 -5.32 -33.28
N GLY C 166 -15.45 -4.84 -32.25
CA GLY C 166 -15.10 -3.61 -31.59
C GLY C 166 -14.14 -3.78 -30.44
N TYR C 167 -13.62 -4.99 -30.24
CA TYR C 167 -12.68 -5.25 -29.16
C TYR C 167 -11.48 -4.32 -29.29
N ILE C 168 -11.08 -3.74 -28.16
CA ILE C 168 -9.92 -2.86 -28.09
C ILE C 168 -8.79 -3.65 -27.43
N PRO C 169 -7.65 -3.93 -28.12
CA PRO C 169 -6.53 -4.63 -27.47
C PRO C 169 -6.16 -4.06 -26.11
N ASN C 170 -5.45 -4.85 -25.31
CA ASN C 170 -5.18 -4.53 -23.92
C ASN C 170 -3.77 -4.01 -23.69
N GLY C 171 -2.77 -4.76 -24.10
CA GLY C 171 -1.38 -4.43 -23.84
C GLY C 171 -0.73 -5.59 -23.12
N GLU C 172 -1.48 -6.21 -22.22
CA GLU C 172 -1.00 -7.32 -21.42
C GLU C 172 -1.60 -8.66 -21.83
N TRP C 173 -2.68 -8.66 -22.61
CA TRP C 173 -3.41 -9.88 -22.91
C TRP C 173 -3.80 -9.93 -24.38
N ASP C 174 -3.55 -11.07 -25.03
CA ASP C 174 -3.93 -11.30 -26.42
C ASP C 174 -5.14 -12.20 -26.41
N LEU C 175 -6.31 -11.62 -26.67
CA LEU C 175 -7.52 -12.40 -26.81
C LEU C 175 -7.30 -13.51 -27.83
N VAL C 176 -7.31 -14.77 -27.37
CA VAL C 176 -7.15 -15.91 -28.25
C VAL C 176 -8.49 -16.39 -28.78
N GLY C 177 -9.59 -15.92 -28.21
CA GLY C 177 -10.92 -16.24 -28.67
C GLY C 177 -11.86 -16.29 -27.47
N ILE C 178 -13.15 -16.20 -27.77
CA ILE C 178 -14.19 -16.27 -26.76
C ILE C 178 -15.19 -17.34 -27.20
N PRO C 179 -14.80 -18.60 -27.22
CA PRO C 179 -15.77 -19.67 -27.55
C PRO C 179 -16.84 -19.81 -26.48
N GLY C 180 -18.08 -19.97 -26.93
CA GLY C 180 -19.21 -20.12 -26.05
C GLY C 180 -19.77 -21.53 -26.12
N LYS C 181 -20.63 -21.85 -25.15
CA LYS C 181 -21.28 -23.15 -25.09
C LYS C 181 -22.55 -23.05 -24.29
N ARG C 182 -23.63 -23.64 -24.81
CA ARG C 182 -24.91 -23.74 -24.12
C ARG C 182 -25.00 -25.09 -23.44
N SER C 183 -25.34 -25.08 -22.15
CA SER C 183 -25.48 -26.28 -21.36
C SER C 183 -26.89 -26.33 -20.78
N GLU C 184 -27.35 -27.53 -20.47
CA GLU C 184 -28.63 -27.76 -19.80
C GLU C 184 -28.31 -28.55 -18.53
N ARG C 185 -28.20 -27.87 -17.41
CA ARG C 185 -27.82 -28.50 -16.14
C ARG C 185 -29.02 -28.61 -15.21
N PHE C 186 -28.98 -29.62 -14.35
CA PHE C 186 -29.96 -29.80 -13.28
C PHE C 186 -29.36 -29.32 -11.97
N TYR C 187 -30.20 -28.71 -11.13
CA TYR C 187 -29.77 -28.19 -9.84
C TYR C 187 -30.54 -28.88 -8.73
N GLU C 188 -29.86 -29.00 -7.60
CA GLU C 188 -30.31 -29.61 -6.36
C GLU C 188 -31.40 -28.83 -5.62
N CYS C 189 -31.83 -27.69 -6.18
CA CYS C 189 -32.83 -26.83 -5.57
C CYS C 189 -34.21 -27.16 -6.10
N CYS C 190 -34.25 -27.69 -7.31
CA CYS C 190 -35.40 -27.59 -8.18
C CYS C 190 -35.36 -28.81 -9.10
N LYS C 191 -36.50 -29.14 -9.68
CA LYS C 191 -36.60 -30.28 -10.58
C LYS C 191 -36.50 -29.87 -12.04
N GLU C 192 -37.16 -28.78 -12.40
CA GLU C 192 -37.04 -28.23 -13.74
C GLU C 192 -35.56 -27.89 -14.04
N PRO C 193 -35.00 -28.34 -15.16
CA PRO C 193 -33.60 -28.00 -15.45
C PRO C 193 -33.47 -26.52 -15.78
N TYR C 194 -32.23 -26.03 -15.73
CA TYR C 194 -31.95 -24.62 -16.03
C TYR C 194 -30.84 -24.52 -17.07
N PRO C 195 -31.08 -23.89 -18.23
CA PRO C 195 -30.00 -23.68 -19.20
C PRO C 195 -29.17 -22.43 -18.92
N ASP C 196 -27.91 -22.53 -19.31
CA ASP C 196 -26.99 -21.41 -19.20
C ASP C 196 -26.12 -21.36 -20.45
N VAL C 197 -25.61 -20.16 -20.72
CA VAL C 197 -24.65 -19.91 -21.79
C VAL C 197 -23.38 -19.44 -21.11
N THR C 198 -22.30 -20.16 -21.33
CA THR C 198 -21.00 -19.85 -20.74
C THR C 198 -20.05 -19.47 -21.87
N PHE C 199 -19.49 -18.27 -21.78
CA PHE C 199 -18.46 -17.79 -22.69
C PHE C 199 -17.13 -17.93 -21.98
N THR C 200 -16.23 -18.69 -22.57
CA THR C 200 -14.88 -18.89 -22.02
C THR C 200 -13.97 -17.90 -22.73
N VAL C 201 -13.61 -16.83 -22.03
CA VAL C 201 -12.65 -15.88 -22.56
C VAL C 201 -11.26 -16.48 -22.42
N THR C 202 -10.61 -16.74 -23.55
CA THR C 202 -9.27 -17.29 -23.56
C THR C 202 -8.29 -16.17 -23.84
N MET C 203 -7.30 -16.01 -22.96
CA MET C 203 -6.41 -14.88 -22.96
C MET C 203 -4.98 -15.38 -22.85
N ARG C 204 -4.10 -14.89 -23.71
CA ARG C 204 -2.67 -15.20 -23.64
C ARG C 204 -1.95 -13.99 -23.06
N ARG C 205 -1.17 -14.21 -22.01
CA ARG C 205 -0.41 -13.10 -21.42
C ARG C 205 0.75 -12.73 -22.34
N ARG C 206 0.83 -11.45 -22.69
CA ARG C 206 2.01 -10.94 -23.38
C ARG C 206 3.15 -10.84 -22.37
N THR C 207 4.28 -11.46 -22.69
CA THR C 207 5.34 -11.73 -21.73
C THR C 207 6.48 -10.73 -21.77
N LEU C 208 6.40 -9.72 -22.63
CA LEU C 208 7.48 -8.75 -22.72
C LEU C 208 7.61 -7.95 -21.43
N TYR C 209 6.48 -7.50 -20.87
CA TYR C 209 6.53 -6.64 -19.69
C TYR C 209 7.12 -7.38 -18.49
N TYR C 210 6.57 -8.53 -18.15
CA TYR C 210 7.10 -9.31 -17.04
C TYR C 210 8.46 -9.90 -17.38
N GLY C 211 8.71 -10.19 -18.65
CA GLY C 211 10.05 -10.61 -19.03
C GLY C 211 11.08 -9.54 -18.74
N LEU C 212 10.78 -8.29 -19.09
CA LEU C 212 11.73 -7.21 -18.93
C LEU C 212 11.87 -6.78 -17.47
N ASN C 213 10.80 -6.87 -16.69
CA ASN C 213 10.79 -6.40 -15.31
C ASN C 213 11.07 -7.47 -14.26
N LEU C 214 10.92 -8.76 -14.57
CA LEU C 214 11.12 -9.83 -13.59
C LEU C 214 12.16 -10.84 -14.02
N LEU C 215 12.06 -11.35 -15.25
CA LEU C 215 12.91 -12.48 -15.61
C LEU C 215 14.32 -12.02 -15.94
N ILE C 216 14.46 -11.08 -16.86
CA ILE C 216 15.79 -10.64 -17.29
C ILE C 216 16.48 -9.89 -16.14
N PRO C 217 15.78 -9.06 -15.36
CA PRO C 217 16.47 -8.39 -14.23
C PRO C 217 17.04 -9.38 -13.24
N CYS C 218 16.25 -10.41 -12.89
CA CYS C 218 16.72 -11.43 -11.98
C CYS C 218 17.88 -12.22 -12.58
N VAL C 219 17.80 -12.56 -13.87
CA VAL C 219 18.91 -13.25 -14.53
C VAL C 219 20.19 -12.44 -14.38
N LEU C 220 20.12 -11.13 -14.60
CA LEU C 220 21.32 -10.30 -14.59
C LEU C 220 21.82 -10.04 -13.18
N ILE C 221 20.93 -9.90 -12.21
CA ILE C 221 21.35 -9.74 -10.81
C ILE C 221 21.90 -11.07 -10.31
N SER C 222 21.30 -12.17 -10.76
CA SER C 222 21.77 -13.50 -10.41
C SER C 222 23.13 -13.77 -11.01
N ALA C 223 23.40 -13.16 -12.16
CA ALA C 223 24.70 -13.25 -12.80
C ALA C 223 25.76 -12.53 -11.99
N LEU C 224 25.41 -11.39 -11.40
CA LEU C 224 26.33 -10.67 -10.52
C LEU C 224 26.76 -11.53 -9.34
N ALA C 225 25.85 -12.35 -8.87
CA ALA C 225 26.23 -13.27 -7.80
C ALA C 225 27.39 -14.16 -8.22
N LEU C 226 27.44 -14.58 -9.48
CA LEU C 226 28.56 -15.41 -9.93
C LEU C 226 29.88 -14.65 -9.94
N LEU C 227 29.87 -13.32 -9.88
CA LEU C 227 31.13 -12.58 -9.80
C LEU C 227 31.89 -12.85 -8.52
N VAL C 228 31.25 -13.43 -7.50
CA VAL C 228 31.95 -13.77 -6.28
C VAL C 228 33.03 -14.78 -6.57
N PHE C 229 32.79 -15.68 -7.53
CA PHE C 229 33.78 -16.68 -7.88
C PHE C 229 34.95 -16.10 -8.68
N LEU C 230 34.85 -14.86 -9.14
CA LEU C 230 35.97 -14.16 -9.76
C LEU C 230 36.61 -13.13 -8.84
N LEU C 231 35.92 -12.73 -7.78
CA LEU C 231 36.51 -11.82 -6.82
C LEU C 231 37.70 -12.49 -6.12
N PRO C 232 38.80 -11.78 -5.89
CA PRO C 232 39.82 -12.33 -5.00
C PRO C 232 39.34 -12.37 -3.56
N ALA C 233 39.91 -13.30 -2.80
CA ALA C 233 39.56 -13.41 -1.38
C ALA C 233 40.11 -12.24 -0.58
N ASP C 234 41.30 -11.76 -0.94
CA ASP C 234 41.93 -10.66 -0.19
C ASP C 234 41.13 -9.37 -0.28
N SER C 235 40.20 -9.26 -1.23
CA SER C 235 39.38 -8.06 -1.31
C SER C 235 38.53 -7.89 -0.04
N GLY C 236 38.20 -8.99 0.62
CA GLY C 236 37.39 -8.92 1.82
C GLY C 236 35.96 -8.48 1.57
N GLU C 237 35.39 -8.84 0.43
CA GLU C 237 34.00 -8.48 0.14
C GLU C 237 33.24 -9.61 -0.57
N LYS C 238 33.76 -10.84 -0.58
CA LYS C 238 33.04 -11.94 -1.21
C LYS C 238 31.70 -12.18 -0.52
N ILE C 239 31.73 -12.35 0.79
CA ILE C 239 30.49 -12.61 1.53
C ILE C 239 29.56 -11.42 1.42
N SER C 240 30.12 -10.21 1.54
CA SER C 240 29.31 -9.00 1.44
C SER C 240 28.57 -8.95 0.11
N LEU C 241 29.30 -9.14 -1.00
CA LEU C 241 28.65 -9.10 -2.31
C LEU C 241 27.61 -10.19 -2.43
N GLY C 242 27.97 -11.42 -2.06
CA GLY C 242 27.06 -12.54 -2.24
C GLY C 242 25.80 -12.43 -1.39
N ILE C 243 25.96 -12.12 -0.11
CA ILE C 243 24.80 -12.04 0.77
C ILE C 243 23.94 -10.85 0.41
N THR C 244 24.58 -9.74 0.03
CA THR C 244 23.83 -8.58 -0.41
C THR C 244 23.00 -8.88 -1.65
N VAL C 245 23.58 -9.58 -2.62
CA VAL C 245 22.86 -9.91 -3.86
C VAL C 245 21.69 -10.85 -3.57
N LEU C 246 21.90 -11.85 -2.71
CA LEU C 246 20.83 -12.80 -2.40
C LEU C 246 19.65 -12.11 -1.74
N LEU C 247 19.92 -11.31 -0.70
CA LEU C 247 18.85 -10.61 0.00
C LEU C 247 18.23 -9.52 -0.86
N SER C 248 18.94 -9.06 -1.87
CA SER C 248 18.35 -8.18 -2.86
C SER C 248 17.41 -8.94 -3.78
N LEU C 249 17.71 -10.21 -4.06
CA LEU C 249 16.84 -11.01 -4.93
C LEU C 249 15.49 -11.28 -4.29
N THR C 250 15.38 -11.19 -2.95
CA THR C 250 14.08 -11.35 -2.30
C THR C 250 13.04 -10.36 -2.77
N VAL C 251 13.44 -9.20 -3.30
CA VAL C 251 12.46 -8.21 -3.73
C VAL C 251 11.59 -8.78 -4.85
N PHE C 252 12.19 -9.61 -5.73
CA PHE C 252 11.41 -10.19 -6.82
C PHE C 252 10.37 -11.17 -6.29
N MET C 253 10.72 -11.96 -5.28
CA MET C 253 9.74 -12.84 -4.66
C MET C 253 8.65 -12.03 -3.97
N LEU C 254 9.03 -10.92 -3.35
CA LEU C 254 8.04 -10.02 -2.76
C LEU C 254 7.11 -9.45 -3.82
N LEU C 255 7.66 -9.08 -4.99
CA LEU C 255 6.82 -8.57 -6.07
C LEU C 255 5.84 -9.63 -6.55
N VAL C 256 6.32 -10.86 -6.73
CA VAL C 256 5.45 -11.95 -7.16
C VAL C 256 4.34 -12.18 -6.14
N ALA C 257 4.69 -12.14 -4.85
CA ALA C 257 3.68 -12.29 -3.80
C ALA C 257 2.62 -11.20 -3.89
N GLU C 258 3.03 -9.97 -4.20
CA GLU C 258 2.06 -8.91 -4.47
C GLU C 258 1.14 -9.25 -5.64
N ILE C 259 1.62 -10.07 -6.58
CA ILE C 259 0.84 -10.41 -7.78
C ILE C 259 0.06 -11.71 -7.58
N MET C 260 0.71 -12.77 -7.08
CA MET C 260 0.11 -14.10 -7.14
C MET C 260 -0.92 -14.32 -6.02
N PRO C 261 -1.90 -15.20 -6.25
CA PRO C 261 -2.83 -15.55 -5.17
C PRO C 261 -2.20 -16.52 -4.18
N ALA C 262 -2.81 -16.60 -3.01
CA ALA C 262 -2.33 -17.48 -1.94
C ALA C 262 -2.98 -18.86 -2.04
N THR C 263 -2.68 -19.55 -3.13
CA THR C 263 -3.30 -20.83 -3.46
C THR C 263 -2.25 -21.94 -3.44
N SER C 264 -2.71 -23.14 -3.12
CA SER C 264 -1.87 -24.33 -3.01
C SER C 264 -2.15 -25.33 -4.13
N ASP C 265 -2.95 -24.95 -5.12
CA ASP C 265 -3.20 -25.83 -6.27
C ASP C 265 -1.91 -26.18 -6.98
N SER C 266 -0.98 -25.23 -7.07
CA SER C 266 0.25 -25.44 -7.82
C SER C 266 1.27 -24.38 -7.42
N VAL C 267 2.47 -24.52 -7.95
CA VAL C 267 3.57 -23.57 -7.78
C VAL C 267 3.77 -22.85 -9.10
N PRO C 268 3.62 -21.52 -9.17
CA PRO C 268 3.86 -20.82 -10.44
C PRO C 268 5.29 -21.02 -10.95
N LEU C 269 5.42 -21.08 -12.27
CA LEU C 269 6.72 -21.25 -12.90
C LEU C 269 7.69 -20.16 -12.48
N ILE C 270 7.22 -18.93 -12.36
CA ILE C 270 8.08 -17.83 -11.93
C ILE C 270 8.66 -18.13 -10.55
N ALA C 271 7.84 -18.68 -9.64
CA ALA C 271 8.31 -19.01 -8.31
C ALA C 271 9.36 -20.11 -8.36
N GLN C 272 9.15 -21.12 -9.23
CA GLN C 272 10.13 -22.20 -9.32
C GLN C 272 11.44 -21.70 -9.88
N TYR C 273 11.39 -20.76 -10.83
CA TYR C 273 12.62 -20.21 -11.36
C TYR C 273 13.29 -19.30 -10.34
N PHE C 274 12.52 -18.44 -9.68
CA PHE C 274 13.09 -17.58 -8.65
C PHE C 274 13.66 -18.41 -7.51
N ALA C 275 12.96 -19.47 -7.10
CA ALA C 275 13.45 -20.31 -6.01
C ALA C 275 14.74 -21.02 -6.37
N SER C 276 14.84 -21.56 -7.58
CA SER C 276 16.08 -22.22 -7.99
C SER C 276 17.21 -21.20 -8.06
N THR C 277 16.90 -20.00 -8.52
CA THR C 277 17.89 -18.93 -8.58
C THR C 277 18.43 -18.59 -7.19
N MET C 278 17.54 -18.38 -6.23
CA MET C 278 18.00 -18.05 -4.89
C MET C 278 18.75 -19.22 -4.26
N ILE C 279 18.31 -20.45 -4.52
CA ILE C 279 19.03 -21.59 -3.98
C ILE C 279 20.42 -21.67 -4.59
N ILE C 280 20.55 -21.38 -5.88
CA ILE C 280 21.88 -21.40 -6.50
C ILE C 280 22.75 -20.29 -5.93
N VAL C 281 22.17 -19.11 -5.71
CA VAL C 281 22.93 -18.01 -5.12
C VAL C 281 23.27 -18.33 -3.67
N GLY C 282 22.33 -18.93 -2.94
CA GLY C 282 22.59 -19.33 -1.57
C GLY C 282 23.67 -20.38 -1.47
N LEU C 283 23.68 -21.33 -2.41
CA LEU C 283 24.76 -22.32 -2.46
C LEU C 283 26.09 -21.66 -2.81
N SER C 284 26.07 -20.60 -3.61
CA SER C 284 27.30 -19.85 -3.87
C SER C 284 27.82 -19.21 -2.58
N VAL C 285 26.91 -18.76 -1.71
CA VAL C 285 27.33 -18.23 -0.42
C VAL C 285 27.94 -19.34 0.43
N VAL C 286 27.32 -20.53 0.42
CA VAL C 286 27.86 -21.66 1.18
C VAL C 286 29.23 -22.02 0.66
N VAL C 287 29.38 -22.07 -0.67
CA VAL C 287 30.66 -22.37 -1.27
C VAL C 287 31.66 -21.24 -1.05
N THR C 288 31.18 -20.00 -0.92
CA THR C 288 32.05 -18.91 -0.56
C THR C 288 32.61 -19.09 0.84
N VAL C 289 31.78 -19.56 1.77
CA VAL C 289 32.24 -19.86 3.12
C VAL C 289 33.32 -20.94 3.08
N ILE C 290 33.12 -21.98 2.27
CA ILE C 290 34.14 -23.03 2.16
C ILE C 290 35.41 -22.48 1.54
N VAL C 291 35.27 -21.64 0.51
CA VAL C 291 36.43 -21.03 -0.13
C VAL C 291 37.22 -20.19 0.88
N LEU C 292 36.50 -19.40 1.68
CA LEU C 292 37.18 -18.58 2.67
C LEU C 292 37.80 -19.44 3.77
N GLN C 293 37.25 -20.62 4.03
CA GLN C 293 37.87 -21.52 4.99
C GLN C 293 39.19 -22.02 4.44
N TYR C 294 39.23 -22.31 3.13
CA TYR C 294 40.47 -22.73 2.49
C TYR C 294 41.47 -21.58 2.45
N HIS C 295 41.00 -20.37 2.11
CA HIS C 295 41.89 -19.23 2.00
C HIS C 295 42.46 -18.83 3.36
N HIS C 296 41.60 -18.74 4.37
CA HIS C 296 42.00 -18.38 5.73
C HIS C 296 42.30 -19.61 6.57
N HIS C 297 43.14 -20.51 6.10
CA HIS C 297 43.43 -21.75 6.79
C HIS C 297 44.72 -21.60 7.59
N ASP C 298 44.67 -21.98 8.86
CA ASP C 298 45.82 -21.84 9.74
C ASP C 298 46.92 -22.80 9.28
N PRO C 299 48.12 -22.33 8.93
CA PRO C 299 49.14 -23.27 8.39
C PRO C 299 49.53 -24.36 9.37
N ASP C 300 49.49 -24.08 10.67
CA ASP C 300 49.84 -25.04 11.70
C ASP C 300 48.65 -25.87 12.15
N GLY C 301 47.51 -25.77 11.45
CA GLY C 301 46.35 -26.58 11.75
C GLY C 301 46.48 -27.93 11.08
N GLY C 302 45.34 -28.48 10.68
CA GLY C 302 45.34 -29.78 10.03
C GLY C 302 46.14 -29.77 8.74
N LYS C 303 46.58 -30.96 8.35
CA LYS C 303 47.33 -31.13 7.12
C LYS C 303 46.36 -31.33 5.97
N MET C 304 46.84 -31.12 4.75
CA MET C 304 45.97 -31.17 3.58
C MET C 304 45.60 -32.61 3.26
N PRO C 305 44.31 -32.99 3.30
CA PRO C 305 43.93 -34.37 2.91
C PRO C 305 44.37 -34.68 1.49
N LYS C 306 45.05 -35.83 1.31
CA LYS C 306 45.48 -36.26 -0.01
C LYS C 306 44.35 -36.18 -1.02
N TRP C 307 43.12 -36.56 -0.61
CA TRP C 307 41.98 -36.50 -1.53
C TRP C 307 41.82 -35.10 -2.09
N THR C 308 42.06 -34.08 -1.26
CA THR C 308 42.00 -32.70 -1.74
C THR C 308 43.20 -32.39 -2.61
N ARG C 309 44.41 -32.76 -2.14
CA ARG C 309 45.65 -32.42 -2.86
C ARG C 309 45.67 -32.96 -4.29
N VAL C 310 44.82 -33.93 -4.64
CA VAL C 310 44.77 -34.53 -5.97
C VAL C 310 43.50 -34.13 -6.71
N ILE C 311 42.34 -34.26 -6.06
CA ILE C 311 41.07 -33.96 -6.72
C ILE C 311 41.02 -32.50 -7.15
N LEU C 312 41.83 -31.62 -6.55
CA LEU C 312 41.77 -30.19 -6.82
C LEU C 312 43.07 -29.65 -7.40
N LEU C 313 44.22 -29.95 -6.78
CA LEU C 313 45.48 -29.35 -7.22
C LEU C 313 46.19 -30.15 -8.30
N ASN C 314 45.63 -31.27 -8.74
CA ASN C 314 46.23 -32.11 -9.77
C ASN C 314 45.30 -32.25 -10.97
N TRP C 315 44.09 -32.75 -10.77
CA TRP C 315 43.18 -32.97 -11.90
C TRP C 315 42.44 -31.68 -12.25
N CYS C 316 41.47 -31.28 -11.41
CA CYS C 316 40.72 -30.04 -11.66
C CYS C 316 41.62 -28.84 -11.93
N ALA C 317 42.81 -28.80 -11.32
CA ALA C 317 43.74 -27.71 -11.55
C ALA C 317 44.29 -27.76 -12.97
N TRP C 318 44.57 -28.97 -13.46
CA TRP C 318 45.10 -29.12 -14.82
C TRP C 318 44.01 -28.91 -15.86
N PHE C 319 42.85 -29.54 -15.67
CA PHE C 319 41.69 -29.39 -16.54
C PHE C 319 41.42 -27.94 -16.91
N LEU C 320 41.53 -27.03 -15.93
CA LEU C 320 41.18 -25.63 -16.11
C LEU C 320 42.37 -24.80 -16.56
N ARG C 321 43.55 -25.40 -16.72
CA ARG C 321 44.72 -24.71 -17.25
C ARG C 321 45.11 -23.53 -16.36
N MET C 322 45.39 -23.83 -15.09
CA MET C 322 45.66 -22.80 -14.11
C MET C 322 47.10 -22.80 -13.60
N LYS C 323 47.59 -23.93 -13.12
CA LYS C 323 48.94 -24.00 -12.54
C LYS C 323 49.01 -23.17 -11.25
N PRO C 479 84.37 -16.39 21.14
CA PRO C 479 83.12 -16.80 21.81
C PRO C 479 81.96 -15.96 21.40
N ASP C 480 82.17 -14.67 21.20
CA ASP C 480 81.06 -13.77 20.88
C ASP C 480 80.55 -14.12 19.52
N LEU C 481 81.43 -14.47 18.59
CA LEU C 481 81.02 -14.76 17.22
C LEU C 481 80.13 -16.00 17.17
N ALA C 482 80.33 -16.94 18.08
CA ALA C 482 79.50 -18.13 18.13
C ALA C 482 78.16 -17.72 18.65
N LYS C 483 78.13 -16.91 19.69
CA LYS C 483 76.87 -16.38 20.19
C LYS C 483 76.16 -15.58 19.10
N ILE C 484 76.91 -14.90 18.23
CA ILE C 484 76.28 -14.12 17.16
C ILE C 484 75.73 -15.08 16.12
N LEU C 485 76.48 -16.14 15.81
CA LEU C 485 76.00 -17.16 14.86
C LEU C 485 74.73 -17.80 15.35
N GLU C 486 74.67 -18.12 16.65
CA GLU C 486 73.44 -18.70 17.20
C GLU C 486 72.28 -17.76 17.02
N GLU C 487 72.42 -16.51 17.46
CA GLU C 487 71.31 -15.57 17.41
C GLU C 487 70.86 -15.30 15.98
N VAL C 488 71.81 -15.10 15.05
CA VAL C 488 71.44 -14.80 13.66
C VAL C 488 70.84 -16.03 12.99
N ARG C 489 71.20 -17.22 13.46
CA ARG C 489 70.66 -18.44 12.89
C ARG C 489 69.26 -18.71 13.40
N TYR C 490 68.92 -18.22 14.59
CA TYR C 490 67.55 -18.34 15.05
C TYR C 490 66.64 -17.40 14.26
N ILE C 491 67.12 -16.19 13.98
CA ILE C 491 66.34 -15.24 13.19
C ILE C 491 66.05 -15.82 11.81
N ALA C 492 67.09 -16.37 11.17
CA ALA C 492 66.92 -16.89 9.83
C ALA C 492 66.12 -18.18 9.82
N ASN C 493 66.27 -19.02 10.84
CA ASN C 493 65.43 -20.21 10.94
C ASN C 493 63.99 -19.83 11.18
N ARG C 494 63.77 -18.78 11.97
CA ARG C 494 62.42 -18.24 12.10
C ARG C 494 61.88 -17.82 10.75
N PHE C 495 62.72 -17.15 9.94
CA PHE C 495 62.30 -16.75 8.60
C PHE C 495 61.99 -17.97 7.74
N ARG C 496 62.79 -19.03 7.87
CA ARG C 496 62.53 -20.24 7.09
C ARG C 496 61.22 -20.88 7.51
N CYS C 497 60.92 -20.89 8.81
CA CYS C 497 59.63 -21.39 9.27
C CYS C 497 58.50 -20.54 8.73
N GLN C 498 58.68 -19.22 8.67
CA GLN C 498 57.64 -18.37 8.10
C GLN C 498 57.49 -18.64 6.61
N ASP C 499 58.59 -18.92 5.91
CA ASP C 499 58.50 -19.23 4.49
C ASP C 499 57.73 -20.52 4.27
N GLU C 500 58.01 -21.55 5.08
CA GLU C 500 57.27 -22.80 4.96
C GLU C 500 55.79 -22.59 5.26
N SER C 501 55.49 -21.77 6.27
CA SER C 501 54.09 -21.48 6.57
C SER C 501 53.41 -20.73 5.43
N GLU C 502 54.11 -19.76 4.82
CA GLU C 502 53.55 -19.08 3.65
C GLU C 502 53.34 -20.06 2.50
N ALA C 503 54.24 -21.03 2.33
CA ALA C 503 54.08 -22.00 1.26
C ALA C 503 52.85 -22.87 1.50
N VAL C 504 52.64 -23.32 2.74
CA VAL C 504 51.44 -24.10 3.04
C VAL C 504 50.20 -23.25 2.83
N CYS C 505 50.23 -22.01 3.34
CA CYS C 505 49.10 -21.10 3.11
C CYS C 505 48.91 -20.82 1.63
N SER C 506 50.01 -20.76 0.87
CA SER C 506 49.91 -20.49 -0.55
C SER C 506 49.23 -21.64 -1.28
N GLU C 507 49.53 -22.87 -0.88
CA GLU C 507 48.86 -24.01 -1.46
C GLU C 507 47.37 -24.01 -1.11
N TRP C 508 47.04 -23.67 0.14
CA TRP C 508 45.63 -23.57 0.53
C TRP C 508 44.91 -22.49 -0.25
N LYS C 509 45.58 -21.35 -0.49
CA LYS C 509 44.98 -20.29 -1.27
C LYS C 509 44.78 -20.73 -2.72
N PHE C 510 45.74 -21.50 -3.24
CA PHE C 510 45.57 -22.08 -4.57
C PHE C 510 44.37 -23.00 -4.62
N ALA C 511 44.17 -23.80 -3.57
CA ALA C 511 42.97 -24.65 -3.51
C ALA C 511 41.71 -23.79 -3.52
N ALA C 512 41.72 -22.68 -2.79
CA ALA C 512 40.58 -21.78 -2.80
C ALA C 512 40.31 -21.22 -4.19
N CYS C 513 41.39 -20.86 -4.92
CA CYS C 513 41.24 -20.34 -6.26
C CYS C 513 40.71 -21.41 -7.22
N VAL C 514 41.21 -22.64 -7.12
CA VAL C 514 40.71 -23.71 -7.98
C VAL C 514 39.24 -23.95 -7.72
N VAL C 515 38.83 -23.95 -6.45
CA VAL C 515 37.41 -24.11 -6.12
C VAL C 515 36.60 -22.95 -6.70
N ASP C 516 37.11 -21.73 -6.61
CA ASP C 516 36.45 -20.59 -7.25
C ASP C 516 36.15 -20.89 -8.71
N ARG C 517 37.15 -21.38 -9.43
CA ARG C 517 37.00 -21.58 -10.87
C ARG C 517 36.02 -22.72 -11.15
N LEU C 518 36.16 -23.85 -10.45
CA LEU C 518 35.23 -24.97 -10.67
C LEU C 518 33.79 -24.57 -10.41
N CYS C 519 33.54 -23.85 -9.31
CA CYS C 519 32.18 -23.40 -9.00
C CYS C 519 31.73 -22.30 -9.94
N LEU C 520 32.65 -21.47 -10.43
CA LEU C 520 32.28 -20.53 -11.49
C LEU C 520 31.70 -21.30 -12.67
N MET C 521 32.44 -22.32 -13.14
CA MET C 521 31.97 -23.14 -14.25
C MET C 521 30.66 -23.85 -13.88
N ALA C 522 30.65 -24.53 -12.73
CA ALA C 522 29.50 -25.34 -12.36
C ALA C 522 28.25 -24.50 -12.10
N PHE C 523 28.39 -23.38 -11.41
CA PHE C 523 27.23 -22.56 -11.13
C PHE C 523 26.76 -21.83 -12.38
N SER C 524 27.68 -21.51 -13.29
CA SER C 524 27.28 -20.97 -14.59
C SER C 524 26.45 -21.99 -15.37
N VAL C 525 26.91 -23.25 -15.40
CA VAL C 525 26.18 -24.29 -16.11
C VAL C 525 24.85 -24.54 -15.42
N PHE C 526 24.85 -24.58 -14.09
CA PHE C 526 23.61 -24.76 -13.35
C PHE C 526 22.64 -23.64 -13.67
N THR C 527 23.13 -22.40 -13.66
CA THR C 527 22.28 -21.25 -13.98
C THR C 527 21.69 -21.39 -15.37
N ILE C 528 22.52 -21.70 -16.37
CA ILE C 528 22.05 -21.78 -17.75
C ILE C 528 21.00 -22.87 -17.91
N ILE C 529 21.31 -24.09 -17.45
CA ILE C 529 20.37 -25.22 -17.58
C ILE C 529 19.08 -24.89 -16.86
N CYS C 530 19.15 -24.76 -15.53
CA CYS C 530 17.97 -24.48 -14.71
C CYS C 530 17.11 -23.39 -15.31
N THR C 531 17.74 -22.28 -15.72
CA THR C 531 16.99 -21.18 -16.29
C THR C 531 16.26 -21.64 -17.55
N ILE C 532 17.00 -22.23 -18.48
CA ILE C 532 16.43 -22.60 -19.77
C ILE C 532 15.45 -23.75 -19.59
N GLY C 533 15.82 -24.75 -18.78
CA GLY C 533 14.96 -25.90 -18.57
C GLY C 533 13.70 -25.59 -17.79
N ILE C 534 13.70 -24.54 -16.97
CA ILE C 534 12.47 -24.15 -16.29
C ILE C 534 11.64 -23.27 -17.19
N LEU C 535 12.28 -22.43 -18.00
CA LEU C 535 11.54 -21.53 -18.87
C LEU C 535 10.97 -22.26 -20.07
N MET C 536 11.72 -23.20 -20.65
CA MET C 536 11.23 -23.95 -21.81
C MET C 536 10.37 -25.13 -21.41
N SER C 537 10.19 -25.39 -20.12
CA SER C 537 9.17 -26.34 -19.69
C SER C 537 7.76 -25.77 -19.78
N ALA C 538 7.61 -24.48 -20.10
CA ALA C 538 6.30 -23.92 -20.33
C ALA C 538 5.84 -24.25 -21.74
N PRO C 539 4.66 -24.83 -21.94
CA PRO C 539 4.19 -25.10 -23.32
C PRO C 539 4.20 -23.88 -24.23
N ASN C 540 3.79 -22.73 -23.72
CA ASN C 540 3.65 -21.52 -24.51
C ASN C 540 4.93 -20.71 -24.64
N PHE C 541 6.06 -21.20 -24.11
CA PHE C 541 7.31 -20.44 -24.12
C PHE C 541 7.72 -20.03 -25.53
N VAL C 542 7.66 -20.95 -26.48
CA VAL C 542 8.14 -20.66 -27.83
C VAL C 542 7.23 -19.64 -28.49
N GLU C 543 5.92 -19.90 -28.47
CA GLU C 543 4.92 -18.95 -28.95
C GLU C 543 5.23 -17.54 -28.45
N ALA C 544 5.48 -17.42 -27.14
CA ALA C 544 5.75 -16.15 -26.48
C ALA C 544 6.97 -15.46 -27.08
N VAL C 545 8.15 -16.07 -26.91
CA VAL C 545 9.42 -15.52 -27.40
C VAL C 545 9.33 -15.08 -28.86
N SER C 546 8.46 -15.72 -29.65
CA SER C 546 8.36 -15.41 -31.07
C SER C 546 7.42 -14.23 -31.30
N LYS C 547 6.33 -14.15 -30.53
CA LYS C 547 5.34 -13.10 -30.72
C LYS C 547 5.71 -11.82 -30.00
N ASP C 548 6.28 -11.92 -28.80
CA ASP C 548 6.47 -10.77 -27.91
C ASP C 548 7.90 -10.24 -27.87
N PHE C 549 8.85 -10.90 -28.52
CA PHE C 549 10.24 -10.45 -28.56
C PHE C 549 10.75 -10.42 -29.99
N GLU D 1 -52.04 -15.32 -22.03
CA GLU D 1 -53.51 -15.23 -21.83
C GLU D 1 -53.88 -15.74 -20.45
N PHE D 2 -53.35 -16.89 -20.05
CA PHE D 2 -53.59 -17.44 -18.72
C PHE D 2 -52.56 -16.94 -17.73
N GLN D 3 -51.37 -16.61 -18.21
CA GLN D 3 -50.38 -16.02 -17.34
C GLN D 3 -50.80 -14.60 -16.97
N ARG D 4 -51.42 -13.90 -17.93
CA ARG D 4 -51.90 -12.54 -17.68
C ARG D 4 -53.06 -12.56 -16.69
N LYS D 5 -54.00 -13.49 -16.92
CA LYS D 5 -55.19 -13.57 -16.08
C LYS D 5 -54.80 -13.92 -14.65
N LEU D 6 -53.90 -14.88 -14.47
CA LEU D 6 -53.49 -15.29 -13.14
C LEU D 6 -52.72 -14.19 -12.40
N TYR D 7 -51.82 -13.48 -13.10
CA TYR D 7 -51.06 -12.41 -12.45
C TYR D 7 -51.99 -11.32 -11.93
N LYS D 8 -52.99 -10.95 -12.73
CA LYS D 8 -53.98 -9.99 -12.26
C LYS D 8 -54.74 -10.55 -11.07
N GLU D 9 -55.05 -11.85 -11.09
CA GLU D 9 -55.85 -12.45 -10.03
C GLU D 9 -55.10 -12.50 -8.72
N LEU D 10 -53.79 -12.74 -8.76
CA LEU D 10 -53.06 -13.01 -7.54
C LEU D 10 -52.77 -11.77 -6.71
N VAL D 11 -52.89 -10.57 -7.28
CA VAL D 11 -52.57 -9.33 -6.57
C VAL D 11 -53.83 -8.60 -6.11
N LYS D 12 -55.01 -9.19 -6.28
CA LYS D 12 -56.22 -8.57 -5.76
C LYS D 12 -56.24 -8.71 -4.24
N ASN D 13 -56.26 -7.57 -3.55
CA ASN D 13 -56.29 -7.46 -2.10
C ASN D 13 -55.01 -7.97 -1.44
N TYR D 14 -53.97 -8.26 -2.20
CA TYR D 14 -52.73 -8.75 -1.61
C TYR D 14 -51.97 -7.59 -0.99
N ASN D 15 -51.50 -7.80 0.23
CA ASN D 15 -50.73 -6.82 0.98
C ASN D 15 -49.38 -7.43 1.31
N PRO D 16 -48.24 -6.89 0.83
CA PRO D 16 -46.95 -7.49 1.18
C PRO D 16 -46.53 -7.30 2.62
N LEU D 17 -47.36 -6.70 3.48
CA LEU D 17 -47.07 -6.58 4.90
C LEU D 17 -47.61 -7.74 5.71
N GLU D 18 -48.68 -8.38 5.24
CA GLU D 18 -49.35 -9.45 5.98
C GLU D 18 -48.54 -10.73 5.90
N ARG D 19 -48.29 -11.40 7.03
CA ARG D 19 -47.61 -12.71 7.05
C ARG D 19 -48.62 -13.63 6.44
N PRO D 20 -48.22 -14.42 5.42
CA PRO D 20 -49.23 -15.20 4.67
C PRO D 20 -49.59 -16.53 5.32
N VAL D 21 -50.32 -16.46 6.43
CA VAL D 21 -50.80 -17.63 7.16
C VAL D 21 -52.31 -17.61 7.11
N ALA D 22 -52.90 -18.80 7.25
CA ALA D 22 -54.37 -18.90 7.27
C ALA D 22 -54.89 -18.59 8.66
N ASN D 23 -54.22 -19.09 9.68
CA ASN D 23 -54.57 -18.88 11.08
C ASN D 23 -53.52 -17.95 11.68
N ASP D 24 -53.96 -16.76 12.09
CA ASP D 24 -53.04 -15.73 12.58
C ASP D 24 -52.26 -16.17 13.81
N SER D 25 -52.84 -17.04 14.65
CA SER D 25 -52.19 -17.39 15.91
C SER D 25 -50.98 -18.28 15.72
N GLN D 26 -50.94 -19.08 14.66
CA GLN D 26 -49.87 -20.05 14.47
C GLN D 26 -48.66 -19.42 13.78
N PRO D 27 -47.43 -19.73 14.19
CA PRO D 27 -46.27 -19.22 13.45
C PRO D 27 -46.23 -19.76 12.03
N LEU D 28 -45.47 -19.06 11.19
CA LEU D 28 -45.27 -19.44 9.79
C LEU D 28 -43.95 -20.15 9.66
N THR D 29 -43.98 -21.38 9.18
CA THR D 29 -42.77 -22.17 9.03
C THR D 29 -42.01 -21.66 7.81
N VAL D 30 -40.77 -21.24 8.01
CA VAL D 30 -39.87 -20.87 6.92
C VAL D 30 -38.70 -21.83 7.02
N TYR D 31 -38.42 -22.55 5.94
CA TYR D 31 -37.25 -23.42 5.85
C TYR D 31 -36.10 -22.62 5.27
N PHE D 32 -35.04 -22.49 6.03
CA PHE D 32 -33.87 -21.73 5.62
C PHE D 32 -32.69 -22.68 5.42
N SER D 33 -31.91 -22.40 4.39
CA SER D 33 -30.67 -23.10 4.13
C SER D 33 -29.85 -22.21 3.19
N LEU D 34 -28.71 -22.71 2.74
CA LEU D 34 -27.92 -21.98 1.78
C LEU D 34 -27.14 -22.95 0.90
N SER D 35 -26.74 -22.46 -0.25
CA SER D 35 -25.81 -23.15 -1.13
C SER D 35 -24.52 -22.34 -1.19
N LEU D 36 -23.43 -22.93 -0.70
CA LEU D 36 -22.13 -22.28 -0.72
C LEU D 36 -21.45 -22.57 -2.05
N LEU D 37 -21.23 -21.52 -2.84
CA LEU D 37 -20.60 -21.67 -4.14
C LEU D 37 -19.10 -21.42 -4.12
N GLN D 38 -18.63 -20.55 -3.23
CA GLN D 38 -17.21 -20.23 -3.21
C GLN D 38 -16.88 -19.47 -1.93
N ILE D 39 -15.66 -19.67 -1.46
CA ILE D 39 -15.09 -18.90 -0.37
C ILE D 39 -14.20 -17.85 -1.03
N MET D 40 -14.71 -16.63 -1.18
CA MET D 40 -13.99 -15.62 -1.95
C MET D 40 -12.79 -15.07 -1.20
N ASP D 41 -12.92 -14.82 0.10
CA ASP D 41 -11.83 -14.22 0.85
C ASP D 41 -11.99 -14.51 2.33
N VAL D 42 -10.84 -14.65 2.99
CA VAL D 42 -10.75 -14.70 4.44
C VAL D 42 -9.80 -13.58 4.81
N ASP D 43 -10.36 -12.45 5.25
CA ASP D 43 -9.58 -11.29 5.68
C ASP D 43 -9.31 -11.45 7.17
N GLU D 44 -8.18 -12.01 7.54
CA GLU D 44 -7.91 -12.27 8.93
C GLU D 44 -7.50 -11.01 9.65
N LYS D 45 -6.90 -10.05 8.96
CA LYS D 45 -6.59 -8.77 9.60
C LYS D 45 -7.85 -8.04 10.03
N ASN D 46 -8.88 -8.06 9.20
CA ASN D 46 -10.16 -7.42 9.52
C ASN D 46 -11.18 -8.38 10.13
N GLN D 47 -10.86 -9.67 10.21
CA GLN D 47 -11.74 -10.66 10.82
C GLN D 47 -13.06 -10.77 10.04
N VAL D 48 -12.95 -10.87 8.72
CA VAL D 48 -14.11 -10.91 7.83
C VAL D 48 -13.97 -12.10 6.89
N LEU D 49 -15.11 -12.70 6.57
CA LEU D 49 -15.23 -13.78 5.60
C LEU D 49 -16.15 -13.32 4.47
N THR D 50 -15.64 -13.37 3.25
CA THR D 50 -16.42 -13.06 2.05
C THR D 50 -16.75 -14.35 1.31
N THR D 51 -18.03 -14.62 1.11
CA THR D 51 -18.49 -15.84 0.46
C THR D 51 -19.55 -15.53 -0.59
N ASN D 52 -19.55 -16.34 -1.65
CA ASN D 52 -20.62 -16.35 -2.64
C ASN D 52 -21.66 -17.37 -2.19
N ILE D 53 -22.87 -16.90 -1.86
CA ILE D 53 -23.89 -17.73 -1.24
C ILE D 53 -25.21 -17.53 -1.98
N TRP D 54 -25.98 -18.62 -2.10
CA TRP D 54 -27.34 -18.61 -2.62
C TRP D 54 -28.25 -19.04 -1.47
N LEU D 55 -28.64 -18.08 -0.63
CA LEU D 55 -29.55 -18.36 0.48
C LEU D 55 -30.79 -19.05 -0.06
N GLN D 56 -31.32 -20.02 0.69
CA GLN D 56 -32.50 -20.77 0.26
C GLN D 56 -33.61 -20.69 1.30
N MET D 57 -34.58 -19.83 1.05
CA MET D 57 -35.75 -19.64 1.92
C MET D 57 -36.99 -20.17 1.21
N SER D 58 -37.61 -21.20 1.78
CA SER D 58 -38.84 -21.77 1.23
C SER D 58 -39.93 -21.71 2.29
N TRP D 59 -41.12 -21.27 1.91
CA TRP D 59 -42.24 -21.21 2.82
C TRP D 59 -43.52 -21.41 2.00
N THR D 60 -44.67 -21.24 2.64
CA THR D 60 -45.97 -21.38 2.00
C THR D 60 -46.75 -20.09 2.17
N ASP D 61 -47.11 -19.47 1.04
CA ASP D 61 -48.01 -18.33 1.01
C ASP D 61 -49.43 -18.82 0.87
N HIS D 62 -50.27 -18.54 1.87
CA HIS D 62 -51.64 -19.04 1.85
C HIS D 62 -52.46 -18.49 0.68
N TYR D 63 -52.09 -17.32 0.13
CA TYR D 63 -52.92 -16.64 -0.85
C TYR D 63 -52.52 -16.92 -2.30
N LEU D 64 -51.30 -17.37 -2.55
CA LEU D 64 -50.79 -17.55 -3.92
C LEU D 64 -51.01 -18.99 -4.40
N GLN D 65 -52.28 -19.39 -4.45
CA GLN D 65 -52.67 -20.75 -4.81
C GLN D 65 -53.71 -20.72 -5.92
N TRP D 66 -53.43 -21.42 -7.02
CA TRP D 66 -54.34 -21.48 -8.17
C TRP D 66 -54.51 -22.94 -8.58
N ASN D 67 -55.60 -23.20 -9.30
CA ASN D 67 -55.92 -24.52 -9.83
C ASN D 67 -55.48 -24.53 -11.30
N VAL D 68 -54.49 -25.38 -11.61
CA VAL D 68 -53.86 -25.36 -12.93
C VAL D 68 -54.82 -25.78 -14.03
N SER D 69 -55.93 -26.45 -13.69
CA SER D 69 -56.92 -26.80 -14.71
C SER D 69 -57.59 -25.55 -15.26
N GLU D 70 -57.67 -24.48 -14.46
CA GLU D 70 -58.26 -23.23 -14.88
C GLU D 70 -57.26 -22.27 -15.50
N TYR D 71 -55.96 -22.54 -15.39
CA TYR D 71 -54.91 -21.76 -16.02
C TYR D 71 -53.94 -22.72 -16.71
N PRO D 72 -54.38 -23.38 -17.78
CA PRO D 72 -53.56 -24.43 -18.39
C PRO D 72 -52.20 -23.92 -18.83
N GLY D 73 -51.16 -24.69 -18.48
CA GLY D 73 -49.79 -24.34 -18.80
C GLY D 73 -49.13 -23.40 -17.82
N VAL D 74 -49.88 -22.78 -16.92
CA VAL D 74 -49.36 -21.80 -15.97
C VAL D 74 -49.17 -22.56 -14.66
N LYS D 75 -47.95 -23.04 -14.43
CA LYS D 75 -47.65 -23.87 -13.28
C LYS D 75 -46.78 -23.18 -12.24
N THR D 76 -46.16 -22.05 -12.57
CA THR D 76 -45.37 -21.28 -11.63
C THR D 76 -45.49 -19.80 -11.98
N VAL D 77 -45.38 -18.95 -10.97
CA VAL D 77 -45.32 -17.50 -11.16
C VAL D 77 -44.12 -16.97 -10.39
N ARG D 78 -43.74 -15.74 -10.73
CA ARG D 78 -42.56 -15.09 -10.16
C ARG D 78 -42.92 -13.67 -9.78
N PHE D 79 -42.38 -13.21 -8.63
CA PHE D 79 -42.67 -11.88 -8.10
C PHE D 79 -41.38 -11.17 -7.70
N PRO D 80 -41.18 -9.90 -8.05
CA PRO D 80 -39.96 -9.20 -7.67
C PRO D 80 -40.06 -8.62 -6.27
N ASP D 81 -39.00 -7.92 -5.87
CA ASP D 81 -38.90 -7.38 -4.53
C ASP D 81 -39.97 -6.31 -4.30
N GLY D 82 -40.62 -6.38 -3.14
CA GLY D 82 -41.60 -5.39 -2.72
C GLY D 82 -43.03 -5.71 -3.08
N GLN D 83 -43.28 -6.76 -3.85
CA GLN D 83 -44.62 -7.10 -4.32
C GLN D 83 -45.22 -8.30 -3.59
N ILE D 84 -44.39 -9.14 -3.00
CA ILE D 84 -44.82 -10.32 -2.26
C ILE D 84 -44.22 -10.24 -0.88
N TRP D 85 -44.92 -10.82 0.10
CA TRP D 85 -44.36 -10.91 1.44
C TRP D 85 -43.16 -11.83 1.42
N LYS D 86 -42.07 -11.40 2.06
CA LYS D 86 -40.87 -12.21 2.16
C LYS D 86 -40.40 -12.27 3.61
N PRO D 87 -39.70 -13.34 4.00
CA PRO D 87 -39.04 -13.34 5.32
C PRO D 87 -37.85 -12.39 5.32
N ASP D 88 -37.80 -11.50 6.31
CA ASP D 88 -36.71 -10.53 6.43
C ASP D 88 -35.51 -11.15 7.15
N ILE D 89 -35.03 -12.26 6.60
CA ILE D 89 -33.90 -12.99 7.17
C ILE D 89 -32.64 -12.23 6.81
N LEU D 90 -31.99 -11.65 7.81
CA LEU D 90 -30.73 -10.94 7.68
C LEU D 90 -29.60 -11.76 8.27
N LEU D 91 -28.38 -11.40 7.87
CA LEU D 91 -27.18 -11.97 8.45
C LEU D 91 -26.79 -11.10 9.65
N TYR D 92 -26.95 -11.67 10.86
CA TYR D 92 -26.71 -10.89 12.07
C TYR D 92 -25.28 -10.39 12.14
N ASN D 93 -24.31 -11.29 11.99
CA ASN D 93 -22.90 -10.90 12.12
C ASN D 93 -22.35 -10.41 10.79
N SER D 94 -23.03 -9.44 10.19
CA SER D 94 -22.60 -8.87 8.93
C SER D 94 -21.48 -7.85 9.13
N ALA D 95 -20.55 -7.83 8.19
CA ALA D 95 -19.44 -6.88 8.19
C ALA D 95 -19.52 -5.90 7.04
N ASP D 96 -20.56 -5.97 6.22
CA ASP D 96 -20.72 -5.09 5.07
C ASP D 96 -21.21 -3.73 5.51
N GLU D 97 -20.65 -2.67 4.91
CA GLU D 97 -21.05 -1.30 5.27
C GLU D 97 -22.54 -1.07 5.06
N ARG D 98 -23.11 -1.64 4.01
CA ARG D 98 -24.55 -1.56 3.81
C ARG D 98 -25.31 -2.48 4.76
N PHE D 99 -24.62 -3.41 5.42
CA PHE D 99 -25.12 -4.41 6.36
C PHE D 99 -25.92 -5.53 5.70
N ASP D 100 -26.42 -5.33 4.48
CA ASP D 100 -27.28 -6.31 3.81
C ASP D 100 -26.78 -6.39 2.36
N ALA D 101 -25.96 -7.39 2.08
CA ALA D 101 -25.35 -7.55 0.77
C ALA D 101 -26.15 -8.46 -0.15
N THR D 102 -27.34 -8.89 0.28
CA THR D 102 -28.17 -9.76 -0.53
C THR D 102 -28.66 -9.04 -1.77
N PHE D 103 -28.65 -9.75 -2.90
CA PHE D 103 -29.20 -9.24 -4.16
C PHE D 103 -30.60 -9.80 -4.34
N HIS D 104 -31.58 -8.92 -4.44
CA HIS D 104 -32.98 -9.31 -4.42
C HIS D 104 -33.44 -9.80 -5.78
N THR D 105 -33.93 -11.03 -5.84
CA THR D 105 -34.38 -11.67 -7.07
C THR D 105 -35.83 -12.09 -6.89
N ASN D 106 -36.34 -12.90 -7.81
CA ASN D 106 -37.75 -13.26 -7.81
C ASN D 106 -38.04 -14.34 -6.76
N VAL D 107 -39.31 -14.46 -6.42
CA VAL D 107 -39.84 -15.51 -5.56
C VAL D 107 -40.70 -16.38 -6.44
N LEU D 108 -40.28 -17.62 -6.66
CA LEU D 108 -41.00 -18.55 -7.52
C LEU D 108 -42.00 -19.37 -6.72
N VAL D 109 -43.28 -19.18 -6.99
CA VAL D 109 -44.36 -19.92 -6.34
C VAL D 109 -44.92 -20.94 -7.33
N ASN D 110 -45.49 -22.05 -6.83
CA ASN D 110 -46.16 -23.03 -7.68
C ASN D 110 -47.67 -22.98 -7.40
N SER D 111 -48.43 -23.88 -8.01
CA SER D 111 -49.88 -23.81 -7.92
C SER D 111 -50.40 -24.10 -6.51
N SER D 112 -49.58 -24.65 -5.64
CA SER D 112 -49.95 -25.13 -4.33
C SER D 112 -49.58 -24.11 -3.25
N GLY D 113 -48.89 -23.05 -3.65
CA GLY D 113 -48.53 -21.92 -2.83
C GLY D 113 -47.13 -21.95 -2.30
N HIS D 114 -46.39 -23.03 -2.53
CA HIS D 114 -45.05 -23.14 -1.96
CA HIS D 114 -45.06 -23.17 -1.97
C HIS D 114 -44.15 -22.14 -2.65
N CYS D 115 -43.62 -21.19 -1.87
CA CYS D 115 -42.79 -20.13 -2.38
C CYS D 115 -41.34 -20.50 -2.18
N GLN D 116 -40.55 -20.21 -3.20
CA GLN D 116 -39.14 -20.53 -3.23
C GLN D 116 -38.40 -19.25 -3.57
N TYR D 117 -37.44 -18.89 -2.72
CA TYR D 117 -36.69 -17.64 -2.83
C TYR D 117 -35.20 -17.90 -2.65
N LEU D 118 -34.40 -17.66 -3.68
CA LEU D 118 -32.97 -18.02 -3.71
C LEU D 118 -32.12 -16.82 -4.09
N PRO D 119 -32.04 -15.81 -3.24
CA PRO D 119 -31.26 -14.63 -3.58
C PRO D 119 -29.78 -14.94 -3.63
N PRO D 120 -29.05 -14.51 -4.66
CA PRO D 120 -27.59 -14.59 -4.60
C PRO D 120 -27.03 -13.39 -3.85
N GLY D 121 -25.79 -13.55 -3.41
CA GLY D 121 -25.14 -12.43 -2.77
C GLY D 121 -23.68 -12.69 -2.50
N ILE D 122 -22.91 -11.62 -2.45
CA ILE D 122 -21.56 -11.63 -1.91
C ILE D 122 -21.72 -11.17 -0.46
N PHE D 123 -21.53 -12.07 0.50
CA PHE D 123 -21.81 -11.78 1.89
C PHE D 123 -20.51 -11.64 2.67
N LYS D 124 -20.37 -10.54 3.39
CA LYS D 124 -19.28 -10.32 4.32
C LYS D 124 -19.80 -10.52 5.73
N SER D 125 -19.12 -11.37 6.50
CA SER D 125 -19.53 -11.74 7.85
C SER D 125 -18.38 -11.49 8.80
N SER D 126 -18.71 -10.92 9.96
CA SER D 126 -17.74 -10.67 11.02
C SER D 126 -17.43 -11.99 11.72
N CYS D 127 -16.34 -12.63 11.31
CA CYS D 127 -15.94 -13.93 11.82
C CYS D 127 -14.69 -13.83 12.69
N TYR D 128 -14.75 -14.37 13.90
CA TYR D 128 -13.58 -14.46 14.75
C TYR D 128 -12.58 -15.45 14.16
N ILE D 129 -11.42 -14.95 13.77
CA ILE D 129 -10.38 -15.76 13.14
C ILE D 129 -9.38 -16.16 14.20
N ASP D 130 -9.42 -17.43 14.62
CA ASP D 130 -8.45 -17.94 15.58
C ASP D 130 -7.13 -18.11 14.84
N VAL D 131 -6.20 -17.20 15.08
CA VAL D 131 -4.90 -17.23 14.44
C VAL D 131 -3.86 -17.93 15.30
N ARG D 132 -4.29 -18.67 16.33
CA ARG D 132 -3.36 -19.30 17.25
C ARG D 132 -2.43 -20.27 16.54
N TRP D 133 -2.94 -21.03 15.57
CA TRP D 133 -2.20 -22.11 14.93
C TRP D 133 -1.75 -21.81 13.51
N PHE D 134 -2.09 -20.64 12.94
CA PHE D 134 -1.66 -20.19 11.61
C PHE D 134 -0.18 -20.49 11.41
N PRO D 135 0.26 -21.00 10.24
CA PRO D 135 -0.50 -21.27 9.01
C PRO D 135 -1.23 -22.60 9.05
N PHE D 136 -0.93 -23.48 10.01
CA PHE D 136 -1.65 -24.75 10.11
C PHE D 136 -2.95 -24.58 10.87
N ASP D 137 -3.77 -23.60 10.48
CA ASP D 137 -4.97 -23.25 11.23
C ASP D 137 -6.22 -23.82 10.58
N VAL D 138 -7.21 -24.08 11.40
CA VAL D 138 -8.57 -24.41 10.98
C VAL D 138 -9.48 -23.37 11.60
N GLN D 139 -10.34 -22.78 10.78
CA GLN D 139 -11.24 -21.72 11.19
C GLN D 139 -12.66 -22.24 11.18
N HIS D 140 -13.46 -21.76 12.12
CA HIS D 140 -14.89 -22.09 12.22
C HIS D 140 -15.64 -20.76 12.19
N CYS D 141 -16.07 -20.37 11.00
CA CYS D 141 -16.72 -19.09 10.79
C CYS D 141 -18.22 -19.27 10.77
N LYS D 142 -18.91 -18.57 11.65
CA LYS D 142 -20.35 -18.69 11.79
C LYS D 142 -21.03 -17.67 10.89
N LEU D 143 -22.05 -18.14 10.18
CA LEU D 143 -22.98 -17.28 9.45
C LEU D 143 -24.31 -17.45 10.16
N LYS D 144 -24.70 -16.44 10.91
CA LYS D 144 -25.91 -16.47 11.72
C LYS D 144 -27.01 -15.73 10.99
N PHE D 145 -28.07 -16.44 10.63
CA PHE D 145 -29.19 -15.90 9.89
C PHE D 145 -30.46 -16.00 10.72
N GLY D 146 -31.27 -14.96 10.67
CA GLY D 146 -32.53 -14.99 11.39
C GLY D 146 -33.41 -13.86 10.93
N SER D 147 -34.71 -14.03 11.15
CA SER D 147 -35.64 -12.94 10.92
C SER D 147 -35.39 -11.84 11.92
N TRP D 148 -35.22 -10.61 11.43
CA TRP D 148 -34.89 -9.50 12.30
C TRP D 148 -36.05 -9.12 13.21
N SER D 149 -37.27 -9.09 12.69
CA SER D 149 -38.40 -8.49 13.39
C SER D 149 -39.57 -9.43 13.64
N TYR D 150 -39.45 -10.72 13.33
CA TYR D 150 -40.48 -11.71 13.64
C TYR D 150 -39.90 -12.68 14.65
N GLY D 151 -40.59 -12.85 15.77
CA GLY D 151 -40.16 -13.77 16.81
C GLY D 151 -40.71 -15.16 16.60
N GLY D 152 -40.40 -16.03 17.56
CA GLY D 152 -40.78 -17.43 17.44
C GLY D 152 -42.28 -17.64 17.37
N TRP D 153 -43.05 -16.78 18.03
CA TRP D 153 -44.51 -16.91 17.99
C TRP D 153 -45.09 -16.57 16.63
N SER D 154 -44.31 -16.00 15.71
CA SER D 154 -44.78 -15.60 14.39
C SER D 154 -44.06 -16.30 13.25
N LEU D 155 -42.74 -16.42 13.29
CA LEU D 155 -41.96 -17.05 12.21
C LEU D 155 -41.21 -18.23 12.80
N ASP D 156 -41.69 -19.44 12.50
CA ASP D 156 -41.07 -20.67 12.98
C ASP D 156 -39.95 -21.02 12.03
N LEU D 157 -38.76 -20.52 12.30
CA LEU D 157 -37.62 -20.81 11.43
C LEU D 157 -37.19 -22.26 11.61
N GLN D 158 -36.99 -22.96 10.49
CA GLN D 158 -36.50 -24.33 10.49
C GLN D 158 -35.32 -24.44 9.54
N MET D 159 -34.36 -25.26 9.90
CA MET D 159 -33.11 -25.39 9.17
C MET D 159 -33.15 -26.60 8.25
N GLN D 160 -32.56 -26.44 7.08
CA GLN D 160 -32.32 -27.52 6.14
C GLN D 160 -30.82 -27.63 5.91
N GLU D 161 -30.37 -28.85 5.62
CA GLU D 161 -28.93 -29.09 5.54
C GLU D 161 -28.30 -28.31 4.40
N ALA D 162 -27.09 -27.80 4.65
CA ALA D 162 -26.44 -26.94 3.68
C ALA D 162 -26.13 -27.70 2.41
N ASP D 163 -26.20 -26.97 1.31
CA ASP D 163 -25.90 -27.47 -0.02
C ASP D 163 -24.47 -27.11 -0.45
N ILE D 164 -23.70 -28.11 -0.88
CA ILE D 164 -22.32 -27.91 -1.32
C ILE D 164 -21.99 -28.62 -2.63
N SER D 165 -23.00 -29.08 -3.37
CA SER D 165 -22.74 -29.80 -4.61
C SER D 165 -22.04 -28.91 -5.62
N GLY D 166 -22.47 -27.66 -5.73
CA GLY D 166 -21.90 -26.74 -6.69
C GLY D 166 -20.72 -25.95 -6.17
N TYR D 167 -20.25 -26.27 -4.96
CA TYR D 167 -19.11 -25.58 -4.38
C TYR D 167 -17.92 -25.67 -5.31
N ILE D 168 -17.24 -24.55 -5.50
CA ILE D 168 -16.04 -24.47 -6.32
C ILE D 168 -14.85 -24.36 -5.37
N PRO D 169 -13.90 -25.35 -5.35
CA PRO D 169 -12.71 -25.24 -4.49
C PRO D 169 -12.02 -23.90 -4.58
N ASN D 170 -11.21 -23.57 -3.58
CA ASN D 170 -10.61 -22.25 -3.44
C ASN D 170 -9.15 -22.20 -3.87
N GLY D 171 -8.31 -23.06 -3.30
CA GLY D 171 -6.89 -23.02 -3.55
C GLY D 171 -6.17 -22.88 -2.23
N GLU D 172 -6.74 -22.07 -1.34
CA GLU D 172 -6.17 -21.81 -0.04
C GLU D 172 -6.93 -22.48 1.10
N TRP D 173 -8.16 -22.94 0.86
CA TRP D 173 -9.01 -23.44 1.93
C TRP D 173 -9.72 -24.72 1.50
N ASP D 174 -9.69 -25.73 2.37
CA ASP D 174 -10.38 -27.00 2.14
C ASP D 174 -11.62 -27.00 3.00
N LEU D 175 -12.78 -26.78 2.38
CA LEU D 175 -14.03 -26.87 3.09
C LEU D 175 -14.11 -28.22 3.81
N VAL D 176 -14.11 -28.19 5.15
CA VAL D 176 -14.22 -29.42 5.94
C VAL D 176 -15.67 -29.74 6.24
N GLY D 177 -16.58 -28.82 5.98
CA GLY D 177 -18.00 -29.03 6.16
C GLY D 177 -18.65 -27.74 6.60
N ILE D 178 -19.97 -27.69 6.43
CA ILE D 178 -20.76 -26.54 6.84
C ILE D 178 -21.91 -27.05 7.72
N PRO D 179 -21.61 -27.56 8.91
CA PRO D 179 -22.69 -27.99 9.81
C PRO D 179 -23.51 -26.80 10.31
N GLY D 180 -24.83 -26.98 10.33
CA GLY D 180 -25.74 -25.96 10.78
C GLY D 180 -26.39 -26.35 12.09
N LYS D 181 -27.03 -25.36 12.72
CA LYS D 181 -27.73 -25.57 13.97
C LYS D 181 -28.80 -24.50 14.14
N ARG D 182 -29.99 -24.92 14.55
CA ARG D 182 -31.09 -24.03 14.88
C ARG D 182 -31.12 -23.81 16.39
N SER D 183 -31.17 -22.54 16.79
CA SER D 183 -31.20 -22.16 18.19
C SER D 183 -32.45 -21.32 18.44
N GLU D 184 -32.90 -21.32 19.69
CA GLU D 184 -34.02 -20.49 20.13
C GLU D 184 -33.47 -19.65 21.28
N ARG D 185 -33.07 -18.40 21.01
CA ARG D 185 -32.47 -17.54 22.01
C ARG D 185 -33.44 -16.44 22.43
N PHE D 186 -33.28 -15.98 23.67
CA PHE D 186 -34.00 -14.83 24.20
C PHE D 186 -33.09 -13.60 24.15
N TYR D 187 -33.69 -12.45 23.86
CA TYR D 187 -32.96 -11.19 23.80
C TYR D 187 -33.51 -10.21 24.81
N GLU D 188 -32.60 -9.37 25.28
CA GLU D 188 -32.81 -8.32 26.27
C GLU D 188 -33.64 -7.14 25.77
N CYS D 189 -34.12 -7.19 24.53
CA CYS D 189 -34.90 -6.13 23.92
C CYS D 189 -36.37 -6.40 24.08
N CYS D 190 -36.72 -7.68 24.18
CA CYS D 190 -38.02 -8.19 23.82
C CYS D 190 -38.27 -9.42 24.67
N LYS D 191 -39.53 -9.81 24.81
CA LYS D 191 -39.90 -10.97 25.60
C LYS D 191 -40.10 -12.21 24.73
N GLU D 192 -40.74 -12.04 23.59
CA GLU D 192 -40.89 -13.12 22.64
C GLU D 192 -39.51 -13.63 22.21
N PRO D 193 -39.23 -14.94 22.25
CA PRO D 193 -37.91 -15.42 21.83
C PRO D 193 -37.75 -15.28 20.32
N TYR D 194 -36.51 -15.37 19.86
CA TYR D 194 -36.21 -15.25 18.43
C TYR D 194 -35.36 -16.43 17.98
N PRO D 195 -35.80 -17.23 17.00
CA PRO D 195 -34.95 -18.31 16.48
C PRO D 195 -34.00 -17.85 15.39
N ASP D 196 -32.87 -18.52 15.34
CA ASP D 196 -31.88 -18.28 14.30
C ASP D 196 -31.31 -19.62 13.84
N VAL D 197 -30.81 -19.60 12.61
CA VAL D 197 -30.08 -20.72 12.02
C VAL D 197 -28.66 -20.23 11.78
N THR D 198 -27.70 -20.91 12.38
CA THR D 198 -26.29 -20.58 12.26
C THR D 198 -25.59 -21.71 11.52
N PHE D 199 -24.95 -21.37 10.41
CA PHE D 199 -24.12 -22.30 9.66
C PHE D 199 -22.68 -21.99 10.00
N THR D 200 -21.97 -22.99 10.52
CA THR D 200 -20.55 -22.86 10.87
C THR D 200 -19.76 -23.40 9.69
N VAL D 201 -19.19 -22.51 8.91
CA VAL D 201 -18.31 -22.90 7.81
C VAL D 201 -16.97 -23.28 8.41
N THR D 202 -16.59 -24.55 8.29
CA THR D 202 -15.33 -25.05 8.80
C THR D 202 -14.36 -25.18 7.63
N MET D 203 -13.20 -24.54 7.76
CA MET D 203 -12.26 -24.38 6.67
C MET D 203 -10.88 -24.78 7.17
N ARG D 204 -10.18 -25.62 6.42
CA ARG D 204 -8.79 -25.98 6.71
C ARG D 204 -7.88 -25.22 5.75
N ARG D 205 -6.91 -24.50 6.29
CA ARG D 205 -5.97 -23.79 5.42
C ARG D 205 -5.02 -24.77 4.76
N ARG D 206 -4.94 -24.71 3.44
CA ARG D 206 -3.90 -25.44 2.72
C ARG D 206 -2.57 -24.75 2.95
N THR D 207 -1.58 -25.51 3.41
CA THR D 207 -0.36 -24.95 3.97
C THR D 207 0.81 -24.94 2.99
N LEU D 208 0.61 -25.39 1.76
CA LEU D 208 1.71 -25.40 0.79
C LEU D 208 2.16 -23.99 0.45
N TYR D 209 1.22 -23.07 0.23
CA TYR D 209 1.58 -21.73 -0.20
C TYR D 209 2.38 -21.00 0.87
N TYR D 210 1.84 -20.92 2.08
CA TYR D 210 2.55 -20.28 3.19
C TYR D 210 3.76 -21.08 3.61
N GLY D 211 3.71 -22.40 3.47
CA GLY D 211 4.90 -23.19 3.72
C GLY D 211 6.04 -22.82 2.80
N LEU D 212 5.74 -22.68 1.51
CA LEU D 212 6.78 -22.40 0.53
C LEU D 212 7.27 -20.95 0.59
N ASN D 213 6.38 -20.02 0.95
CA ASN D 213 6.71 -18.60 0.96
C ASN D 213 7.15 -18.04 2.31
N LEU D 214 6.85 -18.71 3.42
CA LEU D 214 7.19 -18.19 4.74
C LEU D 214 8.04 -19.15 5.54
N LEU D 215 7.66 -20.42 5.63
CA LEU D 215 8.32 -21.30 6.58
C LEU D 215 9.65 -21.79 6.02
N ILE D 216 9.64 -22.37 4.83
CA ILE D 216 10.87 -22.92 4.26
C ILE D 216 11.83 -21.79 3.91
N PRO D 217 11.39 -20.64 3.38
CA PRO D 217 12.35 -19.55 3.12
C PRO D 217 13.06 -19.08 4.37
N CYS D 218 12.31 -18.91 5.46
CA CYS D 218 12.89 -18.50 6.72
C CYS D 218 13.84 -19.57 7.26
N VAL D 219 13.46 -20.84 7.17
CA VAL D 219 14.35 -21.93 7.58
C VAL D 219 15.68 -21.82 6.86
N LEU D 220 15.64 -21.59 5.55
CA LEU D 220 16.87 -21.60 4.75
C LEU D 220 17.70 -20.33 4.96
N ILE D 221 17.03 -19.19 5.15
CA ILE D 221 17.76 -17.96 5.46
C ILE D 221 18.32 -18.05 6.86
N SER D 222 17.57 -18.67 7.76
CA SER D 222 18.02 -18.88 9.13
C SER D 222 19.21 -19.83 9.17
N ALA D 223 19.24 -20.76 8.21
CA ALA D 223 20.37 -21.68 8.09
C ALA D 223 21.62 -20.94 7.65
N LEU D 224 21.48 -19.96 6.76
CA LEU D 224 22.61 -19.13 6.37
C LEU D 224 23.24 -18.41 7.56
N ALA D 225 22.40 -18.03 8.49
CA ALA D 225 22.95 -17.44 9.71
C ALA D 225 23.94 -18.36 10.40
N LEU D 226 23.67 -19.67 10.39
CA LEU D 226 24.61 -20.60 11.02
C LEU D 226 25.94 -20.67 10.29
N LEU D 227 26.03 -20.21 9.04
CA LEU D 227 27.32 -20.18 8.35
C LEU D 227 28.33 -19.26 9.01
N VAL D 228 27.89 -18.37 9.90
CA VAL D 228 28.83 -17.50 10.61
C VAL D 228 29.75 -18.35 11.47
N PHE D 229 29.24 -19.46 12.00
CA PHE D 229 30.06 -20.33 12.83
C PHE D 229 31.06 -21.14 12.00
N LEU D 230 30.94 -21.15 10.67
CA LEU D 230 31.94 -21.75 9.81
C LEU D 230 32.83 -20.73 9.12
N LEU D 231 32.42 -19.47 9.09
CA LEU D 231 33.27 -18.43 8.54
C LEU D 231 34.53 -18.28 9.39
N PRO D 232 35.70 -18.08 8.78
CA PRO D 232 36.86 -17.68 9.58
C PRO D 232 36.70 -16.26 10.08
N ALA D 233 37.38 -15.98 11.21
CA ALA D 233 37.33 -14.64 11.78
C ALA D 233 38.13 -13.65 10.93
N ASP D 234 39.24 -14.10 10.35
CA ASP D 234 40.08 -13.20 9.55
C ASP D 234 39.37 -12.70 8.30
N SER D 235 38.26 -13.32 7.89
CA SER D 235 37.51 -12.82 6.75
C SER D 235 36.99 -11.41 7.00
N GLY D 236 36.74 -11.07 8.26
CA GLY D 236 36.22 -9.77 8.60
C GLY D 236 34.80 -9.52 8.12
N GLU D 237 33.96 -10.55 8.09
CA GLU D 237 32.57 -10.39 7.68
C GLU D 237 31.61 -11.23 8.52
N LYS D 238 32.04 -11.75 9.67
CA LYS D 238 31.13 -12.52 10.52
C LYS D 238 29.96 -11.66 10.98
N ILE D 239 30.26 -10.50 11.58
CA ILE D 239 29.20 -9.62 12.08
C ILE D 239 28.35 -9.12 10.92
N SER D 240 29.00 -8.76 9.81
CA SER D 240 28.26 -8.29 8.64
C SER D 240 27.26 -9.32 8.18
N LEU D 241 27.71 -10.56 7.97
CA LEU D 241 26.79 -11.62 7.52
C LEU D 241 25.68 -11.83 8.53
N GLY D 242 26.04 -11.97 9.81
CA GLY D 242 25.04 -12.27 10.81
C GLY D 242 24.01 -11.18 11.00
N ILE D 243 24.47 -9.93 11.12
CA ILE D 243 23.55 -8.83 11.36
C ILE D 243 22.69 -8.58 10.11
N THR D 244 23.30 -8.73 8.94
CA THR D 244 22.55 -8.60 7.69
C THR D 244 21.45 -9.64 7.59
N VAL D 245 21.76 -10.89 7.94
CA VAL D 245 20.76 -11.96 7.86
C VAL D 245 19.63 -11.73 8.85
N LEU D 246 19.95 -11.30 10.07
CA LEU D 246 18.92 -11.08 11.08
C LEU D 246 17.97 -9.98 10.66
N LEU D 247 18.50 -8.84 10.24
CA LEU D 247 17.68 -7.72 9.81
C LEU D 247 16.95 -8.01 8.52
N SER D 248 17.45 -8.97 7.74
CA SER D 248 16.70 -9.46 6.59
C SER D 248 15.54 -10.32 7.03
N LEU D 249 15.68 -11.06 8.12
CA LEU D 249 14.60 -11.91 8.62
C LEU D 249 13.40 -11.10 9.09
N THR D 250 13.60 -9.82 9.44
CA THR D 250 12.47 -8.97 9.82
C THR D 250 11.41 -8.84 8.73
N VAL D 251 11.76 -9.07 7.47
CA VAL D 251 10.77 -8.92 6.40
C VAL D 251 9.65 -9.93 6.58
N PHE D 252 9.98 -11.13 7.08
CA PHE D 252 8.95 -12.15 7.29
C PHE D 252 7.99 -11.73 8.39
N MET D 253 8.50 -11.13 9.47
CA MET D 253 7.63 -10.62 10.51
C MET D 253 6.77 -9.48 9.98
N LEU D 254 7.35 -8.64 9.12
CA LEU D 254 6.57 -7.58 8.48
C LEU D 254 5.47 -8.17 7.61
N LEU D 255 5.77 -9.24 6.87
CA LEU D 255 4.75 -9.88 6.05
C LEU D 255 3.62 -10.44 6.90
N VAL D 256 3.96 -11.11 8.01
CA VAL D 256 2.96 -11.66 8.91
C VAL D 256 2.09 -10.53 9.47
N ALA D 257 2.71 -9.41 9.84
CA ALA D 257 1.95 -8.27 10.33
C ALA D 257 0.98 -7.75 9.29
N GLU D 258 1.38 -7.74 8.01
CA GLU D 258 0.45 -7.42 6.94
C GLU D 258 -0.73 -8.40 6.90
N ILE D 259 -0.52 -9.63 7.35
CA ILE D 259 -1.56 -10.66 7.31
C ILE D 259 -2.37 -10.72 8.60
N MET D 260 -1.69 -10.74 9.76
CA MET D 260 -2.37 -11.08 11.00
C MET D 260 -3.14 -9.89 11.58
N PRO D 261 -4.20 -10.16 12.35
CA PRO D 261 -4.89 -9.06 13.05
C PRO D 261 -4.12 -8.61 14.28
N ALA D 262 -4.46 -7.40 14.74
CA ALA D 262 -3.81 -6.82 15.92
C ALA D 262 -4.56 -7.20 17.20
N THR D 263 -4.55 -8.49 17.49
CA THR D 263 -5.31 -9.06 18.60
C THR D 263 -4.36 -9.64 19.65
N SER D 264 -4.81 -9.62 20.89
CA SER D 264 -4.05 -10.10 22.03
C SER D 264 -4.63 -11.37 22.63
N ASP D 265 -5.61 -11.99 21.95
CA ASP D 265 -6.15 -13.26 22.41
C ASP D 265 -5.08 -14.33 22.50
N SER D 266 -4.13 -14.32 21.56
CA SER D 266 -3.11 -15.36 21.51
C SER D 266 -1.96 -14.88 20.62
N VAL D 267 -0.92 -15.69 20.56
CA VAL D 267 0.25 -15.49 19.71
C VAL D 267 0.19 -16.52 18.59
N PRO D 268 0.12 -16.13 17.32
CA PRO D 268 0.12 -17.14 16.25
C PRO D 268 1.38 -17.98 16.25
N LEU D 269 1.21 -19.25 15.88
CA LEU D 269 2.33 -20.19 15.82
C LEU D 269 3.44 -19.68 14.92
N ILE D 270 3.08 -19.06 13.79
CA ILE D 270 4.09 -18.51 12.89
C ILE D 270 4.94 -17.47 13.61
N ALA D 271 4.30 -16.62 14.43
CA ALA D 271 5.04 -15.61 15.18
C ALA D 271 5.97 -16.26 16.19
N GLN D 272 5.52 -17.32 16.85
CA GLN D 272 6.37 -17.97 17.85
C GLN D 272 7.56 -18.63 17.17
N TYR D 273 7.36 -19.19 15.98
CA TYR D 273 8.48 -19.78 15.27
C TYR D 273 9.41 -18.71 14.74
N PHE D 274 8.86 -17.66 14.14
CA PHE D 274 9.70 -16.58 13.66
C PHE D 274 10.45 -15.91 14.80
N ALA D 275 9.80 -15.72 15.95
CA ALA D 275 10.45 -15.09 17.09
C ALA D 275 11.60 -15.94 17.63
N SER D 276 11.38 -17.25 17.75
CA SER D 276 12.46 -18.13 18.22
C SER D 276 13.61 -18.12 17.23
N THR D 277 13.29 -18.10 15.94
CA THR D 277 14.30 -18.04 14.90
C THR D 277 15.15 -16.78 15.03
N MET D 278 14.52 -15.61 15.14
CA MET D 278 15.28 -14.38 15.27
C MET D 278 16.07 -14.35 16.57
N ILE D 279 15.51 -14.89 17.65
CA ILE D 279 16.25 -14.92 18.91
C ILE D 279 17.47 -15.82 18.76
N ILE D 280 17.33 -16.95 18.06
CA ILE D 280 18.48 -17.83 17.88
C ILE D 280 19.53 -17.15 16.99
N VAL D 281 19.09 -16.44 15.95
CA VAL D 281 20.03 -15.72 15.10
C VAL D 281 20.66 -14.57 15.87
N GLY D 282 19.87 -13.87 16.69
CA GLY D 282 20.40 -12.80 17.50
C GLY D 282 21.40 -13.29 18.52
N LEU D 283 21.15 -14.45 19.11
CA LEU D 283 22.12 -15.06 20.02
C LEU D 283 23.38 -15.49 19.27
N SER D 284 23.25 -15.88 18.01
CA SER D 284 24.44 -16.16 17.20
C SER D 284 25.27 -14.89 17.01
N VAL D 285 24.61 -13.74 16.88
CA VAL D 285 25.34 -12.48 16.79
C VAL D 285 26.04 -12.20 18.10
N VAL D 286 25.37 -12.44 19.23
CA VAL D 286 25.98 -12.22 20.54
C VAL D 286 27.18 -13.13 20.70
N VAL D 287 27.03 -14.40 20.30
CA VAL D 287 28.12 -15.35 20.39
C VAL D 287 29.21 -15.00 19.38
N THR D 288 28.86 -14.39 18.26
CA THR D 288 29.86 -13.91 17.32
C THR D 288 30.70 -12.80 17.95
N VAL D 289 30.06 -11.92 18.70
CA VAL D 289 30.79 -10.87 19.42
C VAL D 289 31.76 -11.49 20.41
N ILE D 290 31.33 -12.53 21.15
CA ILE D 290 32.23 -13.20 22.09
C ILE D 290 33.36 -13.88 21.35
N VAL D 291 33.05 -14.53 20.21
CA VAL D 291 34.08 -15.20 19.42
C VAL D 291 35.12 -14.19 18.95
N LEU D 292 34.66 -13.03 18.48
CA LEU D 292 35.59 -12.01 18.01
C LEU D 292 36.37 -11.41 19.18
N GLN D 293 35.81 -11.43 20.39
CA GLN D 293 36.58 -10.98 21.53
C GLN D 293 37.71 -11.96 21.82
N TYR D 294 37.44 -13.25 21.66
CA TYR D 294 38.48 -14.25 21.84
C TYR D 294 39.51 -14.16 20.73
N HIS D 295 39.06 -13.97 19.49
CA HIS D 295 39.98 -13.92 18.35
C HIS D 295 40.86 -12.67 18.41
N HIS D 296 40.25 -11.52 18.66
CA HIS D 296 40.96 -10.24 18.76
C HIS D 296 41.36 -9.92 20.20
N HIS D 297 42.01 -10.85 20.89
CA HIS D 297 42.37 -10.67 22.28
C HIS D 297 43.82 -10.18 22.38
N ASP D 298 44.02 -9.12 23.15
CA ASP D 298 45.34 -8.53 23.30
C ASP D 298 46.25 -9.52 24.05
N PRO D 299 47.37 -9.98 23.47
CA PRO D 299 48.19 -10.99 24.17
C PRO D 299 48.71 -10.52 25.51
N ASP D 300 48.98 -9.23 25.67
CA ASP D 300 49.48 -8.68 26.90
C ASP D 300 48.37 -8.25 27.85
N GLY D 301 47.12 -8.60 27.54
CA GLY D 301 46.00 -8.31 28.43
C GLY D 301 45.89 -9.39 29.48
N GLY D 302 44.65 -9.67 29.89
CA GLY D 302 44.43 -10.68 30.90
C GLY D 302 44.92 -12.05 30.46
N LYS D 303 45.19 -12.89 31.46
CA LYS D 303 45.64 -14.25 31.21
C LYS D 303 44.42 -15.15 31.04
N MET D 304 44.64 -16.31 30.44
CA MET D 304 43.53 -17.19 30.11
C MET D 304 42.99 -17.88 31.37
N PRO D 305 41.73 -17.66 31.77
CA PRO D 305 41.19 -18.37 32.94
C PRO D 305 41.29 -19.88 32.76
N LYS D 306 41.83 -20.55 33.79
CA LYS D 306 41.93 -22.02 33.77
C LYS D 306 40.60 -22.66 33.38
N TRP D 307 39.49 -22.12 33.88
CA TRP D 307 38.18 -22.68 33.54
C TRP D 307 37.99 -22.73 32.03
N THR D 308 38.45 -21.68 31.34
CA THR D 308 38.39 -21.67 29.89
C THR D 308 39.39 -22.65 29.29
N ARG D 309 40.64 -22.62 29.77
CA ARG D 309 41.70 -23.45 29.21
C ARG D 309 41.38 -24.95 29.25
N VAL D 310 40.41 -25.38 30.07
CA VAL D 310 40.04 -26.78 30.20
C VAL D 310 38.66 -27.03 29.60
N ILE D 311 37.67 -26.21 29.95
CA ILE D 311 36.31 -26.44 29.46
C ILE D 311 36.25 -26.36 27.94
N LEU D 312 37.23 -25.72 27.30
CA LEU D 312 37.21 -25.50 25.85
C LEU D 312 38.38 -26.14 25.14
N LEU D 313 39.62 -25.93 25.62
CA LEU D 313 40.78 -26.44 24.89
C LEU D 313 41.19 -27.85 25.29
N ASN D 314 40.47 -28.49 26.21
CA ASN D 314 40.77 -29.84 26.67
C ASN D 314 39.59 -30.77 26.41
N TRP D 315 38.42 -30.48 26.97
CA TRP D 315 37.27 -31.38 26.82
C TRP D 315 36.57 -31.11 25.49
N CYS D 316 35.84 -29.99 25.39
CA CYS D 316 35.12 -29.65 24.15
C CYS D 316 36.02 -29.74 22.92
N ALA D 317 37.31 -29.43 23.08
CA ALA D 317 38.23 -29.50 21.95
C ALA D 317 38.46 -30.95 21.53
N TRP D 318 38.55 -31.85 22.50
CA TRP D 318 38.75 -33.27 22.21
C TRP D 318 37.47 -33.91 21.68
N PHE D 319 36.35 -33.67 22.36
CA PHE D 319 35.03 -34.16 21.94
C PHE D 319 34.78 -33.97 20.45
N LEU D 320 35.16 -32.81 19.92
CA LEU D 320 34.88 -32.45 18.54
C LEU D 320 35.98 -32.87 17.58
N ARG D 321 37.05 -33.48 18.09
CA ARG D 321 38.13 -34.02 17.25
C ARG D 321 38.78 -32.91 16.42
N MET D 322 39.31 -31.91 17.12
CA MET D 322 39.85 -30.73 16.46
C MET D 322 41.37 -30.60 16.61
N LYS D 323 41.89 -30.63 17.82
CA LYS D 323 43.32 -30.43 18.07
C LYS D 323 43.72 -29.00 17.69
N PRO D 479 85.73 -5.17 21.41
CA PRO D 479 84.65 -4.40 22.02
C PRO D 479 83.46 -4.25 21.11
N ASP D 480 83.71 -4.06 19.82
CA ASP D 480 82.61 -3.82 18.89
C ASP D 480 81.79 -5.06 18.77
N LEU D 481 82.43 -6.22 18.79
CA LEU D 481 81.70 -7.49 18.64
C LEU D 481 80.76 -7.72 19.79
N ALA D 482 81.09 -7.23 20.98
CA ALA D 482 80.21 -7.37 22.13
C ALA D 482 79.05 -6.46 21.93
N LYS D 483 79.30 -5.24 21.49
CA LYS D 483 78.22 -4.32 21.17
C LYS D 483 77.33 -4.89 20.07
N ILE D 484 77.92 -5.65 19.14
CA ILE D 484 77.12 -6.24 18.07
C ILE D 484 76.29 -7.39 18.64
N LEU D 485 76.89 -8.19 19.53
CA LEU D 485 76.16 -9.26 20.19
C LEU D 485 74.97 -8.72 20.98
N GLU D 486 75.18 -7.62 21.70
CA GLU D 486 74.08 -7.02 22.44
C GLU D 486 72.96 -6.61 21.50
N GLU D 487 73.29 -5.85 20.46
CA GLU D 487 72.25 -5.34 19.57
C GLU D 487 71.50 -6.48 18.85
N VAL D 488 72.23 -7.48 18.35
CA VAL D 488 71.60 -8.57 17.63
C VAL D 488 70.78 -9.44 18.58
N ARG D 489 71.16 -9.48 19.85
CA ARG D 489 70.43 -10.26 20.83
C ARG D 489 69.16 -9.56 21.26
N TYR D 490 69.12 -8.23 21.18
CA TYR D 490 67.88 -7.53 21.46
C TYR D 490 66.89 -7.75 20.33
N ILE D 491 67.37 -7.73 19.09
CA ILE D 491 66.50 -7.97 17.93
C ILE D 491 65.89 -9.35 18.04
N ALA D 492 66.70 -10.35 18.35
CA ALA D 492 66.21 -11.72 18.40
C ALA D 492 65.34 -11.96 19.63
N ASN D 493 65.66 -11.32 20.76
CA ASN D 493 64.80 -11.41 21.93
C ASN D 493 63.47 -10.74 21.66
N ARG D 494 63.49 -9.64 20.92
CA ARG D 494 62.25 -9.02 20.47
C ARG D 494 61.46 -10.02 19.63
N PHE D 495 62.13 -10.74 18.73
CA PHE D 495 61.46 -11.74 17.93
C PHE D 495 60.89 -12.85 18.80
N ARG D 496 61.62 -13.25 19.84
CA ARG D 496 61.12 -14.30 20.73
C ARG D 496 59.89 -13.82 21.49
N CYS D 497 59.89 -12.55 21.93
CA CYS D 497 58.71 -12.00 22.57
C CYS D 497 57.54 -11.96 21.59
N GLN D 498 57.79 -11.63 20.32
CA GLN D 498 56.71 -11.64 19.34
C GLN D 498 56.21 -13.07 19.11
N ASP D 499 57.11 -14.05 19.14
CA ASP D 499 56.69 -15.44 18.98
C ASP D 499 55.81 -15.88 20.13
N GLU D 500 56.19 -15.52 21.36
CA GLU D 500 55.37 -15.87 22.52
C GLU D 500 54.01 -15.18 22.43
N SER D 501 53.99 -13.93 21.99
CA SER D 501 52.71 -13.24 21.83
C SER D 501 51.85 -13.89 20.75
N GLU D 502 52.46 -14.30 19.63
CA GLU D 502 51.70 -15.03 18.62
C GLU D 502 51.17 -16.35 19.18
N ALA D 503 51.96 -17.02 20.02
CA ALA D 503 51.49 -18.27 20.60
C ALA D 503 50.30 -18.05 21.51
N VAL D 504 50.33 -17.01 22.35
CA VAL D 504 49.19 -16.71 23.20
C VAL D 504 47.99 -16.34 22.33
N CYS D 505 48.21 -15.49 21.32
CA CYS D 505 47.12 -15.15 20.41
C CYS D 505 46.62 -16.37 19.66
N SER D 506 47.53 -17.31 19.34
CA SER D 506 47.13 -18.51 18.62
C SER D 506 46.24 -19.38 19.49
N GLU D 507 46.54 -19.48 20.78
CA GLU D 507 45.68 -20.23 21.68
C GLU D 507 44.32 -19.56 21.81
N TRP D 508 44.29 -18.23 21.88
CA TRP D 508 43.01 -17.51 21.95
C TRP D 508 42.21 -17.71 20.67
N LYS D 509 42.88 -17.72 19.52
CA LYS D 509 42.19 -17.97 18.26
C LYS D 509 41.65 -19.40 18.20
N PHE D 510 42.42 -20.35 18.76
CA PHE D 510 41.92 -21.71 18.87
C PHE D 510 40.69 -21.78 19.75
N ALA D 511 40.67 -21.03 20.85
CA ALA D 511 39.46 -20.95 21.68
C ALA D 511 38.29 -20.41 20.89
N ALA D 512 38.52 -19.39 20.07
CA ALA D 512 37.47 -18.84 19.23
C ALA D 512 36.95 -19.88 18.25
N CYS D 513 37.86 -20.68 17.65
CA CYS D 513 37.44 -21.73 16.73
C CYS D 513 36.65 -22.82 17.42
N VAL D 514 37.08 -23.23 18.62
CA VAL D 514 36.34 -24.25 19.36
C VAL D 514 34.94 -23.75 19.70
N VAL D 515 34.83 -22.49 20.10
CA VAL D 515 33.51 -21.92 20.38
C VAL D 515 32.66 -21.89 19.11
N ASP D 516 33.26 -21.53 17.97
CA ASP D 516 32.55 -21.61 16.70
C ASP D 516 31.92 -22.97 16.50
N ARG D 517 32.70 -24.03 16.73
CA ARG D 517 32.22 -25.37 16.46
C ARG D 517 31.14 -25.78 17.45
N LEU D 518 31.35 -25.52 18.75
CA LEU D 518 30.32 -25.86 19.75
C LEU D 518 29.01 -25.16 19.46
N CYS D 519 29.06 -23.88 19.14
CA CYS D 519 27.83 -23.13 18.84
C CYS D 519 27.26 -23.53 17.49
N LEU D 520 28.09 -23.94 16.53
CA LEU D 520 27.56 -24.53 15.31
C LEU D 520 26.69 -25.73 15.67
N MET D 521 27.24 -26.64 16.46
CA MET D 521 26.48 -27.83 16.88
C MET D 521 25.24 -27.42 17.68
N ALA D 522 25.43 -26.57 18.70
CA ALA D 522 24.35 -26.22 19.61
C ALA D 522 23.25 -25.43 18.92
N PHE D 523 23.61 -24.47 18.07
CA PHE D 523 22.59 -23.68 17.40
C PHE D 523 21.91 -24.49 16.31
N SER D 524 22.62 -25.44 15.70
CA SER D 524 21.99 -26.38 14.78
C SER D 524 20.94 -27.22 15.50
N VAL D 525 21.30 -27.75 16.68
CA VAL D 525 20.36 -28.57 17.43
C VAL D 525 19.20 -27.71 17.92
N PHE D 526 19.50 -26.49 18.39
CA PHE D 526 18.44 -25.59 18.81
C PHE D 526 17.50 -25.30 17.65
N THR D 527 18.05 -25.02 16.47
CA THR D 527 17.23 -24.75 15.30
C THR D 527 16.34 -25.94 14.97
N ILE D 528 16.91 -27.14 14.94
CA ILE D 528 16.15 -28.33 14.57
C ILE D 528 15.02 -28.59 15.56
N ILE D 529 15.33 -28.63 16.86
CA ILE D 529 14.33 -28.89 17.89
C ILE D 529 13.25 -27.83 17.83
N CYS D 530 13.62 -26.58 18.14
CA CYS D 530 12.67 -25.46 18.16
C CYS D 530 11.77 -25.46 16.94
N THR D 531 12.37 -25.64 15.75
CA THR D 531 11.58 -25.63 14.53
C THR D 531 10.57 -26.77 14.56
N ILE D 532 11.04 -28.00 14.82
CA ILE D 532 10.18 -29.17 14.76
C ILE D 532 9.18 -29.14 15.92
N GLY D 533 9.66 -28.79 17.12
CA GLY D 533 8.78 -28.77 18.28
C GLY D 533 7.75 -27.66 18.26
N ILE D 534 8.00 -26.58 17.53
CA ILE D 534 6.99 -25.54 17.40
C ILE D 534 6.03 -25.90 16.27
N LEU D 535 6.54 -26.53 15.21
CA LEU D 535 5.68 -26.87 14.09
C LEU D 535 4.81 -28.08 14.39
N MET D 536 5.35 -29.08 15.08
CA MET D 536 4.58 -30.27 15.42
C MET D 536 3.75 -30.09 16.69
N SER D 537 3.83 -28.94 17.35
CA SER D 537 2.88 -28.61 18.40
C SER D 537 1.53 -28.19 17.84
N ALA D 538 1.40 -28.04 16.53
CA ALA D 538 0.11 -27.76 15.93
C ALA D 538 -0.67 -29.07 15.79
N PRO D 539 -1.92 -29.16 16.29
CA PRO D 539 -2.68 -30.41 16.11
C PRO D 539 -2.80 -30.86 14.66
N ASN D 540 -3.01 -29.93 13.74
CA ASN D 540 -3.24 -30.23 12.33
C ASN D 540 -1.97 -30.39 11.52
N PHE D 541 -0.78 -30.33 12.14
CA PHE D 541 0.48 -30.38 11.41
C PHE D 541 0.59 -31.64 10.55
N VAL D 542 0.26 -32.79 11.12
CA VAL D 542 0.45 -34.05 10.40
C VAL D 542 -0.51 -34.13 9.22
N GLU D 543 -1.80 -33.89 9.49
CA GLU D 543 -2.82 -33.79 8.45
C GLU D 543 -2.31 -32.95 7.28
N ALA D 544 -1.78 -31.77 7.59
CA ALA D 544 -1.29 -30.82 6.59
C ALA D 544 -0.19 -31.43 5.74
N VAL D 545 0.96 -31.75 6.36
CA VAL D 545 2.12 -32.31 5.66
C VAL D 545 1.74 -33.49 4.77
N SER D 546 0.68 -34.23 5.13
CA SER D 546 0.29 -35.41 4.37
C SER D 546 -0.60 -35.03 3.19
N LYS D 547 -1.49 -34.05 3.38
CA LYS D 547 -2.43 -33.66 2.34
C LYS D 547 -1.82 -32.66 1.36
N ASP D 548 -1.00 -31.73 1.83
CA ASP D 548 -0.56 -30.59 1.04
C ASP D 548 0.87 -30.72 0.53
N PHE D 549 1.61 -31.74 0.93
CA PHE D 549 2.99 -31.94 0.49
C PHE D 549 3.17 -33.37 -0.02
N GLU E 1 -56.49 -13.20 7.91
CA GLU E 1 -57.87 -12.64 7.89
C GLU E 1 -57.96 -11.45 8.83
N PHE E 2 -57.43 -11.58 10.05
CA PHE E 2 -57.42 -10.49 11.00
C PHE E 2 -56.16 -9.64 10.84
N GLN E 3 -55.08 -10.25 10.36
CA GLN E 3 -53.88 -9.49 10.07
C GLN E 3 -54.12 -8.60 8.86
N ARG E 4 -54.89 -9.11 7.89
CA ARG E 4 -55.21 -8.34 6.69
C ARG E 4 -56.14 -7.18 7.05
N LYS E 5 -57.16 -7.46 7.85
CA LYS E 5 -58.14 -6.44 8.22
C LYS E 5 -57.47 -5.32 9.02
N LEU E 6 -56.62 -5.68 9.98
CA LEU E 6 -55.93 -4.68 10.79
C LEU E 6 -54.96 -3.84 9.98
N TYR E 7 -54.20 -4.44 9.07
CA TYR E 7 -53.25 -3.68 8.27
C TYR E 7 -53.97 -2.64 7.41
N LYS E 8 -55.09 -3.02 6.82
CA LYS E 8 -55.89 -2.07 6.08
C LYS E 8 -56.41 -0.97 7.00
N GLU E 9 -56.79 -1.34 8.22
CA GLU E 9 -57.37 -0.37 9.15
C GLU E 9 -56.35 0.65 9.61
N LEU E 10 -55.10 0.24 9.81
CA LEU E 10 -54.13 1.11 10.46
C LEU E 10 -53.59 2.20 9.55
N VAL E 11 -53.76 2.08 8.23
CA VAL E 11 -53.22 3.05 7.29
C VAL E 11 -54.29 4.00 6.76
N LYS E 12 -55.51 3.93 7.27
CA LYS E 12 -56.54 4.88 6.87
C LYS E 12 -56.23 6.23 7.49
N ASN E 13 -56.03 7.24 6.65
CA ASN E 13 -55.73 8.61 7.02
C ASN E 13 -54.38 8.77 7.70
N TYR E 14 -53.54 7.73 7.72
CA TYR E 14 -52.24 7.83 8.36
C TYR E 14 -51.29 8.60 7.46
N ASN E 15 -50.57 9.55 8.04
CA ASN E 15 -49.60 10.38 7.35
C ASN E 15 -48.24 10.17 8.02
N PRO E 16 -47.22 9.65 7.34
CA PRO E 16 -45.92 9.47 8.00
C PRO E 16 -45.17 10.77 8.30
N LEU E 17 -45.76 11.93 8.01
CA LEU E 17 -45.15 13.21 8.36
C LEU E 17 -45.58 13.71 9.73
N GLU E 18 -46.77 13.32 10.19
CA GLU E 18 -47.31 13.82 11.45
C GLU E 18 -46.63 13.15 12.63
N ARG E 19 -46.17 13.91 13.63
CA ARG E 19 -45.60 13.35 14.86
C ARG E 19 -46.78 12.72 15.55
N PRO E 20 -46.67 11.46 15.96
CA PRO E 20 -47.87 10.75 16.46
C PRO E 20 -48.15 10.99 17.93
N VAL E 21 -48.61 12.20 18.24
CA VAL E 21 -49.00 12.61 19.58
C VAL E 21 -50.48 12.92 19.57
N ALA E 22 -51.09 12.81 20.74
CA ALA E 22 -52.52 13.13 20.86
C ALA E 22 -52.72 14.63 21.03
N ASN E 23 -51.86 15.25 21.83
CA ASN E 23 -51.87 16.69 22.09
C ASN E 23 -50.67 17.29 21.40
N ASP E 24 -50.93 18.16 20.41
CA ASP E 24 -49.86 18.72 19.59
C ASP E 24 -48.85 19.54 20.39
N SER E 25 -49.30 20.16 21.49
CA SER E 25 -48.41 21.06 22.23
C SER E 25 -47.32 20.32 22.99
N GLN E 26 -47.57 19.08 23.41
CA GLN E 26 -46.63 18.34 24.25
C GLN E 26 -45.57 17.64 23.41
N PRO E 27 -44.30 17.63 23.82
CA PRO E 27 -43.30 16.85 23.08
C PRO E 27 -43.60 15.36 23.13
N LEU E 28 -43.02 14.64 22.19
CA LEU E 28 -43.15 13.18 22.09
C LEU E 28 -41.93 12.54 22.70
N THR E 29 -42.15 11.71 23.71
CA THR E 29 -41.06 11.04 24.39
C THR E 29 -40.56 9.90 23.50
N VAL E 30 -39.28 9.93 23.16
CA VAL E 30 -38.62 8.85 22.45
C VAL E 30 -37.52 8.36 23.37
N TYR E 31 -37.53 7.08 23.69
CA TYR E 31 -36.47 6.46 24.48
C TYR E 31 -35.43 5.91 23.52
N PHE E 32 -34.21 6.41 23.63
CA PHE E 32 -33.12 6.01 22.78
C PHE E 32 -32.07 5.24 23.58
N SER E 33 -31.53 4.20 22.97
CA SER E 33 -30.42 3.46 23.54
C SER E 33 -29.78 2.70 22.38
N LEU E 34 -28.79 1.86 22.70
CA LEU E 34 -28.19 1.03 21.68
C LEU E 34 -27.69 -0.26 22.30
N SER E 35 -27.52 -1.27 21.45
CA SER E 35 -26.86 -2.51 21.80
C SER E 35 -25.57 -2.60 21.01
N LEU E 36 -24.44 -2.58 21.71
CA LEU E 36 -23.13 -2.69 21.08
C LEU E 36 -22.78 -4.16 20.91
N LEU E 37 -22.67 -4.61 19.66
CA LEU E 37 -22.35 -6.00 19.36
C LEU E 37 -20.87 -6.23 19.12
N GLN E 38 -20.16 -5.25 18.59
CA GLN E 38 -18.76 -5.46 18.27
C GLN E 38 -18.10 -4.12 17.97
N ILE E 39 -16.83 -4.02 18.29
CA ILE E 39 -15.98 -2.90 17.91
C ILE E 39 -15.19 -3.40 16.70
N MET E 40 -15.64 -3.01 15.51
CA MET E 40 -15.05 -3.57 14.29
C MET E 40 -13.68 -2.97 14.00
N ASP E 41 -13.51 -1.67 14.19
CA ASP E 41 -12.25 -1.04 13.84
C ASP E 41 -12.09 0.27 14.61
N VAL E 42 -10.85 0.56 14.95
CA VAL E 42 -10.43 1.85 15.47
C VAL E 42 -9.35 2.35 14.51
N ASP E 43 -9.73 3.23 13.59
CA ASP E 43 -8.80 3.82 12.63
C ASP E 43 -8.22 5.08 13.27
N GLU E 44 -7.07 4.97 13.90
CA GLU E 44 -6.53 6.11 14.59
C GLU E 44 -5.88 7.08 13.63
N LYS E 45 -5.38 6.62 12.49
CA LYS E 45 -4.85 7.54 11.49
C LYS E 45 -5.95 8.46 10.95
N ASN E 46 -7.14 7.92 10.71
CA ASN E 46 -8.27 8.72 10.23
C ASN E 46 -9.18 9.20 11.34
N GLN E 47 -8.94 8.79 12.59
CA GLN E 47 -9.74 9.25 13.73
C GLN E 47 -11.19 8.79 13.60
N VAL E 48 -11.38 7.52 13.27
CA VAL E 48 -12.70 6.96 13.02
C VAL E 48 -12.86 5.69 13.85
N LEU E 49 -14.08 5.46 14.31
CA LEU E 49 -14.48 4.26 15.02
C LEU E 49 -15.58 3.57 14.24
N THR E 50 -15.37 2.31 13.87
CA THR E 50 -16.37 1.49 13.20
C THR E 50 -16.94 0.48 14.18
N THR E 51 -18.25 0.50 14.38
CA THR E 51 -18.92 -0.39 15.33
C THR E 51 -20.15 -1.01 14.71
N ASN E 52 -20.44 -2.24 15.14
CA ASN E 52 -21.70 -2.90 14.83
C ASN E 52 -22.68 -2.58 15.96
N ILE E 53 -23.75 -1.85 15.64
CA ILE E 53 -24.67 -1.32 16.62
C ILE E 53 -26.11 -1.62 16.22
N TRP E 54 -26.94 -1.91 17.21
CA TRP E 54 -28.39 -2.07 17.05
C TRP E 54 -29.04 -0.94 17.84
N LEU E 55 -29.18 0.23 17.22
CA LEU E 55 -29.83 1.37 17.85
C LEU E 55 -31.20 0.93 18.35
N GLN E 56 -31.62 1.43 19.51
CA GLN E 56 -32.91 1.06 20.10
C GLN E 56 -33.75 2.30 20.36
N MET E 57 -34.71 2.57 19.47
CA MET E 57 -35.63 3.69 19.61
C MET E 57 -37.02 3.16 19.89
N SER E 58 -37.57 3.49 21.05
CA SER E 58 -38.93 3.09 21.43
C SER E 58 -39.75 4.34 21.73
N TRP E 59 -40.96 4.39 21.20
CA TRP E 59 -41.85 5.51 21.46
C TRP E 59 -43.28 4.99 21.39
N THR E 60 -44.25 5.90 21.45
CA THR E 60 -45.67 5.56 21.39
C THR E 60 -46.32 6.32 20.24
N ASP E 61 -46.88 5.57 19.29
CA ASP E 61 -47.68 6.11 18.21
C ASP E 61 -49.14 6.14 18.65
N HIS E 62 -49.71 7.33 18.72
CA HIS E 62 -51.08 7.48 19.19
C HIS E 62 -52.09 6.76 18.30
N TYR E 63 -51.79 6.55 17.02
CA TYR E 63 -52.76 6.04 16.06
C TYR E 63 -52.71 4.54 15.86
N LEU E 64 -51.61 3.88 16.18
CA LEU E 64 -51.43 2.46 15.90
C LEU E 64 -51.84 1.61 17.11
N GLN E 65 -53.11 1.72 17.48
CA GLN E 65 -53.66 1.04 18.66
C GLN E 65 -54.91 0.27 18.27
N TRP E 66 -54.93 -1.03 18.58
CA TRP E 66 -56.06 -1.89 18.28
C TRP E 66 -56.42 -2.70 19.51
N ASN E 67 -57.65 -3.20 19.54
CA ASN E 67 -58.17 -4.04 20.63
C ASN E 67 -58.06 -5.48 20.15
N VAL E 68 -57.22 -6.26 20.83
CA VAL E 68 -56.90 -7.62 20.38
C VAL E 68 -58.12 -8.55 20.44
N SER E 69 -59.15 -8.19 21.19
CA SER E 69 -60.36 -9.02 21.19
C SER E 69 -61.07 -8.96 19.85
N GLU E 70 -60.88 -7.87 19.09
CA GLU E 70 -61.48 -7.72 17.78
C GLU E 70 -60.58 -8.23 16.66
N TYR E 71 -59.31 -8.51 16.95
CA TYR E 71 -58.37 -9.07 15.98
C TYR E 71 -57.64 -10.24 16.66
N PRO E 72 -58.35 -11.34 16.94
CA PRO E 72 -57.76 -12.43 17.72
C PRO E 72 -56.49 -12.97 17.08
N GLY E 73 -55.46 -13.12 17.91
CA GLY E 73 -54.17 -13.62 17.46
C GLY E 73 -53.25 -12.58 16.88
N VAL E 74 -53.75 -11.38 16.59
CA VAL E 74 -52.97 -10.31 15.98
C VAL E 74 -52.54 -9.40 17.11
N LYS E 75 -51.33 -9.62 17.63
CA LYS E 75 -50.84 -8.90 18.79
C LYS E 75 -49.71 -7.92 18.46
N THR E 76 -49.11 -8.01 17.29
CA THR E 76 -48.09 -7.07 16.85
C THR E 76 -48.19 -6.91 15.34
N VAL E 77 -47.81 -5.71 14.86
CA VAL E 77 -47.70 -5.43 13.43
C VAL E 77 -46.32 -4.85 13.16
N ARG E 78 -45.95 -4.84 11.88
CA ARG E 78 -44.64 -4.38 11.44
C ARG E 78 -44.81 -3.49 10.23
N PHE E 79 -44.01 -2.43 10.16
CA PHE E 79 -44.08 -1.44 9.09
C PHE E 79 -42.69 -1.14 8.53
N PRO E 80 -42.50 -1.10 7.21
CA PRO E 80 -41.18 -0.81 6.65
C PRO E 80 -40.92 0.69 6.57
N ASP E 81 -39.77 1.03 6.03
CA ASP E 81 -39.34 2.43 5.94
C ASP E 81 -40.26 3.22 5.03
N GLY E 82 -40.65 4.41 5.48
CA GLY E 82 -41.43 5.33 4.70
C GLY E 82 -42.93 5.23 4.88
N GLN E 83 -43.40 4.24 5.64
CA GLN E 83 -44.84 4.01 5.82
C GLN E 83 -45.34 4.44 7.19
N ILE E 84 -44.45 4.51 8.18
CA ILE E 84 -44.79 4.91 9.54
C ILE E 84 -43.90 6.09 9.90
N TRP E 85 -44.39 6.95 10.78
CA TRP E 85 -43.56 8.03 11.30
C TRP E 85 -42.45 7.44 12.15
N LYS E 86 -41.23 7.91 11.94
CA LYS E 86 -40.09 7.48 12.72
C LYS E 86 -39.31 8.67 13.24
N PRO E 87 -38.61 8.54 14.38
CA PRO E 87 -37.67 9.59 14.79
C PRO E 87 -36.46 9.62 13.88
N ASP E 88 -36.13 10.81 13.36
CA ASP E 88 -34.98 10.98 12.48
C ASP E 88 -33.70 11.16 13.28
N ILE E 89 -33.43 10.20 14.16
CA ILE E 89 -32.25 10.22 15.01
C ILE E 89 -31.04 9.85 14.15
N LEU E 90 -30.17 10.81 13.93
CA LEU E 90 -28.93 10.62 13.19
C LEU E 90 -27.74 10.65 14.15
N LEU E 91 -26.62 10.11 13.66
CA LEU E 91 -25.36 10.19 14.38
C LEU E 91 -24.67 11.48 13.95
N TYR E 92 -24.58 12.44 14.87
CA TYR E 92 -24.03 13.76 14.54
C TYR E 92 -22.59 13.65 14.06
N ASN E 93 -21.75 13.00 14.85
CA ASN E 93 -20.33 12.92 14.52
C ASN E 93 -20.03 11.73 13.61
N SER E 94 -20.77 11.64 12.52
CA SER E 94 -20.60 10.57 11.55
C SER E 94 -19.40 10.83 10.64
N ALA E 95 -18.69 9.76 10.31
CA ALA E 95 -17.56 9.81 9.40
C ALA E 95 -17.83 9.07 8.09
N ASP E 96 -19.03 8.54 7.90
CA ASP E 96 -19.37 7.80 6.70
C ASP E 96 -19.68 8.76 5.55
N GLU E 97 -19.19 8.42 4.36
CA GLU E 97 -19.40 9.27 3.19
C GLU E 97 -20.89 9.50 2.92
N ARG E 98 -21.71 8.47 3.12
CA ARG E 98 -23.16 8.66 2.99
C ARG E 98 -23.76 9.40 4.18
N PHE E 99 -22.99 9.56 5.27
CA PHE E 99 -23.33 10.21 6.53
C PHE E 99 -24.33 9.43 7.39
N ASP E 100 -25.07 8.49 6.80
CA ASP E 100 -26.11 7.76 7.52
C ASP E 100 -25.96 6.30 7.12
N ALA E 101 -25.28 5.52 7.96
CA ALA E 101 -24.99 4.13 7.68
C ALA E 101 -26.04 3.18 8.25
N THR E 102 -27.12 3.70 8.81
CA THR E 102 -28.16 2.87 9.38
C THR E 102 -28.87 2.07 8.30
N PHE E 103 -29.16 0.80 8.60
CA PHE E 103 -29.93 -0.07 7.71
C PHE E 103 -31.37 -0.09 8.19
N HIS E 104 -32.29 0.33 7.33
CA HIS E 104 -33.68 0.55 7.74
C HIS E 104 -34.45 -0.76 7.76
N THR E 105 -35.03 -1.10 8.91
CA THR E 105 -35.77 -2.33 9.13
C THR E 105 -37.18 -1.96 9.59
N ASN E 106 -37.92 -2.95 10.07
CA ASN E 106 -39.32 -2.74 10.42
C ASN E 106 -39.44 -2.06 11.79
N VAL E 107 -40.62 -1.48 12.03
CA VAL E 107 -40.99 -0.91 13.31
C VAL E 107 -42.10 -1.80 13.86
N LEU E 108 -41.81 -2.50 14.95
CA LEU E 108 -42.75 -3.43 15.56
C LEU E 108 -43.60 -2.72 16.60
N VAL E 109 -44.91 -2.61 16.35
CA VAL E 109 -45.85 -2.01 17.28
C VAL E 109 -46.68 -3.12 17.93
N ASN E 110 -47.19 -2.87 19.14
CA ASN E 110 -48.10 -3.82 19.81
C ASN E 110 -49.50 -3.20 19.85
N SER E 111 -50.43 -3.89 20.52
CA SER E 111 -51.82 -3.43 20.50
C SER E 111 -52.04 -2.11 21.24
N SER E 112 -51.08 -1.68 22.04
CA SER E 112 -51.18 -0.53 22.93
C SER E 112 -50.52 0.69 22.31
N GLY E 113 -49.86 0.51 21.16
CA GLY E 113 -49.26 1.54 20.35
C GLY E 113 -47.79 1.69 20.55
N HIS E 114 -47.19 0.97 21.49
CA HIS E 114 -45.77 1.15 21.75
CA HIS E 114 -45.77 1.13 21.77
C HIS E 114 -44.97 0.63 20.57
N CYS E 115 -44.24 1.53 19.93
CA CYS E 115 -43.46 1.21 18.75
C CYS E 115 -42.04 0.94 19.14
N GLN E 116 -41.47 -0.09 18.53
CA GLN E 116 -40.12 -0.54 18.81
C GLN E 116 -39.40 -0.62 17.47
N TYR E 117 -38.25 0.06 17.39
CA TYR E 117 -37.46 0.18 16.18
C TYR E 117 -36.00 -0.07 16.47
N LEU E 118 -35.43 -1.13 15.89
CA LEU E 118 -34.08 -1.59 16.21
C LEU E 118 -33.25 -1.76 14.94
N PRO E 119 -32.91 -0.67 14.26
CA PRO E 119 -32.16 -0.78 13.02
C PRO E 119 -30.74 -1.26 13.28
N PRO E 120 -30.24 -2.24 12.53
CA PRO E 120 -28.81 -2.55 12.60
C PRO E 120 -28.02 -1.61 11.71
N GLY E 121 -26.73 -1.53 11.99
CA GLY E 121 -25.88 -0.74 11.13
C GLY E 121 -24.42 -0.90 11.45
N ILE E 122 -23.58 -0.70 10.45
CA ILE E 122 -22.16 -0.51 10.62
C ILE E 122 -21.96 1.00 10.66
N PHE E 123 -21.62 1.55 11.81
CA PHE E 123 -21.56 2.99 12.00
C PHE E 123 -20.13 3.45 12.11
N LYS E 124 -19.76 4.43 11.30
CA LYS E 124 -18.47 5.11 11.39
C LYS E 124 -18.68 6.46 12.05
N SER E 125 -17.90 6.74 13.09
CA SER E 125 -18.03 7.94 13.88
C SER E 125 -16.69 8.64 13.94
N SER E 126 -16.71 9.97 13.78
CA SER E 126 -15.52 10.80 13.88
C SER E 126 -15.15 10.95 15.35
N CYS E 127 -14.22 10.13 15.81
CA CYS E 127 -13.80 10.08 17.21
C CYS E 127 -12.38 10.62 17.37
N TYR E 128 -12.22 11.59 18.28
CA TYR E 128 -10.89 12.06 18.63
C TYR E 128 -10.11 10.98 19.37
N ILE E 129 -9.03 10.51 18.75
CA ILE E 129 -8.22 9.43 19.29
C ILE E 129 -7.03 10.05 20.01
N ASP E 130 -7.06 10.03 21.33
CA ASP E 130 -5.94 10.53 22.13
C ASP E 130 -4.83 9.50 22.04
N VAL E 131 -3.81 9.80 21.25
CA VAL E 131 -2.69 8.90 21.04
C VAL E 131 -1.53 9.24 21.97
N ARG E 132 -1.78 10.03 23.01
CA ARG E 132 -0.70 10.47 23.91
C ARG E 132 -0.01 9.29 24.57
N TRP E 133 -0.78 8.27 24.99
CA TRP E 133 -0.26 7.17 25.78
C TRP E 133 -0.12 5.85 25.04
N PHE E 134 -0.50 5.79 23.75
CA PHE E 134 -0.36 4.61 22.89
C PHE E 134 1.03 3.99 23.09
N PRO E 135 1.15 2.66 23.18
CA PRO E 135 0.14 1.60 23.04
C PRO E 135 -0.65 1.40 24.32
N PHE E 136 -0.21 1.92 25.46
CA PHE E 136 -0.96 1.76 26.70
C PHE E 136 -2.05 2.83 26.81
N ASP E 137 -2.87 2.97 25.77
CA ASP E 137 -3.85 4.04 25.69
C ASP E 137 -5.24 3.55 26.03
N VAL E 138 -6.05 4.45 26.57
CA VAL E 138 -7.48 4.26 26.75
C VAL E 138 -8.17 5.37 25.98
N GLN E 139 -9.15 5.01 25.16
CA GLN E 139 -9.87 5.93 24.31
C GLN E 139 -11.29 6.08 24.80
N HIS E 140 -11.83 7.28 24.67
CA HIS E 140 -13.21 7.60 25.04
C HIS E 140 -13.86 8.16 23.78
N CYS E 141 -14.52 7.30 23.02
CA CYS E 141 -15.12 7.66 21.75
C CYS E 141 -16.60 7.93 21.93
N LYS E 142 -17.02 9.13 21.56
CA LYS E 142 -18.40 9.54 21.73
C LYS E 142 -19.20 9.19 20.50
N LEU E 143 -20.38 8.64 20.72
CA LEU E 143 -21.39 8.45 19.69
C LEU E 143 -22.53 9.35 20.09
N LYS E 144 -22.69 10.46 19.38
CA LYS E 144 -23.69 11.46 19.70
C LYS E 144 -24.87 11.28 18.76
N PHE E 145 -26.03 10.96 19.32
CA PHE E 145 -27.25 10.72 18.58
C PHE E 145 -28.30 11.74 18.97
N GLY E 146 -29.04 12.22 17.98
CA GLY E 146 -30.11 13.15 18.25
C GLY E 146 -30.99 13.29 17.04
N SER E 147 -32.22 13.74 17.29
CA SER E 147 -33.10 14.08 16.20
C SER E 147 -32.57 15.31 15.49
N TRP E 148 -32.45 15.21 14.17
CA TRP E 148 -31.86 16.29 13.40
C TRP E 148 -32.76 17.52 13.34
N SER E 149 -34.06 17.32 13.17
CA SER E 149 -34.96 18.43 12.83
C SER E 149 -36.11 18.63 13.83
N TYR E 150 -36.15 17.89 14.93
CA TYR E 150 -37.14 18.09 15.99
C TYR E 150 -36.42 18.59 17.22
N GLY E 151 -36.86 19.72 17.76
CA GLY E 151 -36.27 20.27 18.96
C GLY E 151 -36.94 19.77 20.21
N GLY E 152 -36.48 20.29 21.35
CA GLY E 152 -36.96 19.83 22.63
C GLY E 152 -38.44 20.04 22.82
N TRP E 153 -39.00 21.10 22.23
CA TRP E 153 -40.43 21.35 22.36
C TRP E 153 -41.28 20.35 21.60
N SER E 154 -40.69 19.50 20.76
CA SER E 154 -41.40 18.52 19.95
C SER E 154 -41.01 17.08 20.24
N LEU E 155 -39.71 16.78 20.35
CA LEU E 155 -39.24 15.42 20.58
C LEU E 155 -38.45 15.40 21.88
N ASP E 156 -39.06 14.86 22.92
CA ASP E 156 -38.44 14.77 24.25
C ASP E 156 -37.58 13.51 24.26
N LEU E 157 -36.32 13.64 23.85
CA LEU E 157 -35.43 12.49 23.83
C LEU E 157 -35.06 12.10 25.25
N GLN E 158 -35.16 10.81 25.55
CA GLN E 158 -34.77 10.25 26.84
C GLN E 158 -33.84 9.07 26.61
N MET E 159 -32.88 8.92 27.50
CA MET E 159 -31.83 7.92 27.37
C MET E 159 -32.15 6.70 28.21
N GLN E 160 -31.82 5.53 27.67
CA GLN E 160 -31.87 4.27 28.39
C GLN E 160 -30.47 3.68 28.39
N GLU E 161 -30.16 2.92 29.44
CA GLU E 161 -28.81 2.44 29.64
C GLU E 161 -28.39 1.50 28.52
N ALA E 162 -27.13 1.61 28.11
CA ALA E 162 -26.65 0.85 26.97
C ALA E 162 -26.67 -0.64 27.27
N ASP E 163 -26.94 -1.41 26.22
CA ASP E 163 -26.97 -2.85 26.25
C ASP E 163 -25.65 -3.45 25.76
N ILE E 164 -25.07 -4.35 26.56
CA ILE E 164 -23.81 -5.01 26.20
C ILE E 164 -23.82 -6.51 26.45
N SER E 165 -25.00 -7.10 26.66
CA SER E 165 -25.06 -8.53 26.93
C SER E 165 -24.55 -9.35 25.75
N GLY E 166 -24.91 -8.95 24.53
CA GLY E 166 -24.51 -9.66 23.34
C GLY E 166 -23.20 -9.20 22.76
N TYR E 167 -22.49 -8.30 23.45
CA TYR E 167 -21.21 -7.80 22.97
C TYR E 167 -20.26 -8.97 22.74
N ILE E 168 -19.56 -8.94 21.61
CA ILE E 168 -18.57 -9.95 21.26
C ILE E 168 -17.20 -9.32 21.45
N PRO E 169 -16.35 -9.82 22.38
CA PRO E 169 -14.99 -9.27 22.53
C PRO E 169 -14.24 -9.08 21.23
N ASN E 170 -13.21 -8.25 21.24
CA ASN E 170 -12.52 -7.83 20.03
C ASN E 170 -11.19 -8.55 19.82
N GLY E 171 -10.30 -8.49 20.81
CA GLY E 171 -8.96 -9.04 20.68
C GLY E 171 -7.97 -7.94 20.97
N GLU E 172 -8.28 -6.73 20.51
CA GLU E 172 -7.41 -5.58 20.67
C GLU E 172 -7.94 -4.57 21.68
N TRP E 173 -9.22 -4.66 22.05
CA TRP E 173 -9.85 -3.64 22.89
C TRP E 173 -10.72 -4.28 23.97
N ASP E 174 -10.56 -3.82 25.21
CA ASP E 174 -11.36 -4.27 26.33
C ASP E 174 -12.38 -3.20 26.63
N LEU E 175 -13.63 -3.43 26.24
CA LEU E 175 -14.70 -2.52 26.58
C LEU E 175 -14.70 -2.27 28.08
N VAL E 176 -14.40 -1.03 28.49
CA VAL E 176 -14.41 -0.66 29.90
C VAL E 176 -15.79 -0.16 30.33
N GLY E 177 -16.66 0.10 29.38
CA GLY E 177 -18.02 0.52 29.66
C GLY E 177 -18.48 1.49 28.59
N ILE E 178 -19.79 1.65 28.49
CA ILE E 178 -20.40 2.58 27.56
C ILE E 178 -21.35 3.48 28.33
N PRO E 179 -20.83 4.35 29.21
CA PRO E 179 -21.71 5.29 29.91
C PRO E 179 -22.32 6.31 28.97
N GLY E 180 -23.62 6.58 29.16
CA GLY E 180 -24.34 7.52 28.34
C GLY E 180 -24.71 8.76 29.15
N LYS E 181 -25.13 9.79 28.42
CA LYS E 181 -25.55 11.05 29.04
C LYS E 181 -26.48 11.79 28.10
N ARG E 182 -27.57 12.30 28.64
CA ARG E 182 -28.52 13.14 27.92
C ARG E 182 -28.20 14.60 28.20
N SER E 183 -28.08 15.40 27.15
CA SER E 183 -27.78 16.82 27.24
C SER E 183 -28.88 17.59 26.54
N GLU E 184 -29.04 18.84 26.94
CA GLU E 184 -29.98 19.77 26.32
C GLU E 184 -29.15 20.98 25.89
N ARG E 185 -28.74 21.03 24.63
CA ARG E 185 -27.87 22.09 24.13
C ARG E 185 -28.65 23.05 23.24
N PHE E 186 -28.19 24.30 23.20
CA PHE E 186 -28.70 25.31 22.30
C PHE E 186 -27.76 25.46 21.12
N TYR E 187 -28.32 25.71 19.93
CA TYR E 187 -27.55 25.87 18.72
C TYR E 187 -27.79 27.25 18.12
N GLU E 188 -26.76 27.74 17.47
CA GLU E 188 -26.67 29.03 16.81
C GLU E 188 -27.51 29.15 15.55
N CYS E 189 -28.25 28.10 15.19
CA CYS E 189 -29.09 28.05 13.99
C CYS E 189 -30.51 28.45 14.32
N CYS E 190 -30.91 28.22 15.56
CA CYS E 190 -32.29 28.02 15.94
C CYS E 190 -32.41 28.47 17.39
N LYS E 191 -33.63 28.76 17.82
CA LYS E 191 -33.88 29.20 19.18
C LYS E 191 -34.35 28.05 20.06
N GLU E 192 -35.23 27.20 19.54
CA GLU E 192 -35.65 26.00 20.25
C GLU E 192 -34.43 25.13 20.58
N PRO E 193 -34.23 24.70 21.82
CA PRO E 193 -33.07 23.84 22.13
C PRO E 193 -33.24 22.47 21.50
N TYR E 194 -32.14 21.74 21.42
CA TYR E 194 -32.15 20.38 20.84
C TYR E 194 -31.50 19.40 21.80
N PRO E 195 -32.20 18.35 22.25
CA PRO E 195 -31.55 17.33 23.08
C PRO E 195 -30.85 16.25 22.29
N ASP E 196 -29.79 15.73 22.89
CA ASP E 196 -29.04 14.62 22.31
C ASP E 196 -28.68 13.65 23.41
N VAL E 197 -28.46 12.40 23.00
CA VAL E 197 -27.95 11.33 23.85
C VAL E 197 -26.60 10.95 23.30
N THR E 198 -25.57 11.06 24.13
CA THR E 198 -24.20 10.73 23.75
C THR E 198 -23.76 9.54 24.57
N PHE E 199 -23.35 8.48 23.88
CA PHE E 199 -22.78 7.30 24.50
C PHE E 199 -21.27 7.38 24.30
N THR E 200 -20.54 7.38 25.40
CA THR E 200 -19.08 7.41 25.39
C THR E 200 -18.60 5.97 25.51
N VAL E 201 -18.16 5.41 24.40
CA VAL E 201 -17.57 4.08 24.40
C VAL E 201 -16.15 4.20 24.94
N THR E 202 -15.91 3.59 26.10
CA THR E 202 -14.58 3.61 26.72
C THR E 202 -13.92 2.27 26.44
N MET E 203 -12.71 2.33 25.88
CA MET E 203 -12.02 1.16 25.36
C MET E 203 -10.59 1.18 25.89
N ARG E 204 -10.14 0.05 26.43
CA ARG E 204 -8.74 -0.11 26.83
C ARG E 204 -8.02 -0.95 25.80
N ARG E 205 -6.91 -0.46 25.29
CA ARG E 205 -6.14 -1.24 24.31
C ARG E 205 -5.42 -2.39 25.02
N ARG E 206 -5.63 -3.60 24.53
CA ARG E 206 -4.83 -4.73 24.98
C ARG E 206 -3.44 -4.61 24.38
N THR E 207 -2.42 -4.64 25.24
CA THR E 207 -1.07 -4.23 24.88
C THR E 207 -0.15 -5.40 24.52
N LEU E 208 -0.65 -6.63 24.55
CA LEU E 208 0.20 -7.77 24.24
C LEU E 208 0.66 -7.74 22.80
N TYR E 209 -0.24 -7.44 21.86
CA TYR E 209 0.10 -7.48 20.45
C TYR E 209 1.15 -6.44 20.10
N TYR E 210 0.91 -5.18 20.43
CA TYR E 210 1.88 -4.13 20.17
C TYR E 210 3.11 -4.27 21.05
N GLY E 211 2.94 -4.82 22.25
CA GLY E 211 4.10 -5.09 23.07
C GLY E 211 5.03 -6.10 22.41
N LEU E 212 4.46 -7.18 21.86
CA LEU E 212 5.27 -8.22 21.26
C LEU E 212 5.85 -7.81 19.91
N ASN E 213 5.14 -6.98 19.16
CA ASN E 213 5.55 -6.60 17.81
C ASN E 213 6.31 -5.28 17.71
N LEU E 214 6.22 -4.40 18.71
CA LEU E 214 6.87 -3.09 18.64
C LEU E 214 7.82 -2.86 19.81
N LEU E 215 7.38 -3.08 21.04
CA LEU E 215 8.18 -2.66 22.17
C LEU E 215 9.32 -3.63 22.44
N ILE E 216 9.01 -4.91 22.60
CA ILE E 216 10.04 -5.90 22.92
C ILE E 216 10.98 -6.08 21.73
N PRO E 217 10.51 -6.09 20.47
CA PRO E 217 11.45 -6.21 19.35
C PRO E 217 12.45 -5.07 19.31
N CYS E 218 11.96 -3.84 19.50
CA CYS E 218 12.85 -2.69 19.52
C CYS E 218 13.81 -2.75 20.70
N VAL E 219 13.33 -3.15 21.88
CA VAL E 219 14.23 -3.32 23.03
C VAL E 219 15.38 -4.27 22.68
N LEU E 220 15.06 -5.38 22.03
CA LEU E 220 16.08 -6.40 21.77
C LEU E 220 17.00 -5.99 20.63
N ILE E 221 16.48 -5.31 19.61
CA ILE E 221 17.33 -4.79 18.54
C ILE E 221 18.19 -3.66 19.07
N SER E 222 17.62 -2.85 19.96
CA SER E 222 18.35 -1.77 20.61
C SER E 222 19.43 -2.31 21.51
N ALA E 223 19.21 -3.49 22.07
CA ALA E 223 20.21 -4.15 22.89
C ALA E 223 21.39 -4.62 22.03
N LEU E 224 21.12 -5.08 20.81
CA LEU E 224 22.19 -5.44 19.88
C LEU E 224 23.10 -4.25 19.59
N ALA E 225 22.52 -3.09 19.55
CA ALA E 225 23.36 -1.91 19.37
C ALA E 225 24.42 -1.80 20.46
N LEU E 226 24.07 -2.16 21.70
CA LEU E 226 25.06 -2.10 22.77
C LEU E 226 26.19 -3.10 22.59
N LEU E 227 26.03 -4.12 21.73
CA LEU E 227 27.13 -5.04 21.47
C LEU E 227 28.33 -4.37 20.80
N VAL E 228 28.14 -3.17 20.25
CA VAL E 228 29.28 -2.45 19.66
C VAL E 228 30.31 -2.14 20.73
N PHE E 229 29.86 -1.89 21.95
CA PHE E 229 30.79 -1.60 23.04
C PHE E 229 31.52 -2.84 23.52
N LEU E 230 31.11 -4.04 23.10
CA LEU E 230 31.86 -5.26 23.38
C LEU E 230 32.64 -5.76 22.18
N LEU E 231 32.31 -5.30 20.98
CA LEU E 231 33.08 -5.66 19.80
C LEU E 231 34.50 -5.12 19.92
N PRO E 232 35.52 -5.89 19.53
CA PRO E 232 36.86 -5.30 19.40
C PRO E 232 36.91 -4.33 18.22
N ALA E 233 37.82 -3.37 18.31
CA ALA E 233 38.00 -2.41 17.24
C ALA E 233 38.64 -3.06 16.01
N ASP E 234 39.57 -3.99 16.24
CA ASP E 234 40.26 -4.63 15.12
C ASP E 234 39.33 -5.46 14.24
N SER E 235 38.13 -5.77 14.71
CA SER E 235 37.18 -6.49 13.88
C SER E 235 36.80 -5.68 12.63
N GLY E 236 36.87 -4.36 12.72
CA GLY E 236 36.51 -3.51 11.60
C GLY E 236 35.05 -3.55 11.23
N GLU E 237 34.16 -3.73 12.21
CA GLU E 237 32.73 -3.73 11.95
C GLU E 237 31.91 -3.01 13.02
N LYS E 238 32.56 -2.20 13.88
CA LYS E 238 31.81 -1.46 14.89
C LYS E 238 30.83 -0.49 14.24
N ILE E 239 31.32 0.36 13.33
CA ILE E 239 30.47 1.34 12.68
C ILE E 239 29.42 0.62 11.84
N SER E 240 29.82 -0.43 11.13
CA SER E 240 28.88 -1.19 10.31
C SER E 240 27.73 -1.72 11.15
N LEU E 241 28.04 -2.40 12.26
CA LEU E 241 26.99 -2.94 13.11
C LEU E 241 26.12 -1.82 13.65
N GLY E 242 26.73 -0.77 14.19
CA GLY E 242 25.96 0.29 14.83
C GLY E 242 25.07 1.04 13.86
N ILE E 243 25.63 1.44 12.72
CA ILE E 243 24.85 2.23 11.76
C ILE E 243 23.77 1.35 11.14
N THR E 244 24.08 0.09 10.88
CA THR E 244 23.09 -0.84 10.36
C THR E 244 21.92 -1.01 11.33
N VAL E 245 22.22 -1.17 12.62
CA VAL E 245 21.17 -1.36 13.62
C VAL E 245 20.30 -0.11 13.74
N LEU E 246 20.92 1.08 13.73
CA LEU E 246 20.15 2.31 13.85
C LEU E 246 19.20 2.50 12.68
N LEU E 247 19.70 2.35 11.46
CA LEU E 247 18.86 2.51 10.28
C LEU E 247 17.86 1.38 10.14
N SER E 248 18.11 0.25 10.79
CA SER E 248 17.09 -0.80 10.89
C SER E 248 16.00 -0.40 11.86
N LEU E 249 16.34 0.34 12.91
CA LEU E 249 15.35 0.77 13.89
C LEU E 249 14.34 1.74 13.29
N THR E 250 14.68 2.43 12.20
CA THR E 250 13.72 3.31 11.53
C THR E 250 12.47 2.59 11.07
N VAL E 251 12.51 1.28 10.86
CA VAL E 251 11.31 0.58 10.39
C VAL E 251 10.21 0.67 11.42
N PHE E 252 10.55 0.67 12.71
CA PHE E 252 9.54 0.78 13.74
C PHE E 252 8.87 2.15 13.72
N MET E 253 9.65 3.20 13.50
CA MET E 253 9.05 4.53 13.37
C MET E 253 8.19 4.60 12.13
N LEU E 254 8.60 3.95 11.05
CA LEU E 254 7.78 3.87 9.85
C LEU E 254 6.47 3.14 10.13
N LEU E 255 6.53 2.05 10.90
CA LEU E 255 5.32 1.32 11.26
C LEU E 255 4.38 2.19 12.07
N VAL E 256 4.91 2.91 13.06
CA VAL E 256 4.09 3.79 13.88
C VAL E 256 3.45 4.87 13.01
N ALA E 257 4.20 5.43 12.06
CA ALA E 257 3.65 6.42 11.15
C ALA E 257 2.49 5.85 10.34
N GLU E 258 2.61 4.59 9.91
CA GLU E 258 1.48 3.92 9.27
C GLU E 258 0.28 3.83 10.19
N ILE E 259 0.50 3.81 11.50
CA ILE E 259 -0.59 3.67 12.47
C ILE E 259 -1.09 5.03 12.96
N MET E 260 -0.19 5.93 13.35
CA MET E 260 -0.60 7.12 14.08
C MET E 260 -1.13 8.22 13.16
N PRO E 261 -2.01 9.08 13.67
CA PRO E 261 -2.46 10.23 12.87
C PRO E 261 -1.42 11.33 12.83
N ALA E 262 -1.57 12.22 11.85
CA ALA E 262 -0.64 13.34 11.68
C ALA E 262 -1.11 14.57 12.46
N THR E 263 -1.12 14.42 13.78
CA THR E 263 -1.64 15.43 14.69
C THR E 263 -0.52 15.99 15.56
N SER E 264 -0.69 17.25 15.95
CA SER E 264 0.28 17.98 16.77
C SER E 264 -0.24 18.24 18.17
N ASP E 265 -1.38 17.65 18.55
CA ASP E 265 -1.90 17.78 19.90
C ASP E 265 -0.89 17.28 20.93
N SER E 266 -0.18 16.20 20.61
CA SER E 266 0.73 15.58 21.56
C SER E 266 1.68 14.66 20.81
N VAL E 267 2.63 14.10 21.55
CA VAL E 267 3.59 13.13 21.06
C VAL E 267 3.23 11.78 21.67
N PRO E 268 2.89 10.75 20.89
CA PRO E 268 2.59 9.44 21.48
C PRO E 268 3.77 8.89 22.28
N LEU E 269 3.44 8.17 23.35
CA LEU E 269 4.46 7.56 24.21
C LEU E 269 5.38 6.65 23.42
N ILE E 270 4.82 5.88 22.47
CA ILE E 270 5.64 5.01 21.64
C ILE E 270 6.69 5.82 20.89
N ALA E 271 6.31 6.98 20.37
CA ALA E 271 7.25 7.82 19.65
C ALA E 271 8.34 8.32 20.56
N GLN E 272 7.98 8.70 21.79
CA GLN E 272 8.99 9.21 22.73
C GLN E 272 9.95 8.10 23.12
N TYR E 273 9.45 6.88 23.25
CA TYR E 273 10.34 5.78 23.57
C TYR E 273 11.21 5.41 22.38
N PHE E 274 10.61 5.34 21.19
CA PHE E 274 11.40 5.04 20.00
C PHE E 274 12.42 6.13 19.73
N ALA E 275 12.05 7.40 19.93
CA ALA E 275 12.97 8.50 19.71
C ALA E 275 14.14 8.46 20.68
N SER E 276 13.89 8.20 21.96
CA SER E 276 14.98 8.10 22.92
C SER E 276 15.88 6.92 22.59
N THR E 277 15.28 5.84 22.13
CA THR E 277 16.05 4.67 21.74
C THR E 277 16.98 4.98 20.57
N MET E 278 16.46 5.61 19.52
CA MET E 278 17.31 5.95 18.39
C MET E 278 18.38 6.97 18.77
N ILE E 279 18.03 7.92 19.64
CA ILE E 279 19.02 8.89 20.07
C ILE E 279 20.13 8.19 20.86
N ILE E 280 19.76 7.22 21.70
CA ILE E 280 20.79 6.51 22.45
C ILE E 280 21.65 5.67 21.51
N VAL E 281 21.05 5.03 20.51
CA VAL E 281 21.82 4.28 19.54
C VAL E 281 22.67 5.21 18.69
N GLY E 282 22.12 6.36 18.31
CA GLY E 282 22.90 7.33 17.56
C GLY E 282 24.07 7.87 18.35
N LEU E 283 23.87 8.11 19.64
CA LEU E 283 24.98 8.52 20.50
C LEU E 283 26.01 7.41 20.65
N SER E 284 25.58 6.15 20.60
CA SER E 284 26.54 5.05 20.58
C SER E 284 27.38 5.08 19.32
N VAL E 285 26.79 5.47 18.19
CA VAL E 285 27.56 5.64 16.96
C VAL E 285 28.56 6.78 17.12
N VAL E 286 28.13 7.89 17.72
CA VAL E 286 29.03 9.02 17.94
C VAL E 286 30.18 8.60 18.84
N VAL E 287 29.86 7.87 19.91
CA VAL E 287 30.89 7.39 20.82
C VAL E 287 31.75 6.33 20.15
N THR E 288 31.18 5.57 19.21
CA THR E 288 31.99 4.64 18.44
C THR E 288 33.01 5.37 17.58
N VAL E 289 32.62 6.50 17.00
CA VAL E 289 33.55 7.32 16.24
C VAL E 289 34.68 7.81 17.14
N ILE E 290 34.35 8.26 18.36
CA ILE E 290 35.38 8.70 19.29
C ILE E 290 36.28 7.54 19.68
N VAL E 291 35.69 6.36 19.94
CA VAL E 291 36.48 5.18 20.29
C VAL E 291 37.44 4.84 19.17
N LEU E 292 36.97 4.88 17.92
CA LEU E 292 37.84 4.56 16.80
C LEU E 292 38.89 5.64 16.60
N GLN E 293 38.61 6.87 17.02
CA GLN E 293 39.64 7.91 16.96
C GLN E 293 40.74 7.60 17.96
N TYR E 294 40.36 7.10 19.14
CA TYR E 294 41.35 6.71 20.14
C TYR E 294 42.11 5.48 19.67
N HIS E 295 41.42 4.50 19.10
CA HIS E 295 42.07 3.26 18.66
C HIS E 295 43.01 3.51 17.49
N HIS E 296 42.55 4.25 16.49
CA HIS E 296 43.35 4.58 15.31
C HIS E 296 44.06 5.92 15.48
N HIS E 297 44.80 6.10 16.56
CA HIS E 297 45.47 7.36 16.84
C HIS E 297 46.92 7.27 16.40
N ASP E 298 47.36 8.27 15.64
CA ASP E 298 48.72 8.30 15.12
C ASP E 298 49.71 8.46 16.28
N PRO E 299 50.64 7.52 16.51
CA PRO E 299 51.52 7.66 17.69
C PRO E 299 52.36 8.92 17.70
N ASP E 300 52.73 9.42 16.51
CA ASP E 300 53.54 10.62 16.39
C ASP E 300 52.69 11.88 16.30
N GLY E 301 51.38 11.77 16.55
CA GLY E 301 50.51 12.93 16.58
C GLY E 301 50.55 13.58 17.94
N GLY E 302 49.43 14.14 18.36
CA GLY E 302 49.37 14.80 19.64
C GLY E 302 49.66 13.85 20.79
N LYS E 303 50.10 14.43 21.91
CA LYS E 303 50.39 13.67 23.10
C LYS E 303 49.10 13.51 23.91
N MET E 304 49.11 12.54 24.81
CA MET E 304 47.90 12.21 25.56
C MET E 304 47.62 13.27 26.62
N PRO E 305 46.49 14.00 26.56
CA PRO E 305 46.18 14.96 27.62
C PRO E 305 46.13 14.31 28.98
N LYS E 306 46.85 14.90 29.95
CA LYS E 306 46.85 14.39 31.32
C LYS E 306 45.43 14.13 31.81
N TRP E 307 44.48 15.02 31.48
CA TRP E 307 43.10 14.84 31.92
C TRP E 307 42.58 13.47 31.47
N THR E 308 42.95 13.06 30.25
CA THR E 308 42.56 11.75 29.77
C THR E 308 43.34 10.65 30.50
N ARG E 309 44.67 10.82 30.60
CA ARG E 309 45.53 9.79 31.20
C ARG E 309 45.13 9.43 32.63
N VAL E 310 44.33 10.26 33.31
CA VAL E 310 43.91 10.02 34.68
C VAL E 310 42.42 9.70 34.75
N ILE E 311 41.59 10.51 34.10
CA ILE E 311 40.14 10.30 34.17
C ILE E 311 39.76 8.94 33.60
N LEU E 312 40.61 8.34 32.77
CA LEU E 312 40.27 7.09 32.08
C LEU E 312 41.23 5.96 32.46
N LEU E 313 42.54 6.17 32.39
CA LEU E 313 43.49 5.08 32.62
C LEU E 313 43.88 4.90 34.09
N ASN E 314 43.35 5.71 35.00
CA ASN E 314 43.65 5.63 36.42
C ASN E 314 42.38 5.36 37.23
N TRP E 315 41.38 6.25 37.14
CA TRP E 315 40.18 6.07 37.96
C TRP E 315 39.22 5.10 37.28
N CYS E 316 38.56 5.53 36.20
CA CYS E 316 37.61 4.68 35.49
C CYS E 316 38.21 3.31 35.15
N ALA E 317 39.52 3.25 34.89
CA ALA E 317 40.16 1.98 34.58
C ALA E 317 40.19 1.08 35.82
N TRP E 318 40.44 1.67 36.99
CA TRP E 318 40.48 0.90 38.23
C TRP E 318 39.08 0.49 38.67
N PHE E 319 38.15 1.46 38.68
CA PHE E 319 36.75 1.22 39.02
C PHE E 319 36.19 -0.03 38.37
N LEU E 320 36.51 -0.23 37.09
CA LEU E 320 35.95 -1.34 36.31
C LEU E 320 36.79 -2.60 36.38
N ARG E 321 37.91 -2.57 37.10
CA ARG E 321 38.73 -3.76 37.33
C ARG E 321 39.25 -4.32 36.00
N MET E 322 39.99 -3.48 35.27
CA MET E 322 40.45 -3.84 33.94
C MET E 322 41.96 -4.01 33.84
N LYS E 323 42.73 -3.00 34.27
CA LYS E 323 44.19 -3.05 34.13
C LYS E 323 44.59 -3.03 32.67
N PRO E 479 87.82 -1.63 10.86
CA PRO E 479 86.95 -0.57 10.34
C PRO E 479 85.61 -1.10 9.90
N ASP E 480 85.58 -2.28 9.31
CA ASP E 480 84.33 -2.80 8.80
C ASP E 480 83.41 -3.12 9.94
N LEU E 481 83.96 -3.61 11.04
CA LEU E 481 83.14 -4.00 12.18
C LEU E 481 82.46 -2.80 12.80
N ALA E 482 83.08 -1.63 12.72
CA ALA E 482 82.48 -0.41 13.23
C ALA E 482 81.35 -0.03 12.32
N LYS E 483 81.59 -0.11 11.02
CA LYS E 483 80.52 0.14 10.06
C LYS E 483 79.38 -0.85 10.25
N ILE E 484 79.70 -2.09 10.66
CA ILE E 484 78.64 -3.07 10.88
C ILE E 484 77.88 -2.72 12.16
N LEU E 485 78.62 -2.30 13.20
CA LEU E 485 77.98 -1.86 14.44
C LEU E 485 77.03 -0.70 14.20
N GLU E 486 77.46 0.27 13.39
CA GLU E 486 76.60 1.40 13.07
C GLU E 486 75.32 0.92 12.40
N GLU E 487 75.46 0.12 11.33
CA GLU E 487 74.28 -0.29 10.57
C GLU E 487 73.33 -1.13 11.42
N VAL E 488 73.87 -2.09 12.20
CA VAL E 488 73.02 -2.96 13.00
C VAL E 488 72.37 -2.18 14.14
N ARG E 489 73.02 -1.10 14.58
CA ARG E 489 72.48 -0.28 15.66
C ARG E 489 71.38 0.64 15.15
N TYR E 490 71.41 0.99 13.86
CA TYR E 490 70.31 1.76 13.30
C TYR E 490 69.08 0.87 13.16
N ILE E 491 69.28 -0.37 12.73
CA ILE E 491 68.17 -1.30 12.59
C ILE E 491 67.50 -1.51 13.94
N ALA E 492 68.31 -1.74 14.98
CA ALA E 492 67.74 -2.02 16.29
C ALA E 492 67.15 -0.76 16.93
N ASN E 493 67.76 0.41 16.68
CA ASN E 493 67.17 1.64 17.17
C ASN E 493 65.86 1.92 16.46
N ARG E 494 65.79 1.59 15.17
CA ARG E 494 64.52 1.66 14.47
C ARG E 494 63.50 0.76 15.14
N PHE E 495 63.91 -0.46 15.53
CA PHE E 495 63.01 -1.37 16.21
C PHE E 495 62.58 -0.80 17.56
N ARG E 496 63.50 -0.13 18.27
CA ARG E 496 63.14 0.47 19.55
C ARG E 496 62.14 1.61 19.36
N CYS E 497 62.32 2.41 18.30
CA CYS E 497 61.35 3.45 18.01
C CYS E 497 59.99 2.84 17.66
N GLN E 498 59.98 1.71 16.93
CA GLN E 498 58.71 1.06 16.65
C GLN E 498 58.09 0.50 17.92
N ASP E 499 58.91 0.01 18.86
CA ASP E 499 58.36 -0.49 20.11
C ASP E 499 57.73 0.64 20.92
N GLU E 500 58.40 1.80 20.97
CA GLU E 500 57.84 2.93 21.68
C GLU E 500 56.54 3.38 21.03
N SER E 501 56.50 3.39 19.69
CA SER E 501 55.26 3.76 19.00
C SER E 501 54.14 2.75 19.28
N GLU E 502 54.46 1.45 19.30
CA GLU E 502 53.46 0.46 19.67
C GLU E 502 52.99 0.67 21.10
N ALA E 503 53.89 1.05 22.00
CA ALA E 503 53.49 1.29 23.38
C ALA E 503 52.54 2.47 23.47
N VAL E 504 52.83 3.56 22.76
CA VAL E 504 51.92 4.70 22.78
C VAL E 504 50.59 4.30 22.16
N CYS E 505 50.62 3.60 21.02
CA CYS E 505 49.39 3.11 20.42
C CYS E 505 48.67 2.15 21.34
N SER E 506 49.42 1.35 22.10
CA SER E 506 48.80 0.40 23.01
C SER E 506 48.06 1.11 24.13
N GLU E 507 48.62 2.20 24.63
CA GLU E 507 47.95 2.99 25.65
C GLU E 507 46.68 3.64 25.07
N TRP E 508 46.76 4.14 23.83
CA TRP E 508 45.58 4.72 23.20
C TRP E 508 44.50 3.66 22.98
N LYS E 509 44.90 2.44 22.61
CA LYS E 509 43.93 1.37 22.44
C LYS E 509 43.31 0.97 23.77
N PHE E 510 44.11 1.02 24.84
CA PHE E 510 43.57 0.79 26.18
C PHE E 510 42.56 1.87 26.55
N ALA E 511 42.82 3.12 26.18
CA ALA E 511 41.85 4.18 26.40
C ALA E 511 40.56 3.90 25.64
N ALA E 512 40.68 3.42 24.41
CA ALA E 512 39.49 3.06 23.63
C ALA E 512 38.71 1.95 24.30
N CYS E 513 39.41 0.95 24.85
CA CYS E 513 38.73 -0.14 25.54
C CYS E 513 38.05 0.33 26.83
N VAL E 514 38.71 1.18 27.59
CA VAL E 514 38.08 1.71 28.81
C VAL E 514 36.83 2.50 28.46
N VAL E 515 36.88 3.31 27.40
CA VAL E 515 35.70 4.05 26.96
C VAL E 515 34.60 3.09 26.54
N ASP E 516 34.96 2.02 25.81
CA ASP E 516 33.98 0.99 25.48
C ASP E 516 33.23 0.51 26.71
N ARG E 517 33.97 0.21 27.78
CA ARG E 517 33.36 -0.37 28.96
C ARG E 517 32.49 0.66 29.68
N LEU E 518 33.01 1.88 29.87
CA LEU E 518 32.21 2.93 30.52
C LEU E 518 30.90 3.20 29.78
N CYS E 519 30.96 3.30 28.46
CA CYS E 519 29.76 3.55 27.68
C CYS E 519 28.88 2.31 27.63
N LEU E 520 29.45 1.11 27.68
CA LEU E 520 28.63 -0.08 27.85
C LEU E 520 27.77 0.06 29.10
N MET E 521 28.42 0.37 30.23
CA MET E 521 27.70 0.55 31.49
C MET E 521 26.71 1.71 31.38
N ALA E 522 27.18 2.87 30.91
CA ALA E 522 26.34 4.07 30.89
C ALA E 522 25.17 3.94 29.93
N PHE E 523 25.40 3.37 28.74
CA PHE E 523 24.31 3.25 27.79
C PHE E 523 23.35 2.14 28.20
N SER E 524 23.85 1.13 28.90
CA SER E 524 22.97 0.12 29.49
C SER E 524 22.05 0.74 30.53
N VAL E 525 22.63 1.57 31.42
CA VAL E 525 21.82 2.23 32.45
C VAL E 525 20.87 3.22 31.80
N PHE E 526 21.33 3.96 30.80
CA PHE E 526 20.45 4.88 30.09
C PHE E 526 19.30 4.13 29.46
N THR E 527 19.60 3.01 28.80
CA THR E 527 18.56 2.21 28.17
C THR E 527 17.54 1.73 29.20
N ILE E 528 18.01 1.19 30.32
CA ILE E 528 17.11 0.63 31.33
C ILE E 528 16.22 1.73 31.92
N ILE E 529 16.80 2.84 32.37
CA ILE E 529 16.04 3.93 32.97
C ILE E 529 15.04 4.47 31.96
N CYS E 530 15.55 5.07 30.87
CA CYS E 530 14.71 5.66 29.83
C CYS E 530 13.56 4.74 29.45
N THR E 531 13.87 3.46 29.22
CA THR E 531 12.82 2.52 28.82
C THR E 531 11.78 2.41 29.92
N ILE E 532 12.22 2.15 31.15
CA ILE E 532 11.29 1.92 32.25
C ILE E 532 10.58 3.22 32.63
N GLY E 533 11.33 4.32 32.68
CA GLY E 533 10.74 5.60 33.03
C GLY E 533 9.80 6.17 32.00
N ILE E 534 9.95 5.80 30.74
CA ILE E 534 9.00 6.24 29.72
C ILE E 534 7.80 5.30 29.71
N LEU E 535 8.02 4.01 29.95
CA LEU E 535 6.92 3.06 29.91
C LEU E 535 6.06 3.16 31.17
N MET E 536 6.67 3.35 32.34
CA MET E 536 5.92 3.46 33.58
C MET E 536 5.40 4.87 33.83
N SER E 537 5.70 5.82 32.95
CA SER E 537 5.03 7.11 33.00
C SER E 537 3.62 7.05 32.43
N ALA E 538 3.21 5.92 31.88
CA ALA E 538 1.84 5.75 31.43
C ALA E 538 0.97 5.39 32.62
N PRO E 539 -0.14 6.10 32.89
CA PRO E 539 -1.01 5.71 34.01
C PRO E 539 -1.47 4.26 33.98
N ASN E 540 -1.82 3.76 32.80
CA ASN E 540 -2.38 2.43 32.63
C ASN E 540 -1.33 1.33 32.50
N PHE E 541 -0.03 1.66 32.62
CA PHE E 541 1.03 0.67 32.42
C PHE E 541 0.87 -0.55 33.33
N VAL E 542 0.60 -0.32 34.62
CA VAL E 542 0.55 -1.43 35.57
C VAL E 542 -0.65 -2.31 35.27
N GLU E 543 -1.83 -1.69 35.14
CA GLU E 543 -3.05 -2.38 34.73
C GLU E 543 -2.76 -3.30 33.54
N ALA E 544 -2.10 -2.77 32.52
CA ALA E 544 -1.78 -3.48 31.29
C ALA E 544 -0.93 -4.71 31.59
N VAL E 545 0.30 -4.51 32.06
CA VAL E 545 1.24 -5.61 32.35
C VAL E 545 0.59 -6.72 33.19
N SER E 546 -0.40 -6.38 34.01
CA SER E 546 -1.03 -7.36 34.88
C SER E 546 -2.13 -8.12 34.15
N LYS E 547 -2.89 -7.42 33.29
CA LYS E 547 -4.01 -8.04 32.60
C LYS E 547 -3.57 -8.77 31.34
N ASP E 548 -2.61 -8.21 30.60
CA ASP E 548 -2.28 -8.69 29.25
C ASP E 548 -1.00 -9.52 29.20
N PHE E 549 -0.26 -9.65 30.29
CA PHE E 549 0.97 -10.44 30.32
C PHE E 549 0.94 -11.40 31.50
C1 NAG F . -43.83 41.99 -10.04
C2 NAG F . -44.87 43.10 -10.02
C3 NAG F . -44.66 44.04 -11.21
C4 NAG F . -43.21 44.50 -11.27
C5 NAG F . -42.29 43.28 -11.31
C6 NAG F . -40.84 43.66 -11.30
C7 NAG F . -47.05 42.71 -9.00
C8 NAG F . -48.44 42.18 -9.20
N2 NAG F . -46.21 42.56 -10.03
O3 NAG F . -45.54 45.15 -11.10
O4 NAG F . -42.99 45.26 -12.47
O5 NAG F . -42.51 42.50 -10.12
O6 NAG F . -40.56 44.56 -10.22
O7 NAG F . -46.69 43.24 -7.95
H2 NAG F . -44.76 43.61 -9.21
H3 NAG F . -44.85 43.57 -12.03
H4 NAG F . -43.01 45.04 -10.50
H5 NAG F . -42.49 42.80 -12.12
H61 NAG F . -40.28 42.88 -11.22
H62 NAG F . -40.60 44.09 -12.14
H81 NAG F . -48.95 42.35 -8.40
H82 NAG F . -48.84 42.65 -9.96
H83 NAG F . -48.40 41.23 -9.39
HN2 NAG F . -46.48 42.13 -10.72
HO3 NAG F . -45.42 45.66 -11.76
HO6 NAG F . -39.75 44.77 -10.23
C1 NAG F . -42.79 46.63 -12.10
C2 NAG F . -41.54 47.16 -12.80
C3 NAG F . -41.35 48.62 -12.41
C4 NAG F . -42.61 49.41 -12.75
C5 NAG F . -43.83 48.74 -12.12
C6 NAG F . -45.13 49.39 -12.52
C7 NAG F . -39.52 45.89 -13.35
C8 NAG F . -38.36 45.12 -12.80
N2 NAG F . -40.37 46.38 -12.44
O3 NAG F . -40.23 49.15 -13.11
O4 NAG F . -42.49 50.74 -12.28
O5 NAG F . -43.91 47.37 -12.54
O6 NAG F . -46.09 48.42 -12.92
O7 NAG F . -39.69 46.04 -14.55
H2 NAG F . -41.67 47.08 -13.75
H3 NAG F . -41.19 48.68 -11.46
H4 NAG F . -42.72 49.42 -13.72
H5 NAG F . -43.72 48.83 -11.16
H61 NAG F . -45.48 49.91 -11.79
H62 NAG F . -44.98 50.02 -13.26
H81 NAG F . -37.81 44.80 -13.54
H82 NAG F . -37.84 45.70 -12.23
H83 NAG F . -38.69 44.36 -12.30
HN2 NAG F . -40.21 46.23 -11.60
HO3 NAG F . -40.13 49.95 -12.90
HO4 NAG F . -43.20 51.17 -12.47
HO6 NAG F . -46.80 48.80 -13.14
C1 NAG G . -40.35 32.52 11.26
C2 NAG G . -40.86 33.54 12.28
C3 NAG G . -40.29 34.92 11.96
C4 NAG G . -38.77 34.85 11.85
C5 NAG G . -38.38 33.76 10.85
C6 NAG G . -36.89 33.56 10.73
C7 NAG G . -43.07 33.23 13.33
C8 NAG G . -44.55 33.35 13.15
N2 NAG G . -42.32 33.59 12.28
O3 NAG G . -40.63 35.82 13.00
O4 NAG G . -38.28 36.09 11.35
O5 NAG G . -38.93 32.51 11.29
O6 NAG G . -36.36 32.87 11.86
O7 NAG G . -42.57 32.81 14.36
H2 NAG G . -40.58 33.27 13.16
H3 NAG G . -40.65 35.22 11.12
H4 NAG G . -38.38 34.65 12.72
H5 NAG G . -38.73 34.04 9.99
H61 NAG G . -36.69 33.06 9.93
H62 NAG G . -36.46 34.42 10.65
H81 NAG G . -44.98 33.06 13.96
H82 NAG G . -44.77 34.27 12.96
H83 NAG G . -44.82 32.79 12.40
HN2 NAG G . -42.72 33.87 11.57
HO3 NAG G . -40.32 36.58 12.83
HO6 NAG G . -35.53 32.77 11.76
C1 NAG G . -37.32 36.69 12.24
C2 NAG G . -36.55 37.75 11.46
C3 NAG G . -35.54 38.43 12.37
C4 NAG G . -36.23 38.99 13.60
C5 NAG G . -37.03 37.88 14.29
C6 NAG G . -37.83 38.37 15.47
C7 NAG G . -36.36 37.24 9.07
C8 NAG G . -35.49 36.68 7.99
N2 NAG G . -35.88 37.16 10.30
O3 NAG G . -34.90 39.49 11.66
O4 NAG G . -35.26 39.50 14.51
O5 NAG G . -37.97 37.31 13.37
O6 NAG G . -38.99 39.07 15.04
O7 NAG G . -37.46 37.74 8.82
H2 NAG G . -37.17 38.41 11.13
H3 NAG G . -34.87 37.78 12.66
H4 NAG G . -36.84 39.71 13.33
H5 NAG G . -36.37 37.24 14.60
H61 NAG G . -38.09 37.62 16.02
H62 NAG G . -37.28 38.96 16.01
H81 NAG G . -35.94 36.78 7.14
H82 NAG G . -34.65 37.15 7.98
H83 NAG G . -35.33 35.73 8.16
HN2 NAG G . -35.14 36.74 10.44
HO3 NAG G . -34.34 39.86 12.16
HO6 NAG G . -39.42 39.34 15.70
C1 BMA G . -35.42 40.92 14.69
C2 BMA G . -34.73 41.28 16.01
C3 BMA G . -34.83 42.78 16.24
C4 BMA G . -34.27 43.53 15.02
C5 BMA G . -34.98 43.06 13.74
C6 BMA G . -34.43 43.72 12.50
O2 BMA G . -33.34 40.97 15.95
O3 BMA G . -34.13 43.18 17.41
O4 BMA G . -34.46 44.92 15.18
O5 BMA G . -34.84 41.63 13.61
O6 BMA G . -33.06 43.36 12.37
H2 BMA G . -35.16 40.77 16.72
H3 BMA G . -35.77 43.00 16.36
H4 BMA G . -33.32 43.34 14.95
H5 BMA G . -35.92 43.30 13.82
H61 BMA G . -34.92 43.44 11.71
H62 BMA G . -34.51 44.68 12.56
HO2 BMA G . -33.25 40.14 15.82
HO3 BMA G . -34.44 42.77 18.07
HO4 BMA G . -34.07 45.18 15.88
HO6 BMA G . -32.73 43.72 11.68
C1 NAG H . -42.17 14.24 -42.46
C2 NAG H . -43.11 14.84 -43.50
C3 NAG H . -43.10 14.00 -44.77
C4 NAG H . -41.68 13.76 -45.24
C5 NAG H . -40.86 13.13 -44.12
C6 NAG H . -39.42 12.93 -44.50
C7 NAG H . -45.03 16.16 -42.77
C8 NAG H . -46.46 16.12 -42.32
N2 NAG H . -44.45 14.98 -42.97
O3 NAG H . -43.87 14.67 -45.78
O4 NAG H . -41.68 12.86 -46.35
O5 NAG H . -40.87 14.02 -42.99
O6 NAG H . -38.86 14.15 -44.99
O7 NAG H . -44.42 17.21 -42.93
H2 NAG H . -42.79 15.74 -43.72
H3 NAG H . -43.50 13.15 -44.59
H4 NAG H . -41.29 14.61 -45.51
H5 NAG H . -41.27 12.28 -43.92
H61 NAG H . -38.92 12.62 -43.72
H62 NAG H . -39.35 12.24 -45.17
H81 NAG H . -46.77 17.04 -42.21
H82 NAG H . -46.99 15.67 -43.00
H83 NAG H . -46.52 15.64 -41.48
HN2 NAG H . -44.89 14.26 -42.79
HO3 NAG H . -43.86 14.20 -46.48
HO6 NAG H . -38.06 14.02 -45.19
C1 NAG H . -41.32 13.58 -47.53
C2 NAG H . -40.22 12.84 -48.28
C3 NAG H . -39.85 13.61 -49.52
C4 NAG H . -41.10 13.84 -50.38
C5 NAG H . -42.20 14.48 -49.52
C6 NAG H . -43.51 14.62 -50.26
C7 NAG H . -38.46 11.46 -47.27
C8 NAG H . -37.25 11.45 -46.38
N2 NAG H . -39.05 12.64 -47.44
O3 NAG H . -38.89 12.88 -50.28
O4 NAG H . -40.80 14.68 -51.48
O5 NAG H . -42.45 13.69 -48.37
O6 NAG H . -44.59 14.16 -49.46
O7 NAG H . -38.87 10.44 -47.81
H2 NAG H . -40.55 11.95 -48.51
H3 NAG H . -39.48 14.47 -49.28
H4 NAG H . -41.42 12.97 -50.70
H5 NAG H . -41.87 15.38 -49.30
H61 NAG H . -43.66 15.55 -50.50
H62 NAG H . -43.48 14.12 -51.08
H81 NAG H . -36.90 10.54 -46.33
H82 NAG H . -36.58 12.04 -46.75
H83 NAG H . -37.51 11.75 -45.49
HN2 NAG H . -38.72 13.33 -47.03
HO3 NAG H . -38.68 13.31 -50.97
HO4 NAG H . -41.50 14.80 -51.94
HO6 NAG H . -45.31 14.25 -49.88
C1 NAG I . -34.69 30.00 -26.60
C2 NAG I . -34.91 31.38 -27.24
C3 NAG I . -34.32 31.39 -28.65
C4 NAG I . -32.87 30.91 -28.64
C5 NAG I . -32.79 29.56 -27.93
C6 NAG I . -31.38 29.05 -27.80
C7 NAG I . -36.83 32.74 -26.57
C8 NAG I . -38.30 32.95 -26.72
N2 NAG I . -36.32 31.72 -27.27
O3 NAG I . -34.38 32.71 -29.16
O4 NAG I . -32.43 30.74 -29.98
O5 NAG I . -33.31 29.70 -26.60
O6 NAG I . -30.67 29.74 -26.78
O7 NAG I . -36.15 33.44 -25.84
H2 NAG I . -34.44 32.03 -26.69
H3 NAG I . -34.83 30.80 -29.22
H4 NAG I . -32.32 31.56 -28.18
H5 NAG I . -33.30 28.94 -28.47
H61 NAG I . -31.39 28.10 -27.60
H62 NAG I . -30.92 29.14 -28.65
H81 NAG I . -38.57 33.70 -26.18
H82 NAG I . -38.50 33.14 -27.66
H83 NAG I . -38.77 32.15 -26.44
HN2 NAG I . -36.84 31.26 -27.76
HO3 NAG I . -34.06 32.74 -29.93
HO6 NAG I . -29.88 29.43 -26.74
C1 NAG I . -31.26 31.54 -30.27
C2 NAG I . -30.61 30.98 -31.53
C3 NAG I . -29.38 31.80 -31.89
C4 NAG I . -29.76 33.28 -32.00
C5 NAG I . -30.45 33.73 -30.72
C6 NAG I . -30.94 35.16 -30.80
C7 NAG I . -31.00 28.58 -31.83
C8 NAG I . -30.42 27.20 -31.66
N2 NAG I . -30.25 29.59 -31.36
O3 NAG I . -28.85 31.34 -33.11
O4 NAG I . -28.58 34.06 -32.20
O5 NAG I . -31.60 32.92 -30.47
O6 NAG I . -32.11 35.25 -31.59
O7 NAG I . -32.08 28.76 -32.37
H2 NAG I . -31.25 31.03 -32.26
H3 NAG I . -28.72 31.71 -31.19
H4 NAG I . -30.36 33.39 -32.76
H5 NAG I . -29.78 33.67 -30.02
H61 NAG I . -31.12 35.49 -29.91
H62 NAG I . -30.25 35.72 -31.18
H81 NAG I . -31.03 26.55 -32.04
H82 NAG I . -29.56 27.16 -32.12
H83 NAG I . -30.29 27.03 -30.71
HN2 NAG I . -29.54 29.39 -30.93
HO3 NAG I . -28.18 31.79 -33.33
HO6 NAG I . -32.37 36.05 -31.62
C1 BMA I . -28.59 34.70 -33.49
C2 BMA I . -27.61 35.88 -33.40
C3 BMA I . -27.57 36.59 -34.75
C4 BMA I . -27.23 35.58 -35.85
C5 BMA I . -28.25 34.41 -35.82
C6 BMA I . -27.93 33.35 -36.87
O2 BMA I . -26.30 35.40 -33.15
O3 BMA I . -26.60 37.63 -34.75
O4 BMA I . -27.30 36.22 -37.12
O5 BMA I . -28.22 33.81 -34.52
O6 BMA I . -26.65 32.81 -36.58
H2 BMA I . -27.90 36.46 -32.69
H3 BMA I . -28.44 36.99 -34.91
H4 BMA I . -26.34 35.24 -35.71
H5 BMA I . -29.12 34.78 -36.02
H61 BMA I . -28.60 32.66 -36.85
H62 BMA I . -27.95 33.74 -37.75
HO2 BMA I . -26.28 34.99 -32.41
HO3 BMA I . -26.78 38.18 -34.15
HO4 BMA I . -26.75 36.85 -37.14
HO6 BMA I . -26.47 32.22 -37.14
C1 NAG J . -49.51 -24.82 -26.81
C2 NAG J . -50.61 -25.37 -27.71
C3 NAG J . -50.94 -26.80 -27.34
C4 NAG J . -49.67 -27.65 -27.27
C5 NAG J . -48.68 -27.00 -26.32
C6 NAG J . -47.36 -27.74 -26.27
C7 NAG J . -52.23 -23.83 -28.69
C8 NAG J . -53.53 -23.10 -28.50
N2 NAG J . -51.79 -24.54 -27.64
O3 NAG J . -51.86 -27.34 -28.27
O4 NAG J . -49.97 -28.95 -26.78
O5 NAG J . -48.37 -25.67 -26.80
O6 NAG J . -46.85 -27.93 -27.58
O7 NAG J . -51.60 -23.78 -29.75
H2 NAG J . -50.29 -25.34 -28.63
H3 NAG J . -51.34 -26.82 -26.45
H4 NAG J . -49.29 -27.71 -28.17
H5 NAG J . -49.08 -26.99 -25.44
H61 NAG J . -46.73 -27.24 -25.74
H62 NAG J . -47.49 -28.59 -25.83
H81 NAG J . -53.75 -22.63 -29.32
H82 NAG J . -54.22 -23.75 -28.29
H83 NAG J . -53.42 -22.48 -27.77
HN2 NAG J . -52.23 -24.49 -26.90
HO3 NAG J . -52.04 -28.13 -28.06
HO6 NAG J . -46.12 -28.35 -27.54
C1 NAG J . -49.83 -29.89 -27.85
C2 NAG J . -48.98 -31.06 -27.40
C3 NAG J . -48.85 -32.05 -28.54
C4 NAG J . -50.24 -32.47 -29.01
C5 NAG J . -51.07 -31.23 -29.35
C6 NAG J . -52.51 -31.56 -29.70
C7 NAG J . -47.13 -30.98 -25.79
C8 NAG J . -45.76 -30.45 -25.50
N2 NAG J . -47.67 -30.62 -26.96
O3 NAG J . -48.12 -33.19 -28.11
O4 NAG J . -50.13 -33.28 -30.18
O5 NAG J . -51.12 -30.36 -28.21
O6 NAG J . -53.41 -30.72 -28.99
O7 NAG J . -47.72 -31.71 -25.01
H2 NAG J . -49.41 -31.48 -26.64
H3 NAG J . -48.38 -31.64 -29.28
H4 NAG J . -50.67 -32.96 -28.31
H5 NAG J . -50.64 -30.82 -30.11
H61 NAG J . -52.64 -31.45 -30.65
H62 NAG J . -52.69 -32.49 -29.48
H81 NAG J . -45.47 -30.76 -24.63
H82 NAG J . -45.14 -30.75 -26.19
H83 NAG J . -45.80 -29.48 -25.50
HN2 NAG J . -47.22 -30.10 -27.48
HO3 NAG J . -48.05 -33.74 -28.74
HO4 NAG J . -50.90 -33.51 -30.43
HO6 NAG J . -54.20 -30.92 -29.19
C1 NAG K . -37.72 -6.92 -36.62
C2 NAG K . -37.98 -7.01 -38.12
C3 NAG K . -37.72 -8.44 -38.61
C4 NAG K . -36.33 -8.91 -38.18
C5 NAG K . -36.19 -8.71 -36.66
C6 NAG K . -34.82 -9.08 -36.15
C7 NAG K . -39.62 -5.52 -39.18
C8 NAG K . -41.08 -5.25 -39.41
N2 NAG K . -39.34 -6.60 -38.45
O3 NAG K . -37.80 -8.47 -40.03
O4 NAG K . -36.22 -10.30 -38.45
O5 NAG K . -36.39 -7.33 -36.36
O6 NAG K . -33.86 -8.10 -36.48
O7 NAG K . -38.75 -4.78 -39.62
H2 NAG K . -37.38 -6.40 -38.58
H3 NAG K . -38.38 -9.03 -38.22
H4 NAG K . -35.66 -8.41 -38.65
H5 NAG K . -36.85 -9.29 -36.24
H61 NAG K . -34.85 -9.19 -35.19
H62 NAG K . -34.55 -9.93 -36.53
H81 NAG K . -41.17 -4.45 -39.95
H82 NAG K . -41.46 -6.02 -39.88
H83 NAG K . -41.52 -5.14 -38.56
HN2 NAG K . -39.98 -7.09 -38.17
HO3 NAG K . -37.66 -9.25 -40.31
HO6 NAG K . -33.11 -8.33 -36.19
C1 NAG K . -35.10 -10.58 -39.32
C2 NAG K . -34.77 -12.07 -39.20
C3 NAG K . -33.60 -12.42 -40.11
C4 NAG K . -33.90 -11.97 -41.53
C5 NAG K . -34.25 -10.48 -41.55
C6 NAG K . -34.66 -9.98 -42.91
C7 NAG K . -35.37 -13.02 -37.02
C8 NAG K . -34.85 -13.44 -35.68
N2 NAG K . -34.48 -12.44 -37.83
O3 NAG K . -33.39 -13.82 -40.09
O4 NAG K . -32.75 -12.17 -42.35
O5 NAG K . -35.37 -10.25 -40.68
O6 NAG K . -35.98 -10.42 -43.24
O7 NAG K . -36.53 -13.21 -37.37
H2 NAG K . -35.55 -12.57 -39.48
H3 NAG K . -32.81 -11.95 -39.80
H4 NAG K . -34.65 -12.49 -41.88
H5 NAG K . -33.46 -10.02 -41.26
H61 NAG K . -34.62 -9.01 -42.93
H62 NAG K . -34.04 -10.32 -43.58
H81 NAG K . -35.58 -13.85 -35.18
H82 NAG K . -34.13 -14.07 -35.80
H83 NAG K . -34.54 -12.65 -35.20
HN2 NAG K . -33.69 -12.27 -37.52
HO3 NAG K . -32.75 -14.01 -40.58
HO6 NAG K . -36.18 -10.13 -44.01
C1 BMA K . -33.00 -13.14 -43.39
C2 BMA K . -31.95 -12.91 -44.47
C3 BMA K . -32.16 -13.93 -45.58
C4 BMA K . -32.15 -15.34 -45.00
C5 BMA K . -33.20 -15.45 -43.87
C6 BMA K . -33.19 -16.82 -43.22
O2 BMA K . -30.64 -13.13 -43.96
O3 BMA K . -31.15 -13.83 -46.59
O4 BMA K . -32.45 -16.29 -46.01
O5 BMA K . -32.92 -14.45 -42.88
O6 BMA K . -31.91 -17.03 -42.62
H2 BMA K . -32.04 -12.00 -44.81
H3 BMA K . -33.02 -13.75 -46.00
H4 BMA K . -31.26 -15.53 -44.64
H5 BMA K . -34.08 -15.32 -44.28
H61 BMA K . -33.89 -16.88 -42.55
H62 BMA K . -33.38 -17.52 -43.88
HO2 BMA K . -30.50 -12.58 -43.34
HO3 BMA K . -31.16 -13.06 -46.91
HO4 BMA K . -31.88 -16.24 -46.63
HO6 BMA K . -31.90 -17.78 -42.25
C1 NAG L . -55.69 -21.19 15.31
C2 NAG L . -57.00 -21.94 15.54
C3 NAG L . -57.33 -21.97 17.03
C4 NAG L . -56.13 -22.48 17.83
C5 NAG L . -54.91 -21.63 17.51
C6 NAG L . -53.68 -22.12 18.22
C7 NAG L . -58.69 -21.98 13.79
C8 NAG L . -59.87 -21.28 13.18
N2 NAG L . -58.08 -21.34 14.79
O3 NAG L . -58.46 -22.80 17.25
O4 NAG L . -56.41 -22.37 19.23
O5 NAG L . -54.64 -21.70 16.11
O6 NAG L . -53.47 -23.50 17.97
O7 NAG L . -58.32 -23.07 13.40
H2 NAG L . -56.89 -22.85 15.23
H3 NAG L . -57.53 -21.08 17.34
H4 NAG L . -55.97 -23.41 17.60
H5 NAG L . -55.11 -20.73 17.81
H61 NAG L . -52.90 -21.61 17.92
H62 NAG L . -53.76 -21.96 19.18
H81 NAG L . -60.23 -21.82 12.48
H82 NAG L . -60.54 -21.13 13.87
H83 NAG L . -59.57 -20.42 12.83
HN2 NAG L . -58.34 -20.55 14.99
HO3 NAG L . -58.65 -22.82 18.06
HO6 NAG L . -52.78 -23.76 18.37
C1 NAG L . -56.56 -23.69 19.76
C2 NAG L . -55.71 -23.84 21.01
C3 NAG L . -55.90 -25.24 21.57
C4 NAG L . -57.39 -25.49 21.83
C5 NAG L . -58.19 -25.20 20.56
C6 NAG L . -59.68 -25.31 20.77
C7 NAG L . -53.55 -22.77 21.44
C8 NAG L . -52.12 -22.64 21.01
N2 NAG L . -54.31 -23.60 20.73
O3 NAG L . -55.17 -25.37 22.79
O4 NAG L . -57.59 -26.84 22.22
O5 NAG L . -57.93 -23.87 20.11
O6 NAG L . -60.35 -24.18 20.23
O7 NAG L . -54.00 -22.14 22.39
H2 NAG L . -55.99 -23.18 21.66
H3 NAG L . -55.57 -25.90 20.93
H4 NAG L . -57.68 -24.90 22.54
H5 NAG L . -57.92 -25.88 19.91
H61 NAG L . -60.02 -26.11 20.37
H62 NAG L . -59.88 -25.36 21.72
H81 NAG L . -51.67 -22.01 21.60
H82 NAG L . -51.70 -23.51 21.06
H83 NAG L . -52.09 -22.32 20.10
HN2 NAG L . -53.95 -24.01 20.06
HO3 NAG L . -55.27 -26.14 23.10
HO4 NAG L . -58.41 -26.97 22.37
HO6 NAG L . -61.17 -24.25 20.36
C1 NAG M . -45.24 -27.23 -4.94
C2 NAG M . -45.83 -28.57 -5.33
C3 NAG M . -45.77 -29.54 -4.15
C4 NAG M . -44.36 -29.60 -3.58
C5 NAG M . -43.87 -28.18 -3.28
C6 NAG M . -42.45 -28.15 -2.77
C7 NAG M . -47.56 -28.69 -7.07
C8 NAG M . -49.02 -28.48 -7.39
N2 NAG M . -47.20 -28.43 -5.81
O3 NAG M . -46.17 -30.83 -4.58
O4 NAG M . -44.40 -30.33 -2.35
O5 NAG M . -43.91 -27.40 -4.48
O6 NAG M . -41.52 -28.35 -3.83
O7 NAG M . -46.77 -29.06 -7.92
H2 NAG M . -45.30 -28.93 -6.06
H3 NAG M . -46.37 -29.21 -3.46
H4 NAG M . -43.77 -30.02 -4.22
H5 NAG M . -44.46 -27.83 -2.59
H61 NAG M . -42.28 -27.29 -2.36
H62 NAG M . -42.33 -28.82 -2.09
H81 NAG M . -49.17 -28.69 -8.32
H82 NAG M . -49.54 -29.07 -6.81
H83 NAG M . -49.25 -27.56 -7.21
HN2 NAG M . -47.80 -28.17 -5.25
HO3 NAG M . -46.15 -31.37 -3.93
HO6 NAG M . -40.74 -28.33 -3.53
C1 NAG M . -43.52 -31.46 -2.38
C2 NAG M . -43.27 -31.91 -0.94
C3 NAG M . -42.35 -33.13 -0.92
C4 NAG M . -42.93 -34.23 -1.80
C5 NAG M . -43.18 -33.68 -3.20
C6 NAG M . -43.85 -34.69 -4.12
C7 NAG M . -43.43 -30.07 0.68
C8 NAG M . -42.66 -29.08 1.50
N2 NAG M . -42.71 -30.84 -0.15
O3 NAG M . -42.23 -33.59 0.41
O4 NAG M . -42.00 -35.30 -1.90
O5 NAG M . -44.06 -32.55 -3.13
O6 NAG M . -45.23 -34.82 -3.80
O7 NAG M . -44.65 -30.18 0.75
H2 NAG M . -44.13 -32.16 -0.55
H3 NAG M . -41.48 -32.88 -1.26
H4 NAG M . -43.77 -34.54 -1.41
H5 NAG M . -42.31 -33.44 -3.57
H61 NAG M . -43.75 -34.40 -5.04
H62 NAG M . -43.41 -35.54 -4.04
H81 NAG M . -43.28 -28.60 2.06
H82 NAG M . -42.02 -29.57 2.05
H83 NAG M . -42.19 -28.48 0.91
HN2 NAG M . -41.86 -30.68 -0.22
HO3 NAG M . -41.73 -34.26 0.43
HO6 NAG M . -45.58 -35.38 -4.32
C1 BMA M . -42.54 -36.50 -1.31
C2 BMA M . -41.75 -37.67 -1.89
C3 BMA M . -42.26 -38.98 -1.29
C4 BMA M . -42.21 -38.89 0.24
C5 BMA M . -42.99 -37.66 0.73
C6 BMA M . -42.92 -37.48 2.23
O2 BMA M . -40.37 -37.57 -1.52
O3 BMA M . -41.49 -40.09 -1.72
O4 BMA M . -42.78 -40.06 0.82
O5 BMA M . -42.43 -36.48 0.10
O6 BMA M . -41.56 -37.29 2.60
H2 BMA M . -41.85 -37.66 -2.86
H3 BMA M . -43.18 -39.11 -1.58
H4 BMA M . -41.28 -38.82 0.53
H5 BMA M . -43.93 -37.78 0.48
H61 BMA M . -43.46 -36.72 2.51
H62 BMA M . -43.29 -38.26 2.67
HO2 BMA M . -40.06 -36.86 -1.84
HO3 BMA M . -41.52 -40.14 -2.56
HO4 BMA M . -42.36 -40.73 0.56
HO6 BMA M . -41.52 -37.20 3.44
C1 NAG N . -52.19 20.09 25.66
C2 NAG N . -53.45 20.36 26.47
C3 NAG N . -53.45 21.79 26.99
C4 NAG N . -52.14 22.10 27.72
C5 NAG N . -50.97 21.81 26.79
C6 NAG N . -49.64 22.01 27.47
C7 NAG N . -55.49 19.14 25.95
C8 NAG N . -56.72 19.07 25.11
N2 NAG N . -54.63 20.11 25.67
O3 NAG N . -54.56 21.99 27.85
O4 NAG N . -52.09 23.47 28.07
O5 NAG N . -51.02 20.41 26.40
O6 NAG N . -49.59 21.28 28.69
O7 NAG N . -55.29 18.33 26.86
H2 NAG N . -53.47 19.76 27.22
H3 NAG N . -53.52 22.42 26.24
H4 NAG N . -52.10 21.55 28.51
H5 NAG N . -51.04 22.41 26.03
H61 NAG N . -48.92 21.71 26.88
H62 NAG N . -49.50 22.95 27.63
H81 NAG N . -57.27 18.32 25.39
H82 NAG N . -57.21 19.90 25.19
H83 NAG N . -56.46 18.95 24.18
HN2 NAG N . -54.79 20.61 24.99
HO3 NAG N . -54.56 22.77 28.14
HO6 NAG N . -48.84 21.40 29.06
C1 NAG N . -52.21 23.59 29.50
C2 NAG N . -51.11 24.48 30.04
C3 NAG N . -51.27 24.60 31.54
C4 NAG N . -52.66 25.10 31.87
C5 NAG N . -53.71 24.20 31.20
C6 NAG N . -55.12 24.72 31.38
C7 NAG N . -48.85 24.73 29.12
C8 NAG N . -47.54 24.04 28.85
N2 NAG N . -49.80 23.98 29.69
O3 NAG N . -50.29 25.51 32.05
O4 NAG N . -52.87 25.08 33.28
O5 NAG N . -53.47 24.16 29.79
O6 NAG N . -55.82 24.72 30.16
O7 NAG N . -49.03 25.91 28.84
H2 NAG N . -51.20 25.36 29.62
H3 NAG N . -51.13 23.74 31.95
H4 NAG N . -52.76 26.01 31.55
H5 NAG N . -53.64 23.33 31.63
H61 NAG N . -55.59 24.16 32.02
H62 NAG N . -55.11 25.61 31.75
H81 NAG N . -46.93 24.68 28.45
H82 NAG N . -47.18 23.72 29.68
H83 NAG N . -47.70 23.31 28.25
HN2 NAG N . -49.62 23.16 29.87
HO3 NAG N . -50.38 25.57 32.88
HO4 NAG N . -53.65 25.35 33.46
HO6 NAG N . -56.60 25.01 30.27
C1 NAG O . -46.86 -2.85 24.64
C2 NAG O . -47.62 -3.52 25.80
C3 NAG O . -47.36 -2.75 27.09
C4 NAG O . -45.86 -2.56 27.33
C5 NAG O . -45.23 -1.95 26.08
C6 NAG O . -43.73 -1.79 26.19
C7 NAG O . -49.69 -4.75 25.36
C8 NAG O . -51.17 -4.64 25.09
N2 NAG O . -49.04 -3.59 25.53
O3 NAG O . -47.93 -3.46 28.19
O4 NAG O . -45.68 -1.66 28.41
O5 NAG O . -45.49 -2.80 24.95
O6 NAG O . -43.08 -3.04 26.03
O7 NAG O . -49.13 -5.83 25.43
H2 NAG O . -47.29 -4.41 25.90
H3 NAG O . -47.77 -1.87 27.02
H4 NAG O . -45.46 -3.42 27.52
H5 NAG O . -45.63 -1.06 25.98
H61 NAG O . -43.42 -1.18 25.51
H62 NAG O . -43.51 -1.42 27.06
H81 NAG O . -51.54 -5.53 24.99
H82 NAG O . -51.58 -4.18 25.83
H83 NAG O . -51.29 -4.12 24.28
HN2 NAG O . -49.48 -2.86 25.47
HO3 NAG O . -47.79 -3.04 28.90
HO6 NAG O . -42.25 -2.93 26.10
C1 NAG O . -44.90 -2.25 29.47
C2 NAG O . -44.37 -1.13 30.36
C3 NAG O . -43.55 -1.72 31.50
C4 NAG O . -44.38 -2.74 32.26
C5 NAG O . -44.90 -3.80 31.29
C6 NAG O . -45.81 -4.81 31.95
C7 NAG O . -44.05 0.98 29.16
C8 NAG O . -43.05 1.88 28.48
N2 NAG O . -43.58 -0.18 29.59
O3 NAG O . -43.17 -0.66 32.38
O4 NAG O . -43.56 -3.38 33.24
O5 NAG O . -45.67 -3.16 30.25
O6 NAG O . -47.09 -4.24 32.20
O7 NAG O . -45.22 1.30 29.29
H2 NAG O . -45.13 -0.65 30.72
H3 NAG O . -42.76 -2.14 31.15
H4 NAG O . -45.12 -2.29 32.69
H5 NAG O . -44.12 -4.26 30.95
H61 NAG O . -45.90 -5.59 31.38
H62 NAG O . -45.42 -5.10 32.78
H81 NAG O . -43.50 2.69 28.19
H82 NAG O . -42.34 2.09 29.10
H83 NAG O . -42.69 1.42 27.70
HN2 NAG O . -42.76 -0.39 29.41
HO3 NAG O . -42.72 -0.98 33.01
HO6 NAG O . -47.58 -4.82 32.56
C1 BMA O . -44.03 -3.10 34.57
C2 BMA O . -43.47 -4.19 35.49
C3 BMA O . -43.91 -3.94 36.92
C4 BMA O . -43.52 -2.51 37.33
C5 BMA O . -44.10 -1.50 36.32
C6 BMA O . -43.69 -0.07 36.66
O2 BMA O . -42.04 -4.14 35.48
O3 BMA O . -43.34 -4.87 37.82
O4 BMA O . -44.03 -2.23 38.62
O5 BMA O . -43.62 -1.82 35.01
O6 BMA O . -42.27 0.01 36.58
H2 BMA O . -43.78 -5.05 35.16
H3 BMA O . -44.88 -4.04 36.95
H4 BMA O . -42.55 -2.45 37.34
H5 BMA O . -45.06 -1.55 36.37
H61 BMA O . -44.10 0.55 36.03
H62 BMA O . -44.00 0.17 37.54
HO2 BMA O . -41.75 -4.28 34.71
HO3 BMA O . -43.55 -5.65 37.59
HO4 BMA O . -43.72 -2.78 39.18
HO6 BMA O . -42.04 0.80 36.77
CA CA P . -3.35 16.82 5.98
C1 NAG Q . -55.41 34.53 12.84
C2 NAG Q . -55.80 35.91 12.34
C3 NAG Q . -56.53 36.68 13.44
C4 NAG Q . -57.69 35.86 13.99
C5 NAG Q . -57.16 34.51 14.46
C6 NAG Q . -58.25 33.58 14.94
C7 NAG Q . -53.84 36.28 10.91
C8 NAG Q . -54.47 35.93 9.59
N2 NAG Q . -54.67 36.69 11.87
O3 NAG Q . -56.98 37.92 12.93
O4 NAG Q . -58.27 36.56 15.08
O5 NAG Q . -56.53 33.84 13.36
O6 NAG Q . -59.06 33.11 13.86
O7 NAG Q . -52.63 36.18 11.10
H2 NAG Q . -56.39 35.78 11.58
H3 NAG Q . -55.92 36.85 14.17
H4 NAG Q . -58.35 35.72 13.29
H5 NAG Q . -56.56 34.70 15.20
H61 NAG Q . -57.86 32.82 15.40
H62 NAG Q . -58.82 34.04 15.59
H81 NAG Q . -53.78 35.65 8.98
H82 NAG Q . -55.11 35.22 9.73
H83 NAG Q . -54.92 36.72 9.24
HN2 NAG Q . -54.53 37.46 12.23
HO3 NAG Q . -57.38 38.35 13.52
HO4 NAG Q . -58.91 36.12 15.39
HO6 NAG Q . -59.65 32.59 14.16
N POV R . 4.88 29.99 -6.27
P POV R . 7.00 30.51 -10.42
C1 POV R . 8.32 28.28 -10.68
C2 POV R . 9.33 27.54 -9.81
C3 POV R . 9.65 26.15 -10.31
C210 POV R . 18.20 21.83 -7.68
C310 POV R . 19.57 19.90 -13.72
C11 POV R . 4.89 30.41 -8.82
O11 POV R . 7.44 29.08 -9.87
C211 POV R . 17.94 20.51 -8.33
C311 POV R . 20.46 19.41 -12.58
C12 POV R . 4.65 30.95 -7.42
O12 POV R . 5.94 31.19 -9.44
C212 POV R . 18.75 19.38 -7.68
C312 POV R . 21.94 19.75 -12.70
C13 POV R . 4.62 30.74 -4.99
O13 POV R . 8.21 31.36 -10.46
C213 POV R . 17.99 18.07 -7.52
C313 POV R . 22.65 19.26 -13.97
C14 POV R . 6.28 29.44 -6.27
O14 POV R . 6.28 30.25 -11.68
C214 POV R . 18.69 17.09 -6.60
C314 POV R . 23.30 17.89 -13.86
C15 POV R . 3.90 28.85 -6.37
C215 POV R . 17.96 15.77 -6.43
C315 POV R . 22.31 16.73 -13.91
C216 POV R . 18.44 14.95 -5.24
C316 POV R . 22.24 15.96 -12.62
C217 POV R . 19.81 14.31 -5.48
C218 POV R . 20.34 13.54 -4.32
C21 POV R . 9.47 27.46 -7.31
O21 POV R . 8.74 27.48 -8.46
C22 POV R . 10.97 27.40 -7.53
O22 POV R . 8.98 27.44 -6.22
C23 POV R . 11.77 27.40 -6.23
C24 POV R . 13.22 26.99 -6.46
C25 POV R . 13.42 25.49 -6.64
C26 POV R . 14.86 25.06 -6.78
C27 POV R . 15.03 23.55 -6.75
C28 POV R . 15.91 22.91 -7.82
C29 POV R . 17.35 22.82 -7.46
C31 POV R . 11.49 26.07 -11.80
O31 POV R . 11.08 26.09 -10.54
C32 POV R . 12.62 25.09 -12.01
O32 POV R . 11.02 26.75 -12.68
C33 POV R . 13.02 24.34 -10.74
C34 POV R . 14.11 23.29 -10.97
C35 POV R . 15.45 23.83 -11.44
C36 POV R . 16.54 22.78 -11.58
C37 POV R . 17.47 23.04 -12.75
C38 POV R . 18.67 22.11 -12.82
C39 POV R . 18.35 20.71 -13.27
H29 POV R . 17.71 23.60 -6.98
H1 POV R . 8.79 28.84 -11.32
H1A POV R . 7.80 27.64 -11.20
H2 POV R . 10.17 28.04 -9.83
H3 POV R . 9.37 25.49 -9.65
H3A POV R . 9.15 25.96 -11.12
H310 POV R . 20.10 20.46 -14.31
H31A POV R . 19.27 19.15 -14.23
H210 POV R . 19.11 21.98 -7.38
H11 POV R . 5.13 29.47 -8.79
H11A POV R . 4.07 30.47 -9.35
H211 POV R . 16.99 20.30 -8.27
H21A POV R . 18.16 20.57 -9.27
H311 POV R . 20.13 19.77 -11.75
H31B POV R . 20.37 18.44 -12.53
H12 POV R . 3.74 31.28 -7.37
H12A POV R . 5.24 31.72 -7.29
H22 POV R . 11.18 26.61 -8.04
H212 POV R . 19.54 19.21 -8.22
H22A POV R . 11.24 28.16 -8.06
H21B POV R . 19.05 19.68 -6.81
H32 POV R . 12.35 24.45 -12.68
H312 POV R . 22.03 20.72 -12.67
H32A POV R . 13.39 25.56 -12.35
H31C POV R . 22.41 19.38 -11.94
H13 POV R . 4.75 30.14 -4.24
H13A POV R . 5.24 31.48 -4.94
H13B POV R . 3.70 31.05 -5.00
H23 POV R . 11.75 28.28 -5.83
H213 POV R . 17.11 18.26 -7.16
H23A POV R . 11.35 26.78 -5.60
H21C POV R . 17.87 17.67 -8.39
H33 POV R . 13.34 24.98 -10.08
H313 POV R . 22.01 19.24 -14.71
H33A POV R . 12.25 23.92 -10.37
H31D POV R . 23.33 19.91 -14.22
H14 POV R . 6.39 28.83 -5.52
H14A POV R . 6.45 28.97 -7.10
H14B POV R . 6.91 30.17 -6.18
H24 POV R . 13.55 27.44 -7.24
H214 POV R . 19.58 16.90 -6.95
H24A POV R . 13.76 27.29 -5.71
H21D POV R . 18.81 17.49 -5.73
H34 POV R . 14.24 22.80 -10.13
H314 POV R . 23.94 17.78 -14.57
H34A POV R . 13.79 22.65 -11.62
H31E POV R . 23.78 17.84 -13.02
H15 POV R . 4.05 28.24 -5.62
H15A POV R . 3.00 29.21 -6.33
H15B POV R . 4.04 28.39 -7.21
H25 POV R . 13.03 25.03 -5.87
H215 POV R . 17.01 15.95 -6.31
H25A POV R . 12.93 25.20 -7.42
H21E POV R . 18.06 15.24 -7.23
H35 POV R . 15.32 24.28 -12.30
H315 POV R . 21.42 17.08 -14.13
H35A POV R . 15.74 24.52 -10.82
H31F POV R . 22.56 16.13 -14.63
H26 POV R . 15.23 25.40 -7.61
H216 POV R . 18.49 15.52 -4.46
H26A POV R . 15.39 25.44 -6.06
H21F POV R . 17.79 14.25 -5.04
H36 POV R . 17.05 22.76 -10.76
H316 POV R . 21.59 15.24 -12.72
H36A POV R . 16.12 21.92 -11.68
H31G POV R . 23.11 15.59 -12.42
H31H POV R . 21.96 16.56 -11.91
H27 POV R . 15.38 23.30 -5.88
H217 POV R . 19.74 13.71 -6.24
H27A POV R . 14.14 23.15 -6.82
H21G POV R . 20.44 15.00 -5.72
H37 POV R . 16.97 22.95 -13.58
H37A POV R . 17.78 23.96 -12.71
H28 POV R . 15.59 22.02 -8.02
H218 POV R . 21.21 13.17 -4.56
H28A POV R . 15.83 23.43 -8.64
H21H POV R . 20.44 14.14 -3.55
H21J POV R . 19.73 12.83 -4.10
H38 POV R . 19.33 22.50 -13.42
H38A POV R . 19.09 22.08 -11.94
H39 POV R . 17.72 20.75 -14.00
H39A POV R . 17.92 20.23 -12.54
N POV S . 11.15 34.65 0.00
P POV S . 14.08 32.79 -2.03
C1 POV S . 16.09 32.03 -0.50
C2 POV S . 16.48 30.62 -0.93
C3 POV S . 15.32 29.66 -1.03
C210 POV S . 23.46 22.30 -2.11
C11 POV S . 11.45 33.15 -2.12
O11 POV S . 14.69 32.32 -0.63
C211 POV S . 23.99 22.94 -0.89
C12 POV S . 10.92 33.31 -0.71
O12 POV S . 12.58 32.23 -2.05
C13 POV S . 11.06 35.84 -0.92
O13 POV S . 14.07 34.27 -2.04
C14 POV S . 10.09 34.78 1.04
O14 POV S . 14.84 32.08 -3.09
C15 POV S . 12.49 34.66 0.68
C21 POV S . 18.66 29.75 -0.30
O21 POV S . 17.41 30.11 0.09
C22 POV S . 19.52 29.45 0.90
O22 POV S . 19.03 29.70 -1.44
C23 POV S . 20.16 28.07 0.86
C24 POV S . 21.26 27.88 -0.19
C25 POV S . 20.94 26.91 -1.32
C26 POV S . 21.97 25.80 -1.55
C27 POV S . 21.75 25.06 -2.87
C28 POV S . 22.97 24.37 -3.47
C29 POV S . 22.99 22.90 -3.18
C31 POV S . 16.39 28.21 -2.60
O31 POV S . 15.78 28.35 -1.42
C32 POV S . 17.47 27.16 -2.53
O32 POV S . 16.12 28.86 -3.58
C33 POV S . 17.06 25.80 -3.06
C34 POV S . 18.13 24.73 -2.78
C35 POV S . 17.67 23.30 -2.97
C36 POV S . 18.34 22.58 -4.12
C37 POV S . 19.75 22.12 -3.83
H29 POV S . 22.62 22.32 -3.86
H1 POV S . 16.36 32.17 0.42
H1A POV S . 16.59 32.67 -1.04
H2 POV S . 16.86 30.69 -1.81
H3 POV S . 14.85 29.60 -0.19
H3A POV S . 14.67 29.99 -1.68
H210 POV S . 23.45 21.33 -2.13
H11 POV S . 10.77 32.80 -2.71
H11A POV S . 11.74 34.00 -2.48
H211 POV S . 23.40 22.57 -0.05
H21A POV S . 24.99 22.57 -0.67
H12 POV S . 11.29 32.62 -0.17
H12A POV S . 9.95 33.15 -0.74
H22 POV S . 20.21 30.12 0.96
H22A POV S . 18.97 29.52 1.70
H32 POV S . 18.24 27.47 -3.02
H32A POV S . 17.74 27.07 -1.60
H13 POV S . 11.21 36.64 -0.40
H13A POV S . 11.73 35.75 -1.61
H13B POV S . 10.18 35.86 -1.31
H23 POV S . 20.53 27.88 1.73
H23A POV S . 19.47 27.42 0.70
H33 POV S . 16.23 25.52 -2.65
H33A POV S . 16.90 25.85 -4.01
H14 POV S . 10.21 35.62 1.51
H14A POV S . 9.22 34.77 0.62
H14B POV S . 10.16 34.04 1.67
H24 POV S . 21.47 28.75 -0.58
H24A POV S . 22.07 27.58 0.26
H34 POV S . 18.89 24.90 -3.37
H34A POV S . 18.45 24.85 -1.88
H15 POV S . 12.62 35.51 1.12
H15A POV S . 12.52 33.93 1.33
H15B POV S . 13.18 34.52 0.01
H25 POV S . 20.08 26.51 -1.13
H25A POV S . 20.84 27.41 -2.15
H35 POV S . 17.84 22.81 -2.15
H35A POV S . 16.71 23.30 -3.11
H26 POV S . 22.86 26.19 -1.54
H26A POV S . 21.92 25.17 -0.82
H36 POV S . 17.80 21.80 -4.36
H36A POV S . 18.35 23.16 -4.89
H27 POV S . 21.07 24.39 -2.72
H27A POV S . 21.41 25.70 -3.52
H37 POV S . 19.74 21.37 -3.04
H37A POV S . 20.14 21.58 -4.69
H28 POV S . 22.97 24.51 -4.44
H28A POV S . 23.78 24.78 -3.13
C01 9Z9 T . 38.01 29.92 6.72
C02 9Z9 T . 38.64 28.85 5.81
C03 9Z9 T . 37.56 27.92 5.15
C04 9Z9 T . 37.09 28.72 3.91
C05 9Z9 T . 38.05 29.89 3.72
C06 9Z9 T . 39.26 29.47 4.54
C07 9Z9 T . 40.37 30.50 4.82
C08 9Z9 T . 41.48 29.83 5.62
C09 9Z9 T . 40.95 29.06 6.84
C10 9Z9 T . 39.77 28.14 6.54
C11 9Z9 T . 42.63 30.82 5.98
C12 9Z9 T . 42.22 31.79 7.11
C13 9Z9 T . 43.01 31.65 4.76
C14 9Z9 T . 42.28 31.67 3.66
C15 9Z9 T . 40.92 31.05 3.51
C16 9Z9 T . 44.28 32.47 4.85
C17 9Z9 T . 45.44 31.63 5.33
C18 9Z9 T . 45.10 30.90 6.62
C19 9Z9 T . 43.87 30.01 6.42
O20 9Z9 T . 46.59 32.49 5.44
C21 9Z9 T . 47.69 32.04 6.24
C22 9Z9 T . 48.95 32.74 5.81
C23 9Z9 T . 50.02 32.85 6.92
C24 9Z9 T . 50.36 31.49 7.51
O25 9Z9 T . 51.52 31.59 8.32
C26 9Z9 T . 51.81 30.41 9.04
C48 9Z9 T . 51.27 33.50 6.38
O49 9Z9 T . 51.96 32.57 5.58
C50 9Z9 T . 52.75 33.21 4.59
O72 9Z9 T . 35.78 29.15 4.25
C73 9Z9 T . 35.17 28.08 4.95
C74 9Z9 T . 36.26 27.57 5.89
C75 9Z9 T . 36.14 26.09 6.28
C76 9Z9 T . 33.91 28.60 5.62
C77 9Z9 T . 32.75 27.64 5.47
C78 9Z9 T . 32.43 27.33 4.02
C79 9Z9 T . 33.72 27.31 3.23
O80 9Z9 T . 34.85 27.03 4.06
C81 9Z9 T . 31.46 28.36 3.43
H1 9Z9 T . 37.29 30.37 6.23
H2 9Z9 T . 37.64 29.49 7.50
H3 9Z9 T . 38.69 30.56 6.97
H4 9Z9 T . 38.02 27.07 5.06
H5 9Z9 T . 37.09 28.20 3.09
H6 9Z9 T . 37.66 30.72 4.03
H7 9Z9 T . 38.27 30.02 2.78
H8 9Z9 T . 39.81 28.86 4.02
H9 9Z9 T . 39.99 31.24 5.33
H10 9Z9 T . 41.88 29.16 5.04
H11 9Z9 T . 41.67 28.53 7.23
H12 9Z9 T . 40.69 29.70 7.52
H13 9Z9 T . 40.08 27.37 6.02
H14 9Z9 T . 39.44 27.76 7.38
H15 9Z9 T . 41.44 32.29 6.83
H16 9Z9 T . 42.01 31.27 7.91
H17 9Z9 T . 42.95 32.38 7.30
H18 9Z9 T . 42.63 32.11 2.92
H19 9Z9 T . 40.30 31.71 3.16
H20 9Z9 T . 40.96 30.33 2.85
H21 9Z9 T . 44.14 33.20 5.47
H22 9Z9 T . 44.48 32.85 3.99
H23 9Z9 T . 45.66 30.92 4.69
H24 9Z9 T . 45.84 30.35 6.90
H25 9Z9 T . 44.93 31.54 7.33
H26 9Z9 T . 44.06 29.34 5.75
H27 9Z9 T . 43.66 29.55 7.25
H28 9Z9 T . 47.80 31.09 6.15
H29 9Z9 T . 47.51 32.22 7.17
H30 9Z9 T . 48.74 33.63 5.50
H31 9Z9 T . 49.34 32.27 5.06
H32 9Z9 T . 49.64 33.39 7.63
H33 9Z9 T . 50.50 30.84 6.81
H34 9Z9 T . 49.62 31.17 8.06
H35 9Z9 T . 52.61 30.54 9.55
H36 9Z9 T . 51.06 30.20 9.62
H37 9Z9 T . 51.94 29.68 8.40
H38 9Z9 T . 51.84 33.78 7.12
H39 9Z9 T . 51.04 34.28 5.87
H40 9Z9 T . 53.20 32.53 4.06
H41 9Z9 T . 52.18 33.73 4.01
H42 9Z9 T . 53.41 33.77 5.02
H43 9Z9 T . 36.21 27.98 6.77
H44 9Z9 T . 35.30 25.96 6.74
H45 9Z9 T . 36.17 25.56 5.46
H46 9Z9 T . 36.88 25.86 6.85
H47 9Z9 T . 34.08 28.77 6.56
H48 9Z9 T . 33.68 29.47 5.22
H49 9Z9 T . 32.95 26.82 5.93
H50 9Z9 T . 31.96 28.01 5.90
H51 9Z9 T . 32.00 26.47 3.97
H52 9Z9 T . 33.86 28.17 2.80
H53 9Z9 T . 33.67 26.65 2.54
H54 9Z9 T . 30.64 28.34 3.95
H55 9Z9 T . 31.87 29.24 3.46
H56 9Z9 T . 31.27 28.12 2.51
C1 EPJ U . -24.99 26.11 -15.56
C2 EPJ U . -25.03 27.62 -15.25
C3 EPJ U . -24.19 27.70 -13.97
C4 EPJ U . -22.74 27.41 -14.31
C5 EPJ U . -22.71 25.90 -14.51
C6 EPJ U . -24.20 25.55 -14.35
N1 EPJ U . -24.61 26.47 -13.28
C7 EPJ U . -26.33 25.46 -15.85
C8 EPJ U . -26.61 24.16 -15.46
C9 EPJ U . -27.81 23.57 -15.80
C10 EPJ U . -28.70 24.32 -16.52
CL EPJ U . -30.21 23.62 -17.01
N2 EPJ U . -28.49 25.56 -16.91
C11 EPJ U . -27.31 26.11 -16.57
H1 EPJ U . -24.56 25.89 -16.41
H2C1 EPJ U . -24.64 28.15 -15.97
H2C2 EPJ U . -25.94 27.94 -15.12
H3 EPJ U . -24.29 28.55 -13.51
H4C1 EPJ U . -22.46 27.88 -15.10
H4C2 EPJ U . -22.15 27.68 -13.59
H5C1 EPJ U . -22.38 25.66 -15.39
H5C2 EPJ U . -22.16 25.44 -13.86
H6 EPJ U . -24.33 24.59 -14.22
HA EPJ U . -25.46 26.45 -13.12
H8 EPJ U . -25.98 23.67 -14.99
H9 EPJ U . -28.02 22.70 -15.54
H11 EPJ U . -27.15 26.98 -16.84
C01 I34 V . 12.52 6.95 8.52
C03 I34 V . 12.25 8.11 10.59
C04 I34 V . 10.90 8.29 10.37
C05 I34 V . 10.12 8.87 11.34
C07 I34 V . 8.16 8.78 9.97
C08 I34 V . 10.66 9.26 12.57
C10 I34 V . 10.07 10.37 14.73
C13 I34 V . 8.92 11.32 16.74
C14 I34 V . 9.99 11.63 17.60
C15 I34 V . 9.42 12.16 18.69
C16 I34 V . 9.94 12.70 19.96
C19 I34 V . 12.02 9.07 12.79
C20 I34 V . 12.80 8.51 11.80
N09 I34 V . 9.77 9.82 13.51
N12 I34 V . 8.96 10.74 15.48
N18 I34 V . 7.77 11.67 17.25
O02 I34 V . 13.10 7.47 9.71
O06 I34 V . 8.78 9.11 11.22
O11 I34 V . 11.21 10.54 15.15
O17 I34 V . 8.09 12.21 18.52
CL1 I34 V . 14.50 8.31 12.07
H1 I34 V . 13.23 6.53 8.00
H2 I34 V . 11.85 6.30 8.75
H3 I34 V . 12.12 7.68 8.02
H4 I34 V . 10.53 8.03 9.56
H5 I34 V . 7.22 8.99 10.03
H6 I34 V . 8.58 9.29 9.27
H7 I34 V . 8.27 7.83 9.80
H8 I34 V . 10.90 11.48 17.45
H9 I34 V . 9.20 13.01 20.51
H10 I34 V . 10.42 11.99 20.44
H11 I34 V . 10.54 13.43 19.78
H12 I34 V . 12.41 9.32 13.61
H13 I34 V . 8.94 9.82 13.29
H14 I34 V . 8.21 10.59 15.12
N POV W . -2.06 15.81 26.61
P POV W . -0.08 20.05 26.22
C1 POV W . 1.73 19.66 24.37
C2 POV W . 2.86 18.67 24.21
C3 POV W . 3.50 18.71 22.83
C210 POV W . 12.79 15.39 21.60
C310 POV W . 14.63 20.59 18.17
C11 POV W . -2.13 18.36 26.18
O11 POV W . 0.67 19.10 25.17
C211 POV W . 12.84 15.57 20.11
C311 POV W . 15.60 19.42 18.27
C12 POV W . -2.49 17.20 27.08
O12 POV W . -1.27 19.27 26.93
C212 POV W . 13.88 14.65 19.47
C312 POV W . 16.97 19.73 18.88
C13 POV W . -2.50 14.83 27.66
O13 POV W . 0.91 20.42 27.25
C213 POV W . 13.44 14.04 18.14
C313 POV W . 17.78 20.82 18.17
C14 POV W . -0.57 15.73 26.42
O14 POV W . -0.71 21.10 25.41
C214 POV W . 14.34 12.90 17.69
C314 POV W . 18.72 20.31 17.09
C15 POV W . -2.76 15.48 25.32
C215 POV W . 13.93 12.26 16.38
C315 POV W . 18.02 19.93 15.79
C216 POV W . 14.58 10.91 16.11
C316 POV W . 18.12 18.46 15.48
C217 POV W . 16.05 11.03 15.75
C218 POV W . 16.74 9.72 15.54
C21 POV W . 3.00 16.29 24.97
O21 POV W . 2.29 17.34 24.45
C22 POV W . 4.47 16.56 25.18
O22 POV W . 2.51 15.22 25.19
C23 POV W . 5.24 15.39 25.76
C24 POV W . 6.74 15.57 25.63
C25 POV W . 7.28 15.27 24.24
C26 POV W . 8.79 15.37 24.12
C27 POV W . 9.30 14.87 22.78
C28 POV W . 10.32 15.74 22.04
C29 POV W . 11.73 15.45 22.41
C31 POV W . 5.33 20.22 22.67
O31 POV W . 4.91 19.00 23.01
C32 POV W . 6.66 20.17 21.96
O32 POV W . 4.72 21.22 22.91
C33 POV W . 7.21 18.77 21.76
C34 POV W . 8.51 18.71 20.97
C35 POV W . 9.69 19.42 21.61
C36 POV W . 11.00 19.29 20.84
C37 POV W . 11.86 20.54 20.90
C38 POV W . 13.25 20.38 20.30
C39 POV W . 13.27 20.33 18.78
H29 POV W . 11.90 15.28 23.34
H1 POV W . 2.06 20.47 24.79
H1A POV W . 1.39 19.91 23.50
H2 POV W . 3.57 18.90 24.83
H3 POV W . 3.38 17.86 22.37
H3A POV W . 3.08 19.40 22.28
H310 POV W . 15.04 21.36 18.60
H31A POV W . 14.52 20.82 17.23
H210 POV W . 13.64 15.23 22.04
H11 POV W . -1.67 18.05 25.39
H11A POV W . -2.93 18.82 25.88
H211 POV W . 11.97 15.40 19.73
H21A POV W . 13.06 16.50 19.91
H311 POV W . 15.18 18.72 18.81
H31B POV W . 15.73 19.04 17.39
H12 POV W . -3.46 17.20 27.19
H12A POV W . -2.10 17.36 27.96
H22 POV W . 4.86 16.81 24.33
H212 POV W . 14.70 15.16 19.32
H22A POV W . 4.56 17.34 25.76
H21B POV W . 14.10 13.95 20.09
H32 POV W . 6.56 20.58 21.09
H312 POV W . 16.84 20.00 19.81
H32A POV W . 7.30 20.70 22.46
H31C POV W . 17.49 18.92 18.89
H13 POV W . -2.25 13.93 27.39
H13A POV W . -2.08 15.05 28.51
H13B POV W . -3.47 14.88 27.76
H23 POV W . 5.01 15.29 26.70
H213 POV W . 12.54 13.71 18.24
H23A POV W . 4.96 14.57 25.31
H21C POV W . 13.43 14.72 17.46
H33 POV W . 7.37 18.37 22.64
H313 POV W . 17.17 21.47 17.77
H33A POV W . 6.55 18.22 21.32
H31D POV W . 18.31 21.30 18.84
H14 POV W . -0.33 14.83 26.13
H14A POV W . -0.30 16.38 25.76
H14B POV W . -0.13 15.92 27.26
H24 POV W . 6.97 16.48 25.87
H214 POV W . 15.25 13.23 17.60
H24A POV W . 7.19 14.99 26.27
H21D POV W . 14.35 12.22 18.38
H34 POV W . 8.74 17.78 20.81
H314 POV W . 19.39 20.99 16.90
H34A POV W . 8.35 19.11 20.09
H31E POV W . 19.20 19.54 17.43
H15 POV W . -2.48 14.60 25.03
H15A POV W . -3.72 15.50 25.47
H15B POV W . -2.51 16.14 24.65
H25 POV W . 7.01 14.38 23.98
H215 POV W . 12.97 12.16 16.37
H25A POV W . 6.88 15.89 23.62
H21E POV W . 14.16 12.87 15.65
H35 POV W . 9.47 20.36 21.72
H315 POV W . 17.10 20.19 15.85
H35A POV W . 9.82 19.06 22.51
H31F POV W . 18.42 20.44 15.06
H26 POV W . 9.08 16.28 24.24
H216 POV W . 14.49 10.36 16.90
H26A POV W . 9.21 14.84 24.82
H21F POV W . 14.10 10.47 15.39
H36 POV W . 11.50 18.54 21.19
H316 POV W . 17.66 18.29 14.65
H36A POV W . 10.79 19.09 19.91
H31G POV W . 19.05 18.22 15.41
H31H POV W . 17.70 17.96 16.21
H27 POV W . 9.69 13.99 22.91
H217 POV W . 16.14 11.55 14.94
H27A POV W . 8.53 14.75 22.19
H21G POV W . 16.51 11.51 16.46
H37 POV W . 11.40 21.25 20.45
H37A POV W . 11.95 20.81 21.83
H28 POV W . 10.21 15.61 21.09
H218 POV W . 17.66 9.88 15.31
H28A POV W . 10.13 16.67 22.23
H21H POV W . 16.68 9.20 16.36
H21J POV W . 16.31 9.24 14.82
H38 POV W . 13.80 21.11 20.60
H38A POV W . 13.65 19.56 20.63
H39 POV W . 12.64 21.00 18.44
H39A POV W . 12.94 19.47 18.49
N POV X . 47.00 18.86 19.40
P POV X . 42.06 17.48 18.93
C1 POV X . 39.59 18.16 18.27
C2 POV X . 38.96 17.23 17.24
C3 POV X . 38.20 18.02 16.20
C210 POV X . 28.42 16.06 18.49
C310 POV X . 27.31 15.82 14.22
C11 POV X . 44.67 17.80 19.16
O11 POV X . 41.00 18.25 18.03
C211 POV X . 27.78 14.83 19.07
C311 POV X . 27.14 14.73 15.26
C12 POV X . 45.53 19.05 19.12
O12 POV X . 43.45 18.07 18.41
C212 POV X . 26.48 15.10 19.84
C312 POV X . 25.79 14.77 15.97
C13 POV X . 47.19 17.94 20.58
O13 POV X . 41.86 17.85 20.36
C213 POV X . 26.67 15.29 21.33
C313 POV X . 25.26 13.42 16.45
C14 POV X . 47.69 18.27 18.21
O14 POV X . 42.03 16.05 18.56
C314 POV X . 23.77 13.20 16.22
C15 POV X . 47.63 20.18 19.71
C315 POV X . 23.11 12.26 17.23
C316 POV X . 22.07 11.35 16.63
C21 POV X . 38.46 15.27 18.52
O21 POV X . 37.99 16.37 17.91
C22 POV X . 37.35 14.50 19.19
O22 POV X . 39.61 14.95 18.54
C23 POV X . 36.00 14.62 18.49
C24 POV X . 35.15 15.77 19.02
C25 POV X . 33.70 15.73 18.58
C26 POV X . 32.90 14.56 19.13
C27 POV X . 31.41 14.83 19.27
C28 POV X . 30.68 15.08 17.96
C29 POV X . 29.65 16.17 18.05
C31 POV X . 36.60 19.74 16.48
O31 POV X . 36.98 18.51 16.79
C32 POV X . 35.14 19.78 16.09
O32 POV X . 37.33 20.71 16.50
C33 POV X . 34.28 18.90 16.97
C34 POV X . 32.80 19.19 16.84
C35 POV X . 32.18 18.57 15.61
C36 POV X . 30.83 19.16 15.23
C37 POV X . 30.03 18.29 14.26
C38 POV X . 29.45 17.02 14.86
C39 POV X . 28.74 16.15 13.85
H29 POV X . 29.94 17.06 17.76
H1 POV X . 39.17 19.03 18.22
H1A POV X . 39.41 17.82 19.16
H2 POV X . 39.67 16.74 16.82
H3 POV X . 38.74 18.75 15.87
H3A POV X . 38.01 17.46 15.43
H310 POV X . 26.83 15.57 13.42
H31A POV X . 26.89 16.63 14.55
H210 POV X . 27.86 16.85 18.43
H11 POV X . 45.14 17.06 18.77
H11A POV X . 44.46 17.57 20.07
H211 POV X . 27.61 14.21 18.35
H21A POV X . 28.41 14.41 19.67
H311 POV X . 27.24 13.87 14.82
H31B POV X . 27.84 14.81 15.91
H12 POV X . 45.18 19.67 19.77
H12A POV X . 45.43 19.46 18.25
H22 POV X . 37.60 13.57 19.24
H212 POV X . 26.05 15.88 19.46
H22A POV X . 37.26 14.82 20.11
H21B POV X . 25.87 14.35 19.69
H32 POV X . 34.82 20.69 16.12
H312 POV X . 25.85 15.36 16.73
H32A POV X . 35.06 19.49 15.16
H31C POV X . 25.14 15.16 15.36
H13 POV X . 48.14 17.83 20.74
H13A POV X . 46.76 18.34 21.35
H13B POV X . 46.78 17.09 20.38
H23 POV X . 36.15 14.73 17.54
H213 POV X . 25.70 15.36 21.81
H23A POV X . 35.51 13.78 18.60
H21C POV X . 27.11 14.39 21.75
H33 POV X . 34.45 17.97 16.75
H313 POV X . 25.75 12.71 16.00
H33A POV X . 34.56 19.01 17.90
H31D POV X . 25.45 13.33 17.39
H14 POV X . 48.63 18.15 18.41
H14A POV X . 47.29 17.41 18.01
H14B POV X . 47.59 18.86 17.45
H24 POV X . 35.20 15.78 19.98
H24A POV X . 35.55 16.61 18.70
H34 POV X . 32.35 18.86 17.63
H314 POV X . 23.31 14.06 16.25
H34A POV X . 32.67 20.15 16.82
H31E POV X . 23.63 12.84 15.33
H15 POV X . 48.57 20.05 19.89
H15A POV X . 47.51 20.77 18.95
H15B POV X . 47.20 20.56 20.49
H25 POV X . 33.27 16.56 18.86
H25A POV X . 33.66 15.71 17.62
H35 POV X . 32.79 18.68 14.87
H315 POV X . 23.81 11.72 17.65
H35A POV X . 32.08 17.62 15.75
H31F POV X . 22.71 12.79 17.94
H26 POV X . 33.03 13.80 18.56
H26A POV X . 33.26 14.32 20.00
H36 POV X . 30.31 19.28 16.03
H316 POV X . 21.70 10.78 17.33
H36A POV X . 30.97 20.03 14.83
H31G POV X . 21.37 11.89 16.25
H31H POV X . 22.47 10.81 15.95
H27 POV X . 31.00 14.08 19.72
H27A POV X . 31.28 15.60 19.85
H37 POV X . 29.30 18.83 13.90
H37A POV X . 30.59 18.06 13.51
H28 POV X . 31.32 15.30 17.27
H28A POV X . 30.24 14.26 17.69
H38 POV X . 30.17 16.51 15.27
H38A POV X . 28.83 17.26 15.56
H39 POV X . 29.24 15.31 13.75
H39A POV X . 28.75 16.59 12.99
C01 I34 Y . 14.51 7.18 -3.93
C03 I34 Y . 14.78 9.51 -4.35
C04 I34 Y . 13.43 9.67 -4.58
C05 I34 Y . 12.92 10.93 -4.80
C07 I34 Y . 10.70 10.10 -5.14
C08 I34 Y . 13.75 12.06 -4.79
C10 I34 Y . 13.72 14.54 -5.12
C13 I34 Y . 13.10 16.95 -5.36
C14 I34 Y . 14.36 17.60 -5.38
C15 I34 Y . 14.07 18.89 -5.53
C16 I34 Y . 14.89 20.12 -5.62
C19 I34 Y . 15.11 11.89 -4.54
C20 I34 Y . 15.61 10.62 -4.34
N09 I34 Y . 13.12 13.31 -4.99
N12 I34 Y . 12.83 15.60 -5.21
N18 I34 Y . 12.12 17.79 -5.50
O02 I34 Y . 15.37 8.31 -4.04
O06 I34 Y . 11.60 11.20 -5.05
O11 I34 Y . 14.93 14.72 -5.16
O17 I34 Y . 12.74 19.07 -5.61
CL1 I34 Y . 17.31 10.42 -4.09
H1 I34 Y . 15.06 6.40 -3.71
H2 I34 Y . 13.86 7.33 -3.23
H3 I34 Y . 14.06 7.03 -4.78
H4 I34 Y . 12.87 8.93 -4.59
H5 I34 Y . 9.81 10.43 -5.31
H6 I34 Y . 10.99 9.51 -5.86
H7 I34 Y . 10.71 9.61 -4.30
H8 I34 Y . 15.19 17.20 -5.30
H9 I34 Y . 14.31 20.89 -5.73
H10 I34 Y . 15.42 20.22 -4.81
H11 I34 Y . 15.48 20.05 -6.39
H12 I34 Y . 15.67 12.63 -4.51
H13 I34 Y . 12.26 13.31 -5.05
H14 I34 Y . 12.00 15.39 -5.18
N POV Z . 51.24 13.05 -12.06
P POV Z . 46.23 13.32 -10.84
C1 POV Z . 43.71 13.49 -11.67
C2 POV Z . 42.83 12.40 -11.14
C3 POV Z . 41.91 11.86 -12.20
C210 POV Z . 32.77 15.59 -9.50
C310 POV Z . 30.73 11.85 -10.65
C11 POV Z . 48.84 13.03 -11.11
O11 POV Z . 45.05 12.97 -11.86
C211 POV Z . 32.19 15.88 -8.14
C311 POV Z . 30.72 12.49 -9.27
C12 POV Z . 49.74 13.20 -12.32
O12 POV Z . 47.51 12.71 -11.59
C212 POV Z . 31.11 16.97 -8.12
C312 POV Z . 29.57 13.46 -9.06
C13 POV Z . 51.61 13.80 -10.82
O13 POV Z . 46.38 14.79 -10.74
C213 POV Z . 31.64 18.36 -7.83
C313 POV Z . 29.07 13.60 -7.62
C14 POV Z . 51.60 11.61 -11.89
O14 POV Z . 46.03 12.53 -9.62
C314 POV Z . 27.56 13.65 -7.47
C15 POV Z . 52.00 13.62 -13.21
C315 POV Z . 27.09 14.45 -6.25
C316 POV Z . 25.87 13.85 -5.57
C21 POV Z . 42.49 13.06 -8.84
O21 POV Z . 41.98 12.96 -10.08
C22 POV Z . 41.52 13.70 -7.90
O22 POV Z . 43.60 12.71 -8.56
C23 POV Z . 40.05 13.39 -8.21
C24 POV Z . 39.42 14.43 -9.13
C25 POV Z . 37.91 14.36 -9.22
C26 POV Z . 37.18 14.67 -7.93
C27 POV Z . 35.77 15.23 -8.11
C28 POV Z . 34.78 14.27 -8.77
C29 POV Z . 33.88 14.94 -9.75
C31 POV Z . 40.51 13.03 -13.73
O31 POV Z . 40.88 12.84 -12.46
C32 POV Z . 39.02 13.02 -13.87
O32 POV Z . 41.29 13.20 -14.64
C33 POV Z . 38.32 13.76 -12.73
C34 POV Z . 36.87 14.07 -13.03
C35 POV Z . 35.96 12.88 -12.84
C36 POV Z . 34.59 13.02 -13.50
C37 POV Z . 33.54 12.05 -13.00
C38 POV Z . 33.03 12.32 -11.60
C39 POV Z . 32.06 11.27 -11.09
H29 POV Z . 34.14 14.89 -10.69
H1 POV Z . 43.37 13.82 -12.51
H1A POV Z . 43.73 14.24 -11.06
H2 POV Z . 43.39 11.69 -10.80
H3 POV Z . 42.41 11.67 -13.01
H3A POV Z . 41.52 11.02 -11.91
H310 POV Z . 30.07 11.13 -10.65
H31A POV Z . 30.44 12.50 -11.30
H210 POV Z . 32.27 15.92 -10.25
H11 POV Z . 49.17 12.33 -10.54
H11A POV Z . 48.83 13.84 -10.59
H211 POV Z . 31.83 15.06 -7.78
H21A POV Z . 32.92 16.15 -7.55
H311 POV Z . 30.67 11.79 -8.60
H31B POV Z . 31.56 12.96 -9.14
H12 POV Z . 49.59 14.08 -12.69
H12A POV Z . 49.49 12.55 -12.98
H22 POV Z . 41.71 13.38 -6.99
H212 POV Z . 30.67 16.98 -8.98
H22A POV Z . 41.65 14.65 -7.90
H21B POV Z . 30.45 16.73 -7.46
H32 POV Z . 38.78 13.43 -14.72
H312 POV Z . 29.84 14.34 -9.38
H32A POV Z . 38.72 12.10 -13.90
H31C POV Z . 28.83 13.18 -9.62
H13 POV Z . 52.57 13.69 -10.67
H13A POV Z . 51.40 14.74 -10.93
H13B POV Z . 51.12 13.44 -10.06
H23 POV Z . 40.00 12.52 -8.63
H213 POV Z . 30.81 19.05 -7.72
H23A POV Z . 39.55 13.35 -7.39
H21C POV Z . 32.12 18.37 -6.85
H33 POV Z . 38.37 13.21 -11.93
H313 POV Z . 29.41 12.84 -7.11
H33A POV Z . 38.80 14.58 -12.55
H31D POV Z . 29.46 14.39 -7.24
H14 POV Z . 52.56 11.54 -11.73
H14A POV Z . 51.11 11.24 -11.14
H14B POV Z . 51.37 11.13 -12.70
H24 POV Z . 39.68 15.31 -8.82
H24A POV Z . 39.79 14.33 -10.02
H34 POV Z . 36.58 14.80 -12.46
H314 POV Z . 27.17 14.07 -8.27
H34A POV Z . 36.80 14.38 -13.95
H31E POV Z . 27.20 12.75 -7.42
H15 POV Z . 52.95 13.52 -13.05
H15A POV Z . 51.75 13.13 -14.02
H15B POV Z . 51.76 14.55 -13.31
H25 POV Z . 37.60 14.98 -9.91
H25A POV Z . 37.65 13.47 -9.51
H35 POV Z . 36.39 12.08 -13.20
H315 POV Z . 27.82 14.50 -5.61
H35A POV Z . 35.83 12.73 -11.90
H31F POV Z . 26.88 15.35 -6.51
H26 POV Z . 37.12 13.87 -7.39
H26A POV Z . 37.70 15.32 -7.41
H36 POV Z . 34.27 13.93 -13.36
H316 POV Z . 25.64 14.39 -4.80
H36A POV Z . 34.69 12.90 -14.46
H31G POV Z . 25.14 13.82 -6.19
H31H POV Z . 26.08 12.95 -5.28
H27 POV Z . 35.42 15.50 -7.25
H27A POV Z . 35.82 16.04 -8.65
H37 POV Z . 32.79 12.05 -13.61
H37A POV Z . 33.91 11.15 -13.03
H28 POV Z . 35.27 13.56 -9.21
H28A POV Z . 34.25 13.85 -8.07
H38 POV Z . 33.79 12.37 -10.99
H38A POV Z . 32.59 13.19 -11.58
H39 POV Z . 32.47 10.81 -10.34
H39A POV Z . 31.91 10.63 -11.78
CA CA AA . -0.85 11.63 -13.92
C1 NAG BA . -48.86 35.54 -27.82
C2 NAG BA . -49.28 35.62 -29.28
C3 NAG BA . -49.70 37.04 -29.64
C4 NAG BA . -50.75 37.55 -28.69
C5 NAG BA . -50.23 37.43 -27.25
C6 NAG BA . -51.24 37.83 -26.20
C7 NAG BA . -47.66 33.97 -30.12
C8 NAG BA . -48.58 32.79 -30.22
N2 NAG BA . -48.23 35.18 -30.19
O3 NAG BA . -50.16 37.07 -30.98
O4 NAG BA . -51.03 38.92 -28.99
O5 NAG BA . -49.89 36.06 -26.99
O6 NAG BA . -52.29 36.86 -26.10
O7 NAG BA . -46.45 33.83 -29.98
H2 NAG BA . -50.03 35.01 -29.41
H3 NAG BA . -48.92 37.62 -29.57
H4 NAG BA . -51.56 37.02 -28.77
H5 NAG BA . -49.47 38.03 -27.20
H61 NAG BA . -50.79 37.92 -25.34
H62 NAG BA . -51.62 38.70 -26.43
H81 NAG BA . -48.06 31.97 -30.15
H82 NAG BA . -49.22 32.83 -29.48
H83 NAG BA . -49.06 32.83 -31.06
HN2 NAG BA . -47.96 35.72 -30.79
HO3 NAG BA . -50.39 37.85 -31.18
HO4 NAG BA . -51.62 39.21 -28.45
HO6 NAG BA . -52.84 37.11 -25.51
N POV CA . 5.30 2.69 -30.44
P POV CA . 6.48 -1.45 -32.32
C1 POV CA . 7.57 -2.69 -30.30
C2 POV CA . 8.69 -2.36 -29.35
C3 POV CA . 8.80 -3.34 -28.19
C210 POV CA . 17.43 -4.26 -23.35
C310 POV CA . 17.31 -10.75 -23.51
C11 POV CA . 4.77 0.49 -31.68
O11 POV CA . 6.94 -1.49 -30.79
C211 POV CA . 16.95 -5.22 -22.31
C311 POV CA . 18.39 -10.07 -22.68
C12 POV CA . 4.89 1.99 -31.73
O12 POV CA . 5.71 -0.07 -32.62
C212 POV CA . 17.80 -5.18 -21.04
C312 POV CA . 19.83 -10.41 -23.06
C13 POV CA . 5.38 4.17 -30.73
O13 POV CA . 7.71 -1.48 -33.15
C213 POV CA . 17.02 -5.27 -19.73
C313 POV CA . 20.21 -11.89 -23.02
C14 POV CA . 6.63 2.20 -29.95
O14 POV CA . 5.48 -2.52 -32.48
C214 POV CA . 17.84 -4.91 -18.51
C314 POV CA . 20.77 -12.37 -21.69
C15 POV CA . 4.25 2.47 -29.39
C215 POV CA . 17.08 -4.99 -17.20
C315 POV CA . 19.72 -12.56 -20.61
C216 POV CA . 17.76 -4.28 -16.05
C316 POV CA . 19.89 -11.61 -19.45
C217 POV CA . 19.00 -5.02 -15.54
C218 POV CA . 19.73 -4.32 -14.44
C21 POV CA . 9.38 -0.12 -28.45
O21 POV CA . 8.41 -1.01 -28.83
C22 POV CA . 10.78 -0.69 -28.48
O22 POV CA . 9.14 0.98 -28.07
C23 POV CA . 11.85 0.33 -28.06
C24 POV CA . 13.18 -0.36 -27.77
C25 POV CA . 13.24 -1.04 -26.41
C26 POV CA . 14.59 -1.64 -26.06
C27 POV CA . 14.66 -2.13 -24.63
C28 POV CA . 15.24 -3.53 -24.39
C29 POV CA . 16.72 -3.55 -24.21
C31 POV CA . 10.26 -5.16 -28.61
O31 POV CA . 10.14 -3.90 -28.22
C32 POV CA . 11.26 -5.92 -27.78
O32 POV CA . 9.65 -5.64 -29.54
C33 POV CA . 11.88 -5.09 -26.66
C34 POV CA . 12.82 -5.88 -25.75
C35 POV CA . 14.05 -6.45 -26.44
C36 POV CA . 15.01 -7.16 -25.50
C37 POV CA . 15.68 -8.37 -26.14
C38 POV CA . 16.78 -9.00 -25.29
C39 POV CA . 16.27 -9.80 -24.10
H29 POV CA . 17.22 -2.94 -24.78
H1 POV CA . 7.92 -3.21 -31.05
H1A POV CA . 6.91 -3.25 -29.86
H2 POV CA . 9.54 -2.41 -29.82
H3 POV CA . 8.64 -2.88 -27.35
H3A POV CA . 8.13 -4.03 -28.27
H310 POV CA . 17.73 -11.24 -24.24
H31A POV CA . 16.85 -11.40 -22.95
H210 POV CA . 18.40 -4.14 -23.41
H11 POV CA . 4.96 0.16 -30.78
H11A POV CA . 3.86 0.21 -31.89
H211 POV CA . 16.03 -5.02 -22.08
H21A POV CA . 16.95 -6.12 -22.67
H311 POV CA . 18.28 -9.10 -22.75
H31B POV CA . 18.26 -10.31 -21.75
H12 POV CA . 4.03 2.36 -32.01
H12A POV CA . 5.54 2.23 -32.42
H22 POV CA . 10.82 -1.45 -27.90
H212 POV CA . 18.45 -5.90 -21.07
H22A POV CA . 10.98 -1.00 -29.38
H21B POV CA . 18.31 -4.34 -21.03
H32 POV CA . 10.80 -6.69 -27.39
H312 POV CA . 19.99 -10.08 -23.96
H32A POV CA . 11.96 -6.26 -28.34
H31C POV CA . 20.43 -9.93 -22.47
H13 POV CA . 5.64 4.64 -29.93
H13A POV CA . 6.04 4.33 -31.43
H13B POV CA . 4.51 4.48 -31.03
H23 POV CA . 11.97 0.98 -28.75
H213 POV CA . 16.25 -4.68 -19.79
H23A POV CA . 11.54 0.80 -27.28
H21C POV CA . 16.68 -6.18 -19.64
H33 POV CA . 12.38 -4.35 -27.05
H313 POV CA . 19.42 -12.43 -23.23
H33A POV CA . 11.18 -4.70 -26.12
H31D POV CA . 20.85 -12.08 -23.71
H14 POV CA . 6.86 2.67 -29.13
H14A POV CA . 6.58 1.24 -29.77
H14B POV CA . 7.31 2.37 -30.62
H24 POV CA . 13.36 -1.00 -28.46
H214 POV CA . 18.61 -5.49 -18.46
H24A POV CA . 13.88 0.31 -27.81
H21D POV CA . 18.17 -3.99 -18.61
H34 POV CA . 13.10 -5.31 -25.02
H314 POV CA . 21.23 -13.21 -21.83
H34A POV CA . 12.32 -6.61 -25.35
H31E POV CA . 21.43 -11.74 -21.39
H15 POV CA . 4.53 2.91 -28.58
H15A POV CA . 3.41 2.83 -29.71
H15B POV CA . 4.17 1.51 -29.23
H25 POV CA . 13.01 -0.40 -25.72
H215 POV CA . 16.20 -4.61 -17.32
H25A POV CA . 12.58 -1.74 -26.39
H21E POV CA . 16.97 -5.92 -16.97
H35 POV CA . 13.77 -7.06 -27.13
H315 POV CA . 18.84 -12.45 -20.99
H35A POV CA . 14.51 -5.72 -26.88
H31F POV CA . 19.77 -13.47 -20.28
H26 POV CA . 14.78 -2.38 -26.67
H216 POV CA . 18.02 -3.38 -16.33
H26A POV CA . 15.28 -0.98 -26.20
H21F POV CA . 17.13 -4.17 -15.31
H36 POV CA . 15.70 -6.54 -25.21
H316 POV CA . 19.20 -11.78 -18.80
H36A POV CA . 14.53 -7.44 -24.70
H31G POV CA . 20.76 -11.74 -19.05
H31H POV CA . 19.81 -10.70 -19.78
H27 POV CA . 15.18 -1.50 -24.12
H217 POV CA . 18.73 -5.89 -15.22
H27A POV CA . 13.76 -2.12 -24.27
H21G POV CA . 19.61 -5.15 -16.28
H37 POV CA . 15.00 -9.04 -26.31
H37A POV CA . 16.05 -8.11 -26.99
H28 POV CA . 14.83 -3.91 -23.61
H218 POV CA . 20.50 -4.85 -14.17
H28A POV CA . 15.01 -4.10 -25.14
H21H POV CA . 20.03 -3.45 -14.76
H21J POV CA . 19.12 -4.20 -13.68
H38 POV CA . 17.31 -9.59 -25.86
H38A POV CA . 17.37 -8.31 -24.98
H39 POV CA . 15.50 -10.31 -24.38
H39A POV CA . 15.99 -9.18 -23.42
N POV DA . 13.08 8.51 -32.88
P POV DA . 15.37 5.37 -31.82
C1 POV DA . 17.61 6.08 -30.62
C2 POV DA . 17.81 5.16 -29.44
C3 POV DA . 16.58 5.01 -28.55
C210 POV DA . 23.81 -0.21 -22.04
C11 POV DA . 12.82 6.01 -32.15
O11 POV DA . 16.24 6.38 -30.91
C211 POV DA . 24.64 1.00 -22.25
C12 POV DA . 12.61 7.48 -31.84
O12 POV DA . 13.87 5.52 -31.28
C13 POV DA . 12.87 8.08 -34.30
O13 POV DA . 15.44 5.84 -33.22
C14 POV DA . 12.28 9.76 -32.66
O14 POV DA . 15.83 4.01 -31.50
C15 POV DA . 14.54 8.83 -32.68
C21 POV DA . 20.00 4.95 -28.43
O21 POV DA . 18.91 5.70 -28.64
C22 POV DA . 21.08 5.76 -27.77
O22 POV DA . 20.12 3.80 -28.76
C23 POV DA . 21.62 5.13 -26.49
C24 POV DA . 22.45 3.85 -26.66
C25 POV DA . 21.82 2.58 -26.10
C26 POV DA . 22.70 1.78 -25.15
C27 POV DA . 22.16 0.38 -24.88
C28 POV DA . 23.16 -0.68 -24.44
C29 POV DA . 23.16 -0.88 -22.95
C31 POV DA . 17.20 2.86 -27.70
O31 POV DA . 16.87 4.13 -27.44
C32 POV DA . 18.19 2.35 -26.70
O32 POV DA . 16.76 2.23 -28.62
C33 POV DA . 17.60 1.51 -25.58
C34 POV DA . 18.63 1.18 -24.49
C35 POV DA . 18.04 0.66 -23.19
C36 POV DA . 18.39 -0.78 -22.90
C37 POV DA . 19.80 -0.99 -22.38
H29 POV DA . 22.61 -1.62 -22.62
H1 POV DA . 18.09 6.92 -30.46
H1A POV DA . 18.03 5.68 -31.41
H2 POV DA . 17.99 4.27 -29.79
H3 POV DA . 16.32 5.89 -28.21
H3A POV DA . 15.85 4.66 -29.07
H210 POV DA . 23.73 -0.53 -21.12
H11 POV DA . 12.00 5.51 -32.01
H11A POV DA . 13.07 5.89 -33.08
H211 POV DA . 24.22 1.79 -21.62
H21A POV DA . 25.64 0.86 -21.83
H12 POV DA . 13.06 7.68 -31.01
H12A POV DA . 11.66 7.63 -31.69
H22 POV DA . 21.82 5.88 -28.39
H22A POV DA . 20.74 6.64 -27.58
H32 POV DA . 18.86 1.81 -27.16
H32A POV DA . 18.66 3.11 -26.31
H13 POV DA . 13.19 8.77 -34.90
H13A POV DA . 13.37 7.25 -34.45
H13B POV DA . 11.92 7.93 -34.45
H23 POV DA . 22.16 5.79 -26.03
H23A POV DA . 20.87 4.93 -25.91
H33 POV DA . 16.86 1.99 -25.17
H33A POV DA . 17.24 0.69 -25.94
H14 POV DA . 12.56 10.43 -33.29
H14A POV DA . 11.35 9.56 -32.76
H14B POV DA . 12.45 10.07 -31.75
H24 POV DA . 22.62 3.72 -27.61
H24A POV DA . 23.31 3.99 -26.24
H34 POV DA . 19.25 0.52 -24.85
H34A POV DA . 19.15 1.98 -24.31
H15 POV DA . 14.81 9.48 -33.35
H15A POV DA . 14.67 9.19 -31.79
H15B POV DA . 15.05 8.02 -32.78
H25 POV DA . 21.00 2.81 -25.65
H25A POV DA . 21.58 2.01 -26.85
H35 POV DA . 18.37 1.21 -22.47
H35A POV DA . 17.08 0.75 -23.22
H26 POV DA . 23.60 1.71 -25.51
H26A POV DA . 22.78 2.26 -24.31
H36 POV DA . 17.76 -1.13 -22.24
H36A POV DA . 18.28 -1.31 -23.71
H27 POV DA . 21.48 0.45 -24.19
H27A POV DA . 21.72 0.06 -25.68
H37 POV DA . 19.92 -0.50 -21.42
H37A POV DA . 19.96 -2.04 -22.16
H28 POV DA . 22.96 -1.53 -24.87
H28A POV DA . 24.06 -0.42 -24.72
C01 9Z9 EA . 40.40 7.02 -26.53
C02 9Z9 EA . 40.75 5.69 -25.82
C03 9Z9 EA . 39.50 5.04 -25.15
C04 9Z9 EA . 38.82 4.27 -26.29
C05 9Z9 EA . 39.78 4.23 -27.47
C06 9Z9 EA . 41.12 4.58 -26.83
C07 9Z9 EA . 42.31 4.91 -27.72
C08 9Z9 EA . 43.54 5.18 -26.84
C09 9Z9 EA . 43.24 6.18 -25.71
C10 9Z9 EA . 41.97 5.89 -24.91
C11 9Z9 EA . 44.80 5.57 -27.67
C12 9Z9 EA . 44.70 7.01 -28.21
C13 9Z9 EA . 44.94 4.62 -28.86
C14 9Z9 EA . 43.98 3.78 -29.23
C15 9Z9 EA . 42.60 3.76 -28.68
C16 9Z9 EA . 46.26 4.68 -29.61
C17 9Z9 EA . 47.44 4.58 -28.67
C18 9Z9 EA . 47.35 5.61 -27.57
C19 9Z9 EA . 46.04 5.43 -26.79
O20 9Z9 EA . 48.63 4.69 -29.47
C21 9Z9 EA . 49.86 5.04 -28.80
C22 9Z9 EA . 51.04 4.57 -29.62
C23 9Z9 EA . 52.32 5.38 -29.36
C24 9Z9 EA . 52.70 5.42 -27.90
O25 9Z9 EA . 54.01 5.92 -27.75
C26 9Z9 EA . 54.37 6.14 -26.39
C48 9Z9 EA . 53.46 4.81 -30.17
O49 9Z9 EA . 53.90 3.61 -29.57
C50 9Z9 EA . 54.50 2.72 -30.50
O72 9Z9 EA . 37.63 5.01 -26.58
C73 9Z9 EA . 37.13 5.45 -25.33
C74 9Z9 EA . 38.37 5.91 -24.56
C75 9Z9 EA . 38.24 5.81 -23.04
C76 9Z9 EA . 36.09 6.52 -25.60
C77 9Z9 EA . 34.86 6.35 -24.72
C78 9Z9 EA . 34.21 4.98 -24.90
C79 9Z9 EA . 35.30 3.96 -25.15
O80 9Z9 EA . 36.56 4.37 -24.63
C81 9Z9 EA . 33.20 4.99 -26.04
H1 9Z9 EA . 39.63 6.87 -27.10
H2 9Z9 EA . 40.20 7.69 -25.86
H3 9Z9 EA . 41.15 7.29 -27.06
H4 9Z9 EA . 39.87 4.57 -24.37
H5 9Z9 EA . 38.59 3.35 -26.07
H6 9Z9 EA . 39.53 4.87 -28.16
H7 9Z9 EA . 39.80 3.36 -27.90
H8 9Z9 EA . 41.49 3.78 -26.43
H9 9Z9 EA . 42.11 5.70 -28.24
H10 9Z9 EA . 43.75 4.34 -26.40
H11 9Z9 EA . 43.99 6.19 -25.09
H12 9Z9 EA . 43.16 7.07 -26.09
H13 9Z9 EA . 42.10 5.08 -24.38
H14 9Z9 EA . 41.79 6.61 -24.29
H15 9Z9 EA . 43.92 7.09 -28.77
H16 9Z9 EA . 44.64 7.63 -27.46
H17 9Z9 EA . 45.51 7.21 -28.73
H18 9Z9 EA . 44.20 3.16 -29.89
H19 9Z9 EA . 41.96 3.79 -29.41
H20 9Z9 EA . 42.45 2.92 -28.21
H21 9Z9 EA . 46.30 5.51 -30.12
H22 9Z9 EA . 46.29 3.96 -30.26
H23 9Z9 EA . 47.47 3.73 -28.22
H24 9Z9 EA . 48.10 5.52 -26.96
H25 9Z9 EA . 47.37 6.50 -27.94
H26 9Z9 EA . 46.04 4.56 -26.37
H27 9Z9 EA . 46.00 6.09 -26.07
H28 9Z9 EA . 49.88 4.62 -27.92
H29 9Z9 EA . 49.90 6.00 -28.66
H30 9Z9 EA . 50.82 4.63 -30.56
H31 9Z9 EA . 51.22 3.64 -29.42
H32 9Z9 EA . 52.14 6.30 -29.64
H33 9Z9 EA . 52.64 4.53 -27.52
H34 9Z9 EA . 52.07 5.98 -27.42
H35 9Z9 EA . 55.28 6.48 -26.36
H36 9Z9 EA . 53.76 6.78 -26.00
H37 9Z9 EA . 54.32 5.29 -25.91
H38 9Z9 EA . 54.20 5.44 -30.21
H39 9Z9 EA . 53.17 4.65 -31.07
H40 9Z9 EA . 54.77 1.92 -30.03
H41 9Z9 EA . 53.84 2.49 -31.18
H42 9Z9 EA . 55.27 3.15 -30.90
H43 9Z9 EA . 38.54 6.86 -24.66
H44 9Z9 EA . 37.51 6.38 -22.74
H45 9Z9 EA . 38.06 4.90 -22.79
H46 9Z9 EA . 39.07 6.10 -22.63
H47 9Z9 EA . 36.48 7.40 -25.45
H48 9Z9 EA . 35.83 6.49 -26.53
H49 9Z9 EA . 35.11 6.46 -23.79
H50 9Z9 EA . 34.22 7.04 -24.92
H51 9Z9 EA . 33.72 4.76 -24.10
H52 9Z9 EA . 35.38 3.81 -26.10
H53 9Z9 EA . 35.04 3.12 -24.76
H54 9Z9 EA . 32.52 5.66 -25.86
H55 9Z9 EA . 33.66 5.21 -26.87
H56 9Z9 EA . 32.79 4.11 -26.11
C1 EPJ FA . -26.07 -0.23 -29.47
C2 EPJ FA . -25.94 0.54 -30.80
C3 EPJ FA . -24.84 1.55 -30.46
C4 EPJ FA . -23.52 0.82 -30.31
C5 EPJ FA . -23.64 0.13 -28.95
C6 EPJ FA . -25.07 0.51 -28.55
N1 EPJ FA . -25.18 1.90 -29.08
C7 EPJ FA . -27.48 -0.41 -28.93
C8 EPJ FA . -27.75 -0.40 -27.57
C9 EPJ FA . -29.03 -0.62 -27.11
C10 EPJ FA . -30.01 -0.84 -28.06
CL EPJ FA . -31.63 -1.16 -27.52
N2 EPJ FA . -29.81 -0.85 -29.36
C11 EPJ FA . -28.55 -0.64 -29.77
H1 EPJ FA . -25.85 -1.18 -29.55
H2C1 EPJ FA . -25.69 -0.04 -31.53
H2C2 EPJ FA . -26.77 0.98 -31.05
H3 EPJ FA . -24.78 2.26 -31.11
H4C1 EPJ FA . -23.39 0.17 -31.02
H4C2 EPJ FA . -22.77 1.43 -30.34
H5C1 EPJ FA . -23.52 -0.83 -29.02
H5C2 EPJ FA . -22.98 0.47 -28.32
H6 EPJ FA . -25.23 0.37 -27.60
HA EPJ FA . -25.96 2.23 -28.99
H8 EPJ FA . -27.06 -0.26 -26.96
H9 EPJ FA . -29.23 -0.61 -26.20
H11 EPJ FA . -28.40 -0.64 -30.69
C01 I34 GA . 13.73 -4.66 -8.23
C03 I34 GA . 14.04 -4.36 -10.57
C04 I34 GA . 12.69 -4.22 -10.79
C05 I34 GA . 12.22 -3.88 -12.04
C07 I34 GA . 9.94 -3.96 -11.34
C08 I34 GA . 13.11 -3.70 -13.11
C10 I34 GA . 13.17 -3.21 -15.56
C13 I34 GA . 12.66 -2.53 -17.92
C14 I34 GA . 13.93 -2.62 -18.55
C15 I34 GA . 13.70 -2.28 -19.81
C16 I34 GA . 14.56 -2.16 -21.03
C19 I34 GA . 14.47 -3.85 -12.89
C20 I34 GA . 14.93 -4.19 -11.63
N09 I34 GA . 12.53 -3.35 -14.36
N12 I34 GA . 12.34 -2.76 -16.59
N18 I34 GA . 11.73 -2.16 -18.75
O02 I34 GA . 14.60 -4.59 -9.35
O06 I34 GA . 10.91 -3.73 -12.37
O11 I34 GA . 14.35 -3.48 -15.76
O17 I34 GA . 12.40 -2.00 -20.00
CL1 I34 GA . 16.62 -4.40 -11.38
H1 I34 GA . 14.25 -4.83 -7.42
H2 I34 GA . 13.26 -3.81 -8.15
H3 I34 GA . 13.09 -5.38 -8.36
H4 I34 GA . 12.09 -4.33 -10.09
H5 I34 GA . 9.06 -3.81 -11.70
H6 I34 GA . 10.02 -4.87 -11.03
H7 I34 GA . 10.11 -3.34 -10.61
H8 I34 GA . 14.73 -2.86 -18.16
H9 I34 GA . 14.02 -1.88 -21.77
H10 I34 GA . 15.25 -1.50 -20.85
H11 I34 GA . 14.96 -3.02 -21.21
H12 I34 GA . 15.08 -3.72 -13.58
H13 I34 GA . 11.68 -3.22 -14.36
H14 I34 GA . 11.52 -2.60 -16.37
N POV HA . 48.05 -18.67 -16.85
P POV HA . 43.47 -16.33 -16.66
C1 POV HA . 40.84 -16.46 -17.06
C2 POV HA . 40.03 -16.10 -15.84
C3 POV HA . 38.87 -17.05 -15.67
C210 POV HA . 30.81 -11.27 -18.21
C310 POV HA . 28.33 -13.06 -15.02
C11 POV HA . 45.93 -17.27 -16.50
O11 POV HA . 42.07 -17.10 -16.64
C211 POV HA . 30.57 -9.80 -18.03
C311 POV HA . 28.67 -11.59 -15.18
C12 POV HA . 46.56 -18.52 -17.06
O12 POV HA . 44.51 -17.50 -16.33
C212 POV HA . 29.60 -9.19 -19.04
C312 POV HA . 27.64 -10.82 -16.02
C13 POV HA . 48.74 -17.38 -17.16
O13 POV HA . 43.73 -15.79 -18.01
C213 POV HA . 30.26 -8.59 -20.26
C313 POV HA . 27.50 -9.34 -15.67
C14 POV HA . 48.35 -19.06 -15.44
O14 POV HA . 43.49 -15.41 -15.49
C314 POV HA . 26.06 -8.83 -15.66
C15 POV HA . 48.58 -19.73 -17.78
C315 POV HA . 25.92 -7.34 -16.00
C316 POV HA . 24.85 -6.64 -15.19
C21 POV HA . 40.25 -13.71 -15.72
O21 POV HA . 39.47 -14.76 -16.02
C22 POV HA . 39.56 -12.41 -15.99
O22 POV HA . 41.37 -13.81 -15.29
C23 POV HA . 38.04 -12.47 -15.79
C24 POV HA . 37.29 -12.83 -17.07
C25 POV HA . 35.79 -12.59 -17.01
C26 POV HA . 35.39 -11.12 -16.88
C27 POV HA . 34.01 -10.80 -17.45
C28 POV HA . 32.85 -11.47 -16.75
C29 POV HA . 31.79 -11.97 -17.70
C31 POV HA . 37.25 -17.76 -17.26
O31 POV HA . 37.87 -16.73 -16.67
C32 POV HA . 35.76 -17.55 -17.27
O32 POV HA . 37.81 -18.71 -17.73
C33 POV HA . 35.38 -16.11 -17.59
C34 POV HA . 33.92 -15.95 -17.97
C35 POV HA . 33.00 -15.95 -16.77
C36 POV HA . 31.53 -16.19 -17.11
C37 POV HA . 30.56 -15.80 -16.01
C38 POV HA . 30.39 -14.31 -15.80
C39 POV HA . 29.49 -13.95 -14.64
H29 POV HA . 31.85 -12.90 -17.94
H1 POV HA . 40.34 -17.05 -17.64
H1A POV HA . 41.04 -15.66 -17.56
H2 POV HA . 40.61 -16.16 -15.06
H3 POV HA . 39.17 -17.97 -15.76
H3A POV HA . 38.49 -16.96 -14.77
H310 POV HA . 27.64 -13.14 -14.35
H31A POV HA . 27.95 -13.38 -15.85
H210 POV HA . 30.17 -11.75 -18.76
H11 POV HA . 46.33 -17.03 -15.65
H11A POV HA . 46.08 -16.51 -17.09
H211 POV HA . 30.23 -9.64 -17.13
H21A POV HA . 31.42 -9.34 -18.11
H311 POV HA . 28.72 -11.17 -14.30
H31B POV HA . 29.54 -11.50 -15.59
H12 POV HA . 46.37 -18.55 -18.01
H12A POV HA . 46.12 -19.29 -16.66
H22 POV HA . 39.92 -11.73 -15.40
H212 POV HA . 28.96 -9.87 -19.32
H22A POV HA . 39.75 -12.14 -16.91
H21B POV HA . 29.07 -8.49 -18.59
H32 POV HA . 35.37 -18.14 -17.93
H312 POV HA . 27.90 -10.89 -16.95
H32A POV HA . 35.40 -17.80 -16.41
H31C POV HA . 26.78 -11.24 -15.92
H13 POV HA . 49.69 -17.49 -17.02
H13A POV HA . 48.57 -17.14 -18.08
H13B POV HA . 48.41 -16.69 -16.57
H23 POV HA . 37.84 -13.12 -15.10
H213 POV HA . 29.51 -8.08 -20.87
H23A POV HA . 37.73 -11.61 -15.47
H21C POV HA . 30.93 -7.80 -19.96
H33 POV HA . 35.57 -15.55 -16.82
H313 POV HA . 27.89 -9.19 -14.79
H33A POV HA . 35.94 -15.78 -18.32
H31D POV HA . 28.00 -8.81 -16.31
H14 POV HA . 49.31 -19.16 -15.33
H14A POV HA . 48.02 -18.38 -14.83
H14B POV HA . 47.92 -19.91 -15.25
H24 POV HA . 37.66 -12.32 -17.81
H24A POV HA . 37.45 -13.77 -17.26
H34 POV HA . 33.81 -15.13 -18.46
H314 POV HA . 25.53 -9.35 -16.30
H34A POV HA . 33.67 -16.67 -18.57
H31E POV HA . 25.67 -8.98 -14.79
H15 POV HA . 49.53 -19.82 -17.63
H15A POV HA . 48.12 -20.56 -17.57
H15B POV HA . 48.38 -19.47 -18.69
H25 POV HA . 35.38 -12.96 -17.82
H25A POV HA . 35.42 -13.08 -16.27
H35 POV HA . 33.29 -16.63 -16.14
H315 POV HA . 26.78 -6.90 -15.84
H35A POV HA . 33.07 -15.09 -16.32
H31F POV HA . 25.72 -7.25 -16.94
H26 POV HA . 35.39 -10.88 -15.94
H26A POV HA . 36.05 -10.58 -17.32
H36 POV HA . 31.31 -15.70 -17.91
H316 POV HA . 24.83 -5.70 -15.46
H36A POV HA . 31.41 -17.13 -17.31
H31G POV HA . 23.99 -7.05 -15.37
H31H POV HA . 25.06 -6.70 -14.25
H27 POV HA . 33.88 -9.84 -17.42
H27A POV HA . 33.99 -11.05 -18.39
H37 POV HA . 29.70 -16.19 -16.20
H37A POV HA . 30.86 -16.20 -15.17
H28 POV HA . 33.18 -12.22 -16.22
H28A POV HA . 32.45 -10.86 -16.12
H38 POV HA . 31.26 -13.91 -15.66
H38A POV HA . 30.02 -13.91 -16.62
H39 POV HA . 30.02 -13.50 -13.96
H39A POV HA . 29.15 -14.76 -14.25
CA CA IA . -3.16 -8.89 -15.51
C1 NAG JA . -51.42 -3.01 -42.09
C2 NAG JA . -52.15 -4.25 -42.63
C3 NAG JA . -52.54 -4.02 -44.09
C4 NAG JA . -53.33 -2.73 -44.24
C5 NAG JA . -52.50 -1.57 -43.68
C6 NAG JA . -53.23 -0.25 -43.70
C7 NAG JA . -50.86 -5.91 -41.37
C8 NAG JA . -51.86 -6.16 -40.28
N2 NAG JA . -51.35 -5.45 -42.52
O3 NAG JA . -53.29 -5.13 -44.55
O4 NAG JA . -53.58 -2.50 -45.63
O5 NAG JA . -52.22 -1.85 -42.30
O6 NAG JA . -54.29 -0.22 -42.74
O7 NAG JA . -49.66 -6.10 -41.21
H2 NAG JA . -52.94 -4.37 -42.09
H3 NAG JA . -51.73 -3.94 -44.63
H4 NAG JA . -54.16 -2.79 -43.78
H5 NAG JA . -51.72 -1.50 -44.23
H61 NAG JA . -52.61 0.47 -43.52
H62 NAG JA . -53.59 -0.09 -44.59
H81 NAG JA . -51.39 -6.48 -39.50
H82 NAG JA . -52.32 -5.33 -40.07
H83 NAG JA . -52.50 -6.81 -40.58
HN2 NAG JA . -51.20 -5.89 -43.24
HO3 NAG JA . -53.51 -5.02 -45.35
HO4 NAG JA . -54.02 -1.79 -45.72
HO6 NAG JA . -54.68 0.52 -42.78
N POV KA . -1.39 -28.35 -12.53
P POV KA . -0.92 -31.68 -9.25
C1 POV KA . 0.49 -30.47 -7.42
C2 POV KA . 1.83 -29.74 -7.43
C3 POV KA . 2.13 -29.01 -6.14
C210 POV KA . 11.54 -26.84 -3.79
C310 POV KA . 10.96 -29.04 2.29
C11 POV KA . -2.32 -30.07 -10.84
O11 POV KA . -0.15 -30.38 -8.70
C211 POV KA . 11.23 -26.08 -2.53
C311 POV KA . 12.25 -28.31 1.91
C12 POV KA . -2.13 -29.67 -12.29
O12 POV KA . -1.65 -31.34 -10.63
C212 POV KA . 12.35 -25.09 -2.18
C312 POV KA . 13.54 -29.09 2.10
C13 POV KA . -1.29 -28.17 -14.02
O13 POV KA . 0.09 -32.73 -9.49
C213 POV KA . 11.87 -23.75 -1.66
C313 POV KA . 13.82 -29.62 3.51
C14 POV KA . -0.01 -28.36 -11.92
O14 POV KA . -2.00 -31.93 -8.27
C214 POV KA . 12.96 -22.69 -1.61
C314 POV KA . 14.63 -28.67 4.38
C15 POV KA . -2.19 -27.23 -11.96
C215 POV KA . 12.51 -21.34 -1.09
C315 POV KA . 13.84 -27.50 4.93
C216 POV KA . 13.47 -20.21 -1.40
C316 POV KA . 14.31 -26.18 4.40
C217 POV KA . 14.73 -20.26 -0.54
C218 POV KA . 15.73 -19.19 -0.86
C21 POV KA . 2.83 -28.36 -9.27
O21 POV KA . 1.75 -28.77 -8.54
C22 POV KA . 4.16 -28.89 -8.77
O22 POV KA . 2.76 -27.60 -10.19
C23 POV KA . 5.35 -28.42 -9.59
C24 POV KA . 6.68 -28.67 -8.87
C25 POV KA . 6.99 -27.66 -7.78
C26 POV KA . 8.34 -27.85 -7.11
C27 POV KA . 8.68 -26.69 -6.18
C28 POV KA . 9.22 -27.05 -4.80
C29 POV KA . 10.70 -27.23 -4.73
C31 POV KA . 3.34 -30.33 -4.57
O31 POV KA . 3.38 -29.52 -5.64
C32 POV KA . 4.43 -30.02 -3.59
O32 POV KA . 2.51 -31.18 -4.41
C33 POV KA . 5.35 -28.87 -4.02
C34 POV KA . 6.40 -28.51 -2.99
C35 POV KA . 7.41 -29.60 -2.69
C36 POV KA . 8.52 -29.19 -1.72
C37 POV KA . 8.94 -30.32 -0.79
C38 POV KA . 10.16 -29.99 0.07
C39 POV KA . 9.89 -29.04 1.22
H29 POV KA . 11.10 -27.69 -5.49
H1 POV KA . 0.64 -31.40 -7.19
H1A POV KA . -0.08 -30.09 -6.74
H2 POV KA . 2.54 -30.39 -7.55
H3 POV KA . 2.18 -28.06 -6.29
H3A POV KA . 1.42 -29.16 -5.50
H310 POV KA . 11.18 -29.95 2.52
H31A POV KA . 10.60 -28.63 3.10
H210 POV KA . 12.47 -27.08 -3.93
H11 POV KA . -1.97 -29.39 -10.25
H11A POV KA . -3.26 -30.16 -10.64
H211 POV KA . 10.40 -25.59 -2.64
H21A POV KA . 11.10 -26.70 -1.80
H311 POV KA . 12.18 -28.03 0.98
H31B POV KA . 12.31 -27.49 2.44
H12 POV KA . -2.99 -29.61 -12.71
H12A POV KA . -1.63 -30.37 -12.74
H22 POV KA . 4.28 -28.61 -7.85
H212 POV KA . 12.92 -25.50 -1.51
H22A POV KA . 4.14 -29.86 -8.76
H21B POV KA . 12.89 -24.95 -2.96
H32 POV KA . 4.04 -29.81 -2.73
H312 POV KA . 13.52 -29.85 1.48
H32A POV KA . 4.97 -30.82 -3.47
H31C POV KA . 14.28 -28.53 1.82
H13 POV KA . -0.82 -27.33 -14.20
H13A POV KA . -0.79 -28.91 -14.41
H13B POV KA . -2.19 -28.14 -14.40
H23 POV KA . 5.36 -28.89 -10.45
H213 POV KA . 11.14 -23.43 -2.21
H23A POV KA . 5.27 -27.47 -9.78
H21C POV KA . 11.51 -23.87 -0.76
H33 POV KA . 5.79 -29.12 -4.85
H313 POV KA . 12.97 -29.80 3.95
H33A POV KA . 4.80 -28.09 -4.20
H31D POV KA . 14.29 -30.47 3.44
H14 POV KA . 0.42 -27.51 -12.10
H14A POV KA . -0.10 -28.49 -10.96
H14B POV KA . 0.50 -29.08 -12.31
H24 POV KA . 6.66 -29.56 -8.48
H214 POV KA . 13.68 -23.01 -1.05
H24A POV KA . 7.39 -28.67 -9.52
H21D POV KA . 13.32 -22.57 -2.50
H34 POV KA . 6.88 -27.71 -3.30
H314 POV KA . 15.00 -29.18 5.13
H34A POV KA . 5.96 -28.26 -2.15
H31E POV KA . 15.38 -28.34 3.87
H15 POV KA . -1.73 -26.39 -12.12
H15A POV KA . -3.06 -27.19 -12.40
H15B POV KA . -2.31 -27.37 -11.01
H25 POV KA . 6.95 -26.77 -8.16
H215 POV KA . 11.63 -21.13 -1.48
H25A POV KA . 6.29 -27.71 -7.10
H21E POV KA . 12.38 -21.40 -0.12
H35 POV KA . 6.96 -30.37 -2.33
H315 POV KA . 12.90 -27.62 4.71
H35A POV KA . 7.83 -29.88 -3.53
H31F POV KA . 13.90 -27.50 5.91
H26 POV KA . 8.34 -28.68 -6.62
H216 POV KA . 13.72 -20.24 -2.33
H26A POV KA . 9.03 -27.92 -7.80
H21F POV KA . 13.02 -19.36 -1.25
H36 POV KA . 9.29 -28.88 -2.22
H316 POV KA . 13.78 -25.46 4.79
H36A POV KA . 8.21 -28.44 -1.18
H31G POV KA . 15.25 -26.05 4.65
H31H POV KA . 14.23 -26.17 3.44
H27 POV KA . 9.34 -26.14 -6.62
H217 POV KA . 14.48 -20.19 0.39
H27A POV KA . 7.89 -26.16 -6.06
H21G POV KA . 15.15 -21.13 -0.66
H37 POV KA . 8.20 -30.53 -0.20
H37A POV KA . 9.14 -31.09 -1.32
H28 POV KA . 8.96 -26.36 -4.17
H218 POV KA . 16.50 -19.29 -0.28
H28A POV KA . 8.80 -27.88 -4.50
H21H POV KA . 16.00 -19.27 -1.79
H21J POV KA . 15.32 -18.32 -0.71
H38 POV KA . 10.51 -30.82 0.43
H38A POV KA . 10.86 -29.62 -0.49
H39 POV KA . 9.04 -29.27 1.62
H39A POV KA . 9.80 -28.15 0.85
N POV LA . 6.01 -30.51 -18.92
P POV LA . 8.28 -31.07 -15.63
C1 POV LA . 10.78 -30.27 -15.94
C2 POV LA . 11.16 -29.51 -14.68
C3 POV LA . 10.16 -28.47 -14.24
C210 POV LA . 18.29 -25.79 -7.27
C11 POV LA . 5.77 -30.59 -16.31
O11 POV LA . 9.38 -30.12 -16.30
C211 POV LA . 19.13 -25.80 -8.48
C12 POV LA . 5.72 -29.79 -17.60
O12 POV LA . 6.95 -30.18 -15.58
C13 POV LA . 5.47 -31.92 -18.96
O13 POV LA . 8.07 -32.23 -16.53
C14 POV LA . 5.38 -29.72 -20.02
O14 POV LA . 8.70 -31.32 -14.23
C15 POV LA . 7.49 -30.57 -19.16
C21 POV LA . 13.51 -29.16 -14.18
O21 POV LA . 12.44 -28.85 -14.95
C22 POV LA . 14.76 -28.54 -14.74
O22 POV LA . 13.47 -29.84 -13.20
C23 POV LA . 15.51 -27.68 -13.74
C24 POV LA . 16.21 -28.44 -12.60
C25 POV LA . 15.64 -28.20 -11.20
C26 POV LA . 16.65 -27.77 -10.15
C27 POV LA . 16.09 -27.83 -8.73
C28 POV LA . 17.11 -28.01 -7.59
C29 POV LA . 17.41 -26.71 -6.92
C31 POV LA . 10.80 -28.51 -11.93
O31 POV LA . 10.63 -27.79 -13.04
C32 POV LA . 11.96 -27.98 -11.13
O32 POV LA . 10.14 -29.47 -11.63
C33 POV LA . 11.58 -27.08 -9.97
C34 POV LA . 12.79 -26.43 -9.32
C35 POV LA . 12.48 -25.27 -8.39
C36 POV LA . 12.79 -25.53 -6.94
C37 POV LA . 14.27 -25.45 -6.59
H29 POV LA . 16.90 -26.50 -6.11
H1 POV LA . 11.32 -29.95 -16.67
H1A POV LA . 10.98 -31.20 -15.82
H2 POV LA . 11.21 -30.16 -13.96
H3 POV LA . 10.03 -27.81 -14.95
H3A POV LA . 9.30 -28.88 -14.07
H210 POV LA . 18.40 -25.05 -6.66
H11 POV LA . 4.97 -30.43 -15.79
H11A POV LA . 5.79 -31.54 -16.50
H211 POV LA . 18.91 -24.87 -9.02
H21A POV LA . 20.19 -25.69 -8.23
H12 POV LA . 6.36 -29.06 -17.52
H12A POV LA . 4.84 -29.39 -17.68
H22 POV LA . 15.34 -29.24 -15.06
H22A POV LA . 14.52 -28.00 -15.51
H32 POV LA . 12.47 -28.74 -10.79
H32A POV LA . 12.55 -27.49 -11.73
H13 POV LA . 5.68 -32.32 -19.82
H13A POV LA . 5.86 -32.44 -18.24
H13B POV LA . 4.51 -31.88 -18.85
H23 POV LA . 16.19 -27.18 -14.22
H23A POV LA . 14.90 -27.04 -13.36
H33 POV LA . 10.97 -26.38 -10.29
H33A POV LA . 11.09 -27.60 -9.31
H14 POV LA . 5.55 -30.17 -20.86
H14A POV LA . 4.42 -29.68 -19.85
H14B POV LA . 5.75 -28.84 -20.03
H24 POV LA . 16.15 -29.40 -12.79
H24A POV LA . 17.15 -28.20 -12.59
H34 POV LA . 13.27 -27.11 -8.82
H34A POV LA . 13.39 -26.12 -10.02
H15 POV LA . 7.66 -31.03 -20.01
H15A POV LA . 7.84 -29.66 -19.23
H15B POV LA . 7.93 -31.04 -18.44
H25 POV LA . 14.95 -27.51 -11.27
H25A POV LA . 15.20 -29.01 -10.91
H35 POV LA . 12.98 -24.49 -8.69
H35A POV LA . 11.54 -25.04 -8.48
H26 POV LA . 17.44 -28.34 -10.21
H26A POV LA . 16.95 -26.86 -10.33
H36 POV LA . 12.31 -24.89 -6.39
H36A POV LA . 12.46 -26.41 -6.71
H27 POV LA . 15.59 -27.03 -8.56
H27A POV LA . 15.46 -28.58 -8.68
H37 POV LA . 14.62 -24.43 -6.74
H37A POV LA . 14.41 -25.62 -5.52
H28 POV LA . 16.75 -28.64 -6.94
H28A POV LA . 17.92 -28.39 -7.94
C01 9Z9 MA . 33.91 -31.42 -15.75
C02 9Z9 MA . 34.32 -31.27 -14.27
C03 9Z9 MA . 33.22 -30.58 -13.42
C04 9Z9 MA . 32.24 -31.72 -13.05
C05 9Z9 MA . 32.91 -33.04 -13.42
C06 9Z9 MA . 34.38 -32.64 -13.56
C07 9Z9 MA . 35.37 -33.63 -14.18
C08 9Z9 MA . 36.77 -33.01 -14.16
C09 9Z9 MA . 36.80 -31.59 -14.73
C10 9Z9 MA . 35.71 -30.65 -14.17
C11 9Z9 MA . 37.84 -33.95 -14.80
C12 9Z9 MA . 37.74 -33.96 -16.34
C13 9Z9 MA . 37.67 -35.38 -14.30
C14 9Z9 MA . 36.60 -35.77 -13.62
C15 9Z9 MA . 35.36 -34.95 -13.40
C16 9Z9 MA . 38.78 -36.35 -14.61
C17 9Z9 MA . 40.13 -35.79 -14.23
C18 9Z9 MA . 40.35 -34.42 -14.84
C19 9Z9 MA . 39.24 -33.46 -14.40
O20 9Z9 MA . 41.13 -36.76 -14.61
C21 9Z9 MA . 42.48 -36.32 -14.73
C22 9Z9 MA . 43.42 -37.48 -14.58
C23 9Z9 MA . 44.78 -37.28 -15.27
C24 9Z9 MA . 45.47 -36.02 -14.84
O25 9Z9 MA . 46.82 -36.01 -15.27
C26 9Z9 MA . 47.48 -34.78 -15.03
C48 9Z9 MA . 45.68 -38.47 -15.00
O49 9Z9 MA . 46.17 -38.40 -13.68
C50 9Z9 MA . 46.48 -39.68 -13.15
O72 9Z9 MA . 31.08 -31.48 -13.84
C73 9Z9 MA . 30.89 -30.08 -13.85
C74 9Z9 MA . 32.30 -29.50 -14.04
C75 9Z9 MA . 32.50 -28.10 -13.45
C76 9Z9 MA . 29.89 -29.74 -14.94
C77 9Z9 MA . 28.87 -28.70 -14.46
C78 9Z9 MA . 28.11 -29.15 -13.23
C79 9Z9 MA . 29.05 -29.96 -12.36
O80 9Z9 MA . 30.42 -29.64 -12.58
C81 9Z9 MA . 26.88 -29.98 -13.59
H1 9Z9 MA . 33.02 -31.81 -15.79
H2 9Z9 MA . 33.90 -30.55 -16.16
H3 9Z9 MA . 34.55 -32.00 -16.20
H4 9Z9 MA . 33.71 -30.11 -12.73
H5 9Z9 MA . 32.02 -31.77 -12.11
H6 9Z9 MA . 32.56 -33.41 -14.25
H7 9Z9 MA . 32.78 -33.72 -12.74
H8 9Z9 MA . 34.78 -32.62 -12.67
H9 9Z9 MA . 35.11 -33.81 -15.09
H10 9Z9 MA . 37.02 -32.93 -13.22
H11 9Z9 MA . 37.66 -31.19 -14.54
H12 9Z9 MA . 36.71 -31.63 -15.69
H13 9Z9 MA . 35.92 -30.46 -13.24
H14 9Z9 MA . 35.74 -29.81 -14.65
H15 9Z9 MA . 36.85 -34.27 -16.60
H16 9Z9 MA . 37.87 -33.06 -16.68
H17 9Z9 MA . 38.40 -34.56 -16.71
H18 9Z9 MA . 36.62 -36.62 -13.24
H19 9Z9 MA . 34.59 -35.46 -13.66
H20 9Z9 MA . 35.28 -34.75 -12.45
H21 9Z9 MA . 38.77 -36.55 -15.57
H22 9Z9 MA . 38.62 -37.18 -14.15
H23 9Z9 MA . 40.20 -35.65 -13.28
H24 9Z9 MA . 41.21 -34.07 -14.58
H25 9Z9 MA . 40.36 -34.49 -15.81
H26 9Z9 MA . 39.28 -33.36 -13.44
H27 9Z9 MA . 39.40 -32.58 -14.79
H28 9Z9 MA . 42.67 -35.64 -14.06
H29 9Z9 MA . 42.62 -35.89 -15.59
H30 9Z9 MA . 43.00 -38.28 -14.93
H31 9Z9 MA . 43.58 -37.64 -13.63
H32 9Z9 MA . 44.61 -37.21 -16.23
H33 9Z9 MA . 45.44 -35.94 -13.87
H34 9Z9 MA . 45.01 -35.25 -15.19
H35 9Z9 MA . 48.39 -34.85 -15.36
H36 9Z9 MA . 47.01 -34.07 -15.51
H37 9Z9 MA . 47.48 -34.60 -14.09
H38 9Z9 MA . 46.42 -38.47 -15.62
H39 9Z9 MA . 45.19 -39.30 -15.14
H40 9Z9 MA . 46.81 -39.57 -12.25
H41 9Z9 MA . 45.68 -40.23 -13.15
H42 9Z9 MA . 47.16 -40.09 -13.70
H43 9Z9 MA . 32.50 -29.32 -14.97
H44 9Z9 MA . 31.89 -27.48 -13.89
H45 9Z9 MA . 32.32 -28.13 -12.50
H46 9Z9 MA . 33.42 -27.83 -13.60
H47 9Z9 MA . 30.35 -29.41 -15.72
H48 9Z9 MA . 29.42 -30.55 -15.20
H49 9Z9 MA . 29.32 -27.86 -14.27
H50 9Z9 MA . 28.24 -28.52 -15.18
H51 9Z9 MA . 27.81 -28.38 -12.74
H52 9Z9 MA . 28.92 -30.91 -12.53
H53 9Z9 MA . 28.84 -29.81 -11.42
H54 9Z9 MA . 26.31 -29.44 -14.16
H55 9Z9 MA . 27.16 -30.77 -14.08
H56 9Z9 MA . 26.42 -30.23 -12.78
C1 EPJ NA . -31.89 -21.19 -9.08
C2 EPJ NA . -32.02 -22.20 -10.25
C3 EPJ NA . -30.80 -21.82 -11.10
C4 EPJ NA . -29.53 -22.22 -10.38
C5 EPJ NA . -29.40 -21.16 -9.29
C6 EPJ NA . -30.67 -20.34 -9.50
N1 EPJ NA . -30.80 -20.36 -10.97
C7 EPJ NA . -33.16 -20.43 -8.72
C8 EPJ NA . -33.13 -19.12 -8.29
C9 EPJ NA . -34.29 -18.47 -7.92
C10 EPJ NA . -35.45 -19.18 -8.00
CL EPJ NA . -36.94 -18.43 -7.50
N2 EPJ NA . -35.55 -20.43 -8.42
C11 EPJ NA . -34.41 -21.04 -8.77
H1 EPJ NA . -31.76 -21.62 -8.22
H2C1 EPJ NA . -31.97 -23.12 -9.94
H2C2 EPJ NA . -32.85 -22.10 -10.73
H3 EPJ NA . -30.84 -22.20 -11.99
H4C1 EPJ NA . -29.60 -23.11 -10.00
H4C2 EPJ NA . -28.77 -22.22 -10.97
H5C1 EPJ NA . -29.35 -21.55 -8.40
H5C2 EPJ NA . -28.60 -20.62 -9.40
H6 EPJ NA . -30.63 -19.48 -9.05
HA EPJ NA . -31.53 -20.00 -11.25
H8 EPJ NA . -32.31 -18.68 -8.23
H9 EPJ NA . -34.27 -17.59 -7.62
H11 EPJ NA . -34.45 -21.92 -9.06
C01 I34 OA . 11.24 -12.21 1.56
C03 I34 OA . 11.05 -14.35 0.51
C04 I34 OA . 9.70 -14.19 0.32
C05 I34 OA . 8.98 -15.14 -0.40
C07 I34 OA . 6.92 -13.98 -0.07
C08 I34 OA . 9.62 -16.25 -0.93
C10 I34 OA . 9.16 -18.37 -2.19
C13 I34 OA . 8.20 -20.20 -3.60
C14 I34 OA . 9.28 -21.10 -3.74
C15 I34 OA . 8.80 -22.11 -4.46
C16 I34 OA . 9.39 -23.37 -4.98
C19 I34 OA . 10.98 -16.42 -0.73
C20 I34 OA . 11.68 -15.47 -0.02
N09 I34 OA . 8.80 -17.15 -1.66
N12 I34 OA . 8.17 -18.98 -2.94
N18 I34 OA . 7.13 -20.64 -4.21
O02 I34 OA . 11.85 -13.43 1.12
O06 I34 OA . 7.63 -15.08 -0.63
O11 I34 OA . 10.25 -18.91 -2.02
O17 I34 OA . 7.51 -21.87 -4.78
CL1 I34 OA . 13.38 -15.69 0.25
H1 I34 OA . 11.91 -11.66 1.97
H2 I34 OA . 10.85 -11.76 0.80
H3 I34 OA . 10.55 -12.43 2.21
H4 I34 OA . 9.26 -13.44 0.66
H5 I34 OA . 5.98 -14.07 -0.31
H6 I34 OA . 7.01 -14.00 0.90
H7 I34 OA . 7.28 -13.15 -0.41
H8 I34 OA . 10.13 -21.00 -3.38
H9 I34 OA . 8.70 -23.85 -5.49
H10 I34 OA . 10.14 -23.16 -5.56
H11 I34 OA . 9.68 -23.91 -4.23
H12 I34 OA . 11.43 -17.15 -1.09
H13 I34 OA . 7.98 -16.91 -1.78
H14 I34 OA . 7.43 -18.54 -3.00
N POV PA . 41.85 -32.50 11.59
P POV PA . 37.58 -30.52 9.50
C1 POV PA . 34.93 -30.32 9.52
C2 POV PA . 34.42 -28.91 9.59
C3 POV PA . 33.27 -28.79 10.56
C210 POV PA . 25.23 -27.42 4.36
C310 POV PA . 23.42 -24.49 7.12
C11 POV PA . 39.95 -31.24 10.41
O11 POV PA . 36.17 -30.44 10.25
C211 POV PA . 25.14 -26.73 3.03
C311 POV PA . 23.80 -24.25 5.67
C12 POV PA . 40.35 -32.30 11.40
O12 POV PA . 38.59 -30.83 10.69
C212 POV PA . 24.00 -27.24 2.13
C312 POV PA . 22.67 -24.53 4.68
C13 POV PA . 42.53 -32.53 10.27
O13 POV PA . 37.56 -31.65 8.54
C213 POV PA . 24.42 -28.33 1.16
C313 POV PA . 22.69 -23.71 3.39
C14 POV PA . 42.43 -31.39 12.43
O14 POV PA . 37.92 -29.17 9.00
C314 POV PA . 21.33 -23.22 2.94
C15 POV PA . 42.08 -33.81 12.29
C315 POV PA . 21.22 -23.02 1.42
C316 POV PA . 20.41 -21.80 1.03
C21 POV PA . 34.82 -28.08 7.37
O21 POV PA . 33.93 -28.51 8.28
C22 POV PA . 34.16 -27.76 6.06
O22 POV PA . 36.01 -27.98 7.59
C23 POV PA . 32.74 -27.25 6.19
C24 POV PA . 31.70 -28.36 6.13
C25 POV PA . 30.27 -27.89 5.94
C26 POV PA . 29.99 -27.21 4.60
C27 POV PA . 28.55 -27.32 4.12
C28 POV PA . 27.52 -26.61 5.01
C29 POV PA . 26.27 -27.40 5.18
C31 POV PA . 31.30 -30.10 10.73
O31 POV PA . 32.10 -29.38 9.95
C32 POV PA . 29.87 -29.71 10.55
O32 POV PA . 31.69 -30.96 11.47
C33 POV PA . 29.52 -29.45 9.09
C34 POV PA . 28.02 -29.41 8.82
C35 POV PA . 27.38 -28.10 9.22
C36 POV PA . 25.87 -28.15 9.37
C37 POV PA . 25.19 -26.79 9.36
C38 POV PA . 25.17 -26.08 8.02
C39 POV PA . 24.58 -24.70 8.07
H29 POV PA . 26.20 -27.95 5.97
H1 POV PA . 34.28 -30.93 9.88
H1A POV PA . 35.06 -30.59 8.60
H2 POV PA . 35.16 -28.34 9.90
H3 POV PA . 33.49 -29.23 11.39
H3A POV PA . 33.11 -27.85 10.77
H310 POV PA . 22.89 -23.74 7.43
H31A POV PA . 22.84 -25.28 7.16
H210 POV PA . 24.46 -27.94 4.64
H11 POV PA . 40.54 -30.48 10.46
H11A POV PA . 40.02 -31.58 9.50
H211 POV PA . 25.02 -25.79 3.17
H21A POV PA . 25.98 -26.85 2.56
H311 POV PA . 24.08 -23.32 5.57
H31B POV PA . 24.57 -24.80 5.45
H12 POV PA . 39.97 -33.14 11.12
H12A POV PA . 39.97 -32.07 12.26
H22 POV PA . 34.70 -27.08 5.60
H212 POV PA . 23.29 -27.57 2.69
H22A POV PA . 34.17 -28.55 5.50
H21B POV PA . 23.64 -26.49 1.64
H32 POV PA . 29.30 -30.41 10.89
H312 POV PA . 22.71 -25.47 4.44
H32A POV PA . 29.69 -28.91 11.06
H31C POV PA . 21.83 -24.39 5.12
H13 POV PA . 43.49 -32.66 10.40
H13A POV PA . 42.18 -33.26 9.74
H13B POV PA . 42.38 -31.69 9.81
H23 POV PA . 32.64 -26.77 7.04
H213 POV PA . 23.59 -28.56 0.49
H23A POV PA . 32.56 -26.61 5.49
H21C POV PA . 25.20 -27.95 0.50
H33 POV PA . 29.91 -28.61 8.80
H313 POV PA . 23.28 -22.95 3.53
H33A POV PA . 29.92 -30.14 8.53
H31D POV PA . 23.08 -24.25 2.69
H14 POV PA . 43.38 -31.55 12.53
H14A POV PA . 42.28 -30.55 11.97
H14B POV PA . 41.99 -31.39 13.29
H24 POV PA . 31.93 -28.96 5.40
H24A POV PA . 31.75 -28.88 6.95
H34 POV PA . 27.85 -29.58 7.88
H314 POV PA . 20.65 -23.85 3.22
H34A POV PA . 27.60 -30.13 9.32
H31E POV PA . 21.14 -22.37 3.38
H15 POV PA . 43.03 -33.93 12.41
H15A POV PA . 41.64 -33.79 13.16
H15B POV PA . 41.72 -34.52 11.74
H25 POV PA . 29.67 -28.65 6.02
H25A POV PA . 30.04 -27.27 6.65
H35 POV PA . 27.76 -27.81 10.07
H315 POV PA . 22.11 -22.93 1.06
H35A POV PA . 27.62 -27.42 8.56
H31F POV PA . 20.82 -23.81 1.04
H26 POV PA . 30.23 -26.27 4.67
H26A POV PA . 30.58 -27.60 3.93
H36 POV PA . 25.50 -28.68 8.63
H316 POV PA . 20.37 -21.74 0.06
H36A POV PA . 25.65 -28.61 10.19
H31G POV PA . 19.50 -21.90 1.38
H31H POV PA . 20.81 -21.01 1.40
H27 POV PA . 28.50 -26.95 3.23
H27A POV PA . 28.32 -28.25 4.06
H37 POV PA . 24.28 -26.89 9.68
H37A POV PA . 25.64 -26.22 10.01
H28 POV PA . 27.92 -26.45 5.88
H28A POV PA . 27.32 -25.74 4.63
H38 POV PA . 26.07 -26.03 7.68
H38A POV PA . 24.66 -26.62 7.39
H39 POV PA . 25.26 -24.05 7.86
H39A POV PA . 24.27 -24.52 8.97
CA CA QA . -7.07 -16.38 3.39
C1 NAG RA . -59.53 -27.86 -10.26
C2 NAG RA . -60.43 -28.59 -9.26
C3 NAG RA . -61.13 -29.77 -9.94
C4 NAG RA . -61.84 -29.31 -11.21
C5 NAG RA . -60.84 -28.61 -12.12
C6 NAG RA . -61.47 -28.04 -13.37
C7 NAG RA . -59.01 -28.25 -7.29
C8 NAG RA . -59.76 -27.09 -6.69
N2 NAG RA . -59.72 -29.05 -8.09
O3 NAG RA . -62.03 -30.37 -9.03
O4 NAG RA . -62.38 -30.46 -11.86
O5 NAG RA . -60.27 -27.49 -11.42
O6 NAG RA . -62.29 -26.91 -13.08
O7 NAG RA . -57.82 -28.43 -7.07
H2 NAG RA . -61.10 -27.95 -8.96
H3 NAG RA . -60.45 -30.42 -10.20
H4 NAG RA . -62.55 -28.71 -10.98
H5 NAG RA . -60.19 -29.28 -12.38
H61 NAG RA . -60.77 -27.78 -13.99
H62 NAG RA . -62.01 -28.72 -13.81
H81 NAG RA . -59.15 -26.58 -6.13
H82 NAG RA . -60.10 -26.53 -7.40
H83 NAG RA . -60.49 -27.43 -6.16
HN2 NAG RA . -59.75 -29.89 -7.90
HO3 NAG RA . -62.41 -31.01 -9.40
HO4 NAG RA . -62.78 -30.21 -12.57
HO6 NAG RA . -62.63 -26.61 -13.78
N POV SA . -5.94 -20.24 22.74
P POV SA . -4.97 -18.39 26.94
C1 POV SA . -3.11 -16.64 26.40
C2 POV SA . -1.78 -16.74 25.68
C3 POV SA . -1.15 -15.39 25.41
C210 POV SA . 8.67 -14.69 24.02
C310 POV SA . 9.31 -9.67 28.07
C11 POV SA . -6.58 -19.02 24.93
O11 POV SA . -4.02 -17.66 25.90
C211 POV SA . 8.70 -13.22 23.70
C311 POV SA . 10.53 -10.08 27.24
C12 POV SA . -6.69 -20.27 24.07
O12 POV SA . -5.96 -19.39 26.20
C212 POV SA . 9.93 -12.84 22.88
C312 POV SA . 11.77 -10.46 28.03
C13 POV SA . -6.16 -21.58 22.09
O13 POV SA . -4.11 -19.19 27.86
C213 POV SA . 9.66 -11.82 21.78
C313 POV SA . 12.33 -9.39 28.99
C14 POV SA . -4.46 -19.99 22.94
O14 POV SA . -5.82 -17.33 27.52
C214 POV SA . 10.80 -11.69 20.77
C314 POV SA . 13.36 -8.48 28.37
C15 POV SA . -6.52 -19.18 21.87
C215 POV SA . 10.56 -10.68 19.68
C315 POV SA . 12.79 -7.41 27.45
C216 POV SA . 11.51 -10.82 18.50
C316 POV SA . 13.22 -7.58 26.01
C217 POV SA . 12.91 -10.35 18.81
C218 POV SA . 13.88 -10.52 17.68
C21 POV SA . -1.11 -18.22 23.77
O21 POV SA . -2.03 -17.43 24.40
C22 POV SA . 0.26 -18.22 24.42
O22 POV SA . -1.34 -18.80 22.75
C23 POV SA . 1.27 -19.11 23.69
C24 POV SA . 2.69 -18.83 24.15
C25 POV SA . 3.31 -17.58 23.54
C26 POV SA . 4.76 -17.33 23.92
C27 POV SA . 5.37 -16.19 23.14
C28 POV SA . 6.18 -15.15 23.92
C29 POV SA . 7.62 -15.49 24.08
C31 POV SA . 0.29 -14.63 27.14
O31 POV SA . 0.15 -15.37 26.04
C32 POV SA . 1.60 -13.89 27.16
O32 POV SA . -0.53 -14.58 28.01
C33 POV SA . 2.47 -14.12 25.93
C34 POV SA . 3.75 -13.31 25.91
C35 POV SA . 4.72 -13.61 27.02
C36 POV SA . 6.04 -12.84 26.94
C37 POV SA . 6.59 -12.44 28.30
C38 POV SA . 7.98 -11.83 28.27
C39 POV SA . 8.03 -10.41 27.74
H29 POV SA . 7.82 -16.43 24.27
H1 POV SA . -2.98 -16.76 27.35
H1A POV SA . -3.49 -15.77 26.26
H2 POV SA . -1.14 -17.21 26.24
H3 POV SA . -1.07 -15.23 24.45
H3A POV SA . -1.71 -14.67 25.76
H310 POV SA . 9.52 -9.80 29.00
H31A POV SA . 9.16 -8.71 27.94
H210 POV SA . 9.54 -15.11 24.18
H11 POV SA . -6.06 -18.34 24.48
H11A POV SA . -7.47 -18.64 25.08
H211 POV SA . 7.89 -12.97 23.22
H21A POV SA . 8.70 -12.71 24.53
H311 POV SA . 10.27 -10.84 26.68
H31B POV SA . 10.75 -9.35 26.64
H12 POV SA . -7.62 -20.43 23.90
H12A POV SA . -6.35 -21.02 24.60
H22 POV SA . 0.60 -17.32 24.45
H212 POV SA . 10.61 -12.48 23.47
H22A POV SA . 0.17 -18.53 25.33
H21B POV SA . 10.29 -13.64 22.47
H32 POV SA . 1.42 -12.94 27.24
H312 POV SA . 11.57 -11.26 28.55
H32A POV SA . 2.09 -14.15 27.95
H31C POV SA . 12.47 -10.70 27.41
H13 POV SA . -5.69 -21.59 21.24
H13A POV SA . -5.81 -22.28 22.67
H13B POV SA . -7.11 -21.71 21.94
H23 POV SA . 1.06 -20.04 23.86
H213 POV SA . 8.85 -12.07 21.30
H23A POV SA . 1.20 -18.97 22.74
H21C POV SA . 9.49 -10.95 22.18
H33 POV SA . 2.69 -15.07 25.89
H313 POV SA . 11.59 -8.86 29.31
H33A POV SA . 1.94 -13.92 25.14
H31D POV SA . 12.71 -9.83 29.76
H14 POV SA . -4.03 -19.99 22.07
H14A POV SA . -4.34 -19.14 23.37
H14B POV SA . -4.10 -20.70 23.49
H24 POV SA . 2.70 -18.75 25.12
H214 POV SA . 11.60 -11.44 21.26
H24A POV SA . 3.26 -19.59 23.92
H21D POV SA . 10.96 -12.56 20.37
H34 POV SA . 4.19 -13.45 25.06
H314 POV SA . 13.86 -8.03 29.08
H34A POV SA . 3.51 -12.36 25.95
H31E POV SA . 14.01 -9.01 27.88
H15 POV SA . -6.05 -19.16 21.02
H15A POV SA . -7.47 -19.36 21.72
H15B POV SA . -6.43 -18.32 22.31
H25 POV SA . 3.24 -17.64 22.58
H215 POV SA . 9.64 -10.77 19.36
H25A POV SA . 2.78 -16.80 23.82
H21E POV SA . 10.65 -9.79 20.04
H35 POV SA . 4.30 -13.42 27.87
H315 POV SA . 11.82 -7.44 27.49
H35A POV SA . 4.92 -14.56 27.01
H31F POV SA . 13.07 -6.54 27.75
H26 POV SA . 4.82 -17.14 24.87
H216 POV SA . 11.53 -11.76 18.22
H26A POV SA . 5.27 -18.14 23.76
H21F POV SA . 11.16 -10.31 17.74
H36 POV SA . 6.69 -13.38 26.48
H316 POV SA . 12.82 -6.88 25.47
H36A POV SA . 5.90 -12.04 26.41
H31G POV SA . 14.20 -7.53 25.97
H31H POV SA . 12.93 -8.45 25.69
H27 POV SA . 5.95 -16.57 22.46
H217 POV SA . 12.88 -9.41 19.04
H27A POV SA . 4.66 -15.72 22.67
H21G POV SA . 13.24 -10.83 19.59
H37 POV SA . 5.98 -11.80 28.71
H37A POV SA . 6.60 -13.23 28.87
H28 POV SA . 6.11 -14.30 23.47
H218 POV SA . 14.76 -10.19 17.97
H28A POV SA . 5.78 -15.05 24.80
H21H POV SA . 13.94 -11.47 17.46
H21J POV SA . 13.58 -10.02 16.91
H38 POV SA . 8.35 -11.84 29.16
H38A POV SA . 8.55 -12.39 27.71
H39 POV SA . 7.28 -9.92 28.10
H39A POV SA . 7.91 -10.43 26.77
N POV TA . -0.28 -28.51 22.63
P POV TA . 2.61 -26.18 24.20
C1 POV TA . 5.02 -26.78 23.32
C2 POV TA . 5.73 -25.47 23.00
C3 POV TA . 4.92 -24.50 22.16
C210 POV TA . 14.54 -19.10 21.82
C11 POV TA . 0.04 -26.08 23.55
O11 POV TA . 3.60 -26.75 23.08
C211 POV TA . 15.09 -20.42 21.41
C12 POV TA . -0.23 -26.99 22.38
O12 POV TA . 1.38 -25.55 23.40
C13 POV TA . -0.91 -28.87 23.95
O13 POV TA . 2.14 -27.33 25.01
C14 POV TA . -1.10 -29.12 21.54
O14 POV TA . 3.32 -25.07 24.89
C15 POV TA . 1.10 -29.09 22.59
C21 POV TA . 8.15 -25.44 22.81
O21 POV TA . 6.95 -25.80 22.28
C22 POV TA . 9.28 -26.04 22.03
O22 POV TA . 8.28 -24.75 23.78
C23 POV TA . 10.29 -25.02 21.53
C24 POV TA . 11.16 -24.38 22.61
C25 POV TA . 10.93 -22.88 22.83
C26 POV TA . 12.18 -22.01 22.76
C27 POV TA . 11.95 -20.59 23.30
C28 POV TA . 13.17 -19.84 23.82
C29 POV TA . 13.70 -18.88 22.80
C31 POV TA . 6.05 -22.54 22.95
O31 POV TA . 5.68 -23.29 21.92
C32 POV TA . 7.38 -21.90 22.70
O32 POV TA . 5.40 -22.42 23.96
C33 POV TA . 7.32 -20.45 22.22
C34 POV TA . 8.70 -19.93 21.81
C35 POV TA . 8.68 -18.64 21.02
C36 POV TA . 9.28 -17.45 21.74
C37 POV TA . 10.80 -17.46 21.76
H29 POV TA . 13.39 -17.96 22.88
H1 POV TA . 5.41 -27.47 22.77
H1A POV TA . 5.18 -27.01 24.24
H2 POV TA . 5.88 -25.03 23.85
H3 POV TA . 4.67 -24.92 21.33
H3A POV TA . 4.09 -24.28 22.62
H210 POV TA . 14.83 -18.34 21.30
H11 POV TA . -0.61 -25.36 23.58
H11A POV TA . -0.03 -26.57 24.39
H211 POV TA . 14.82 -20.58 20.37
H21A POV TA . 16.18 -20.40 21.39
H12 POV TA . 0.45 -26.83 21.70
H12A POV TA . -1.08 -26.74 21.99
H22 POV TA . 9.73 -26.70 22.57
H22A POV TA . 8.91 -26.52 21.27
H32 POV TA . 7.91 -21.95 23.51
H32A POV TA . 7.86 -22.44 22.03
H13 POV TA . -0.92 -29.83 24.05
H13A POV TA . -0.40 -28.46 24.67
H13B POV TA . -1.82 -28.53 23.97
H23 POV TA . 10.88 -25.46 20.88
H23A POV TA . 9.82 -24.32 21.05
H33 POV TA . 6.71 -20.39 21.48
H33A POV TA . 6.97 -19.90 22.93
H14 POV TA . -1.15 -30.07 21.68
H14A POV TA . -1.99 -28.73 21.56
H14B POV TA . -0.67 -28.92 20.70
H24 POV TA . 11.01 -24.84 23.45
H24A POV TA . 12.09 -24.52 22.38
H34 POV TA . 9.23 -19.80 22.61
H34A POV TA . 9.14 -20.62 21.28
H15 POV TA . 1.05 -30.05 22.75
H15A POV TA . 1.48 -28.94 21.71
H15B POV TA . 1.65 -28.67 23.26
H25 POV TA . 10.30 -22.57 22.18
H25A POV TA . 10.52 -22.77 23.71
H35 POV TA . 9.15 -18.78 20.18
H35A POV TA . 7.75 -18.43 20.79
H26 POV TA . 12.90 -22.42 23.27
H26A POV TA . 12.49 -21.95 21.86
H36 POV TA . 8.97 -16.64 21.31
H36A POV TA . 8.96 -17.44 22.65
H27 POV TA . 11.54 -20.07 22.60
H27A POV TA . 11.30 -20.65 24.03
H37 POV TA . 11.18 -17.35 20.74
H37A POV TA . 11.16 -16.56 22.26
H28 POV TA . 12.93 -19.36 24.63
H28A POV TA . 13.87 -20.47 24.05
C01 9Z9 UA . 27.51 -32.29 24.21
C02 9Z9 UA . 28.24 -30.98 24.55
C03 9Z9 UA . 27.39 -29.72 24.17
C04 9Z9 UA . 26.46 -29.52 25.39
C05 9Z9 UA . 26.94 -30.44 26.51
C06 9Z9 UA . 28.37 -30.77 26.07
C07 9Z9 UA . 29.13 -31.88 26.79
C08 9Z9 UA . 30.54 -31.99 26.21
C09 9Z9 UA . 30.53 -32.06 24.66
C10 9Z9 UA . 29.66 -31.01 23.98
C11 9Z9 UA . 31.38 -33.13 26.86
C12 9Z9 UA . 30.93 -34.52 26.37
C13 9Z9 UA . 31.23 -33.08 28.37
C14 9Z9 UA . 30.32 -32.33 28.98
C15 9Z9 UA . 29.21 -31.59 28.29
C16 9Z9 UA . 32.18 -33.94 29.18
C17 9Z9 UA . 33.62 -33.71 28.76
C18 9Z9 UA . 33.78 -33.89 27.26
C19 9Z9 UA . 32.86 -32.92 26.52
O20 9Z9 UA . 34.44 -34.60 29.54
C21 9Z9 UA . 35.76 -34.88 29.07
C22 9Z9 UA . 36.64 -35.32 30.21
C23 9Z9 UA . 37.82 -36.21 29.78
C24 9Z9 UA . 38.67 -35.57 28.71
O25 9Z9 UA . 39.88 -36.28 28.56
C26 9Z9 UA . 40.65 -35.82 27.47
C48 9Z9 UA . 38.67 -36.55 30.99
O49 9Z9 UA . 39.43 -35.43 31.35
C50 9Z9 UA . 39.78 -35.42 32.72
O72 9Z9 UA . 25.16 -29.90 24.91
C73 9Z9 UA . 25.07 -29.42 23.58
C74 9Z9 UA . 26.44 -29.73 22.96
C75 9Z9 UA . 26.86 -28.80 21.83
C76 9Z9 UA . 23.88 -30.08 22.93
C77 9Z9 UA . 23.07 -29.08 22.11
C78 9Z9 UA . 22.57 -27.92 22.96
C79 9Z9 UA . 23.62 -27.59 23.99
O80 9Z9 UA . 24.92 -28.01 23.59
C81 9Z9 UA . 21.24 -28.23 23.62
H1 9Z9 UA . 26.60 -32.26 24.58
H2 9Z9 UA . 27.46 -32.39 23.25
H3 9Z9 UA . 27.98 -33.03 24.60
H4 9Z9 UA . 28.06 -29.05 23.95
H5 9Z9 UA . 26.45 -28.62 25.74
H6 9Z9 UA . 26.39 -31.24 26.59
H7 9Z9 UA . 26.93 -30.00 27.37
H8 9Z9 UA . 28.96 -30.05 26.33
H9 9Z9 UA . 28.66 -32.72 26.67
H10 9Z9 UA . 31.00 -31.16 26.42
H11 9Z9 UA . 31.44 -31.97 24.34
H12 9Z9 UA . 30.22 -32.94 24.40
H13 9Z9 UA . 30.07 -30.14 24.08
H14 9Z9 UA . 29.62 -31.19 23.03
H15 9Z9 UA . 29.99 -34.64 26.59
H16 9Z9 UA . 31.05 -34.58 25.41
H17 9Z9 UA . 31.46 -35.20 26.81
H18 9Z9 UA . 30.36 -32.26 29.91
H19 9Z9 UA . 28.37 -31.81 28.71
H20 9Z9 UA . 29.34 -30.63 28.41
H21 9Z9 UA . 31.94 -34.87 29.06
H22 9Z9 UA . 32.07 -33.73 30.13
H23 9Z9 UA . 33.91 -32.81 28.94
H24 9Z9 UA . 34.70 -33.73 27.02
H25 9Z9 UA . 33.56 -34.80 27.02
H26 9Z9 UA . 33.11 -32.01 26.72
H27 9Z9 UA . 32.98 -33.04 25.55
H28 9Z9 UA . 36.14 -34.10 28.66
H29 9Z9 UA . 35.73 -35.58 28.39
H30 9Z9 UA . 36.10 -35.82 30.86
H31 9Z9 UA . 36.99 -34.54 30.67
H32 9Z9 UA . 37.44 -37.03 29.41
H33 9Z9 UA . 38.85 -34.65 28.96
H34 9Z9 UA . 38.18 -35.55 27.88
H35 9Z9 UA . 41.47 -36.35 27.41
H36 9Z9 UA . 40.14 -35.93 26.65
H37 9Z9 UA . 40.87 -34.89 27.60
H38 9Z9 UA . 39.25 -37.30 30.77
H39 9Z9 UA . 38.11 -36.83 31.73
H40 9Z9 UA . 40.30 -34.63 32.91
H41 9Z9 UA . 38.96 -35.41 33.25
H42 9Z9 UA . 40.30 -36.22 32.92
H43 9Z9 UA . 26.44 -30.59 22.49
H44 9Z9 UA . 26.21 -28.87 21.11
H45 9Z9 UA . 26.89 -27.89 22.16
H46 9Z9 UA . 27.73 -29.06 21.51
H47 9Z9 UA . 24.18 -30.80 22.36
H48 9Z9 UA . 23.32 -30.47 23.61
H49 9Z9 UA . 23.60 -28.75 21.38
H50 9Z9 UA . 22.31 -29.54 21.71
H51 9Z9 UA . 22.43 -27.15 22.37
H52 9Z9 UA . 23.39 -28.01 24.83
H53 9Z9 UA . 23.63 -26.63 24.15
H54 9Z9 UA . 20.58 -28.44 22.94
H55 9Z9 UA . 21.35 -29.00 24.21
H56 9Z9 UA . 20.95 -27.46 24.13
C1 EPJ VA . -34.40 -7.78 17.44
C2 EPJ VA . -34.84 -9.14 18.01
C3 EPJ VA . -33.83 -10.08 17.36
C4 EPJ VA . -32.45 -9.84 17.97
C5 EPJ VA . -32.01 -8.53 17.31
C6 EPJ VA . -33.25 -8.17 16.48
N1 EPJ VA . -33.71 -9.50 16.03
C7 EPJ VA . -35.50 -6.92 16.85
C8 EPJ VA . -35.29 -6.10 15.75
C9 EPJ VA . -36.30 -5.29 15.27
C10 EPJ VA . -37.50 -5.33 15.93
CL EPJ VA . -38.78 -4.29 15.40
N2 EPJ VA . -37.77 -6.08 16.98
C11 EPJ VA . -36.77 -6.86 17.42
H1 EPJ VA . -34.11 -7.15 18.13
H2C1 EPJ VA . -34.79 -9.16 18.99
H2C2 EPJ VA . -35.75 -9.37 17.77
H3 EPJ VA . -34.09 -11.02 17.44
H4C1 EPJ VA . -32.50 -9.77 18.93
H4C2 EPJ VA . -31.85 -10.57 17.76
H5C1 EPJ VA . -31.80 -7.86 17.97
H5C2 EPJ VA . -31.23 -8.65 16.76
H6 EPJ VA . -33.06 -7.49 15.82
HA EPJ VA . -34.45 -9.47 15.59
H8 EPJ VA . -34.46 -6.10 15.34
H9 EPJ VA . -36.16 -4.74 14.53
H11 EPJ VA . -36.93 -7.41 18.15
C01 I34 WA . 10.50 -5.04 11.92
C03 I34 WA . 9.95 -6.64 13.60
C04 I34 WA . 8.60 -6.46 13.40
C05 I34 WA . 7.68 -7.25 14.07
C07 I34 WA . 5.82 -6.11 13.11
C08 I34 WA . 8.11 -8.25 14.96
C10 I34 WA . 7.26 -9.98 16.54
C13 I34 WA . 5.89 -11.64 17.82
C14 I34 WA . 6.85 -12.29 18.63
C15 I34 WA . 6.16 -13.18 19.34
C16 I34 WA . 6.54 -14.19 20.37
C19 I34 WA . 9.47 -8.43 15.15
C20 I34 WA . 10.37 -7.62 14.48
N09 I34 WA . 7.10 -9.02 15.58
N12 I34 WA . 6.09 -10.63 16.89
N18 I34 WA . 4.69 -12.08 18.06
O02 I34 WA . 10.92 -5.97 12.91
O06 I34 WA . 6.32 -7.14 13.95
O11 I34 WA . 8.32 -10.24 17.09
O17 I34 WA . 4.85 -13.09 19.04
CL1 I34 WA . 12.07 -7.85 14.77
H1 I34 WA . 11.28 -4.64 11.52
H2 I34 WA . 9.98 -5.51 11.25
H3 I34 WA . 9.95 -4.36 12.35
H4 I34 WA . 8.29 -5.81 12.81
H5 I34 WA . 4.84 -6.15 13.12
H6 I34 WA . 6.12 -5.25 13.45
H7 I34 WA . 6.15 -6.25 12.21
H8 I34 WA . 7.77 -12.14 18.64
H9 I34 WA . 5.73 -14.65 20.66
H10 I34 WA . 7.15 -14.82 19.97
H11 I34 WA . 6.95 -13.74 21.12
H12 I34 WA . 9.78 -9.09 15.72
H13 I34 WA . 6.29 -8.86 15.32
H14 I34 WA . 5.38 -10.39 16.46
N POV XA . 41.20 -9.31 34.02
P POV XA . 36.71 -9.63 31.51
C1 POV XA . 34.15 -8.94 31.37
C2 POV XA . 33.76 -8.30 30.05
C3 POV XA . 32.87 -7.11 30.26
C210 POV XA . 23.76 -10.53 27.06
C310 POV XA . 22.79 -6.64 25.20
C11 POV XA . 39.17 -9.57 32.47
O11 POV XA . 35.51 -8.59 31.69
C211 POV XA . 23.42 -11.51 25.98
C311 POV XA . 22.86 -7.98 24.49
C12 POV XA . 39.72 -9.08 33.78
O12 POV XA . 37.94 -8.86 32.19
C212 POV XA . 22.08 -12.24 26.18
C312 POV XA . 21.52 -8.73 24.47
C13 POV XA . 41.57 -10.70 33.61
O13 POV XA . 36.41 -10.87 32.27
C213 POV XA . 22.20 -13.57 26.88
C313 POV XA . 21.31 -9.65 23.26
C14 POV XA . 42.02 -8.33 33.24
O14 POV XA . 37.02 -9.73 30.07
C314 POV XA . 19.92 -9.59 22.65
C15 POV XA . 41.49 -9.14 35.47
C315 POV XA . 19.49 -10.91 21.98
C316 POV XA . 18.68 -10.70 20.72
C21 POV XA . 33.71 -10.18 28.55
O21 POV XA . 33.02 -9.27 29.26
C22 POV XA . 32.80 -11.13 27.82
O22 POV XA . 34.92 -10.21 28.51
C23 POV XA . 31.48 -10.51 27.40
C24 POV XA . 30.38 -10.69 28.45
C25 POV XA . 28.97 -10.38 27.95
C26 POV XA . 28.46 -11.34 26.88
C27 POV XA . 26.95 -11.48 26.83
C28 POV XA . 26.19 -10.20 26.47
C29 POV XA . 24.95 -10.01 27.29
C31 POV XA . 30.90 -6.93 31.59
O31 POV XA . 31.55 -7.60 30.64
C32 POV XA . 29.49 -6.64 31.18
O32 POV XA . 31.38 -6.60 32.64
C33 POV XA . 28.84 -7.82 30.46
C34 POV XA . 27.33 -7.70 30.36
C35 POV XA . 26.88 -6.77 29.25
C36 POV XA . 25.44 -6.30 29.36
C37 POV XA . 24.87 -5.72 28.08
C38 POV XA . 24.59 -6.73 26.98
C39 POV XA . 24.12 -6.10 25.69
H29 POV XA . 25.02 -9.43 28.07
H1 POV XA . 33.56 -8.64 32.07
H1A POV XA . 34.06 -9.90 31.31
H2 POV XA . 34.58 -8.02 29.61
H3 POV XA . 33.23 -6.54 30.95
H3A POV XA . 32.82 -6.58 29.45
H310 POV XA . 22.40 -6.00 24.59
H31A POV XA . 22.19 -6.72 25.96
H210 POV XA . 23.04 -10.26 27.65
H11 POV XA . 39.81 -9.41 31.75
H11A POV XA . 39.02 -10.52 32.50
H211 POV XA . 23.39 -11.05 25.13
H21A POV XA . 24.13 -12.17 25.92
H311 POV XA . 23.17 -7.84 23.59
H31B POV XA . 23.52 -8.54 24.94
H12 POV XA . 39.23 -9.52 34.50
H12A POV XA . 39.54 -8.13 33.85
H22 POV XA . 33.26 -11.45 27.04
H212 POV XA . 21.49 -11.67 26.68
H22A POV XA . 32.64 -11.89 28.39
H21B POV XA . 21.67 -12.38 25.31
H32 POV XA . 28.97 -6.41 31.95
H312 POV XA . 21.44 -9.25 25.27
H32A POV XA . 29.47 -5.86 30.59
H31C POV XA . 20.81 -8.07 24.48
H13 POV XA . 42.52 -10.83 33.77
H13A POV XA . 41.07 -11.33 34.13
H13B POV XA . 41.38 -10.81 32.67
H23 POV XA . 31.60 -9.57 27.24
H213 POV XA . 21.23 -14.07 26.90
H23A POV XA . 31.19 -10.92 26.57
H21C POV XA . 22.83 -14.24 26.30
H33 POV XA . 29.22 -7.89 29.57
H313 POV XA . 21.96 -9.42 22.58
H33A POV XA . 29.06 -8.63 30.94
H31D POV XA . 21.50 -10.56 23.54
H14 POV XA . 42.96 -8.50 33.41
H14A POV XA . 41.83 -8.44 32.30
H14B POV XA . 41.78 -7.43 33.52
H24 POV XA . 30.40 -11.60 28.77
H24A POV XA . 30.58 -10.11 29.20
H34 POV XA . 26.95 -8.57 30.21
H314 POV XA . 19.28 -9.38 23.36
H34A POV XA . 26.98 -7.38 31.21
H31E POV XA . 19.88 -8.88 22.01
H15 POV XA . 42.44 -9.29 35.63
H15A POV XA . 41.26 -8.24 35.75
H15B POV XA . 40.98 -9.78 35.98
H25 POV XA . 28.37 -10.40 28.71
H25A POV XA . 28.95 -9.48 27.60
H35 POV XA . 27.46 -5.99 29.25
H315 POV XA . 20.28 -11.42 21.77
H35A POV XA . 27.00 -7.21 28.39
H31F POV XA . 18.96 -11.42 22.61
H26 POV XA . 28.77 -11.02 26.01
H26A POV XA . 28.86 -12.21 27.02
H36 POV XA . 24.88 -7.06 29.64
H316 POV XA . 18.44 -11.56 20.35
H36A POV XA . 25.38 -5.64 30.07
H31G POV XA . 17.88 -10.20 20.93
H31H POV XA . 19.22 -10.19 20.08
H27 POV XA . 26.72 -12.17 26.20
H27A POV XA . 26.64 -11.78 27.71
H37 POV XA . 24.04 -5.25 28.29
H37A POV XA . 25.48 -5.04 27.75
H28 POV XA . 26.77 -9.44 26.60
H28A POV XA . 25.95 -10.23 25.53
H38 POV XA . 25.40 -7.23 26.80
H38A POV XA . 23.92 -7.36 27.29
H39 POV XA . 24.78 -6.24 25.01
H39A POV XA . 24.03 -5.14 25.82
CA CA YA . -7.19 -0.48 16.66
C1 NAG ZA . -61.99 -4.66 23.68
C2 NAG ZA . -62.69 -3.77 24.70
C3 NAG ZA . -63.59 -4.61 25.60
C4 NAG ZA . -64.54 -5.47 24.77
C5 NAG ZA . -63.73 -6.31 23.80
C6 NAG ZA . -64.58 -7.14 22.86
C7 NAG ZA . -60.85 -2.18 25.00
C8 NAG ZA . -61.37 -1.09 24.12
N2 NAG ZA . -61.77 -3.01 25.51
O3 NAG ZA . -64.31 -3.76 26.48
O4 NAG ZA . -65.28 -6.31 25.65
O5 NAG ZA . -62.95 -5.44 22.97
O6 NAG ZA . -65.23 -6.32 21.90
O7 NAG ZA . -59.66 -2.31 25.24
H2 NAG ZA . -63.23 -3.13 24.20
H3 NAG ZA . -63.04 -5.21 26.13
H4 NAG ZA . -65.15 -4.90 24.27
H5 NAG ZA . -63.19 -6.92 24.34
H61 NAG ZA . -64.03 -7.79 22.41
H62 NAG ZA . -65.24 -7.64 23.37
H81 NAG ZA . -60.62 -0.55 23.81
H82 NAG ZA . -61.83 -1.48 23.37
H83 NAG ZA . -61.99 -0.54 24.62
HN2 NAG ZA . -61.81 -3.10 26.37
HO3 NAG ZA . -64.80 -4.22 26.98
HO4 NAG ZA . -65.81 -6.79 25.20
HO6 NAG ZA . -65.70 -6.80 21.39
N POV AB . 2.89 11.78 34.33
P POV AB . 6.19 13.28 32.60
C1 POV AB . 8.31 11.73 32.84
C2 POV AB . 9.02 11.70 31.50
C3 POV AB . 8.10 11.43 30.32
C210 POV AB . 17.73 10.62 25.00
C11 POV AB . 3.56 13.32 32.32
O11 POV AB . 6.88 11.85 32.75
C211 POV AB . 18.09 9.71 26.10
C12 POV AB . 2.98 12.01 32.82
O12 POV AB . 4.87 13.03 31.75
C13 POV AB . 2.54 13.01 35.10
O13 POV AB . 5.85 13.77 33.95
C14 POV AB . 1.82 10.75 34.56
O14 POV AB . 7.11 14.11 31.76
C15 POV AB . 4.19 11.22 34.84
C21 POV AB . 11.33 10.97 31.39
O21 POV AB . 10.03 10.65 31.56
C22 POV AB . 12.22 9.80 31.68
O22 POV AB . 11.71 12.06 31.05
C23 POV AB . 13.16 9.44 30.54
C24 POV AB . 14.29 10.44 30.28
C25 POV AB . 14.21 11.18 28.94
C26 POV AB . 15.47 11.11 28.07
C27 POV AB . 15.45 12.10 26.91
C28 POV AB . 16.80 12.54 26.36
C29 POV AB . 17.16 11.80 25.10
C31 POV AB . 9.51 12.51 28.71
O31 POV AB . 8.86 11.41 29.09
C32 POV AB . 10.79 12.18 28.02
O32 POV AB . 9.10 13.63 28.93
C33 POV AB . 10.72 12.22 26.49
C34 POV AB . 12.00 11.69 25.85
C35 POV AB . 11.88 11.38 24.37
C36 POV AB . 12.71 12.28 23.48
C37 POV AB . 14.18 11.95 23.45
H29 POV AB . 16.93 12.23 24.27
H1 POV AB . 8.53 10.91 33.33
H1A POV AB . 8.65 12.47 33.37
H2 POV AB . 9.38 12.59 31.36
H3 POV AB . 7.65 10.57 30.45
H3A POV AB . 7.41 12.10 30.27
H210 POV AB . 17.95 10.33 24.10
H11 POV AB . 2.98 13.72 31.65
H11A POV AB . 3.65 13.95 33.05
H211 POV AB . 17.59 8.76 25.91
H21A POV AB . 19.15 9.43 26.05
H12 POV AB . 3.50 11.28 32.43
H12A POV AB . 2.08 11.92 32.44
H22 POV AB . 12.73 10.00 32.48
H22A POV AB . 11.66 9.03 31.89
H32 POV AB . 11.47 12.79 28.31
H32A POV AB . 11.06 11.29 28.29
H13 POV AB . 2.50 12.79 36.04
H13A POV AB . 3.22 13.68 34.95
H13B POV AB . 1.68 13.34 34.80
H23 POV AB . 13.56 8.58 30.75
H23A POV AB . 12.64 9.33 29.73
H33 POV AB . 9.97 11.70 26.19
H33A POV AB . 10.56 13.13 26.20
H14 POV AB . 1.73 10.59 35.49
H14A POV AB . 0.98 11.09 34.20
H14B POV AB . 2.06 9.93 34.08
H24 POV AB . 14.29 11.10 30.99
H24A POV AB . 15.14 9.97 30.32
H34 POV AB . 12.70 12.34 25.97
H34A POV AB . 12.27 10.89 26.31
H15 POV AB . 4.11 11.08 35.80
H15A POV AB . 4.38 10.38 34.40
H15B POV AB . 4.90 11.85 34.66
H25 POV AB . 13.47 10.82 28.44
H25A POV AB . 14.01 12.11 29.11
H35 POV AB . 12.15 10.46 24.22
H35A POV AB . 10.95 11.45 24.10
H26 POV AB . 16.25 11.28 28.62
H26A POV AB . 15.57 10.21 27.72
H36 POV AB . 12.37 12.23 22.57
H36A POV AB . 12.59 13.20 23.76
H27 POV AB . 14.93 11.72 26.20
H27A POV AB . 14.97 12.90 27.22
H37 POV AB . 14.34 10.97 23.02
H37A POV AB . 14.70 12.62 22.76
H28 POV AB . 16.78 13.49 26.17
H28A POV AB . 17.49 12.40 27.02
C01 9Z9 BB . 30.04 5.63 38.08
C02 9Z9 BB . 30.91 6.19 36.95
C03 9Z9 BB . 30.09 6.45 35.64
C04 9Z9 BB . 29.46 7.84 35.87
C05 9Z9 BB . 30.12 8.46 37.09
C06 9Z9 BB . 31.39 7.63 37.25
C07 9Z9 BB . 32.21 7.76 38.52
C08 9Z9 BB . 33.46 6.86 38.41
C09 9Z9 BB . 33.10 5.43 37.98
C10 9Z9 BB . 32.17 5.34 36.77
C11 9Z9 BB . 34.34 6.91 39.70
C12 9Z9 BB . 33.70 6.12 40.86
C13 9Z9 BB . 34.53 8.35 40.14
C14 9Z9 BB . 33.83 9.35 39.65
C15 9Z9 BB . 32.65 9.21 38.73
C16 9Z9 BB . 35.58 8.59 41.21
C17 9Z9 BB . 36.90 7.96 40.85
C18 9Z9 BB . 36.72 6.49 40.53
C19 9Z9 BB . 35.71 6.32 39.38
O20 9Z9 BB . 37.81 8.20 41.93
C21 9Z9 BB . 38.98 7.38 42.02
C22 9Z9 BB . 40.06 8.08 42.81
C23 9Z9 BB . 41.05 7.14 43.49
C24 9Z9 BB . 41.69 6.16 42.53
O25 9Z9 BB . 42.79 5.51 43.13
C26 9Z9 BB . 43.32 4.47 42.34
C48 9Z9 BB . 42.13 7.93 44.20
O49 9Z9 BB . 43.02 8.45 43.24
C50 9Z9 BB . 43.66 9.63 43.67
O72 9Z9 BB . 28.07 7.58 36.09
C73 9Z9 BB . 27.72 6.53 35.20
C74 9Z9 BB . 28.89 5.54 35.27
C75 9Z9 BB . 29.11 4.71 34.02
C76 9Z9 BB . 26.37 5.99 35.62
C77 9Z9 BB . 25.45 5.74 34.43
C78 9Z9 BB . 25.24 7.00 33.60
C79 9Z9 BB . 26.51 7.82 33.61
O80 9Z9 BB . 27.66 7.02 33.87
C81 9Z9 BB . 24.07 7.82 34.13
H1 9Z9 BB . 29.25 6.18 38.18
H2 9Z9 BB . 29.78 4.72 37.87
H3 9Z9 BB . 30.54 5.64 38.91
H4 9Z9 BB . 30.73 6.30 34.93
H5 9Z9 BB . 29.58 8.45 35.13
H6 9Z9 BB . 29.55 8.41 37.87
H7 9Z9 BB . 30.32 9.40 36.95
H8 9Z9 BB . 32.07 7.96 36.64
H9 9Z9 BB . 31.68 7.49 39.29
H10 9Z9 BB . 34.00 7.22 37.71
H11 9Z9 BB . 33.92 4.94 37.78
H12 9Z9 BB . 32.68 4.97 38.73
H13 9Z9 BB . 32.64 5.61 35.98
H14 9Z9 BB . 31.91 4.41 36.63
H15 9Z9 BB . 32.83 6.49 41.06
H16 9Z9 BB . 33.61 5.19 40.59
H17 9Z9 BB . 34.28 6.18 41.64
H18 9Z9 BB . 34.08 10.22 39.88
H19 9Z9 BB . 31.90 9.72 39.09
H20 9Z9 BB . 32.86 9.60 37.87
H21 9Z9 BB . 35.27 8.25 42.06
H22 9Z9 BB . 35.70 9.56 41.32
H23 9Z9 BB . 37.28 8.34 40.05
H24 9Z9 BB . 37.56 6.10 40.28
H25 9Z9 BB . 36.39 6.01 41.31
H26 9Z9 BB . 36.07 6.74 38.58
H27 9Z9 BB . 35.62 5.37 39.17
H28 9Z9 BB . 39.31 7.15 41.14
H29 9Z9 BB . 38.76 6.54 42.46
H30 9Z9 BB . 39.64 8.64 43.48
H31 9Z9 BB . 40.55 8.67 42.22
H32 9Z9 BB . 40.55 6.62 44.14
H33 9Z9 BB . 41.98 6.63 41.73
H34 9Z9 BB . 41.03 5.51 42.24
H35 9Z9 BB . 44.08 4.07 42.80
H36 9Z9 BB . 42.64 3.81 42.18
H37 9Z9 BB . 43.62 4.85 41.49
H38 9Z9 BB . 42.61 7.36 44.83
H39 9Z9 BB . 41.72 8.65 44.71
H40 9Z9 BB . 44.26 9.94 42.98
H41 9Z9 BB . 42.98 10.31 43.85
H42 9Z9 BB . 44.16 9.45 44.48
H43 9Z9 BB . 28.73 4.84 35.93
H44 9Z9 BB . 28.31 4.17 33.85
H45 9Z9 BB . 29.27 5.31 33.27
H46 9Z9 BB . 29.87 4.12 34.15
H47 9Z9 BB . 26.49 5.16 36.11
H48 9Z9 BB . 25.95 6.62 36.22
H49 9Z9 BB . 25.84 5.05 33.85
H50 9Z9 BB . 24.59 5.41 34.73
H51 9Z9 BB . 25.01 6.75 32.70
H52 9Z9 BB . 26.44 8.52 34.29
H53 9Z9 BB . 26.61 8.27 32.76
H54 9Z9 BB . 23.26 7.28 34.11
H55 9Z9 BB . 24.26 8.09 35.04
H56 9Z9 BB . 23.95 8.60 33.57
C1 EPJ CB . -30.14 21.46 13.43
C2 EPJ CB . -30.52 21.65 14.92
C3 EPJ CB . -29.74 20.51 15.59
C4 EPJ CB . -28.26 20.83 15.53
C5 EPJ CB . -27.89 20.54 14.08
C6 EPJ CB . -29.25 20.18 13.48
N1 EPJ CB . -29.88 19.44 14.59
C7 EPJ CB . -31.29 21.43 12.45
C8 EPJ CB . -31.26 20.64 11.31
C9 EPJ CB . -32.29 20.69 10.39
C10 EPJ CB . -33.33 21.56 10.66
CL EPJ CB . -34.63 21.70 9.51
N2 EPJ CB . -33.40 22.34 11.72
C11 EPJ CB . -32.38 22.27 12.60
H1 EPJ CB . -29.66 22.21 13.06
H2C1 EPJ CB . -30.26 22.52 15.25
H2C2 EPJ CB . -31.47 21.56 15.06
H3 EPJ CB . -30.04 20.35 16.50
H4C1 EPJ CB . -28.08 21.75 15.78
H4C2 EPJ CB . -27.76 20.27 16.15
H5C1 EPJ CB . -27.50 21.32 13.64
H5C2 EPJ CB . -27.25 19.82 14.00
H6 EPJ CB . -29.16 19.74 12.62
HA EPJ CB . -30.70 19.22 14.44
H8 EPJ CB . -30.54 20.07 11.16
H9 EPJ CB . -32.30 20.16 9.64
H11 EPJ CB . -32.42 22.82 13.34
#